data_4C30
#
_entry.id   4C30
#
_cell.length_a   68.489
_cell.length_b   89.785
_cell.length_c   293.798
_cell.angle_alpha   90.00
_cell.angle_beta   89.97
_cell.angle_gamma   90.00
#
_symmetry.space_group_name_H-M   'P 1 21 1'
#
loop_
_entity.id
_entity.type
_entity.pdbx_description
1 polymer 'DNA HELICASE II'
2 polymer 'DNA STRAND FOR25'
3 polymer 'DNA STRAND REV25'
4 non-polymer 'PHOSPHOAMINOPHOSPHONIC ACID-ADENYLATE ESTER'
5 non-polymer 'MAGNESIUM ION'
6 water water
#
loop_
_entity_poly.entity_id
_entity_poly.type
_entity_poly.pdbx_seq_one_letter_code
_entity_poly.pdbx_strand_id
1 'polypeptide(L)'
;MTSSAGPDLLQALNPTQAQAADHFTGPALVIAGAGSGKTRTLIYRIAHLIGHYGVHPGEILAVTFTNKAAAEMRERAGHL
VPGAGDLWMSTFHSAGVRILRTYGEHIGLRRGFVIYDDDDQLDIIKEVMGSIPGIGAETQPRVIRGIIDRAKSNLWTPDD
LDRSREPFISGLPRDAAAEAYRRYEVRKKGQNAIDFGDLITETVRLFKEVPGVLDKVQNKAKFIHVDEYQDTNRAQYELT
RLLASRDRNLLVVGDPDQSIYKFRGADIQNILDFQKDYPDAKVYMLEHNYRSSARVLEAANKLIENNTERLDKTLKPVKE
AGQPVTFHRATDHRAEGDYVADWLTRLHGEGRAWSEMAILYRTNAQSRVIEESLRRVQIPARIVGGVGFYDRREIRDILA
YARLALNPADDVALRRIIGRPRRGIGDTALQKLMEWARTHHTSVLTACANAAEQNILDRGAHKATEFAGLMEAMSEAADN
YEPAAFLRFVMETSGYLDLLRQEGQEGQVRLENLEELVSAAEEWSQDEANVGGSIADFLDDAALLSSVDDMRTKAENKGA
PEDAVTLMTLHNAKGLEFPVVFIVGVEQGLLPSKGAIAEGPSGIEEERRLFYVGITRAMERLLMTAAQNRMQFGKTNAAE
DSAFLEDIEGLFDTVDPYGQPIEYR
;
A,D,F,I
2 'polydeoxyribonucleotide'
;(DG)(DC)(DA)(DG)(DT)(DG)(DC)(DT)(DC)(DG)(DC)(DA)(DG)(DG)(DT)(DC)(DG)(DT)(DT)(DT)
(DT)(DT)(DT)(DT)(DT)
;
K,X
3 'polydeoxyribonucleotide'
;(DA)(DC)(DG)(DA)(DC)(DC)(DT)(DG)(DC)(DG)(DA)(DG)(DC)(DA)(DC)(DT)(DG)(DC)(DT)(DT)
(DT)(DT)(DT)(DT)(DT)
;
L,Y
#
loop_
_chem_comp.id
_chem_comp.type
_chem_comp.name
_chem_comp.formula
ANP non-polymer 'PHOSPHOAMINOPHOSPHONIC ACID-ADENYLATE ESTER' 'C10 H17 N6 O12 P3'
DA DNA linking 2'-DEOXYADENOSINE-5'-MONOPHOSPHATE 'C10 H14 N5 O6 P'
DC DNA linking 2'-DEOXYCYTIDINE-5'-MONOPHOSPHATE 'C9 H14 N3 O7 P'
DG DNA linking 2'-DEOXYGUANOSINE-5'-MONOPHOSPHATE 'C10 H14 N5 O7 P'
DT DNA linking THYMIDINE-5'-MONOPHOSPHATE 'C10 H15 N2 O8 P'
MG non-polymer 'MAGNESIUM ION' 'Mg 2'
#
# COMPACT_ATOMS: atom_id res chain seq x y z
N PRO A 7 -49.94 114.40 4.99
CA PRO A 7 -48.66 114.92 5.50
C PRO A 7 -48.53 116.43 5.24
N ASP A 8 -48.39 117.20 6.33
CA ASP A 8 -48.24 118.64 6.23
C ASP A 8 -46.78 119.04 6.22
N LEU A 9 -46.23 119.10 5.01
CA LEU A 9 -44.80 119.30 4.79
C LEU A 9 -44.26 120.51 5.52
N LEU A 10 -44.94 121.65 5.39
CA LEU A 10 -44.39 122.89 5.90
C LEU A 10 -44.20 122.88 7.41
N GLN A 11 -45.09 122.20 8.14
CA GLN A 11 -44.99 122.13 9.59
C GLN A 11 -43.90 121.15 10.04
N ALA A 12 -43.60 120.16 9.18
CA ALA A 12 -42.71 119.05 9.48
C ALA A 12 -41.30 119.21 8.85
N LEU A 13 -41.18 120.18 7.95
CA LEU A 13 -39.94 120.37 7.23
C LEU A 13 -39.55 121.84 7.00
N ASN A 14 -38.24 122.05 6.91
CA ASN A 14 -37.68 123.33 6.58
C ASN A 14 -38.20 123.75 5.19
N PRO A 15 -38.36 125.05 4.95
CA PRO A 15 -38.86 125.54 3.69
C PRO A 15 -38.10 125.00 2.48
N THR A 16 -36.77 124.99 2.57
CA THR A 16 -35.96 124.51 1.45
C THR A 16 -36.35 123.06 1.21
N GLN A 17 -36.51 122.31 2.31
CA GLN A 17 -36.87 120.88 2.26
C GLN A 17 -38.30 120.68 1.78
N ALA A 18 -39.20 121.53 2.29
CA ALA A 18 -40.64 121.41 2.06
C ALA A 18 -40.99 121.56 0.59
N GLN A 19 -40.19 122.36 -0.13
CA GLN A 19 -40.37 122.47 -1.57
C GLN A 19 -39.69 121.32 -2.32
N ALA A 20 -38.52 120.92 -1.82
CA ALA A 20 -37.77 119.82 -2.41
C ALA A 20 -38.67 118.62 -2.41
N ALA A 21 -39.26 118.33 -1.25
CA ALA A 21 -40.15 117.20 -1.15
C ALA A 21 -41.34 117.42 -2.06
N ASP A 22 -41.67 118.70 -2.32
CA ASP A 22 -42.84 119.07 -3.13
C ASP A 22 -42.65 118.79 -4.62
N HIS A 23 -41.40 118.59 -5.04
CA HIS A 23 -41.07 118.27 -6.42
C HIS A 23 -41.84 117.05 -6.93
N PHE A 24 -42.48 117.20 -8.10
CA PHE A 24 -43.46 116.24 -8.58
C PHE A 24 -43.14 115.52 -9.88
N THR A 25 -42.37 116.11 -10.79
CA THR A 25 -42.01 115.36 -12.00
C THR A 25 -40.63 115.64 -12.54
N GLY A 26 -40.13 114.68 -13.31
CA GLY A 26 -38.88 114.87 -13.98
C GLY A 26 -37.75 114.74 -13.00
N PRO A 27 -36.53 114.67 -13.54
CA PRO A 27 -35.36 114.53 -12.69
C PRO A 27 -35.25 115.70 -11.74
N ALA A 28 -34.83 115.40 -10.52
CA ALA A 28 -34.49 116.40 -9.54
C ALA A 28 -33.32 115.88 -8.73
N LEU A 29 -32.49 116.81 -8.26
CA LEU A 29 -31.38 116.48 -7.39
C LEU A 29 -31.34 117.25 -6.09
N VAL A 30 -31.28 116.54 -4.98
CA VAL A 30 -31.06 117.20 -3.71
C VAL A 30 -29.60 116.99 -3.36
N ILE A 31 -28.95 118.02 -2.85
CA ILE A 31 -27.54 117.89 -2.50
C ILE A 31 -27.23 118.65 -1.24
N ALA A 32 -26.76 117.95 -0.21
CA ALA A 32 -26.51 118.57 1.10
C ALA A 32 -25.43 117.85 1.88
N GLY A 33 -24.88 118.54 2.88
CA GLY A 33 -23.99 117.91 3.84
C GLY A 33 -24.75 117.01 4.78
N ALA A 34 -24.05 116.44 5.74
CA ALA A 34 -24.63 115.36 6.50
C ALA A 34 -25.66 115.81 7.50
N GLY A 35 -26.59 114.91 7.83
CA GLY A 35 -27.62 115.17 8.84
C GLY A 35 -28.42 116.41 8.52
N SER A 36 -28.89 116.48 7.28
CA SER A 36 -29.55 117.66 6.75
C SER A 36 -31.00 117.41 6.41
N GLY A 37 -31.38 116.14 6.43
CA GLY A 37 -32.71 115.77 6.07
C GLY A 37 -32.81 115.25 4.66
N LYS A 38 -31.71 115.18 3.90
CA LYS A 38 -31.82 114.62 2.55
C LYS A 38 -32.69 113.38 2.70
N THR A 39 -32.40 112.41 3.59
CA THR A 39 -33.09 111.14 3.74
C THR A 39 -34.51 111.39 4.25
N ARG A 40 -34.53 112.34 5.27
CA ARG A 40 -35.81 112.69 5.87
C ARG A 40 -36.79 113.33 4.88
N THR A 41 -36.27 114.22 4.04
CA THR A 41 -37.07 114.87 3.01
C THR A 41 -37.45 113.89 1.92
N LEU A 42 -36.59 112.92 1.69
CA LEU A 42 -36.88 111.88 0.73
C LEU A 42 -38.06 111.08 1.24
N ILE A 43 -38.13 110.90 2.55
CA ILE A 43 -39.21 110.13 3.16
C ILE A 43 -40.53 110.84 2.95
N TYR A 44 -40.56 112.14 3.26
CA TYR A 44 -41.79 112.91 3.13
C TYR A 44 -42.24 112.99 1.67
N ARG A 45 -41.29 113.18 0.75
CA ARG A 45 -41.63 113.15 -0.66
C ARG A 45 -42.62 112.01 -0.93
N ILE A 46 -42.28 110.80 -0.52
CA ILE A 46 -43.20 109.67 -0.70
C ILE A 46 -44.61 110.00 -0.17
N ALA A 47 -44.71 110.32 1.12
CA ALA A 47 -46.00 110.52 1.77
C ALA A 47 -46.84 111.49 0.95
N HIS A 48 -46.14 112.46 0.34
CA HIS A 48 -46.74 113.53 -0.46
C HIS A 48 -47.39 112.96 -1.74
N LEU A 49 -46.58 112.36 -2.59
CA LEU A 49 -47.08 111.89 -3.86
C LEU A 49 -48.29 110.97 -3.65
N ILE A 50 -48.23 110.07 -2.68
CA ILE A 50 -49.42 109.30 -2.33
C ILE A 50 -50.51 110.30 -1.93
N GLY A 51 -50.30 111.00 -0.82
CA GLY A 51 -51.33 111.84 -0.22
C GLY A 51 -51.78 113.06 -1.02
N HIS A 52 -50.85 113.72 -1.70
CA HIS A 52 -51.13 114.98 -2.38
C HIS A 52 -51.39 114.67 -3.84
N TYR A 53 -50.36 114.22 -4.53
CA TYR A 53 -50.45 113.99 -5.96
C TYR A 53 -51.10 112.69 -6.41
N GLY A 54 -51.95 112.11 -5.54
CA GLY A 54 -52.75 110.92 -5.85
C GLY A 54 -52.06 109.79 -6.61
N VAL A 55 -50.85 109.44 -6.16
CA VAL A 55 -50.04 108.43 -6.80
C VAL A 55 -50.30 107.08 -6.11
N HIS A 56 -50.24 106.00 -6.89
CA HIS A 56 -50.27 104.65 -6.36
C HIS A 56 -48.92 104.40 -5.68
N PRO A 57 -48.92 103.90 -4.44
CA PRO A 57 -47.61 103.61 -3.86
C PRO A 57 -46.96 102.43 -4.60
N GLY A 58 -47.80 101.55 -5.16
CA GLY A 58 -47.35 100.49 -6.04
C GLY A 58 -46.45 101.03 -7.14
N GLU A 59 -46.57 102.34 -7.39
CA GLU A 59 -45.90 103.00 -8.51
C GLU A 59 -44.52 103.62 -8.21
N ILE A 60 -44.08 103.61 -6.96
CA ILE A 60 -42.76 104.17 -6.66
C ILE A 60 -41.77 103.19 -6.06
N LEU A 61 -40.51 103.38 -6.43
CA LEU A 61 -39.41 102.70 -5.78
C LEU A 61 -38.37 103.66 -5.25
N ALA A 62 -37.83 103.34 -4.07
CA ALA A 62 -36.65 103.98 -3.56
C ALA A 62 -35.53 102.94 -3.40
N VAL A 63 -34.41 103.17 -4.08
CA VAL A 63 -33.28 102.25 -4.08
C VAL A 63 -32.14 102.73 -3.20
N THR A 64 -31.59 101.81 -2.42
CA THR A 64 -30.70 102.17 -1.31
C THR A 64 -29.40 101.33 -1.29
N PHE A 65 -28.88 101.11 -0.07
CA PHE A 65 -27.76 100.20 0.21
C PHE A 65 -27.93 99.38 1.48
N THR A 66 -29.19 99.14 1.82
CA THR A 66 -29.63 98.12 2.79
C THR A 66 -31.16 98.08 2.77
N ASN A 67 -31.73 96.87 2.77
CA ASN A 67 -33.18 96.69 2.81
C ASN A 67 -33.82 97.14 4.13
N LYS A 68 -32.97 97.33 5.15
CA LYS A 68 -33.32 97.93 6.44
C LYS A 68 -33.35 99.45 6.32
N ALA A 69 -32.50 99.99 5.45
CA ALA A 69 -32.57 101.39 5.13
C ALA A 69 -33.98 101.57 4.63
N ALA A 70 -34.37 100.67 3.73
CA ALA A 70 -35.68 100.64 3.11
C ALA A 70 -36.84 100.40 4.09
N ALA A 71 -36.80 99.27 4.80
CA ALA A 71 -37.90 98.86 5.69
C ALA A 71 -38.21 99.90 6.77
N GLU A 72 -37.19 100.38 7.48
CA GLU A 72 -37.37 101.42 8.47
C GLU A 72 -37.85 102.68 7.76
N MET A 73 -37.52 102.76 6.47
CA MET A 73 -37.97 103.84 5.60
C MET A 73 -39.46 103.68 5.26
N ARG A 74 -39.90 102.42 5.14
CA ARG A 74 -41.29 102.06 4.82
C ARG A 74 -42.34 102.50 5.86
N GLU A 75 -42.11 102.08 7.10
CA GLU A 75 -43.00 102.33 8.23
C GLU A 75 -43.28 103.81 8.32
N ARG A 76 -42.36 104.58 7.76
CA ARG A 76 -42.36 106.03 7.86
C ARG A 76 -43.51 106.66 7.05
N ALA A 77 -43.67 106.21 5.80
CA ALA A 77 -44.80 106.63 4.96
C ALA A 77 -46.09 106.12 5.58
N GLY A 78 -46.08 104.89 6.08
CA GLY A 78 -47.20 104.35 6.86
C GLY A 78 -47.64 105.23 8.02
N HIS A 79 -46.67 105.74 8.80
CA HIS A 79 -46.95 106.73 9.84
C HIS A 79 -47.63 107.93 9.21
N LEU A 80 -47.16 108.29 8.02
CA LEU A 80 -47.68 109.45 7.29
C LEU A 80 -48.96 109.14 6.51
N VAL A 81 -48.85 108.24 5.52
CA VAL A 81 -50.03 107.74 4.79
C VAL A 81 -50.15 106.22 4.87
N PRO A 82 -51.33 105.73 5.30
CA PRO A 82 -51.63 104.32 5.05
C PRO A 82 -51.42 104.01 3.57
N GLY A 83 -50.89 102.82 3.30
CA GLY A 83 -50.50 102.43 1.95
C GLY A 83 -49.02 102.11 1.88
N ALA A 84 -48.41 101.88 3.03
CA ALA A 84 -47.00 101.43 3.12
C ALA A 84 -46.79 100.01 2.56
N GLY A 85 -47.88 99.24 2.47
CA GLY A 85 -47.86 97.90 1.91
C GLY A 85 -47.40 97.85 0.46
N ASP A 86 -48.07 98.61 -0.40
CA ASP A 86 -47.82 98.56 -1.86
C ASP A 86 -46.48 99.18 -2.29
N LEU A 87 -45.71 99.68 -1.34
CA LEU A 87 -44.45 100.35 -1.64
C LEU A 87 -43.45 99.42 -2.30
N TRP A 88 -42.47 99.99 -2.98
CA TRP A 88 -41.33 99.22 -3.42
C TRP A 88 -40.05 99.91 -3.00
N MET A 89 -39.31 99.27 -2.11
CA MET A 89 -38.06 99.82 -1.61
C MET A 89 -37.08 98.72 -1.34
N SER A 90 -35.87 98.88 -1.88
CA SER A 90 -34.83 97.86 -1.83
C SER A 90 -33.49 98.44 -2.30
N THR A 91 -32.47 97.59 -2.36
CA THR A 91 -31.15 97.97 -2.87
C THR A 91 -31.18 97.73 -4.37
N PHE A 92 -30.14 98.16 -5.08
CA PHE A 92 -29.97 97.79 -6.49
C PHE A 92 -30.07 96.29 -6.60
N HIS A 93 -29.13 95.61 -5.93
CA HIS A 93 -29.08 94.16 -5.90
C HIS A 93 -30.42 93.54 -5.55
N SER A 94 -31.01 93.87 -4.39
CA SER A 94 -32.28 93.23 -4.01
C SER A 94 -33.34 93.39 -5.07
N ALA A 95 -33.22 94.44 -5.87
CA ALA A 95 -34.19 94.73 -6.91
C ALA A 95 -33.65 94.22 -8.23
N GLY A 96 -32.38 94.50 -8.49
CA GLY A 96 -31.69 94.03 -9.71
C GLY A 96 -31.61 92.52 -9.80
N VAL A 97 -31.69 91.86 -8.65
CA VAL A 97 -31.99 90.44 -8.54
C VAL A 97 -33.46 90.14 -8.80
N ARG A 98 -34.36 90.89 -8.17
CA ARG A 98 -35.79 90.70 -8.38
C ARG A 98 -36.18 90.97 -9.82
N ILE A 99 -35.58 91.98 -10.44
CA ILE A 99 -35.84 92.25 -11.85
C ILE A 99 -35.60 90.97 -12.65
N LEU A 100 -34.35 90.50 -12.60
CA LEU A 100 -33.97 89.30 -13.32
C LEU A 100 -34.83 88.14 -12.86
N ARG A 101 -34.68 87.76 -11.59
CA ARG A 101 -35.29 86.55 -11.04
C ARG A 101 -36.79 86.39 -11.25
N THR A 102 -37.59 87.38 -10.85
CA THR A 102 -39.05 87.27 -10.98
C THR A 102 -39.43 86.77 -12.36
N TYR A 103 -38.97 87.49 -13.39
CA TYR A 103 -39.04 86.96 -14.75
C TYR A 103 -37.78 87.21 -15.57
N GLY A 104 -37.02 86.13 -15.72
CA GLY A 104 -35.86 86.08 -16.60
C GLY A 104 -36.22 85.27 -17.82
N GLU A 105 -37.52 85.26 -18.13
CA GLU A 105 -38.10 84.53 -19.27
C GLU A 105 -37.58 85.02 -20.63
N HIS A 106 -36.52 85.82 -20.59
CA HIS A 106 -35.75 86.23 -21.76
C HIS A 106 -34.28 86.36 -21.34
N ILE A 107 -33.42 86.82 -22.27
CA ILE A 107 -31.96 86.92 -22.05
C ILE A 107 -31.22 85.56 -22.00
N GLY A 108 -31.99 84.47 -21.89
CA GLY A 108 -31.43 83.12 -22.05
C GLY A 108 -31.18 82.30 -20.79
N LEU A 109 -31.46 82.87 -19.61
CA LEU A 109 -31.21 82.18 -18.34
C LEU A 109 -32.19 81.03 -18.04
N ARG A 110 -31.92 80.29 -16.96
CA ARG A 110 -32.73 79.12 -16.63
C ARG A 110 -33.25 79.14 -15.20
N ARG A 111 -34.52 78.76 -15.05
CA ARG A 111 -35.20 78.67 -13.74
C ARG A 111 -34.41 77.79 -12.78
N GLY A 112 -34.11 78.33 -11.60
CA GLY A 112 -33.35 77.62 -10.59
C GLY A 112 -31.88 78.00 -10.50
N PHE A 113 -31.51 79.11 -11.14
CA PHE A 113 -30.15 79.67 -11.03
C PHE A 113 -29.78 79.99 -9.59
N VAL A 114 -28.50 80.22 -9.34
CA VAL A 114 -28.02 80.49 -7.99
C VAL A 114 -27.16 81.75 -7.97
N ILE A 115 -26.93 82.30 -6.78
CA ILE A 115 -26.03 83.45 -6.65
C ILE A 115 -24.70 83.07 -6.04
N TYR A 116 -23.64 83.58 -6.65
CA TYR A 116 -22.32 83.38 -6.07
C TYR A 116 -21.83 84.57 -5.26
N ASP A 117 -21.66 84.31 -3.96
CA ASP A 117 -21.05 85.28 -3.05
C ASP A 117 -19.55 85.38 -3.31
N ASP A 118 -18.87 86.15 -2.48
CA ASP A 118 -17.41 86.32 -2.61
C ASP A 118 -16.63 84.97 -2.58
N ASP A 119 -16.84 84.15 -1.56
CA ASP A 119 -16.18 82.84 -1.44
C ASP A 119 -16.45 81.94 -2.64
N ASP A 120 -17.72 81.89 -3.06
CA ASP A 120 -18.15 81.15 -4.25
C ASP A 120 -17.35 81.59 -5.44
N GLN A 121 -17.24 82.90 -5.61
CA GLN A 121 -16.46 83.46 -6.68
C GLN A 121 -15.09 82.81 -6.75
N LEU A 122 -14.35 82.88 -5.64
CA LEU A 122 -12.94 82.46 -5.58
C LEU A 122 -12.72 81.01 -5.98
N ASP A 123 -13.66 80.15 -5.60
CA ASP A 123 -13.59 78.74 -5.93
C ASP A 123 -13.44 78.48 -7.42
N ILE A 124 -13.91 79.41 -8.24
CA ILE A 124 -13.74 79.30 -9.68
C ILE A 124 -12.48 80.02 -10.13
N ILE A 125 -12.11 81.06 -9.40
CA ILE A 125 -10.91 81.85 -9.70
C ILE A 125 -9.65 81.11 -9.27
N LYS A 126 -9.75 80.34 -8.19
CA LYS A 126 -8.72 79.39 -7.83
C LYS A 126 -8.65 78.25 -8.85
N GLU A 127 -9.81 77.96 -9.47
CA GLU A 127 -9.92 76.87 -10.44
C GLU A 127 -9.28 77.18 -11.78
N VAL A 128 -9.83 78.13 -12.51
CA VAL A 128 -9.39 78.43 -13.87
C VAL A 128 -8.13 79.32 -13.97
N MET A 129 -7.39 79.42 -12.85
CA MET A 129 -6.22 80.31 -12.73
C MET A 129 -4.91 79.71 -13.27
N GLY A 130 -4.67 78.44 -12.96
CA GLY A 130 -3.43 77.77 -13.36
C GLY A 130 -3.20 77.77 -14.86
N SER A 131 -4.29 77.61 -15.61
CA SER A 131 -4.28 77.50 -17.07
C SER A 131 -3.64 78.62 -17.90
N ILE A 132 -3.81 79.87 -17.44
CA ILE A 132 -3.41 81.04 -18.27
C ILE A 132 -2.25 81.88 -17.66
N PRO A 133 -1.30 82.34 -18.52
CA PRO A 133 -0.01 82.88 -18.08
C PRO A 133 0.05 84.15 -17.23
N GLY A 134 -0.29 84.02 -15.95
CA GLY A 134 -0.05 85.07 -14.95
C GLY A 134 0.21 84.31 -13.66
N ILE A 135 1.10 83.32 -13.77
CA ILE A 135 1.13 82.17 -12.87
C ILE A 135 1.85 82.31 -11.52
N GLY A 136 2.82 83.24 -11.45
CA GLY A 136 3.79 83.31 -10.33
C GLY A 136 3.38 83.85 -8.96
N ALA A 137 3.51 85.18 -8.80
CA ALA A 137 3.07 85.89 -7.57
C ALA A 137 1.64 86.42 -7.71
N GLU A 138 1.09 86.26 -8.92
CA GLU A 138 -0.34 86.46 -9.18
C GLU A 138 -1.13 85.18 -8.85
N THR A 139 -0.43 84.21 -8.24
CA THR A 139 -1.04 83.02 -7.66
C THR A 139 -2.05 83.46 -6.61
N GLN A 140 -1.73 84.51 -5.86
CA GLN A 140 -2.70 85.17 -5.00
C GLN A 140 -4.01 85.27 -5.79
N PRO A 141 -5.08 84.65 -5.27
CA PRO A 141 -6.33 84.52 -6.03
C PRO A 141 -7.24 85.73 -5.93
N ARG A 142 -7.33 86.32 -4.74
CA ARG A 142 -8.19 87.46 -4.45
C ARG A 142 -8.05 88.57 -5.51
N VAL A 143 -6.81 88.83 -5.90
CA VAL A 143 -6.48 89.90 -6.85
C VAL A 143 -7.31 89.84 -8.12
N ILE A 144 -7.58 88.62 -8.58
CA ILE A 144 -8.30 88.45 -9.83
C ILE A 144 -9.79 88.77 -9.72
N ARG A 145 -10.44 88.32 -8.64
CA ARG A 145 -11.88 88.56 -8.51
C ARG A 145 -12.20 90.05 -8.37
N GLY A 146 -11.24 90.81 -7.85
CA GLY A 146 -11.35 92.27 -7.80
C GLY A 146 -11.45 92.85 -9.20
N ILE A 147 -10.41 92.60 -9.99
CA ILE A 147 -10.35 93.00 -11.40
C ILE A 147 -11.51 92.43 -12.26
N ILE A 148 -11.97 91.22 -11.90
CA ILE A 148 -13.20 90.66 -12.46
C ILE A 148 -14.43 91.47 -12.02
N ASP A 149 -14.39 92.01 -10.81
CA ASP A 149 -15.54 92.75 -10.28
C ASP A 149 -15.58 94.26 -10.58
N ARG A 150 -14.43 94.92 -10.66
CA ARG A 150 -14.41 96.36 -10.96
C ARG A 150 -14.93 96.65 -12.35
N ALA A 151 -14.71 95.69 -13.25
CA ALA A 151 -15.19 95.75 -14.61
C ALA A 151 -16.73 95.72 -14.70
N LYS A 152 -17.34 94.68 -14.15
CA LYS A 152 -18.81 94.54 -14.17
C LYS A 152 -19.54 95.71 -13.47
N SER A 153 -18.73 96.65 -12.98
CA SER A 153 -19.19 97.84 -12.29
C SER A 153 -19.19 99.00 -13.28
N ASN A 154 -18.31 98.91 -14.26
CA ASN A 154 -18.24 99.83 -15.39
C ASN A 154 -18.89 99.25 -16.65
N LEU A 155 -19.54 98.09 -16.46
CA LEU A 155 -20.21 97.32 -17.52
C LEU A 155 -19.29 96.61 -18.54
N TRP A 156 -17.98 96.63 -18.30
CA TRP A 156 -16.99 96.04 -19.23
C TRP A 156 -17.16 94.54 -19.49
N THR A 157 -16.80 94.13 -20.70
CA THR A 157 -16.76 92.73 -21.12
C THR A 157 -15.28 92.26 -21.26
N PRO A 158 -15.02 90.95 -21.49
CA PRO A 158 -13.61 90.57 -21.67
C PRO A 158 -12.95 91.15 -22.93
N ASP A 159 -13.73 91.34 -23.98
CA ASP A 159 -13.19 91.89 -25.22
C ASP A 159 -12.67 93.30 -25.07
N ASP A 160 -13.39 94.14 -24.33
CA ASP A 160 -12.96 95.53 -24.10
C ASP A 160 -11.99 95.67 -22.92
N LEU A 161 -11.93 94.64 -22.08
CA LEU A 161 -10.82 94.51 -21.13
C LEU A 161 -9.51 94.18 -21.86
N ASP A 162 -9.61 93.42 -22.94
CA ASP A 162 -8.47 93.14 -23.84
C ASP A 162 -7.91 94.42 -24.48
N ARG A 163 -8.77 95.41 -24.70
CA ARG A 163 -8.40 96.66 -25.35
C ARG A 163 -8.14 97.76 -24.31
N SER A 164 -6.89 97.86 -23.84
CA SER A 164 -6.55 98.81 -22.77
C SER A 164 -5.10 99.28 -22.79
N ARG A 165 -4.88 100.48 -22.26
CA ARG A 165 -3.56 101.13 -22.22
C ARG A 165 -2.43 100.28 -21.63
N GLU A 166 -2.45 100.16 -20.31
CA GLU A 166 -1.31 99.69 -19.55
C GLU A 166 -1.73 98.53 -18.64
N PRO A 167 -1.19 97.31 -18.88
CA PRO A 167 -1.56 96.16 -18.05
C PRO A 167 -0.58 95.87 -16.91
N PRO A 173 -0.18 91.41 -18.20
CA PRO A 173 -1.16 90.38 -17.88
C PRO A 173 -2.55 90.63 -18.55
N ARG A 174 -2.58 91.38 -19.65
CA ARG A 174 -3.82 91.98 -20.18
C ARG A 174 -4.83 90.97 -20.74
N ASP A 175 -4.37 90.17 -21.71
CA ASP A 175 -5.16 89.07 -22.27
C ASP A 175 -5.29 87.97 -21.23
N ALA A 176 -4.34 87.93 -20.29
CA ALA A 176 -4.42 87.04 -19.15
C ALA A 176 -5.66 87.39 -18.33
N ALA A 177 -5.71 88.66 -17.90
CA ALA A 177 -6.85 89.21 -17.15
C ALA A 177 -8.18 88.94 -17.84
N ALA A 178 -8.29 89.35 -19.10
CA ALA A 178 -9.52 89.17 -19.87
C ALA A 178 -9.90 87.70 -20.10
N GLU A 179 -8.91 86.85 -20.38
CA GLU A 179 -9.15 85.41 -20.54
C GLU A 179 -9.64 84.81 -19.23
N ALA A 180 -8.92 85.09 -18.15
CA ALA A 180 -9.33 84.64 -16.82
C ALA A 180 -10.83 84.93 -16.58
N TYR A 181 -11.23 86.16 -16.94
CA TYR A 181 -12.61 86.59 -16.92
C TYR A 181 -13.46 85.85 -17.97
N ARG A 182 -12.92 85.72 -19.17
CA ARG A 182 -13.58 84.98 -20.24
C ARG A 182 -13.95 83.58 -19.75
N ARG A 183 -12.95 82.85 -19.25
CA ARG A 183 -13.11 81.50 -18.71
C ARG A 183 -14.04 81.49 -17.51
N TYR A 184 -13.63 82.22 -16.47
CA TYR A 184 -14.42 82.41 -15.26
C TYR A 184 -15.91 82.46 -15.55
N GLU A 185 -16.27 83.20 -16.60
CA GLU A 185 -17.67 83.35 -17.02
C GLU A 185 -18.23 82.09 -17.66
N VAL A 186 -17.58 81.63 -18.73
CA VAL A 186 -18.03 80.43 -19.41
C VAL A 186 -18.09 79.26 -18.43
N ARG A 187 -17.45 79.45 -17.27
CA ARG A 187 -17.52 78.49 -16.17
C ARG A 187 -18.63 78.86 -15.15
N LYS A 188 -18.87 80.16 -14.97
CA LYS A 188 -20.01 80.65 -14.20
C LYS A 188 -21.26 80.25 -14.97
N LYS A 189 -21.26 80.57 -16.27
CA LYS A 189 -22.33 80.19 -17.16
C LYS A 189 -22.70 78.74 -16.89
N GLY A 190 -21.68 77.87 -16.93
CA GLY A 190 -21.83 76.44 -16.67
C GLY A 190 -22.65 76.11 -15.44
N GLN A 191 -22.19 76.57 -14.28
CA GLN A 191 -22.90 76.35 -13.02
C GLN A 191 -24.29 77.02 -12.93
N ASN A 192 -24.67 77.78 -13.96
CA ASN A 192 -25.94 78.52 -13.98
C ASN A 192 -26.15 79.31 -12.68
N ALA A 193 -25.19 80.18 -12.39
CA ALA A 193 -25.21 81.05 -11.21
C ALA A 193 -24.85 82.48 -11.63
N ILE A 194 -25.06 83.48 -10.78
CA ILE A 194 -24.68 84.84 -11.18
C ILE A 194 -23.96 85.76 -10.19
N ASP A 195 -22.71 86.06 -10.48
CA ASP A 195 -21.94 86.97 -9.67
C ASP A 195 -22.84 88.11 -9.31
N PHE A 196 -22.45 88.89 -8.31
CA PHE A 196 -23.26 90.00 -7.88
C PHE A 196 -23.44 90.91 -9.07
N GLY A 197 -22.40 91.67 -9.35
CA GLY A 197 -22.43 92.57 -10.47
C GLY A 197 -23.52 92.13 -11.41
N ASP A 198 -23.35 90.99 -12.04
CA ASP A 198 -24.33 90.50 -12.98
C ASP A 198 -25.65 91.10 -12.57
N LEU A 199 -26.06 90.71 -11.38
CA LEU A 199 -27.30 91.14 -10.77
C LEU A 199 -27.74 92.44 -11.35
N ILE A 200 -26.77 93.30 -11.55
CA ILE A 200 -27.02 94.57 -12.13
C ILE A 200 -26.89 94.39 -13.62
N THR A 201 -25.65 94.18 -14.02
CA THR A 201 -25.28 94.06 -15.41
C THR A 201 -26.31 93.29 -16.16
N GLU A 202 -26.68 92.15 -15.63
CA GLU A 202 -27.65 91.32 -16.35
C GLU A 202 -28.99 92.01 -16.34
N THR A 203 -29.20 92.78 -15.31
CA THR A 203 -30.33 93.64 -15.20
C THR A 203 -30.20 94.69 -16.31
N VAL A 204 -29.09 95.39 -16.32
CA VAL A 204 -28.81 96.41 -17.32
C VAL A 204 -28.98 95.84 -18.70
N ARG A 205 -28.25 94.75 -18.95
CA ARG A 205 -28.30 94.06 -20.23
C ARG A 205 -29.76 93.82 -20.65
N LEU A 206 -30.46 93.00 -19.87
CA LEU A 206 -31.85 92.63 -20.12
C LEU A 206 -32.71 93.80 -20.61
N PHE A 207 -32.67 94.92 -19.88
CA PHE A 207 -33.43 96.12 -20.28
C PHE A 207 -33.08 96.54 -21.71
N LYS A 208 -31.78 96.66 -22.00
CA LYS A 208 -31.33 97.07 -23.33
C LYS A 208 -31.51 95.98 -24.38
N GLU A 209 -31.47 94.71 -23.92
CA GLU A 209 -31.71 93.57 -24.81
C GLU A 209 -33.14 93.72 -25.30
N VAL A 210 -34.07 93.79 -24.36
CA VAL A 210 -35.49 93.85 -24.68
C VAL A 210 -36.10 95.10 -24.09
N PRO A 211 -36.19 96.19 -24.90
CA PRO A 211 -36.87 97.44 -24.55
C PRO A 211 -38.34 97.24 -24.25
N GLY A 212 -38.90 96.11 -24.70
CA GLY A 212 -40.28 95.73 -24.41
C GLY A 212 -40.52 95.34 -22.96
N VAL A 213 -39.57 94.60 -22.38
CA VAL A 213 -39.67 94.09 -20.99
C VAL A 213 -39.50 95.19 -19.95
N LEU A 214 -38.55 96.09 -20.17
CA LEU A 214 -38.25 97.18 -19.25
C LEU A 214 -39.44 98.10 -18.99
N ASP A 215 -40.21 98.40 -20.03
CA ASP A 215 -41.38 99.26 -19.86
C ASP A 215 -42.27 98.68 -18.79
N LYS A 216 -42.46 97.37 -18.86
CA LYS A 216 -43.36 96.65 -17.98
C LYS A 216 -43.01 96.88 -16.51
N VAL A 217 -41.74 97.14 -16.24
CA VAL A 217 -41.27 97.41 -14.87
C VAL A 217 -41.54 98.86 -14.49
N GLN A 218 -41.33 99.75 -15.45
CA GLN A 218 -41.50 101.18 -15.23
C GLN A 218 -42.95 101.53 -14.88
N ASN A 219 -43.81 100.51 -14.87
CA ASN A 219 -45.16 100.62 -14.33
C ASN A 219 -45.17 100.49 -12.81
N LYS A 220 -44.31 99.62 -12.30
CA LYS A 220 -44.09 99.48 -10.86
C LYS A 220 -43.09 100.53 -10.34
N ALA A 221 -42.27 101.06 -11.25
CA ALA A 221 -41.39 102.17 -10.98
C ALA A 221 -41.87 103.42 -11.74
N LYS A 222 -42.97 104.02 -11.27
CA LYS A 222 -43.54 105.24 -11.90
C LYS A 222 -42.72 106.48 -11.48
N PHE A 223 -42.36 106.55 -10.20
CA PHE A 223 -41.39 107.55 -9.69
C PHE A 223 -40.22 106.84 -9.04
N ILE A 224 -39.03 107.42 -9.20
CA ILE A 224 -37.80 106.71 -8.88
C ILE A 224 -37.00 107.48 -7.86
N HIS A 225 -36.84 106.89 -6.68
CA HIS A 225 -36.02 107.50 -5.63
C HIS A 225 -34.67 106.84 -5.48
N VAL A 226 -33.63 107.66 -5.41
CA VAL A 226 -32.27 107.20 -5.10
C VAL A 226 -31.57 107.96 -3.97
N ASP A 227 -31.34 107.25 -2.87
CA ASP A 227 -30.69 107.80 -1.70
C ASP A 227 -29.21 107.46 -1.83
N GLU A 228 -28.40 108.07 -0.99
CA GLU A 228 -27.00 107.70 -0.92
C GLU A 228 -26.43 107.51 -2.32
N TYR A 229 -26.76 108.46 -3.19
CA TYR A 229 -26.18 108.58 -4.52
C TYR A 229 -24.70 108.95 -4.39
N GLN A 230 -24.31 109.51 -3.23
CA GLN A 230 -22.92 109.86 -2.91
C GLN A 230 -22.01 108.92 -3.64
N ASP A 231 -22.13 107.65 -3.25
CA ASP A 231 -21.41 106.54 -3.81
C ASP A 231 -22.38 105.74 -4.62
N THR A 232 -22.02 105.52 -5.88
CA THR A 232 -22.85 104.79 -6.86
C THR A 232 -22.03 104.45 -8.12
N ASN A 233 -21.92 103.16 -8.45
CA ASN A 233 -21.07 102.73 -9.58
C ASN A 233 -21.78 102.87 -10.94
N ARG A 234 -20.99 102.81 -12.02
CA ARG A 234 -21.52 103.03 -13.37
C ARG A 234 -22.47 101.95 -13.88
N ALA A 235 -22.41 100.76 -13.31
CA ALA A 235 -23.37 99.72 -13.61
C ALA A 235 -24.72 100.22 -13.12
N GLN A 236 -24.75 100.77 -11.90
CA GLN A 236 -25.95 101.34 -11.28
C GLN A 236 -26.39 102.55 -12.08
N TYR A 237 -25.45 103.45 -12.36
CA TYR A 237 -25.79 104.63 -13.11
C TYR A 237 -26.64 104.28 -14.34
N GLU A 238 -26.15 103.40 -15.20
CA GLU A 238 -26.92 103.02 -16.37
C GLU A 238 -28.26 102.37 -16.01
N LEU A 239 -28.30 101.50 -14.99
CA LEU A 239 -29.57 100.90 -14.56
C LEU A 239 -30.52 102.03 -14.43
N THR A 240 -30.16 102.93 -13.54
CA THR A 240 -30.94 104.11 -13.25
C THR A 240 -31.28 104.83 -14.56
N ARG A 241 -30.29 105.43 -15.19
CA ARG A 241 -30.50 106.12 -16.46
C ARG A 241 -31.55 105.41 -17.32
N LEU A 242 -31.43 104.08 -17.40
CA LEU A 242 -32.37 103.25 -18.17
C LEU A 242 -33.74 103.17 -17.50
N LEU A 243 -33.78 102.63 -16.29
CA LEU A 243 -35.03 102.52 -15.53
C LEU A 243 -35.88 103.77 -15.69
N ALA A 244 -35.22 104.92 -15.81
CA ALA A 244 -35.85 106.22 -15.85
C ALA A 244 -36.44 106.53 -17.21
N SER A 245 -35.58 106.55 -18.22
CA SER A 245 -35.86 107.21 -19.52
C SER A 245 -37.30 107.26 -20.08
N ARG A 246 -38.14 106.25 -19.81
CA ARG A 246 -39.54 106.22 -20.28
C ARG A 246 -40.17 107.58 -20.16
N ASP A 247 -40.45 107.96 -18.92
CA ASP A 247 -40.81 109.32 -18.61
C ASP A 247 -39.95 109.67 -17.41
N ARG A 248 -39.24 110.79 -17.51
CA ARG A 248 -38.30 111.15 -16.46
C ARG A 248 -38.98 111.52 -15.15
N ASN A 249 -38.95 110.60 -14.20
CA ASN A 249 -39.58 110.81 -12.92
C ASN A 249 -38.68 110.31 -11.83
N LEU A 250 -37.52 110.94 -11.76
CA LEU A 250 -36.42 110.51 -10.91
C LEU A 250 -36.02 111.59 -9.93
N LEU A 251 -35.93 111.23 -8.66
CA LEU A 251 -35.24 112.08 -7.69
C LEU A 251 -34.07 111.30 -7.08
N VAL A 252 -32.88 111.90 -7.08
CA VAL A 252 -31.73 111.28 -6.42
C VAL A 252 -31.28 112.24 -5.35
N VAL A 253 -30.83 111.71 -4.22
CA VAL A 253 -30.33 112.59 -3.15
C VAL A 253 -28.99 112.04 -2.68
N GLY A 254 -28.07 112.90 -2.23
CA GLY A 254 -26.73 112.44 -1.88
C GLY A 254 -25.75 113.53 -1.51
N ASP A 255 -24.60 113.16 -0.96
CA ASP A 255 -23.57 114.11 -0.52
C ASP A 255 -22.23 113.71 -1.10
N PRO A 256 -21.54 114.66 -1.75
CA PRO A 256 -20.25 114.34 -2.36
C PRO A 256 -19.18 114.12 -1.32
N ASP A 257 -19.21 114.91 -0.27
CA ASP A 257 -18.20 114.78 0.76
C ASP A 257 -18.38 113.48 1.50
N GLN A 258 -19.44 112.76 1.20
CA GLN A 258 -19.76 111.53 1.88
C GLN A 258 -19.60 110.38 0.94
N SER A 259 -18.75 110.54 -0.04
CA SER A 259 -18.50 109.47 -1.01
C SER A 259 -17.30 108.58 -0.65
N ILE A 260 -17.59 107.46 0.03
CA ILE A 260 -16.52 106.58 0.49
C ILE A 260 -16.40 105.26 -0.30
N TYR A 261 -17.06 105.15 -1.44
CA TYR A 261 -17.09 103.87 -2.15
C TYR A 261 -16.27 103.79 -3.44
N LYS A 262 -15.19 104.57 -3.45
CA LYS A 262 -14.24 104.60 -4.55
C LYS A 262 -13.68 103.19 -4.86
N PHE A 263 -13.10 102.51 -3.86
CA PHE A 263 -12.56 101.17 -4.07
C PHE A 263 -13.51 100.27 -4.83
N ARG A 264 -14.81 100.54 -4.71
CA ARG A 264 -15.82 99.70 -5.34
C ARG A 264 -16.34 100.36 -6.64
N GLY A 265 -15.65 101.40 -7.09
CA GLY A 265 -15.93 101.98 -8.40
C GLY A 265 -17.04 103.00 -8.42
N ALA A 266 -17.56 103.30 -7.24
CA ALA A 266 -18.51 104.40 -7.10
C ALA A 266 -17.79 105.71 -7.43
N ASP A 267 -18.24 106.41 -8.45
CA ASP A 267 -17.54 107.60 -8.93
C ASP A 267 -17.97 108.93 -8.32
N ILE A 268 -17.06 109.56 -7.59
CA ILE A 268 -17.37 110.89 -7.07
C ILE A 268 -18.10 111.67 -8.18
N GLN A 269 -17.41 111.71 -9.31
CA GLN A 269 -17.90 112.42 -10.46
C GLN A 269 -19.12 111.71 -11.02
N ASN A 270 -19.17 110.37 -10.93
CA ASN A 270 -20.40 109.71 -11.44
C ASN A 270 -21.71 110.43 -10.92
N ILE A 271 -21.73 110.51 -9.58
CA ILE A 271 -22.70 111.42 -8.98
C ILE A 271 -23.01 112.94 -9.40
N LEU A 272 -21.92 113.71 -9.40
CA LEU A 272 -21.99 115.05 -10.00
C LEU A 272 -22.46 115.36 -11.43
N ASP A 273 -22.07 114.51 -12.38
CA ASP A 273 -22.35 114.68 -13.81
C ASP A 273 -23.79 114.39 -14.09
N PHE A 274 -24.53 114.10 -13.03
CA PHE A 274 -25.96 113.84 -13.12
C PHE A 274 -26.62 115.06 -13.75
N GLN A 275 -26.04 116.23 -13.48
CA GLN A 275 -26.54 117.48 -14.04
C GLN A 275 -26.34 117.49 -15.55
N LYS A 276 -25.14 117.10 -15.98
CA LYS A 276 -24.84 116.98 -17.41
C LYS A 276 -25.71 115.92 -18.07
N ASP A 277 -25.91 114.79 -17.38
CA ASP A 277 -26.79 113.72 -17.86
C ASP A 277 -28.25 114.14 -18.02
N TYR A 278 -28.69 115.03 -17.13
CA TYR A 278 -30.10 115.41 -17.04
C TYR A 278 -30.23 116.92 -17.01
N PRO A 279 -30.90 117.48 -18.03
CA PRO A 279 -31.10 118.92 -18.10
C PRO A 279 -32.19 119.38 -17.14
N ASP A 280 -33.34 118.69 -17.16
CA ASP A 280 -34.52 119.08 -16.38
C ASP A 280 -34.28 119.11 -14.88
N ALA A 281 -33.34 118.26 -14.45
CA ALA A 281 -33.00 118.14 -13.05
C ALA A 281 -32.95 119.50 -12.35
N LYS A 282 -33.82 119.64 -11.34
CA LYS A 282 -33.85 120.82 -10.54
C LYS A 282 -32.99 120.56 -9.32
N VAL A 283 -31.82 121.17 -9.25
CA VAL A 283 -30.97 121.05 -8.07
C VAL A 283 -31.56 121.78 -6.84
N TYR A 284 -31.79 121.03 -5.77
CA TYR A 284 -32.27 121.57 -4.49
C TYR A 284 -31.13 121.57 -3.48
N MET A 285 -30.85 122.69 -2.82
CA MET A 285 -29.67 122.71 -1.91
C MET A 285 -30.02 122.80 -0.44
N LEU A 286 -29.25 122.13 0.41
CA LEU A 286 -29.53 122.09 1.86
C LEU A 286 -28.32 122.46 2.68
N GLU A 287 -28.56 123.21 3.73
CA GLU A 287 -27.50 123.98 4.37
C GLU A 287 -27.41 123.70 5.87
N HIS A 288 -28.52 123.25 6.45
CA HIS A 288 -28.60 123.12 7.90
C HIS A 288 -28.47 121.69 8.36
N ASN A 289 -27.70 121.52 9.43
CA ASN A 289 -27.52 120.22 10.06
C ASN A 289 -28.38 120.08 11.31
N TYR A 290 -29.36 119.19 11.23
CA TYR A 290 -30.25 118.88 12.36
C TYR A 290 -29.70 117.86 13.34
N ARG A 291 -28.71 117.10 12.89
CA ARG A 291 -28.31 115.95 13.62
C ARG A 291 -27.31 116.31 14.73
N SER A 292 -26.28 117.06 14.42
CA SER A 292 -25.19 117.12 15.39
C SER A 292 -25.15 118.36 16.27
N SER A 293 -24.62 118.18 17.48
CA SER A 293 -24.23 119.31 18.33
C SER A 293 -23.25 120.17 17.57
N ALA A 294 -23.11 121.42 17.97
CA ALA A 294 -22.35 122.35 17.14
C ALA A 294 -20.84 122.09 17.21
N ARG A 295 -20.38 121.63 18.38
CA ARG A 295 -18.99 121.30 18.58
C ARG A 295 -18.54 120.13 17.73
N VAL A 296 -19.51 119.27 17.39
CA VAL A 296 -19.30 118.09 16.53
C VAL A 296 -19.18 118.54 15.07
N LEU A 297 -20.16 119.33 14.65
CA LEU A 297 -20.25 119.85 13.30
C LEU A 297 -19.07 120.77 12.98
N GLU A 298 -18.67 121.58 13.95
CA GLU A 298 -17.50 122.44 13.79
C GLU A 298 -16.28 121.59 13.51
N ALA A 299 -16.13 120.49 14.24
CA ALA A 299 -15.02 119.61 13.97
C ALA A 299 -15.19 119.02 12.58
N ALA A 300 -16.36 118.43 12.32
CA ALA A 300 -16.66 117.83 11.03
C ALA A 300 -16.42 118.79 9.87
N ASN A 301 -17.01 119.99 9.95
CA ASN A 301 -16.80 121.06 8.97
C ASN A 301 -15.34 121.46 8.89
N LYS A 302 -14.70 121.65 10.05
CA LYS A 302 -13.29 121.99 10.08
C LYS A 302 -12.47 120.97 9.32
N LEU A 303 -12.69 119.69 9.58
CA LEU A 303 -11.93 118.66 8.88
C LEU A 303 -12.15 118.69 7.34
N ILE A 304 -13.37 118.41 6.92
CA ILE A 304 -13.72 118.23 5.50
C ILE A 304 -13.15 119.28 4.56
N GLU A 305 -13.03 120.51 5.05
CA GLU A 305 -12.47 121.62 4.27
C GLU A 305 -11.10 121.27 3.68
N ASN A 306 -10.47 120.23 4.22
CA ASN A 306 -9.16 119.80 3.75
C ASN A 306 -9.16 119.03 2.45
N ASN A 307 -10.30 118.44 2.08
CA ASN A 307 -10.47 117.91 0.73
C ASN A 307 -10.69 119.05 -0.25
N THR A 308 -9.60 119.70 -0.65
CA THR A 308 -9.69 120.84 -1.58
C THR A 308 -10.12 120.41 -2.99
N GLU A 309 -10.76 121.33 -3.70
CA GLU A 309 -11.33 121.09 -5.03
C GLU A 309 -12.45 120.02 -5.01
N ARG A 310 -12.92 119.74 -3.80
CA ARG A 310 -14.22 119.13 -3.62
C ARG A 310 -15.23 120.24 -3.86
N LEU A 311 -16.50 119.91 -3.99
CA LEU A 311 -17.56 120.91 -4.07
C LEU A 311 -17.52 121.84 -2.86
N ASP A 312 -18.19 122.99 -2.95
CA ASP A 312 -18.37 123.85 -1.79
C ASP A 312 -19.84 123.86 -1.35
N LYS A 313 -20.16 123.09 -0.32
CA LYS A 313 -21.43 123.21 0.39
C LYS A 313 -21.09 123.91 1.71
N THR A 314 -22.03 123.94 2.64
CA THR A 314 -21.74 124.40 4.00
C THR A 314 -22.75 123.85 4.98
N LEU A 315 -22.33 123.71 6.24
CA LEU A 315 -23.21 123.18 7.24
C LEU A 315 -23.35 124.10 8.43
N LYS A 316 -24.56 124.66 8.59
CA LYS A 316 -24.87 125.54 9.71
C LYS A 316 -25.52 124.66 10.77
N PRO A 317 -25.16 124.87 12.04
CA PRO A 317 -25.81 124.14 13.12
C PRO A 317 -27.24 124.58 13.33
N VAL A 318 -28.13 123.61 13.58
CA VAL A 318 -29.46 123.90 14.11
C VAL A 318 -29.42 123.60 15.62
N LYS A 319 -28.41 122.83 16.05
CA LYS A 319 -28.28 122.47 17.47
C LYS A 319 -27.26 123.32 18.25
N GLU A 320 -27.64 123.74 19.45
CA GLU A 320 -26.68 124.41 20.34
C GLU A 320 -25.41 123.56 20.46
N ALA A 321 -24.26 124.23 20.63
CA ALA A 321 -22.98 123.53 20.85
C ALA A 321 -23.19 122.67 22.04
N GLY A 322 -22.42 121.61 22.19
CA GLY A 322 -22.80 120.62 23.21
C GLY A 322 -21.75 120.33 24.23
N GLN A 323 -21.74 119.08 24.67
CA GLN A 323 -20.59 118.52 25.36
C GLN A 323 -19.44 118.58 24.36
N PRO A 324 -18.22 118.76 24.86
CA PRO A 324 -17.02 118.76 24.02
C PRO A 324 -16.75 117.46 23.24
N VAL A 325 -16.08 117.57 22.10
CA VAL A 325 -15.56 116.41 21.42
C VAL A 325 -14.25 116.05 22.10
N THR A 326 -14.09 114.77 22.43
CA THR A 326 -12.97 114.33 23.24
C THR A 326 -12.15 113.25 22.56
N PHE A 327 -10.87 113.19 22.92
CA PHE A 327 -9.98 112.18 22.38
C PHE A 327 -9.10 111.54 23.45
N HIS A 328 -9.01 110.21 23.45
CA HIS A 328 -8.13 109.48 24.38
C HIS A 328 -7.20 108.46 23.72
N ARG A 329 -5.90 108.65 23.95
CA ARG A 329 -4.88 107.68 23.55
C ARG A 329 -4.54 106.76 24.73
N ALA A 330 -4.51 105.46 24.47
CA ALA A 330 -4.29 104.45 25.50
C ALA A 330 -2.94 103.77 25.29
N THR A 331 -2.45 103.07 26.31
CA THR A 331 -1.16 102.37 26.21
C THR A 331 -1.17 101.37 25.07
N ASP A 332 -2.17 100.51 25.06
CA ASP A 332 -2.31 99.51 24.02
C ASP A 332 -3.76 99.34 23.59
N HIS A 333 -4.01 98.35 22.77
CA HIS A 333 -5.34 98.09 22.27
C HIS A 333 -6.32 97.63 23.35
N ARG A 334 -5.80 97.02 24.42
CA ARG A 334 -6.63 96.59 25.57
C ARG A 334 -7.16 97.82 26.28
N ALA A 335 -6.20 98.69 26.64
CA ALA A 335 -6.48 99.89 27.38
C ALA A 335 -7.41 100.80 26.58
N GLU A 336 -7.41 100.66 25.26
CA GLU A 336 -8.39 101.33 24.41
C GLU A 336 -9.76 100.65 24.50
N GLY A 337 -9.79 99.33 24.57
CA GLY A 337 -11.09 98.64 24.64
C GLY A 337 -11.73 98.80 25.99
N ASP A 338 -10.89 98.74 27.02
CA ASP A 338 -11.31 98.91 28.42
C ASP A 338 -11.83 100.32 28.71
N TYR A 339 -11.25 101.30 28.03
CA TYR A 339 -11.67 102.67 28.16
C TYR A 339 -13.08 102.87 27.66
N VAL A 340 -13.29 102.53 26.39
CA VAL A 340 -14.63 102.51 25.80
C VAL A 340 -15.62 101.75 26.68
N ALA A 341 -15.19 100.60 27.22
CA ALA A 341 -16.09 99.83 28.09
C ALA A 341 -16.48 100.68 29.31
N ASP A 342 -15.44 101.22 29.96
CA ASP A 342 -15.59 102.06 31.15
C ASP A 342 -16.59 103.19 30.87
N TRP A 343 -16.33 103.94 29.82
CA TRP A 343 -17.16 105.07 29.45
C TRP A 343 -18.58 104.71 29.05
N LEU A 344 -18.75 103.66 28.26
CA LEU A 344 -20.08 103.10 27.99
C LEU A 344 -20.83 102.82 29.31
N THR A 345 -20.11 102.27 30.29
CA THR A 345 -20.72 102.02 31.59
C THR A 345 -21.22 103.30 32.24
N ARG A 346 -20.33 104.29 32.31
CA ARG A 346 -20.63 105.59 32.91
C ARG A 346 -21.87 106.16 32.19
N LEU A 347 -21.77 106.43 30.88
CA LEU A 347 -22.88 107.03 30.14
C LEU A 347 -24.20 106.30 30.39
N HIS A 348 -24.19 104.97 30.29
CA HIS A 348 -25.38 104.20 30.57
C HIS A 348 -25.88 104.58 31.95
N GLY A 349 -24.94 104.94 32.84
CA GLY A 349 -25.24 105.28 34.23
C GLY A 349 -25.98 106.60 34.34
N GLU A 350 -25.58 107.55 33.52
CA GLU A 350 -26.24 108.85 33.43
C GLU A 350 -27.66 108.73 32.85
N GLY A 351 -28.08 107.50 32.59
CA GLY A 351 -29.42 107.27 32.07
C GLY A 351 -29.43 107.11 30.56
N ARG A 352 -28.24 107.17 29.96
CA ARG A 352 -28.06 106.86 28.53
C ARG A 352 -28.41 105.36 28.30
N ALA A 353 -28.99 105.03 27.16
CA ALA A 353 -29.35 103.63 26.90
C ALA A 353 -28.35 103.00 25.94
N TRP A 354 -28.15 101.69 26.04
CA TRP A 354 -27.16 101.06 25.18
C TRP A 354 -27.52 101.38 23.73
N SER A 355 -28.82 101.20 23.39
CA SER A 355 -29.40 101.42 22.06
C SER A 355 -28.89 102.63 21.36
N GLU A 356 -28.42 103.61 22.15
CA GLU A 356 -28.11 104.91 21.62
C GLU A 356 -26.63 105.12 21.46
N MET A 357 -25.86 104.09 21.73
CA MET A 357 -24.43 104.23 21.62
C MET A 357 -23.91 103.29 20.55
N ALA A 358 -22.80 103.70 19.91
CA ALA A 358 -22.18 102.91 18.88
C ALA A 358 -20.67 103.18 18.81
N ILE A 359 -19.93 102.17 18.32
CA ILE A 359 -18.49 102.22 18.20
C ILE A 359 -18.15 101.95 16.75
N LEU A 360 -17.29 102.80 16.20
CA LEU A 360 -16.99 102.76 14.80
C LEU A 360 -15.49 102.54 14.62
N TYR A 361 -15.12 101.53 13.85
CA TYR A 361 -13.71 101.22 13.60
C TYR A 361 -13.52 101.10 12.11
N ARG A 362 -12.29 101.30 11.65
CA ARG A 362 -11.95 101.07 10.22
C ARG A 362 -12.01 99.62 9.73
N THR A 363 -11.63 98.66 10.58
CA THR A 363 -11.52 97.28 10.11
C THR A 363 -12.18 96.25 11.03
N ASN A 364 -12.99 95.36 10.45
CA ASN A 364 -13.69 94.33 11.20
C ASN A 364 -12.86 93.71 12.27
N ALA A 365 -11.59 93.48 11.97
CA ALA A 365 -10.65 92.91 12.93
C ALA A 365 -10.68 93.63 14.26
N GLN A 366 -11.01 94.94 14.23
CA GLN A 366 -10.87 95.74 15.45
C GLN A 366 -11.93 95.45 16.47
N SER A 367 -13.00 94.80 16.02
CA SER A 367 -14.10 94.41 16.85
C SER A 367 -13.74 93.36 17.85
N ARG A 368 -12.85 92.44 17.47
CA ARG A 368 -12.50 91.33 18.32
C ARG A 368 -12.21 91.79 19.74
N VAL A 369 -11.26 92.71 19.88
CA VAL A 369 -10.77 93.19 21.17
C VAL A 369 -11.80 93.98 22.00
N ILE A 370 -12.47 94.94 21.33
CA ILE A 370 -13.50 95.77 21.98
C ILE A 370 -14.56 94.91 22.64
N GLU A 371 -15.12 93.96 21.90
CA GLU A 371 -16.05 93.02 22.48
C GLU A 371 -15.59 92.49 23.83
N GLU A 372 -14.31 92.13 23.94
CA GLU A 372 -13.82 91.49 25.15
C GLU A 372 -14.04 92.39 26.32
N SER A 373 -13.77 93.66 26.08
CA SER A 373 -13.88 94.66 27.10
C SER A 373 -15.34 94.70 27.52
N LEU A 374 -16.22 94.58 26.52
CA LEU A 374 -17.64 94.66 26.78
C LEU A 374 -18.17 93.43 27.47
N ARG A 375 -17.55 92.29 27.21
CA ARG A 375 -18.05 91.03 27.75
C ARG A 375 -17.77 91.00 29.24
N ARG A 376 -16.56 91.37 29.62
CA ARG A 376 -16.13 91.36 31.02
C ARG A 376 -17.10 92.10 31.90
N VAL A 377 -17.29 93.37 31.57
CA VAL A 377 -18.26 94.21 32.21
C VAL A 377 -19.69 93.66 32.08
N GLN A 378 -20.01 92.97 31.00
CA GLN A 378 -21.35 92.42 30.80
C GLN A 378 -22.28 93.43 30.14
N ILE A 379 -21.68 94.34 29.38
CA ILE A 379 -22.39 95.20 28.47
C ILE A 379 -22.92 94.45 27.25
N PRO A 380 -24.23 94.57 26.92
CA PRO A 380 -24.82 94.06 25.69
C PRO A 380 -24.15 94.65 24.47
N ALA A 381 -23.90 93.84 23.46
CA ALA A 381 -23.35 94.32 22.21
C ALA A 381 -23.90 93.52 21.04
N ARG A 382 -23.94 94.14 19.87
CA ARG A 382 -24.21 93.45 18.65
C ARG A 382 -23.23 93.98 17.63
N ILE A 383 -22.57 93.08 16.92
CA ILE A 383 -21.65 93.47 15.86
C ILE A 383 -22.40 93.44 14.56
N VAL A 384 -21.93 94.25 13.62
CA VAL A 384 -22.49 94.32 12.29
C VAL A 384 -21.45 93.81 11.29
N GLY A 385 -21.86 92.87 10.44
CA GLY A 385 -21.05 92.42 9.32
C GLY A 385 -19.59 92.09 9.65
N GLY A 386 -19.39 91.14 10.56
CA GLY A 386 -18.05 90.70 10.86
C GLY A 386 -17.82 89.23 10.55
N VAL A 387 -18.66 88.39 11.13
CA VAL A 387 -18.58 86.93 11.05
C VAL A 387 -19.98 86.39 10.84
N GLY A 388 -20.38 86.30 9.58
CA GLY A 388 -21.72 85.89 9.26
C GLY A 388 -22.11 84.63 10.01
N PHE A 389 -23.27 84.65 10.66
CA PHE A 389 -23.91 83.41 11.08
C PHE A 389 -24.08 82.63 9.77
N TYR A 390 -24.40 83.34 8.70
CA TYR A 390 -24.54 82.74 7.40
C TYR A 390 -23.17 82.40 6.77
N ASP A 391 -22.09 82.82 7.45
CA ASP A 391 -20.71 82.44 7.10
C ASP A 391 -20.32 81.10 7.75
N ARG A 392 -20.57 81.00 9.07
CA ARG A 392 -20.31 79.79 9.87
C ARG A 392 -20.54 78.46 9.12
N ARG A 393 -19.62 77.53 9.32
CA ARG A 393 -19.61 76.25 8.60
C ARG A 393 -20.97 75.57 8.68
N GLU A 394 -21.41 75.28 9.92
CA GLU A 394 -22.70 74.64 10.21
C GLU A 394 -23.73 74.97 9.13
N ILE A 395 -24.05 76.27 9.06
CA ILE A 395 -25.12 76.79 8.23
C ILE A 395 -24.80 76.72 6.73
N ARG A 396 -23.58 77.17 6.39
CA ARG A 396 -23.23 77.40 5.01
C ARG A 396 -23.36 76.16 4.15
N ASP A 397 -22.85 75.04 4.68
CA ASP A 397 -22.85 73.76 3.99
C ASP A 397 -24.25 73.28 3.68
N ILE A 398 -25.16 73.39 4.64
CA ILE A 398 -26.56 73.08 4.39
C ILE A 398 -27.19 73.98 3.32
N LEU A 399 -26.78 75.25 3.30
CA LEU A 399 -27.18 76.15 2.21
C LEU A 399 -26.61 75.65 0.89
N ALA A 400 -25.46 74.97 0.96
CA ALA A 400 -24.88 74.26 -0.19
C ALA A 400 -25.75 73.07 -0.58
N TYR A 401 -26.15 72.26 0.40
CA TYR A 401 -27.14 71.20 0.13
C TYR A 401 -28.33 71.79 -0.59
N ALA A 402 -28.79 72.93 -0.09
CA ALA A 402 -29.93 73.66 -0.63
C ALA A 402 -29.67 74.13 -2.05
N ARG A 403 -28.50 74.74 -2.28
CA ARG A 403 -28.12 75.26 -3.59
C ARG A 403 -28.08 74.17 -4.62
N LEU A 404 -27.40 73.10 -4.22
CA LEU A 404 -27.15 71.97 -5.09
C LEU A 404 -28.38 71.08 -5.25
N ALA A 405 -29.22 71.04 -4.20
CA ALA A 405 -30.48 70.32 -4.28
C ALA A 405 -31.22 70.85 -5.50
N LEU A 406 -31.59 72.12 -5.43
CA LEU A 406 -32.32 72.77 -6.52
C LEU A 406 -31.50 72.79 -7.81
N ASN A 407 -30.30 73.37 -7.74
CA ASN A 407 -29.44 73.45 -8.91
C ASN A 407 -28.37 72.36 -9.01
N PRO A 408 -28.55 71.41 -9.95
CA PRO A 408 -27.59 70.35 -10.17
C PRO A 408 -26.19 70.88 -10.45
N ALA A 409 -26.09 71.89 -11.31
CA ALA A 409 -24.80 72.37 -11.83
C ALA A 409 -23.79 72.93 -10.80
N ASP A 410 -24.23 73.16 -9.55
CA ASP A 410 -23.36 73.78 -8.54
C ASP A 410 -22.25 72.86 -8.00
N ASP A 411 -21.12 72.82 -8.69
CA ASP A 411 -19.98 72.00 -8.25
C ASP A 411 -19.23 72.63 -7.09
N VAL A 412 -19.08 73.95 -7.15
CA VAL A 412 -18.52 74.74 -6.07
C VAL A 412 -19.13 74.28 -4.74
N ALA A 413 -20.46 74.17 -4.70
CA ALA A 413 -21.18 73.68 -3.53
C ALA A 413 -20.97 72.20 -3.34
N LEU A 414 -21.06 71.45 -4.44
CA LEU A 414 -20.89 70.00 -4.38
C LEU A 414 -19.66 69.66 -3.58
N ARG A 415 -18.58 70.39 -3.82
CA ARG A 415 -17.36 70.21 -3.05
C ARG A 415 -17.64 70.25 -1.54
N ARG A 416 -18.18 71.35 -1.05
CA ARG A 416 -18.27 71.61 0.40
C ARG A 416 -19.19 70.65 1.16
N ILE A 417 -20.15 70.05 0.47
CA ILE A 417 -21.13 69.15 1.11
C ILE A 417 -20.83 67.64 1.08
N ILE A 418 -20.07 67.19 0.09
CA ILE A 418 -19.75 65.76 -0.05
C ILE A 418 -18.83 65.25 1.06
N GLY A 419 -17.90 66.09 1.49
CA GLY A 419 -16.89 65.75 2.47
C GLY A 419 -17.35 65.73 3.92
N ARG A 420 -18.00 66.80 4.36
CA ARG A 420 -18.38 66.86 5.78
C ARG A 420 -19.27 65.67 6.21
N PRO A 421 -20.41 65.43 5.51
CA PRO A 421 -21.09 64.15 5.73
C PRO A 421 -20.36 63.04 4.99
N ARG A 422 -19.41 62.42 5.69
CA ARG A 422 -18.53 61.44 5.07
C ARG A 422 -19.29 60.33 4.37
N ARG A 423 -19.31 60.39 3.05
CA ARG A 423 -20.22 59.56 2.29
C ARG A 423 -19.47 58.48 1.53
N GLY A 424 -18.22 58.25 1.90
CA GLY A 424 -17.50 57.22 1.20
C GLY A 424 -16.76 57.77 -0.02
N ILE A 425 -16.65 59.04 -0.14
CA ILE A 425 -16.33 59.58 -1.46
C ILE A 425 -14.87 59.95 -1.67
N GLY A 426 -14.31 59.44 -2.76
CA GLY A 426 -12.89 59.47 -3.01
C GLY A 426 -12.28 60.75 -3.50
N ASP A 427 -11.29 61.22 -2.76
CA ASP A 427 -10.43 62.27 -3.23
C ASP A 427 -10.04 61.94 -4.68
N THR A 428 -9.71 60.67 -4.91
CA THR A 428 -9.41 60.19 -6.27
C THR A 428 -10.68 60.02 -7.10
N ALA A 429 -11.79 59.66 -6.45
CA ALA A 429 -13.08 59.57 -7.14
C ALA A 429 -13.44 60.93 -7.71
N LEU A 430 -13.23 61.97 -6.90
CA LEU A 430 -13.42 63.36 -7.30
C LEU A 430 -12.72 63.68 -8.61
N GLN A 431 -11.40 63.59 -8.62
CA GLN A 431 -10.58 63.92 -9.79
C GLN A 431 -10.89 63.02 -10.99
N LYS A 432 -11.43 61.83 -10.73
CA LYS A 432 -11.99 60.97 -11.77
C LYS A 432 -13.36 61.47 -12.28
N LEU A 433 -14.11 62.13 -11.38
CA LEU A 433 -15.46 62.68 -11.70
C LEU A 433 -15.39 64.10 -12.27
N MET A 434 -14.42 64.88 -11.80
CA MET A 434 -14.12 66.20 -12.36
C MET A 434 -13.51 66.07 -13.74
N GLU A 435 -12.88 64.91 -14.01
CA GLU A 435 -12.47 64.56 -15.37
C GLU A 435 -13.70 64.22 -16.22
N TRP A 436 -14.70 63.59 -15.59
CA TRP A 436 -15.99 63.29 -16.21
C TRP A 436 -16.73 64.59 -16.58
N ALA A 437 -16.63 65.59 -15.71
CA ALA A 437 -17.06 66.94 -16.03
C ALA A 437 -16.29 67.46 -17.24
N ARG A 438 -14.96 67.46 -17.13
CA ARG A 438 -14.06 67.94 -18.19
C ARG A 438 -14.22 67.21 -19.53
N THR A 439 -14.42 65.90 -19.49
CA THR A 439 -14.64 65.13 -20.72
C THR A 439 -15.99 65.42 -21.36
N HIS A 440 -17.07 65.26 -20.60
CA HIS A 440 -18.41 65.39 -21.15
C HIS A 440 -18.87 66.83 -21.36
N HIS A 441 -18.22 67.77 -20.67
CA HIS A 441 -18.69 69.18 -20.57
C HIS A 441 -19.97 69.23 -19.72
N THR A 442 -20.03 68.33 -18.74
CA THR A 442 -21.26 68.08 -17.95
C THR A 442 -21.34 68.88 -16.64
N SER A 443 -22.58 69.15 -16.24
CA SER A 443 -22.88 69.51 -14.86
C SER A 443 -22.32 68.41 -13.95
N VAL A 444 -21.74 68.81 -12.84
CA VAL A 444 -21.03 67.88 -11.98
C VAL A 444 -21.92 66.72 -11.48
N LEU A 445 -23.01 67.04 -10.79
CA LEU A 445 -23.92 66.05 -10.18
C LEU A 445 -24.37 64.94 -11.12
N THR A 446 -24.54 65.27 -12.39
CA THR A 446 -24.95 64.29 -13.38
C THR A 446 -23.82 63.26 -13.56
N ALA A 447 -22.59 63.75 -13.66
CA ALA A 447 -21.40 62.88 -13.76
C ALA A 447 -21.25 61.97 -12.54
N CYS A 448 -21.61 62.50 -11.37
CA CYS A 448 -21.61 61.74 -10.12
C CYS A 448 -22.73 60.71 -10.14
N ALA A 449 -23.94 61.15 -10.48
CA ALA A 449 -25.13 60.30 -10.51
C ALA A 449 -24.88 58.97 -11.24
N ASN A 450 -24.22 59.04 -12.40
CA ASN A 450 -23.97 57.86 -13.22
C ASN A 450 -22.50 57.46 -13.33
N ALA A 461 -17.96 51.84 -5.47
CA ALA A 461 -18.18 53.04 -6.27
C ALA A 461 -19.67 53.32 -6.49
N HIS A 462 -20.50 52.84 -5.57
CA HIS A 462 -21.93 53.00 -5.66
C HIS A 462 -22.43 54.11 -4.73
N LYS A 463 -21.50 54.87 -4.18
CA LYS A 463 -21.83 56.09 -3.43
C LYS A 463 -22.47 57.10 -4.37
N ALA A 464 -22.12 57.01 -5.65
CA ALA A 464 -22.73 57.81 -6.72
C ALA A 464 -24.23 57.57 -6.80
N THR A 465 -24.64 56.33 -6.59
CA THR A 465 -26.07 55.99 -6.52
C THR A 465 -26.67 56.40 -5.18
N GLU A 466 -25.84 56.47 -4.14
CA GLU A 466 -26.29 56.86 -2.79
C GLU A 466 -26.47 58.38 -2.66
N PHE A 467 -25.55 59.12 -3.29
CA PHE A 467 -25.62 60.57 -3.31
C PHE A 467 -26.75 61.01 -4.24
N ALA A 468 -26.87 60.36 -5.39
CA ALA A 468 -27.89 60.69 -6.38
C ALA A 468 -29.32 60.52 -5.87
N GLY A 469 -29.57 59.42 -5.16
CA GLY A 469 -30.90 59.15 -4.59
C GLY A 469 -31.20 60.00 -3.37
N LEU A 470 -30.13 60.44 -2.70
CA LEU A 470 -30.24 61.43 -1.63
C LEU A 470 -30.50 62.80 -2.25
N MET A 471 -29.71 63.14 -3.28
CA MET A 471 -29.80 64.45 -3.91
C MET A 471 -31.06 64.56 -4.73
N GLU A 472 -31.26 63.60 -5.62
CA GLU A 472 -32.49 63.49 -6.40
C GLU A 472 -33.73 63.67 -5.53
N ALA A 473 -33.73 63.00 -4.37
CA ALA A 473 -34.79 63.14 -3.37
C ALA A 473 -34.93 64.58 -2.90
N MET A 474 -33.85 65.17 -2.38
CA MET A 474 -33.94 66.53 -1.83
C MET A 474 -34.62 67.49 -2.78
N SER A 475 -34.20 67.52 -4.04
CA SER A 475 -34.79 68.41 -5.06
C SER A 475 -36.19 67.95 -5.48
N GLU A 476 -36.42 66.65 -5.43
CA GLU A 476 -37.72 66.06 -5.76
C GLU A 476 -38.66 66.22 -4.58
N ALA A 477 -38.08 66.32 -3.37
CA ALA A 477 -38.85 66.57 -2.15
C ALA A 477 -38.81 68.05 -1.76
N ALA A 478 -38.28 68.89 -2.66
CA ALA A 478 -38.20 70.33 -2.46
C ALA A 478 -39.54 71.01 -2.65
N ASP A 479 -40.29 70.59 -3.68
CA ASP A 479 -41.55 71.22 -4.03
C ASP A 479 -42.74 70.75 -3.19
N ASN A 480 -42.62 69.57 -2.59
CA ASN A 480 -43.66 69.03 -1.70
C ASN A 480 -43.51 69.47 -0.24
N TYR A 481 -42.34 70.02 0.08
CA TYR A 481 -41.98 70.39 1.46
C TYR A 481 -41.75 71.90 1.60
N GLU A 482 -42.20 72.44 2.73
CA GLU A 482 -42.00 73.84 3.08
C GLU A 482 -40.56 74.04 3.57
N PRO A 483 -40.03 75.27 3.42
CA PRO A 483 -38.65 75.58 3.81
C PRO A 483 -38.27 75.18 5.25
N ALA A 484 -39.11 75.55 6.22
CA ALA A 484 -38.82 75.27 7.63
C ALA A 484 -38.58 73.78 7.91
N ALA A 485 -39.46 72.94 7.36
CA ALA A 485 -39.37 71.49 7.52
C ALA A 485 -38.57 70.86 6.38
N PHE A 486 -38.40 71.63 5.29
CA PHE A 486 -37.57 71.22 4.16
C PHE A 486 -36.10 71.16 4.56
N LEU A 487 -35.65 72.13 5.34
CA LEU A 487 -34.27 72.14 5.82
C LEU A 487 -34.03 71.01 6.79
N ARG A 488 -35.07 70.65 7.56
CA ARG A 488 -34.98 69.49 8.45
C ARG A 488 -35.04 68.17 7.68
N PHE A 489 -35.54 68.22 6.44
CA PHE A 489 -35.45 67.08 5.53
C PHE A 489 -33.98 66.83 5.14
N VAL A 490 -33.30 67.86 4.65
CA VAL A 490 -31.89 67.76 4.28
C VAL A 490 -31.05 67.37 5.50
N MET A 491 -31.08 68.20 6.54
CA MET A 491 -30.26 68.02 7.73
C MET A 491 -30.27 66.61 8.29
N GLU A 492 -31.43 65.97 8.28
CA GLU A 492 -31.52 64.59 8.75
C GLU A 492 -31.00 63.64 7.68
N THR A 493 -31.55 63.72 6.46
CA THR A 493 -31.16 62.83 5.36
C THR A 493 -29.68 62.94 5.01
N SER A 494 -29.14 64.15 5.07
CA SER A 494 -27.70 64.39 4.87
C SER A 494 -26.85 63.62 5.88
N GLY A 495 -27.42 63.39 7.05
CA GLY A 495 -26.70 62.81 8.17
C GLY A 495 -25.85 63.86 8.84
N TYR A 496 -26.00 65.12 8.40
CA TYR A 496 -25.17 66.22 8.90
C TYR A 496 -25.44 66.34 10.38
N LEU A 497 -26.65 65.94 10.75
CA LEU A 497 -27.02 65.76 12.13
C LEU A 497 -26.09 64.72 12.76
N ASP A 498 -26.16 63.49 12.27
CA ASP A 498 -25.34 62.39 12.82
C ASP A 498 -23.87 62.74 13.03
N LEU A 499 -23.24 63.40 12.04
CA LEU A 499 -21.83 63.81 12.13
C LEU A 499 -21.61 64.75 13.28
N LEU A 500 -22.59 65.63 13.48
CA LEU A 500 -22.52 66.61 14.53
C LEU A 500 -22.78 65.99 15.90
N ARG A 501 -23.57 64.91 15.91
CA ARG A 501 -23.85 64.16 17.13
C ARG A 501 -22.73 63.17 17.51
N GLN A 502 -21.96 62.74 16.51
CA GLN A 502 -20.85 61.81 16.73
C GLN A 502 -19.64 62.57 17.30
N GLU A 503 -19.35 63.74 16.73
CA GLU A 503 -18.28 64.60 17.24
C GLU A 503 -18.83 65.94 17.71
N GLY A 504 -19.68 65.91 18.73
CA GLY A 504 -20.46 67.08 19.12
C GLY A 504 -20.45 67.59 20.56
N GLN A 505 -19.31 67.52 21.24
CA GLN A 505 -19.18 68.19 22.54
C GLN A 505 -19.00 69.68 22.30
N GLU A 506 -18.03 70.01 21.45
CA GLU A 506 -17.88 71.36 20.94
C GLU A 506 -18.92 71.58 19.84
N GLY A 507 -19.28 70.49 19.17
CA GLY A 507 -20.24 70.52 18.08
C GLY A 507 -21.66 70.90 18.49
N GLN A 508 -21.97 70.84 19.78
CA GLN A 508 -23.32 71.15 20.26
C GLN A 508 -23.72 72.61 19.96
N VAL A 509 -22.77 73.53 20.07
CA VAL A 509 -22.99 74.93 19.69
C VAL A 509 -23.24 74.98 18.18
N ARG A 510 -22.70 74.00 17.47
CA ARG A 510 -22.82 73.94 16.01
C ARG A 510 -24.23 73.56 15.54
N LEU A 511 -24.87 72.59 16.20
CA LEU A 511 -26.27 72.25 15.92
C LEU A 511 -27.24 73.30 16.44
N GLU A 512 -26.82 74.03 17.47
CA GLU A 512 -27.62 75.11 18.04
C GLU A 512 -27.85 76.16 16.96
N ASN A 513 -26.77 76.52 16.24
CA ASN A 513 -26.90 77.36 15.06
C ASN A 513 -27.85 76.72 14.07
N LEU A 514 -27.71 75.41 13.89
CA LEU A 514 -28.50 74.67 12.91
C LEU A 514 -29.95 74.53 13.32
N GLU A 515 -30.20 74.66 14.62
CA GLU A 515 -31.54 74.80 15.17
C GLU A 515 -32.00 76.23 14.90
N GLU A 516 -31.15 77.20 15.23
CA GLU A 516 -31.40 78.61 14.92
C GLU A 516 -31.79 78.81 13.45
N LEU A 517 -31.13 78.07 12.55
CA LEU A 517 -31.45 78.13 11.13
C LEU A 517 -32.92 77.76 10.84
N VAL A 518 -33.47 76.88 11.68
CA VAL A 518 -34.89 76.53 11.59
C VAL A 518 -35.77 77.71 12.05
N SER A 519 -35.46 78.28 13.22
CA SER A 519 -36.20 79.42 13.78
C SER A 519 -36.26 80.64 12.86
N ALA A 520 -35.13 80.98 12.23
CA ALA A 520 -35.05 82.10 11.30
C ALA A 520 -35.86 81.84 10.03
N ALA A 521 -36.03 80.57 9.68
CA ALA A 521 -36.92 80.19 8.58
C ALA A 521 -38.38 80.43 8.96
N GLU A 522 -38.69 80.19 10.24
CA GLU A 522 -40.06 80.33 10.79
C GLU A 522 -40.42 81.80 10.97
N GLU A 523 -39.42 82.62 11.25
CA GLU A 523 -39.54 84.08 11.28
C GLU A 523 -39.90 84.51 9.85
N TRP A 524 -39.19 83.96 8.87
CA TRP A 524 -39.45 84.17 7.45
C TRP A 524 -40.87 83.72 7.06
N SER A 525 -41.32 82.65 7.73
CA SER A 525 -42.64 82.08 7.49
C SER A 525 -43.84 82.95 7.87
N GLN A 526 -43.62 83.91 8.77
CA GLN A 526 -44.63 84.90 9.13
C GLN A 526 -44.87 85.90 7.99
N ASP A 527 -43.78 86.38 7.40
CA ASP A 527 -43.85 87.29 6.26
C ASP A 527 -44.05 86.53 4.94
N GLU A 528 -44.53 87.24 3.92
CA GLU A 528 -44.73 86.70 2.58
C GLU A 528 -43.60 87.11 1.64
N ALA A 529 -42.48 87.52 2.25
CA ALA A 529 -41.30 88.14 1.61
C ALA A 529 -41.17 88.04 0.09
N ILE A 535 -38.33 80.24 -0.37
CA ILE A 535 -37.90 78.88 -0.71
C ILE A 535 -36.44 78.90 -1.25
N ALA A 536 -36.27 78.92 -2.57
CA ALA A 536 -34.99 79.27 -3.17
C ALA A 536 -34.84 80.76 -2.92
N ASP A 537 -35.96 81.46 -3.02
CA ASP A 537 -36.06 82.87 -2.66
C ASP A 537 -35.26 83.12 -1.38
N PHE A 538 -35.55 82.35 -0.33
CA PHE A 538 -34.87 82.49 0.95
C PHE A 538 -33.37 82.64 0.81
N LEU A 539 -32.78 81.75 0.03
CA LEU A 539 -31.36 81.77 -0.21
C LEU A 539 -30.91 83.07 -0.85
N ASP A 540 -31.70 83.56 -1.80
CA ASP A 540 -31.42 84.84 -2.45
C ASP A 540 -31.16 85.87 -1.40
N ASP A 541 -32.14 86.01 -0.52
CA ASP A 541 -32.04 86.97 0.54
C ASP A 541 -30.75 86.77 1.29
N ALA A 542 -30.50 85.52 1.70
CA ALA A 542 -29.29 85.16 2.45
C ALA A 542 -28.00 85.57 1.72
N ALA A 543 -27.98 85.37 0.40
CA ALA A 543 -26.83 85.77 -0.42
C ALA A 543 -26.70 87.28 -0.48
N LEU A 544 -27.84 87.96 -0.64
CA LEU A 544 -27.89 89.42 -0.88
C LEU A 544 -27.85 90.24 0.38
N LEU A 545 -27.99 89.57 1.52
CA LEU A 545 -28.06 90.26 2.80
C LEU A 545 -26.98 91.31 2.90
N SER A 546 -27.41 92.56 3.11
CA SER A 546 -26.52 93.64 3.50
C SER A 546 -26.01 93.24 4.87
N SER A 547 -24.99 93.92 5.36
CA SER A 547 -24.56 93.72 6.74
C SER A 547 -25.68 94.10 7.70
N VAL A 548 -26.30 95.25 7.47
CA VAL A 548 -27.34 95.77 8.37
C VAL A 548 -28.77 95.17 8.16
N ASP A 549 -28.90 94.26 7.20
CA ASP A 549 -30.18 93.61 6.93
C ASP A 549 -30.58 92.70 8.07
N ASP A 550 -31.89 92.48 8.23
CA ASP A 550 -32.46 91.79 9.39
C ASP A 550 -32.17 90.28 9.51
N MET A 551 -32.17 89.59 8.37
CA MET A 551 -31.80 88.17 8.30
C MET A 551 -30.48 87.98 9.03
N ARG A 552 -29.49 88.79 8.65
CA ARG A 552 -28.16 88.78 9.23
C ARG A 552 -28.14 89.19 10.71
N THR A 553 -29.02 90.11 11.09
CA THR A 553 -29.01 90.63 12.47
C THR A 553 -29.59 89.66 13.50
N LYS A 554 -30.91 89.42 13.44
CA LYS A 554 -31.55 88.54 14.43
C LYS A 554 -30.90 87.16 14.47
N ALA A 555 -30.69 86.56 13.30
CA ALA A 555 -30.04 85.25 13.20
C ALA A 555 -28.68 85.23 13.91
N GLU A 556 -27.80 86.18 13.59
CA GLU A 556 -26.50 86.28 14.29
C GLU A 556 -26.68 86.57 15.78
N PRO A 561 -30.56 91.25 23.62
CA PRO A 561 -31.54 92.32 23.90
C PRO A 561 -31.61 93.38 22.78
N GLU A 562 -32.77 94.05 22.65
CA GLU A 562 -32.93 95.14 21.69
C GLU A 562 -32.15 96.40 22.10
N ASP A 563 -32.07 96.60 23.41
CA ASP A 563 -31.17 97.59 23.95
C ASP A 563 -29.79 96.98 24.03
N ALA A 564 -28.98 97.22 22.99
CA ALA A 564 -27.59 96.78 22.97
C ALA A 564 -26.68 97.78 22.25
N VAL A 565 -25.42 97.85 22.68
CA VAL A 565 -24.44 98.72 22.02
C VAL A 565 -24.18 98.17 20.62
N THR A 566 -23.82 99.03 19.66
CA THR A 566 -23.70 98.62 18.27
C THR A 566 -22.29 98.85 17.79
N LEU A 567 -21.73 97.81 17.20
CA LEU A 567 -20.38 97.85 16.69
C LEU A 567 -20.44 97.73 15.18
N MET A 568 -19.73 98.61 14.48
CA MET A 568 -19.70 98.52 13.06
C MET A 568 -18.53 99.25 12.51
N THR A 569 -18.35 99.07 11.22
CA THR A 569 -17.29 99.71 10.49
C THR A 569 -17.70 101.16 10.20
N LEU A 570 -16.73 102.06 10.13
CA LEU A 570 -17.06 103.42 9.74
C LEU A 570 -17.90 103.32 8.46
N HIS A 571 -17.47 102.49 7.51
CA HIS A 571 -18.22 102.34 6.25
C HIS A 571 -19.69 102.06 6.47
N ASN A 572 -20.02 100.97 7.18
CA ASN A 572 -21.42 100.66 7.48
C ASN A 572 -22.21 101.80 8.15
N ALA A 573 -21.49 102.67 8.87
CA ALA A 573 -22.14 103.70 9.66
C ALA A 573 -23.06 104.55 8.80
N LYS A 574 -22.73 104.63 7.50
CA LYS A 574 -23.35 105.51 6.52
C LYS A 574 -24.88 105.56 6.55
N GLY A 575 -25.39 106.76 6.81
CA GLY A 575 -26.84 107.01 6.84
C GLY A 575 -27.58 106.69 8.14
N LEU A 576 -26.83 106.61 9.24
CA LEU A 576 -27.42 106.34 10.53
C LEU A 576 -26.96 107.41 11.48
N GLU A 577 -27.44 107.36 12.71
CA GLU A 577 -27.07 108.34 13.67
C GLU A 577 -27.10 107.76 15.07
N PHE A 578 -26.24 108.29 15.92
CA PHE A 578 -26.17 107.84 17.28
C PHE A 578 -25.86 109.00 18.19
N PRO A 579 -26.68 109.16 19.25
CA PRO A 579 -26.49 110.18 20.28
C PRO A 579 -25.06 110.16 20.74
N VAL A 580 -24.54 108.95 20.97
CA VAL A 580 -23.19 108.80 21.50
C VAL A 580 -22.43 107.92 20.55
N VAL A 581 -21.25 108.41 20.13
CA VAL A 581 -20.45 107.73 19.13
C VAL A 581 -19.01 107.64 19.57
N PHE A 582 -18.48 106.43 19.46
CA PHE A 582 -17.08 106.18 19.70
C PHE A 582 -16.42 105.91 18.38
N ILE A 583 -15.28 106.52 18.14
CA ILE A 583 -14.49 106.16 17.00
C ILE A 583 -13.14 105.69 17.51
N VAL A 584 -12.88 104.39 17.38
CA VAL A 584 -11.67 103.76 17.91
C VAL A 584 -10.63 103.64 16.82
N GLY A 585 -9.36 103.69 17.21
CA GLY A 585 -8.28 103.39 16.28
C GLY A 585 -8.24 104.45 15.21
N VAL A 586 -7.86 105.64 15.65
CA VAL A 586 -7.74 106.81 14.79
C VAL A 586 -6.26 107.06 14.70
N GLU A 587 -5.61 106.27 13.83
CA GLU A 587 -4.15 106.19 13.74
C GLU A 587 -3.67 106.16 12.30
N GLN A 588 -2.39 106.47 12.07
CA GLN A 588 -1.77 106.29 10.74
C GLN A 588 -1.65 104.81 10.36
N GLY A 589 -1.86 104.53 9.09
CA GLY A 589 -1.89 103.14 8.62
C GLY A 589 -3.22 102.48 8.93
N LEU A 590 -4.08 103.19 9.67
CA LEU A 590 -5.37 102.64 10.04
C LEU A 590 -6.53 103.57 9.77
N LEU A 591 -6.52 104.78 10.33
CA LEU A 591 -7.65 105.65 10.07
C LEU A 591 -7.59 106.01 8.61
N PRO A 592 -6.43 106.56 8.19
CA PRO A 592 -6.09 106.70 6.77
C PRO A 592 -5.94 105.37 6.07
N SER A 593 -5.27 104.42 6.70
CA SER A 593 -5.04 103.07 6.16
C SER A 593 -3.75 103.05 5.35
N LYS A 594 -3.02 101.93 5.43
CA LYS A 594 -1.75 101.79 4.66
C LYS A 594 -2.05 101.90 3.15
N GLY A 595 -3.10 101.22 2.71
CA GLY A 595 -3.54 101.29 1.33
C GLY A 595 -3.74 102.71 0.86
N ALA A 596 -4.52 103.48 1.58
CA ALA A 596 -4.78 104.87 1.19
C ALA A 596 -3.50 105.72 1.18
N ILE A 597 -2.65 105.56 2.18
CA ILE A 597 -1.41 106.33 2.26
C ILE A 597 -0.58 106.07 1.00
N ALA A 598 -0.23 104.81 0.79
CA ALA A 598 0.49 104.39 -0.41
C ALA A 598 -0.07 105.04 -1.67
N GLU A 599 -1.39 105.11 -1.78
CA GLU A 599 -2.05 105.70 -2.96
C GLU A 599 -1.80 107.22 -3.12
N GLY A 600 -1.34 107.88 -2.06
CA GLY A 600 -1.12 109.32 -2.12
C GLY A 600 -2.41 110.09 -1.85
N PRO A 601 -2.51 111.33 -2.34
CA PRO A 601 -3.61 112.24 -2.03
C PRO A 601 -5.02 111.71 -2.26
N SER A 602 -5.35 111.33 -3.50
CA SER A 602 -6.67 110.80 -3.87
C SER A 602 -7.19 109.74 -2.90
N GLY A 603 -6.26 109.05 -2.24
CA GLY A 603 -6.62 108.09 -1.21
C GLY A 603 -6.85 108.75 0.14
N ILE A 604 -5.97 109.70 0.48
CA ILE A 604 -6.06 110.46 1.73
C ILE A 604 -7.40 111.17 1.81
N GLU A 605 -7.65 112.01 0.82
CA GLU A 605 -8.91 112.74 0.74
C GLU A 605 -10.12 111.82 0.86
N GLU A 606 -9.99 110.59 0.36
CA GLU A 606 -11.02 109.57 0.50
C GLU A 606 -11.17 109.12 1.96
N GLU A 607 -10.08 108.71 2.58
CA GLU A 607 -10.10 108.31 3.99
C GLU A 607 -10.55 109.44 4.87
N ARG A 608 -10.08 110.65 4.55
CA ARG A 608 -10.46 111.85 5.28
C ARG A 608 -11.95 112.03 5.24
N ARG A 609 -12.49 111.86 4.04
CA ARG A 609 -13.91 111.86 3.80
C ARG A 609 -14.58 110.70 4.56
N LEU A 610 -13.83 109.63 4.80
CA LEU A 610 -14.31 108.56 5.67
C LEU A 610 -14.43 108.99 7.13
N PHE A 611 -13.46 109.75 7.60
CA PHE A 611 -13.44 110.31 8.95
C PHE A 611 -14.63 111.30 9.15
N TYR A 612 -14.82 112.17 8.17
CA TYR A 612 -15.93 113.09 8.21
C TYR A 612 -17.23 112.30 8.32
N VAL A 613 -17.28 111.12 7.69
CA VAL A 613 -18.49 110.31 7.78
C VAL A 613 -18.63 109.86 9.21
N GLY A 614 -17.52 109.55 9.87
CA GLY A 614 -17.59 109.09 11.25
C GLY A 614 -18.18 110.10 12.23
N ILE A 615 -17.58 111.29 12.28
CA ILE A 615 -18.00 112.33 13.19
C ILE A 615 -19.49 112.64 12.92
N THR A 616 -19.82 112.75 11.64
CA THR A 616 -21.18 113.12 11.26
C THR A 616 -22.31 112.16 11.72
N ARG A 617 -21.99 111.04 12.34
CA ARG A 617 -23.06 110.18 12.85
C ARG A 617 -23.45 110.55 14.27
N ALA A 618 -22.64 111.39 14.94
CA ALA A 618 -22.82 111.64 16.35
C ALA A 618 -23.88 112.72 16.52
N MET A 619 -24.67 112.60 17.57
CA MET A 619 -25.74 113.56 17.80
C MET A 619 -25.35 114.45 18.99
N GLU A 620 -24.86 113.84 20.08
CA GLU A 620 -24.65 114.54 21.34
C GLU A 620 -23.23 114.39 21.76
N ARG A 621 -22.79 113.15 21.75
CA ARG A 621 -21.54 112.84 22.34
C ARG A 621 -20.69 112.10 21.31
N LEU A 622 -19.50 112.62 21.05
CA LEU A 622 -18.49 111.94 20.25
C LEU A 622 -17.24 111.71 21.10
N LEU A 623 -16.70 110.49 21.02
CA LEU A 623 -15.43 110.16 21.67
C LEU A 623 -14.54 109.50 20.68
N MET A 624 -13.27 109.83 20.72
CA MET A 624 -12.31 109.25 19.81
C MET A 624 -11.16 108.69 20.61
N THR A 625 -10.62 107.58 20.13
CA THR A 625 -9.52 106.95 20.79
C THR A 625 -8.52 106.44 19.76
N ALA A 626 -7.27 106.29 20.18
CA ALA A 626 -6.24 105.52 19.50
C ALA A 626 -5.42 104.84 20.58
N ALA A 627 -4.59 103.87 20.22
CA ALA A 627 -3.65 103.29 21.15
C ALA A 627 -2.27 103.81 20.80
N GLN A 628 -1.33 103.67 21.71
CA GLN A 628 0.07 103.93 21.42
C GLN A 628 0.66 102.68 20.75
N ASN A 629 0.15 101.51 21.12
CA ASN A 629 0.60 100.25 20.55
C ASN A 629 -0.56 99.28 20.26
N ARG A 630 -0.70 98.86 18.99
CA ARG A 630 -1.71 97.85 18.62
C ARG A 630 -1.04 96.56 18.14
N MET A 631 -1.62 95.43 18.50
CA MET A 631 -1.18 94.14 18.00
C MET A 631 -1.97 93.73 16.77
N GLN A 632 -1.27 93.21 15.79
CA GLN A 632 -1.91 92.48 14.71
C GLN A 632 -1.04 91.29 14.36
N PHE A 633 -1.65 90.22 13.86
CA PHE A 633 -0.91 89.04 13.43
C PHE A 633 0.08 88.59 14.52
N GLY A 634 -0.35 88.71 15.77
CA GLY A 634 0.45 88.35 16.93
C GLY A 634 1.62 89.25 17.27
N LYS A 635 1.90 90.24 16.42
CA LYS A 635 2.95 91.20 16.69
C LYS A 635 2.38 92.52 17.18
N THR A 636 2.73 92.90 18.41
CA THR A 636 2.35 94.19 18.97
C THR A 636 3.30 95.27 18.46
N ASN A 637 2.73 96.28 17.81
CA ASN A 637 3.50 97.31 17.11
C ASN A 637 3.11 98.71 17.50
N ALA A 638 4.10 99.59 17.46
CA ALA A 638 3.85 101.00 17.72
C ALA A 638 2.87 101.55 16.70
N ALA A 639 1.97 102.43 17.16
CA ALA A 639 1.08 103.20 16.29
C ALA A 639 1.25 104.69 16.58
N GLU A 640 0.70 105.55 15.73
CA GLU A 640 0.70 107.00 15.97
C GLU A 640 -0.63 107.57 15.52
N ASP A 641 -1.03 108.67 16.15
CA ASP A 641 -2.29 109.34 15.85
C ASP A 641 -2.51 109.62 14.36
N SER A 642 -3.76 109.59 13.93
CA SER A 642 -4.03 109.85 12.54
C SER A 642 -3.47 111.20 12.20
N ALA A 643 -3.15 111.41 10.94
CA ALA A 643 -2.76 112.73 10.49
C ALA A 643 -3.98 113.60 10.65
N PHE A 644 -5.16 113.00 10.64
CA PHE A 644 -6.39 113.76 10.66
C PHE A 644 -6.65 114.54 11.93
N LEU A 645 -6.18 114.03 13.05
CA LEU A 645 -6.39 114.74 14.29
C LEU A 645 -5.67 116.07 14.19
N GLU A 646 -4.57 116.07 13.45
CA GLU A 646 -3.81 117.29 13.26
C GLU A 646 -4.71 118.35 12.66
N ASP A 647 -5.53 117.94 11.68
CA ASP A 647 -6.43 118.86 10.99
C ASP A 647 -7.34 119.67 11.91
N ILE A 648 -7.84 119.01 12.95
CA ILE A 648 -8.82 119.62 13.83
C ILE A 648 -8.16 120.11 15.13
N GLU A 649 -6.96 120.69 14.96
CA GLU A 649 -6.03 121.08 16.04
C GLU A 649 -6.61 121.35 17.42
N GLY A 650 -7.46 122.36 17.53
CA GLY A 650 -8.07 122.66 18.81
C GLY A 650 -9.58 122.50 18.77
N LEU A 651 -10.06 121.54 18.01
CA LEU A 651 -11.48 121.30 17.97
C LEU A 651 -11.90 120.10 18.81
N PHE A 652 -11.01 119.64 19.69
CA PHE A 652 -11.26 118.50 20.56
C PHE A 652 -10.38 118.49 21.80
N ASP A 653 -10.97 118.17 22.94
CA ASP A 653 -10.22 118.01 24.18
C ASP A 653 -9.52 116.65 24.34
N THR A 654 -8.32 116.66 24.92
CA THR A 654 -7.55 115.42 25.05
C THR A 654 -7.63 114.88 26.45
N VAL A 655 -8.22 113.69 26.57
CA VAL A 655 -8.71 113.11 27.82
C VAL A 655 -7.81 112.00 28.36
N ASP A 656 -7.48 112.02 29.65
CA ASP A 656 -6.73 110.90 30.25
C ASP A 656 -7.74 109.76 30.39
N PRO A 657 -7.33 108.60 30.90
CA PRO A 657 -8.33 107.53 30.96
C PRO A 657 -9.68 107.94 31.59
N TYR A 658 -9.68 108.94 32.46
CA TYR A 658 -10.84 109.24 33.31
C TYR A 658 -11.57 110.56 33.01
N GLY A 659 -11.13 111.23 31.94
CA GLY A 659 -11.77 112.43 31.42
C GLY A 659 -11.03 113.74 31.55
N GLN A 660 -9.92 113.75 32.29
CA GLN A 660 -9.32 115.01 32.74
C GLN A 660 -8.48 115.95 31.84
N PRO A 661 -7.43 115.40 31.11
CA PRO A 661 -6.64 116.39 30.39
C PRO A 661 -5.85 115.84 29.21
N PRO B 7 44.00 9.43 -4.62
CA PRO B 7 42.82 9.54 -5.49
C PRO B 7 42.56 8.23 -6.30
N ASP B 8 42.41 7.10 -5.62
CA ASP B 8 42.17 5.85 -6.33
C ASP B 8 40.67 5.60 -6.52
N LEU B 9 40.21 5.80 -7.75
CA LEU B 9 38.79 5.79 -8.02
C LEU B 9 38.09 4.55 -7.56
N LEU B 10 38.78 3.43 -7.58
CA LEU B 10 38.14 2.17 -7.19
C LEU B 10 38.05 2.07 -5.67
N GLN B 11 39.05 2.65 -5.01
CA GLN B 11 39.07 2.86 -3.57
C GLN B 11 37.99 3.85 -3.11
N ALA B 12 37.97 5.02 -3.75
CA ALA B 12 37.01 6.05 -3.39
C ALA B 12 35.57 5.60 -3.62
N LEU B 13 35.29 5.15 -4.85
CA LEU B 13 33.93 5.08 -5.40
C LEU B 13 33.38 3.66 -5.69
N ASN B 14 32.09 3.60 -6.03
CA ASN B 14 31.43 2.47 -6.71
C ASN B 14 32.21 2.20 -8.01
N PRO B 15 32.11 0.98 -8.59
CA PRO B 15 32.66 0.70 -9.93
C PRO B 15 32.08 1.58 -11.04
N THR B 16 30.76 1.73 -11.08
CA THR B 16 30.16 2.52 -12.16
C THR B 16 30.49 4.01 -12.01
N GLN B 17 30.56 4.45 -10.75
CA GLN B 17 31.05 5.77 -10.46
C GLN B 17 32.48 5.90 -10.98
N ALA B 18 33.33 4.98 -10.57
CA ALA B 18 34.73 5.13 -10.90
C ALA B 18 34.87 5.29 -12.40
N GLN B 19 34.05 4.58 -13.18
CA GLN B 19 34.17 4.65 -14.62
C GLN B 19 33.87 6.06 -15.12
N ALA B 20 32.80 6.65 -14.58
CA ALA B 20 32.34 7.99 -14.97
C ALA B 20 33.38 9.01 -14.57
N ALA B 21 33.95 8.87 -13.37
CA ALA B 21 35.01 9.74 -12.89
C ALA B 21 36.29 9.57 -13.68
N ASP B 22 36.43 8.42 -14.35
CA ASP B 22 37.60 8.17 -15.20
C ASP B 22 37.49 8.84 -16.56
N HIS B 23 36.28 9.22 -16.96
CA HIS B 23 36.08 9.93 -18.22
C HIS B 23 37.05 11.12 -18.36
N PHE B 24 37.50 11.39 -19.58
CA PHE B 24 38.59 12.33 -19.78
C PHE B 24 38.35 13.40 -20.86
N THR B 25 38.11 13.01 -22.10
CA THR B 25 37.90 14.06 -23.11
C THR B 25 36.63 13.77 -23.87
N GLY B 26 36.32 14.59 -24.86
CA GLY B 26 35.08 14.42 -25.55
C GLY B 26 33.94 14.40 -24.55
N PRO B 27 32.74 14.11 -25.04
CA PRO B 27 31.55 14.33 -24.23
C PRO B 27 31.09 13.07 -23.53
N ALA B 28 30.49 13.23 -22.35
CA ALA B 28 29.86 12.12 -21.64
C ALA B 28 28.55 12.53 -20.99
N LEU B 29 27.62 11.58 -20.98
CA LEU B 29 26.36 11.80 -20.32
C LEU B 29 26.50 11.00 -19.07
N VAL B 30 26.09 11.58 -17.94
CA VAL B 30 26.01 10.86 -16.68
C VAL B 30 24.57 10.94 -16.19
N ILE B 31 23.93 9.78 -16.06
CA ILE B 31 22.58 9.73 -15.52
C ILE B 31 22.68 9.34 -14.08
N ALA B 32 22.19 10.21 -13.20
CA ALA B 32 22.25 9.99 -11.76
C ALA B 32 20.85 10.04 -11.19
N GLY B 33 20.27 8.89 -10.88
CA GLY B 33 19.02 8.90 -10.16
C GLY B 33 19.27 9.41 -8.74
N ALA B 34 18.22 9.46 -7.91
CA ALA B 34 18.42 9.90 -6.55
C ALA B 34 19.38 8.97 -5.85
N GLY B 35 19.96 9.45 -4.76
CA GLY B 35 20.75 8.64 -3.84
C GLY B 35 22.00 8.03 -4.46
N SER B 36 22.43 8.54 -5.61
CA SER B 36 23.41 7.87 -6.41
C SER B 36 24.81 8.29 -6.11
N GLY B 37 24.99 9.17 -5.15
CA GLY B 37 26.32 9.68 -4.82
C GLY B 37 26.94 10.42 -5.99
N LYS B 38 26.10 11.17 -6.72
CA LYS B 38 26.54 11.92 -7.91
C LYS B 38 27.56 12.99 -7.55
N THR B 39 27.29 13.73 -6.49
CA THR B 39 28.18 14.80 -6.10
C THR B 39 29.61 14.33 -5.78
N ARG B 40 29.72 13.37 -4.86
CA ARG B 40 30.99 12.70 -4.63
C ARG B 40 31.64 12.34 -5.96
N THR B 41 30.92 11.58 -6.79
CA THR B 41 31.52 11.03 -8.04
C THR B 41 32.22 12.12 -8.81
N LEU B 42 31.46 13.17 -9.03
CA LEU B 42 31.82 14.25 -9.90
C LEU B 42 33.02 15.06 -9.41
N ILE B 43 33.16 15.18 -8.09
CA ILE B 43 34.29 15.87 -7.48
C ILE B 43 35.57 15.09 -7.65
N TYR B 44 35.51 13.79 -7.40
CA TYR B 44 36.64 12.94 -7.65
C TYR B 44 36.98 13.07 -9.12
N ARG B 45 36.01 13.02 -10.03
CA ARG B 45 36.39 13.14 -11.45
C ARG B 45 37.25 14.38 -11.67
N ILE B 46 36.76 15.49 -11.17
CA ILE B 46 37.54 16.71 -11.16
C ILE B 46 38.94 16.42 -10.59
N ALA B 47 39.01 15.74 -9.44
CA ALA B 47 40.27 15.41 -8.77
C ALA B 47 41.17 14.48 -9.60
N HIS B 48 40.51 13.53 -10.24
CA HIS B 48 41.17 12.62 -11.14
C HIS B 48 41.66 13.42 -12.35
N LEU B 49 40.77 14.12 -13.06
CA LEU B 49 41.22 14.90 -14.21
C LEU B 49 42.52 15.67 -13.91
N ILE B 50 42.58 16.40 -12.79
CA ILE B 50 43.79 17.15 -12.48
C ILE B 50 44.90 16.19 -12.18
N GLY B 51 44.74 15.42 -11.10
CA GLY B 51 45.78 14.47 -10.69
C GLY B 51 46.27 13.55 -11.81
N HIS B 52 45.43 12.57 -12.16
CA HIS B 52 45.76 11.53 -13.13
C HIS B 52 46.00 12.04 -14.57
N TYR B 53 45.04 12.75 -15.16
CA TYR B 53 45.22 13.22 -16.54
C TYR B 53 45.97 14.55 -16.70
N GLY B 54 46.56 15.04 -15.61
CA GLY B 54 47.30 16.29 -15.64
C GLY B 54 46.58 17.44 -16.31
N VAL B 55 45.28 17.58 -16.04
CA VAL B 55 44.51 18.73 -16.48
C VAL B 55 44.77 19.89 -15.51
N HIS B 56 44.46 21.10 -15.96
CA HIS B 56 44.62 22.28 -15.13
C HIS B 56 43.33 22.77 -14.46
N PRO B 57 43.43 23.22 -13.20
CA PRO B 57 42.20 23.69 -12.58
C PRO B 57 41.62 24.91 -13.30
N GLY B 58 42.48 25.81 -13.80
CA GLY B 58 42.08 26.98 -14.62
C GLY B 58 41.08 26.59 -15.68
N GLU B 59 41.37 25.46 -16.31
CA GLU B 59 40.59 24.89 -17.40
C GLU B 59 39.25 24.23 -17.04
N ILE B 60 39.06 23.84 -15.78
CA ILE B 60 37.81 23.13 -15.39
C ILE B 60 36.68 24.05 -14.95
N LEU B 61 35.53 23.93 -15.61
CA LEU B 61 34.32 24.60 -15.16
C LEU B 61 33.15 23.66 -14.77
N ALA B 62 32.74 23.76 -13.51
CA ALA B 62 31.60 23.04 -12.96
C ALA B 62 30.42 23.99 -12.90
N VAL B 63 29.24 23.51 -13.27
CA VAL B 63 28.06 24.36 -13.27
C VAL B 63 26.91 23.64 -12.60
N THR B 64 26.18 24.38 -11.78
CA THR B 64 25.07 23.86 -11.01
C THR B 64 23.97 24.89 -11.07
N PHE B 65 22.81 24.56 -10.52
CA PHE B 65 21.72 25.53 -10.51
C PHE B 65 21.62 26.40 -9.25
N THR B 66 22.00 25.84 -8.09
CA THR B 66 21.82 26.52 -6.82
C THR B 66 23.12 26.88 -6.12
N ASN B 67 23.03 27.81 -5.17
CA ASN B 67 24.22 28.19 -4.44
C ASN B 67 24.61 27.12 -3.46
N LYS B 68 23.62 26.50 -2.79
CA LYS B 68 23.90 25.39 -1.85
C LYS B 68 24.81 24.40 -2.61
N ALA B 69 24.35 24.02 -3.80
CA ALA B 69 25.02 23.02 -4.58
C ALA B 69 26.44 23.46 -4.88
N ALA B 70 26.58 24.66 -5.42
CA ALA B 70 27.88 25.19 -5.77
C ALA B 70 28.77 25.35 -4.55
N ALA B 71 28.16 25.66 -3.41
CA ALA B 71 28.89 25.81 -2.16
C ALA B 71 29.45 24.47 -1.74
N GLU B 72 28.59 23.46 -1.69
CA GLU B 72 28.98 22.11 -1.34
C GLU B 72 30.10 21.67 -2.28
N MET B 73 29.90 21.94 -3.56
CA MET B 73 30.86 21.62 -4.59
C MET B 73 32.22 22.18 -4.23
N ARG B 74 32.27 23.46 -3.83
CA ARG B 74 33.54 24.13 -3.60
C ARG B 74 34.28 23.69 -2.32
N GLU B 75 33.55 23.46 -1.23
CA GLU B 75 34.22 22.97 -0.02
C GLU B 75 34.86 21.59 -0.20
N ARG B 76 34.04 20.70 -0.75
CA ARG B 76 34.40 19.31 -0.91
C ARG B 76 35.63 19.19 -1.79
N ALA B 77 35.61 19.94 -2.88
CA ALA B 77 36.74 20.01 -3.78
C ALA B 77 37.98 20.45 -3.02
N GLY B 78 37.82 21.47 -2.19
CA GLY B 78 38.96 22.00 -1.43
C GLY B 78 39.68 20.95 -0.62
N HIS B 79 38.94 20.08 0.05
CA HIS B 79 39.56 19.04 0.89
C HIS B 79 40.42 18.05 0.13
N LEU B 80 39.96 17.76 -1.07
CA LEU B 80 40.34 16.65 -1.91
C LEU B 80 41.30 17.05 -3.05
N VAL B 81 41.18 18.29 -3.53
CA VAL B 81 41.91 18.74 -4.71
C VAL B 81 42.85 19.90 -4.39
N PRO B 82 44.14 19.73 -4.71
CA PRO B 82 45.14 20.78 -4.54
C PRO B 82 44.96 21.84 -5.62
N GLY B 83 45.19 23.11 -5.26
CA GLY B 83 44.96 24.21 -6.19
C GLY B 83 43.50 24.28 -6.57
N ALA B 84 42.64 24.01 -5.60
CA ALA B 84 41.18 24.01 -5.79
C ALA B 84 40.70 25.43 -5.99
N GLY B 85 41.43 26.36 -5.39
CA GLY B 85 41.17 27.78 -5.51
C GLY B 85 40.97 28.23 -6.94
N ASP B 86 41.70 27.62 -7.87
CA ASP B 86 41.72 28.03 -9.28
C ASP B 86 40.59 27.46 -10.12
N LEU B 87 39.62 26.82 -9.48
CA LEU B 87 38.51 26.22 -10.20
C LEU B 87 37.32 27.12 -10.30
N TRP B 88 36.60 27.01 -11.41
CA TRP B 88 35.47 27.85 -11.63
C TRP B 88 34.22 27.01 -11.44
N MET B 89 33.69 27.07 -10.22
CA MET B 89 32.39 26.44 -9.90
C MET B 89 31.42 27.52 -9.45
N SER B 90 30.28 27.59 -10.13
CA SER B 90 29.29 28.61 -9.83
C SER B 90 28.02 28.28 -10.52
N THR B 91 27.06 29.18 -10.37
CA THR B 91 25.75 28.98 -10.95
C THR B 91 25.74 29.44 -12.39
N PHE B 92 24.73 29.04 -13.14
CA PHE B 92 24.63 29.56 -14.46
C PHE B 92 24.69 31.05 -14.32
N HIS B 93 23.89 31.61 -13.40
CA HIS B 93 23.88 33.05 -13.12
C HIS B 93 25.21 33.64 -12.65
N SER B 94 25.82 32.98 -11.65
CA SER B 94 27.07 33.44 -11.11
C SER B 94 28.14 33.49 -12.19
N ALA B 95 28.14 32.51 -13.08
CA ALA B 95 29.10 32.50 -14.17
C ALA B 95 28.83 33.70 -15.05
N GLY B 96 27.56 33.83 -15.45
CA GLY B 96 27.06 34.94 -16.28
C GLY B 96 27.50 36.30 -15.76
N VAL B 97 27.22 36.57 -14.49
CA VAL B 97 27.80 37.75 -13.87
C VAL B 97 29.27 37.84 -14.20
N ARG B 98 30.05 36.83 -13.83
CA ARG B 98 31.51 36.90 -13.95
C ARG B 98 31.96 37.26 -15.36
N ILE B 99 31.26 36.71 -16.34
CA ILE B 99 31.59 36.92 -17.72
C ILE B 99 31.26 38.32 -18.16
N LEU B 100 30.03 38.73 -17.87
CA LEU B 100 29.56 40.04 -18.27
C LEU B 100 30.28 41.19 -17.52
N ARG B 101 30.67 40.98 -16.27
CA ARG B 101 31.40 42.01 -15.56
C ARG B 101 32.72 42.24 -16.26
N THR B 102 33.20 41.21 -16.96
CA THR B 102 34.53 41.28 -17.51
C THR B 102 34.51 41.63 -18.98
N TYR B 103 33.41 41.35 -19.66
CA TYR B 103 33.41 41.58 -21.10
C TYR B 103 32.17 42.29 -21.57
N GLY B 104 31.52 43.05 -20.70
CA GLY B 104 30.18 43.55 -21.01
C GLY B 104 30.28 44.60 -22.08
N GLU B 105 31.32 45.42 -21.95
CA GLU B 105 31.58 46.54 -22.84
C GLU B 105 31.49 46.15 -24.30
N HIS B 106 31.72 44.88 -24.62
CA HIS B 106 31.66 44.41 -26.01
C HIS B 106 30.24 44.36 -26.53
N ILE B 107 29.25 44.43 -25.64
CA ILE B 107 27.85 44.46 -26.05
C ILE B 107 27.13 45.72 -25.59
N GLY B 108 27.88 46.69 -25.12
CA GLY B 108 27.31 47.98 -24.70
C GLY B 108 26.86 48.09 -23.26
N LEU B 109 27.50 47.35 -22.36
CA LEU B 109 27.19 47.45 -20.95
C LEU B 109 28.27 48.27 -20.28
N ARG B 110 27.88 49.39 -19.68
CA ARG B 110 28.86 50.28 -19.09
C ARG B 110 29.25 49.96 -17.64
N ARG B 111 30.31 50.59 -17.17
CA ARG B 111 30.71 50.42 -15.78
C ARG B 111 30.24 51.33 -14.64
N GLY B 112 29.17 50.85 -13.86
CA GLY B 112 29.28 49.38 -13.55
C GLY B 112 27.80 49.21 -13.65
N PHE B 113 27.34 48.42 -14.61
CA PHE B 113 25.92 48.24 -14.83
C PHE B 113 25.30 47.57 -13.63
N VAL B 114 23.98 47.62 -13.57
CA VAL B 114 23.27 46.98 -12.49
C VAL B 114 22.45 45.75 -12.89
N ILE B 115 22.34 44.82 -11.94
CA ILE B 115 21.59 43.59 -12.08
C ILE B 115 20.26 43.77 -11.37
N TYR B 116 19.16 43.64 -12.11
CA TYR B 116 17.86 43.73 -11.47
C TYR B 116 17.41 42.40 -10.97
N ASP B 117 17.10 42.33 -9.68
CA ASP B 117 16.48 41.16 -9.08
C ASP B 117 14.99 41.15 -9.41
N ASP B 118 14.30 40.13 -8.91
CA ASP B 118 12.92 39.91 -9.28
C ASP B 118 12.01 41.00 -8.79
N ASP B 119 12.35 41.62 -7.65
CA ASP B 119 11.56 42.73 -7.08
C ASP B 119 11.62 43.93 -8.04
N ASP B 120 12.85 44.41 -8.24
CA ASP B 120 13.21 45.47 -9.14
C ASP B 120 12.59 45.39 -10.51
N GLN B 121 12.40 44.19 -11.00
CA GLN B 121 11.79 44.07 -12.31
C GLN B 121 10.42 44.73 -12.25
N LEU B 122 9.60 44.33 -11.27
CA LEU B 122 8.22 44.81 -11.14
C LEU B 122 8.10 46.33 -11.26
N ASP B 123 8.90 47.03 -10.47
CA ASP B 123 9.13 48.47 -10.58
C ASP B 123 9.01 48.90 -12.04
N ILE B 124 10.01 48.55 -12.82
CA ILE B 124 10.03 48.83 -14.24
C ILE B 124 8.74 48.47 -14.93
N ILE B 125 8.26 47.25 -14.70
CA ILE B 125 7.09 46.73 -15.40
C ILE B 125 5.89 47.65 -15.22
N LYS B 126 5.65 48.06 -13.98
CA LYS B 126 4.56 48.97 -13.66
C LYS B 126 4.62 50.22 -14.49
N GLU B 127 5.82 50.81 -14.58
CA GLU B 127 6.05 52.01 -15.40
C GLU B 127 5.74 51.79 -16.90
N VAL B 128 6.34 50.78 -17.51
CA VAL B 128 6.13 50.51 -18.94
C VAL B 128 4.68 50.17 -19.31
N MET B 129 3.92 49.57 -18.40
CA MET B 129 2.49 49.29 -18.59
C MET B 129 1.63 50.51 -18.98
N GLY B 130 2.02 51.69 -18.48
CA GLY B 130 1.22 52.91 -18.58
C GLY B 130 0.31 53.05 -19.78
N SER B 131 0.84 52.76 -20.97
CA SER B 131 0.17 53.08 -22.23
C SER B 131 -0.13 51.89 -23.16
N ILE B 132 0.17 50.67 -22.72
CA ILE B 132 -0.07 49.49 -23.53
C ILE B 132 -1.57 49.15 -23.53
N PRO B 133 -2.04 48.44 -24.57
CA PRO B 133 -3.43 47.94 -24.63
C PRO B 133 -3.86 47.11 -23.40
N GLY B 134 -2.98 46.26 -22.90
CA GLY B 134 -3.31 45.39 -21.77
C GLY B 134 -3.54 46.16 -20.47
N GLU B 138 -5.32 46.85 -16.98
CA GLU B 138 -4.68 47.14 -15.69
C GLU B 138 -4.10 45.87 -15.06
N THR B 139 -4.96 45.08 -14.43
CA THR B 139 -4.58 43.77 -13.88
C THR B 139 -3.38 43.73 -12.91
N GLN B 140 -2.43 42.83 -13.18
CA GLN B 140 -1.25 42.59 -12.34
C GLN B 140 0.02 42.72 -13.16
N PRO B 141 1.09 43.21 -12.54
CA PRO B 141 2.36 43.42 -13.25
C PRO B 141 3.23 42.16 -13.28
N ARG B 142 3.12 41.33 -12.26
CA ARG B 142 3.92 40.11 -12.17
C ARG B 142 3.77 39.22 -13.40
N VAL B 143 2.54 38.72 -13.46
CA VAL B 143 2.10 38.09 -14.72
C VAL B 143 3.08 38.43 -15.84
N ILE B 144 3.17 39.72 -16.18
CA ILE B 144 4.09 40.20 -17.21
C ILE B 144 5.54 39.83 -16.88
N ARG B 145 5.95 40.00 -15.62
CA ARG B 145 7.31 39.65 -15.23
C ARG B 145 7.63 38.23 -15.65
N GLY B 146 6.77 37.30 -15.27
CA GLY B 146 6.87 35.89 -15.69
C GLY B 146 6.89 35.69 -17.19
N ILE B 147 6.02 36.40 -17.90
CA ILE B 147 5.97 36.32 -19.38
C ILE B 147 7.35 36.61 -19.96
N ILE B 148 7.99 37.64 -19.45
CA ILE B 148 9.33 38.06 -19.89
C ILE B 148 10.35 36.98 -19.55
N ASP B 149 10.31 36.53 -18.31
CA ASP B 149 11.23 35.54 -17.79
C ASP B 149 11.24 34.26 -18.56
N ARG B 150 10.06 33.72 -18.86
CA ARG B 150 9.95 32.53 -19.72
C ARG B 150 10.41 32.87 -21.15
N ALA B 151 10.11 34.07 -21.59
CA ALA B 151 10.54 34.52 -22.91
C ALA B 151 12.06 34.57 -22.98
N LYS B 152 12.71 35.20 -22.01
CA LYS B 152 14.16 35.29 -22.02
C LYS B 152 14.77 33.91 -21.85
N SER B 153 14.12 33.07 -21.07
CA SER B 153 14.52 31.66 -20.90
C SER B 153 14.48 30.81 -22.18
N ASN B 154 13.43 30.96 -22.99
CA ASN B 154 13.40 30.31 -24.29
C ASN B 154 14.30 30.99 -25.29
N LEU B 155 14.90 32.12 -24.91
CA LEU B 155 15.78 32.86 -25.81
C LEU B 155 14.91 33.58 -26.84
N TRP B 156 13.71 33.93 -26.41
CA TRP B 156 12.72 34.59 -27.23
C TRP B 156 12.92 36.12 -27.17
N THR B 157 12.67 36.77 -28.30
CA THR B 157 12.76 38.23 -28.42
C THR B 157 11.35 38.82 -28.50
N PRO B 158 11.17 40.10 -28.08
CA PRO B 158 9.82 40.66 -28.11
C PRO B 158 9.16 40.48 -29.46
N ASP B 159 9.98 40.57 -30.51
CA ASP B 159 9.55 40.34 -31.88
C ASP B 159 8.98 38.96 -32.09
N ASP B 160 9.83 37.94 -31.94
CA ASP B 160 9.39 36.59 -32.31
C ASP B 160 8.39 36.03 -31.32
N LEU B 161 8.28 36.69 -30.16
CA LEU B 161 7.19 36.41 -29.23
C LEU B 161 5.88 36.71 -29.92
N ASP B 162 5.69 37.94 -30.37
CA ASP B 162 4.42 38.30 -31.04
C ASP B 162 4.29 37.68 -32.45
N ARG B 163 5.30 36.89 -32.83
CA ARG B 163 5.25 36.07 -34.04
C ARG B 163 4.68 34.68 -33.68
N SER B 164 4.41 34.49 -32.38
CA SER B 164 3.79 33.28 -31.84
C SER B 164 2.46 32.98 -32.51
N ARG B 165 2.37 31.81 -33.13
CA ARG B 165 1.16 31.34 -33.78
C ARG B 165 -0.10 31.64 -32.96
N GLU B 166 -0.06 31.25 -31.69
CA GLU B 166 -1.20 31.32 -30.81
C GLU B 166 -1.11 32.57 -29.92
N PRO B 167 -2.11 33.48 -30.03
CA PRO B 167 -2.06 34.80 -29.40
C PRO B 167 -2.29 34.93 -27.88
N PHE B 168 -2.77 33.86 -27.23
CA PHE B 168 -3.11 33.97 -25.80
C PHE B 168 -2.52 32.83 -24.93
N ILE B 169 -1.19 32.64 -25.03
CA ILE B 169 -0.46 31.62 -24.24
C ILE B 169 -0.52 32.04 -22.77
N SER B 170 -0.27 33.33 -22.54
CA SER B 170 -0.63 34.01 -21.31
C SER B 170 -1.67 35.07 -21.67
N GLY B 171 -2.61 35.32 -20.77
CA GLY B 171 -3.69 36.27 -21.07
C GLY B 171 -3.15 37.56 -21.67
N LEU B 172 -3.81 38.00 -22.74
CA LEU B 172 -3.42 39.18 -23.53
C LEU B 172 -2.87 38.76 -24.88
N PRO B 173 -3.09 39.61 -25.91
CA PRO B 173 -2.65 39.27 -27.26
C PRO B 173 -1.15 39.29 -27.48
N ARG B 174 -0.71 38.58 -28.52
CA ARG B 174 0.70 38.55 -28.92
C ARG B 174 1.34 39.91 -28.75
N ASP B 175 0.83 40.92 -29.46
CA ASP B 175 1.38 42.28 -29.39
C ASP B 175 1.21 42.97 -28.03
N ALA B 176 0.06 42.76 -27.38
CA ALA B 176 -0.18 43.39 -26.08
C ALA B 176 0.80 42.86 -25.06
N ALA B 177 1.02 41.54 -25.07
CA ALA B 177 2.07 40.93 -24.25
C ALA B 177 3.41 41.43 -24.73
N ALA B 178 3.72 41.12 -25.98
CA ALA B 178 5.01 41.43 -26.57
C ALA B 178 5.43 42.89 -26.50
N GLU B 179 4.46 43.81 -26.49
CA GLU B 179 4.80 45.24 -26.39
C GLU B 179 5.41 45.50 -25.03
N ALA B 180 4.75 45.03 -23.97
CA ALA B 180 5.24 45.24 -22.61
C ALA B 180 6.69 44.83 -22.53
N TYR B 181 6.99 43.63 -23.04
CA TYR B 181 8.35 43.08 -23.09
C TYR B 181 9.27 43.98 -23.93
N ARG B 182 8.75 44.44 -25.07
CA ARG B 182 9.45 45.41 -25.91
C ARG B 182 9.89 46.65 -25.13
N ARG B 183 8.92 47.25 -24.42
CA ARG B 183 9.14 48.49 -23.69
C ARG B 183 10.00 48.24 -22.48
N TYR B 184 9.76 47.11 -21.83
CA TYR B 184 10.47 46.75 -20.61
C TYR B 184 11.95 46.70 -20.94
N GLU B 185 12.24 46.12 -22.11
CA GLU B 185 13.60 45.96 -22.56
C GLU B 185 14.26 47.30 -22.65
N VAL B 186 13.70 48.19 -23.48
CA VAL B 186 14.34 49.49 -23.79
C VAL B 186 14.62 50.38 -22.57
N ARG B 187 13.65 50.48 -21.66
CA ARG B 187 13.84 51.28 -20.47
C ARG B 187 14.94 50.63 -19.66
N LYS B 188 14.83 49.33 -19.48
CA LYS B 188 15.78 48.60 -18.68
C LYS B 188 17.20 48.94 -19.14
N LYS B 189 17.44 48.75 -20.44
CA LYS B 189 18.71 49.07 -21.09
C LYS B 189 19.17 50.53 -20.80
N GLY B 190 18.23 51.47 -20.90
CA GLY B 190 18.46 52.89 -20.62
C GLY B 190 19.04 53.09 -19.23
N GLN B 191 18.36 52.54 -18.23
CA GLN B 191 18.87 52.47 -16.86
C GLN B 191 20.26 51.81 -16.70
N ASN B 192 20.81 51.22 -17.78
CA ASN B 192 22.12 50.54 -17.75
C ASN B 192 22.11 49.28 -16.90
N ALA B 193 21.15 48.39 -17.16
CA ALA B 193 20.93 47.25 -16.27
C ALA B 193 20.45 45.96 -16.97
N ILE B 194 20.52 44.85 -16.23
CA ILE B 194 20.15 43.55 -16.76
C ILE B 194 19.38 42.83 -15.66
N ASP B 195 18.36 42.05 -16.03
CA ASP B 195 17.75 41.20 -15.03
C ASP B 195 18.54 39.87 -14.92
N PHE B 196 17.99 38.98 -14.10
CA PHE B 196 18.62 37.73 -13.77
C PHE B 196 18.76 36.82 -15.00
N GLY B 197 17.77 36.77 -15.88
CA GLY B 197 17.85 35.94 -17.09
C GLY B 197 18.88 36.46 -18.07
N ASP B 198 18.98 37.78 -18.14
CA ASP B 198 19.97 38.46 -18.97
C ASP B 198 21.33 37.85 -18.81
N LEU B 199 21.69 37.56 -17.56
CA LEU B 199 22.99 36.98 -17.19
C LEU B 199 23.28 35.74 -17.97
N ILE B 200 22.23 35.02 -18.36
CA ILE B 200 22.38 33.92 -19.31
C ILE B 200 22.25 34.48 -20.72
N THR B 201 21.10 35.10 -21.04
CA THR B 201 20.72 35.44 -22.43
C THR B 201 21.64 36.46 -23.10
N GLU B 202 21.92 37.55 -22.38
CA GLU B 202 22.94 38.48 -22.82
C GLU B 202 24.26 37.78 -23.08
N THR B 203 24.68 36.89 -22.17
CA THR B 203 25.98 36.19 -22.27
C THR B 203 26.05 35.38 -23.55
N VAL B 204 24.98 34.61 -23.82
CA VAL B 204 24.84 33.94 -25.12
C VAL B 204 25.10 34.97 -26.22
N ARG B 205 24.33 36.05 -26.21
CA ARG B 205 24.42 37.07 -27.24
C ARG B 205 25.81 37.63 -27.32
N LEU B 206 26.48 37.75 -26.18
CA LEU B 206 27.84 38.25 -26.21
C LEU B 206 28.72 37.28 -26.96
N PHE B 207 28.67 36.01 -26.59
CA PHE B 207 29.44 35.01 -27.32
C PHE B 207 29.09 35.08 -28.81
N LYS B 208 27.85 34.80 -29.17
CA LYS B 208 27.44 34.83 -30.57
C LYS B 208 27.99 36.00 -31.39
N GLU B 209 27.81 37.22 -30.90
CA GLU B 209 28.36 38.39 -31.59
C GLU B 209 29.89 38.42 -31.60
N VAL B 210 30.50 38.20 -30.45
CA VAL B 210 31.92 38.44 -30.35
C VAL B 210 32.63 37.11 -30.03
N PRO B 211 32.90 36.28 -31.07
CA PRO B 211 33.43 34.95 -30.84
C PRO B 211 34.80 35.02 -30.21
N GLY B 212 35.57 36.04 -30.57
CA GLY B 212 36.91 36.20 -30.01
C GLY B 212 36.87 36.23 -28.49
N VAL B 213 35.76 36.73 -27.96
CA VAL B 213 35.49 36.73 -26.52
C VAL B 213 35.17 35.32 -26.03
N LEU B 214 34.46 34.54 -26.83
CA LEU B 214 34.12 33.21 -26.43
C LEU B 214 35.37 32.44 -26.11
N ASP B 215 36.32 32.41 -27.04
CA ASP B 215 37.64 31.78 -26.83
C ASP B 215 38.33 32.15 -25.54
N LYS B 216 38.59 33.43 -25.33
CA LYS B 216 39.36 33.81 -24.15
C LYS B 216 38.75 33.10 -22.94
N VAL B 217 37.44 32.88 -23.02
CA VAL B 217 36.70 32.21 -21.96
C VAL B 217 36.92 30.69 -22.01
N GLN B 218 36.79 30.07 -23.18
CA GLN B 218 36.97 28.62 -23.36
C GLN B 218 38.33 28.06 -22.90
N ASN B 219 39.30 28.95 -22.69
CA ASN B 219 40.59 28.57 -22.14
C ASN B 219 40.45 28.37 -20.64
N LYS B 220 39.31 28.80 -20.09
CA LYS B 220 39.00 28.67 -18.67
C LYS B 220 37.96 27.59 -18.50
N ALA B 221 37.40 27.13 -19.60
CA ALA B 221 36.39 26.12 -19.56
C ALA B 221 36.66 24.98 -20.51
N LYS B 222 37.92 24.54 -20.61
CA LYS B 222 38.28 23.39 -21.44
C LYS B 222 37.47 22.08 -21.11
N PHE B 223 37.20 21.87 -19.81
CA PHE B 223 36.39 20.75 -19.33
C PHE B 223 35.22 21.27 -18.51
N ILE B 224 34.04 20.67 -18.69
CA ILE B 224 32.79 21.25 -18.20
C ILE B 224 31.83 20.21 -17.59
N HIS B 225 31.33 20.47 -16.39
CA HIS B 225 30.26 19.67 -15.79
C HIS B 225 29.05 20.58 -15.72
N VAL B 226 27.90 20.10 -16.17
CA VAL B 226 26.67 20.85 -15.98
C VAL B 226 25.72 19.93 -15.28
N ASP B 227 25.40 20.27 -14.04
CA ASP B 227 24.58 19.42 -13.21
C ASP B 227 23.13 19.66 -13.51
N GLU B 228 22.29 18.67 -13.23
CA GLU B 228 20.84 18.84 -13.33
C GLU B 228 20.40 19.21 -14.73
N TYR B 229 21.10 18.64 -15.70
CA TYR B 229 20.89 19.03 -17.07
C TYR B 229 19.44 18.76 -17.49
N GLN B 230 18.65 18.13 -16.64
CA GLN B 230 17.24 17.96 -17.00
C GLN B 230 16.42 19.25 -16.81
N ASP B 231 16.91 20.14 -15.94
CA ASP B 231 16.21 21.37 -15.56
C ASP B 231 16.64 22.53 -16.42
N THR B 232 17.69 22.25 -17.17
CA THR B 232 18.27 23.18 -18.08
C THR B 232 17.19 23.71 -19.05
N ASN B 233 17.33 24.95 -19.52
CA ASN B 233 16.35 25.52 -20.44
C ASN B 233 17.02 25.88 -21.74
N ARG B 234 16.24 26.19 -22.77
CA ARG B 234 16.77 26.58 -24.08
C ARG B 234 17.96 27.53 -24.01
N ALA B 235 17.80 28.61 -23.29
CA ALA B 235 18.88 29.60 -23.14
C ALA B 235 20.12 29.00 -22.45
N GLN B 236 19.94 28.32 -21.32
CA GLN B 236 21.05 27.63 -20.64
C GLN B 236 21.63 26.55 -21.57
N TYR B 237 20.75 25.89 -22.31
CA TYR B 237 21.20 24.94 -23.29
C TYR B 237 22.15 25.55 -24.28
N GLU B 238 21.69 26.62 -24.92
CA GLU B 238 22.51 27.31 -25.93
C GLU B 238 23.86 27.71 -25.36
N LEU B 239 23.86 28.35 -24.18
CA LEU B 239 25.07 28.86 -23.58
C LEU B 239 26.10 27.76 -23.40
N THR B 240 25.62 26.61 -22.95
CA THR B 240 26.47 25.47 -22.71
C THR B 240 27.09 24.95 -23.99
N ARG B 241 26.27 24.82 -25.02
CA ARG B 241 26.76 24.39 -26.33
C ARG B 241 27.86 25.33 -26.82
N LEU B 242 27.64 26.63 -26.70
CA LEU B 242 28.62 27.61 -27.12
C LEU B 242 29.92 27.44 -26.36
N LEU B 243 29.83 27.31 -25.05
CA LEU B 243 31.02 27.15 -24.25
C LEU B 243 31.78 25.91 -24.65
N ALA B 244 31.06 24.83 -24.91
CA ALA B 244 31.70 23.55 -25.19
C ALA B 244 32.01 23.32 -26.66
N SER B 245 31.53 24.19 -27.53
CA SER B 245 31.66 23.99 -28.98
C SER B 245 33.09 23.76 -29.49
N ARG B 246 34.07 24.35 -28.82
CA ARG B 246 35.44 24.29 -29.32
C ARG B 246 36.11 22.94 -29.05
N ASP B 247 35.87 22.35 -27.90
CA ASP B 247 36.59 21.17 -27.49
C ASP B 247 35.66 20.02 -27.15
N ARG B 248 34.35 20.26 -27.10
CA ARG B 248 33.39 19.18 -26.88
C ARG B 248 33.72 18.29 -25.62
N ASN B 249 34.58 18.79 -24.73
CA ASN B 249 34.84 18.14 -23.44
C ASN B 249 33.74 18.45 -22.39
N LEU B 250 32.53 17.97 -22.66
CA LEU B 250 31.38 18.38 -21.86
C LEU B 250 30.66 17.19 -21.21
N LEU B 251 30.58 17.20 -19.89
CA LEU B 251 29.97 16.14 -19.14
C LEU B 251 28.80 16.76 -18.40
N VAL B 252 27.59 16.32 -18.72
CA VAL B 252 26.38 16.88 -18.12
C VAL B 252 25.72 15.80 -17.29
N VAL B 253 25.55 16.05 -16.01
CA VAL B 253 24.88 15.05 -15.21
C VAL B 253 23.42 15.46 -14.99
N GLY B 254 22.52 14.50 -15.18
CA GLY B 254 21.12 14.76 -14.94
C GLY B 254 20.30 13.55 -14.56
N ASP B 255 19.02 13.77 -14.38
CA ASP B 255 18.12 12.66 -14.28
C ASP B 255 16.78 12.97 -14.94
N PRO B 256 16.50 12.35 -16.08
CA PRO B 256 15.24 12.64 -16.76
C PRO B 256 13.94 12.51 -15.96
N ASP B 257 13.89 11.71 -14.91
CA ASP B 257 12.63 11.57 -14.19
C ASP B 257 12.49 12.61 -13.09
N GLN B 258 13.34 13.61 -13.12
CA GLN B 258 13.34 14.66 -12.11
C GLN B 258 13.22 16.11 -12.65
N SER B 259 13.03 16.26 -13.96
CA SER B 259 12.60 17.56 -14.52
C SER B 259 11.23 17.90 -13.90
N ILE B 260 11.24 18.82 -12.94
CA ILE B 260 10.00 19.27 -12.31
C ILE B 260 9.78 20.78 -12.45
N TYR B 261 10.51 21.43 -13.36
CA TYR B 261 10.46 22.89 -13.51
C TYR B 261 10.13 23.28 -14.96
N LYS B 262 9.29 22.48 -15.62
CA LYS B 262 8.85 22.81 -16.98
C LYS B 262 8.06 24.12 -17.04
N PHE B 263 7.39 24.47 -15.95
CA PHE B 263 6.77 25.78 -15.89
C PHE B 263 7.83 26.87 -15.95
N ARG B 264 8.95 26.73 -15.24
CA ARG B 264 10.12 27.60 -15.43
CA ARG B 264 10.11 27.61 -15.43
C ARG B 264 10.63 27.56 -16.87
N GLY B 265 9.98 26.76 -17.72
CA GLY B 265 10.44 26.60 -19.10
C GLY B 265 11.70 25.73 -19.25
N ALA B 266 11.91 24.78 -18.35
CA ALA B 266 13.06 23.91 -18.42
C ALA B 266 12.71 22.92 -19.47
N ASP B 267 13.70 22.45 -20.24
CA ASP B 267 13.43 21.50 -21.31
C ASP B 267 13.97 20.09 -21.02
N ILE B 268 13.06 19.17 -20.71
CA ILE B 268 13.47 17.77 -20.57
C ILE B 268 14.12 17.22 -21.85
N GLN B 269 13.81 17.82 -22.99
CA GLN B 269 14.27 17.30 -24.24
C GLN B 269 15.76 17.44 -24.39
N ASN B 270 16.31 18.44 -23.72
CA ASN B 270 17.74 18.73 -23.78
C ASN B 270 18.58 17.52 -23.44
N ILE B 271 18.32 16.94 -22.27
CA ILE B 271 19.05 15.76 -21.81
C ILE B 271 18.67 14.51 -22.61
N LEU B 272 17.40 14.38 -22.98
CA LEU B 272 17.03 13.29 -23.86
C LEU B 272 17.79 13.43 -25.16
N ASP B 273 17.78 14.61 -25.75
CA ASP B 273 18.47 14.74 -27.03
C ASP B 273 20.00 14.78 -26.97
N PHE B 274 20.57 14.60 -25.79
CA PHE B 274 22.00 14.86 -25.63
C PHE B 274 22.92 13.87 -26.36
N GLN B 275 22.56 12.59 -26.31
CA GLN B 275 23.29 11.61 -27.07
C GLN B 275 22.95 11.81 -28.55
N LYS B 276 21.78 12.38 -28.87
CA LYS B 276 21.52 12.73 -30.29
C LYS B 276 22.31 13.97 -30.69
N ASP B 277 22.37 14.97 -29.81
CA ASP B 277 23.17 16.18 -30.02
C ASP B 277 24.64 15.86 -30.16
N TYR B 278 25.18 15.03 -29.25
CA TYR B 278 26.59 14.59 -29.29
C TYR B 278 26.70 13.08 -29.56
N PRO B 279 26.79 12.69 -30.85
CA PRO B 279 26.68 11.30 -31.25
C PRO B 279 27.79 10.46 -30.66
N ASP B 280 28.96 11.06 -30.48
CA ASP B 280 30.11 10.33 -29.96
C ASP B 280 30.04 10.13 -28.47
N ALA B 281 29.39 11.04 -27.75
CA ALA B 281 29.39 10.95 -26.27
C ALA B 281 29.35 9.51 -25.76
N LYS B 282 30.06 9.31 -24.66
CA LYS B 282 30.00 8.09 -23.90
C LYS B 282 28.89 8.25 -22.89
N VAL B 283 28.27 7.14 -22.50
CA VAL B 283 27.22 7.19 -21.48
C VAL B 283 27.57 6.43 -20.21
N TYR B 284 27.03 6.87 -19.07
CA TYR B 284 27.26 6.24 -17.78
C TYR B 284 25.95 6.37 -17.08
N MET B 285 25.61 5.37 -16.27
CA MET B 285 24.32 5.40 -15.60
C MET B 285 24.53 4.99 -14.16
N LEU B 286 24.04 5.77 -13.22
CA LEU B 286 24.22 5.48 -11.80
C LEU B 286 22.84 5.21 -11.24
N GLU B 287 22.55 3.95 -11.02
CA GLU B 287 21.21 3.53 -10.68
C GLU B 287 21.15 3.08 -9.24
N HIS B 288 22.29 3.18 -8.60
CA HIS B 288 22.38 2.67 -7.26
C HIS B 288 21.93 3.70 -6.28
N ASN B 289 20.88 3.38 -5.53
CA ASN B 289 20.45 4.29 -4.51
C ASN B 289 20.90 3.90 -3.10
N TYR B 290 21.86 4.64 -2.55
CA TYR B 290 22.27 4.39 -1.16
C TYR B 290 21.30 4.95 -0.12
N ARG B 291 20.88 6.18 -0.35
CA ARG B 291 19.91 6.89 0.47
C ARG B 291 18.77 6.00 0.99
N SER B 292 17.96 5.46 0.08
CA SER B 292 16.63 4.99 0.51
C SER B 292 16.45 3.52 0.79
N SER B 293 15.35 3.27 1.47
CA SER B 293 14.79 1.96 1.71
C SER B 293 14.37 1.29 0.44
N ALA B 294 14.45 -0.03 0.46
CA ALA B 294 14.06 -0.84 -0.69
C ALA B 294 12.56 -0.73 -0.97
N ARG B 295 11.74 -0.64 0.08
CA ARG B 295 10.29 -0.57 -0.09
C ARG B 295 9.89 0.75 -0.73
N VAL B 296 10.52 1.82 -0.26
CA VAL B 296 10.40 3.17 -0.84
C VAL B 296 10.69 3.12 -2.36
N LEU B 297 11.86 2.56 -2.68
CA LEU B 297 12.40 2.64 -4.01
C LEU B 297 11.51 1.91 -4.93
N GLU B 298 11.02 0.79 -4.47
CA GLU B 298 10.14 -0.02 -5.26
C GLU B 298 8.91 0.76 -5.62
N ALA B 299 8.27 1.34 -4.61
CA ALA B 299 7.13 2.22 -4.83
C ALA B 299 7.50 3.24 -5.90
N ALA B 300 8.64 3.89 -5.68
CA ALA B 300 9.11 4.94 -6.58
C ALA B 300 9.28 4.42 -8.00
N ASN B 301 10.00 3.31 -8.16
CA ASN B 301 10.28 2.74 -9.49
C ASN B 301 9.06 2.31 -10.23
N LYS B 302 8.07 1.78 -9.50
CA LYS B 302 6.85 1.31 -10.15
C LYS B 302 6.06 2.52 -10.59
N LEU B 303 6.00 3.53 -9.73
CA LEU B 303 5.31 4.76 -10.08
C LEU B 303 5.86 5.30 -11.37
N ILE B 304 7.17 5.39 -11.44
CA ILE B 304 7.82 6.10 -12.53
C ILE B 304 7.78 5.38 -13.88
N GLU B 305 7.78 4.06 -13.91
CA GLU B 305 7.81 3.43 -15.24
C GLU B 305 6.64 3.88 -16.12
N ASN B 306 5.63 4.50 -15.52
CA ASN B 306 4.48 5.00 -16.25
C ASN B 306 4.78 6.11 -17.23
N ASN B 307 5.70 7.00 -16.88
CA ASN B 307 6.04 8.12 -17.77
C ASN B 307 6.65 7.55 -19.00
N THR B 308 6.17 8.06 -20.12
CA THR B 308 6.31 7.36 -21.36
C THR B 308 7.60 7.73 -22.04
N GLU B 309 8.35 6.69 -22.38
CA GLU B 309 9.41 6.75 -23.36
C GLU B 309 10.63 7.63 -23.04
N ARG B 310 10.92 7.77 -21.74
CA ARG B 310 12.15 8.45 -21.30
CA ARG B 310 12.14 8.47 -21.27
C ARG B 310 13.25 7.42 -21.01
N LEU B 311 14.47 7.89 -20.79
CA LEU B 311 15.68 7.06 -20.77
C LEU B 311 15.68 5.83 -19.86
N ASP B 312 16.09 4.67 -20.38
CA ASP B 312 15.99 3.37 -19.65
C ASP B 312 17.04 3.12 -18.56
N LYS B 313 16.57 3.19 -17.32
CA LYS B 313 17.35 3.44 -16.11
C LYS B 313 16.53 2.83 -14.98
N THR B 314 17.13 2.56 -13.83
CA THR B 314 16.29 2.29 -12.65
C THR B 314 16.94 2.58 -11.28
N LEU B 315 16.21 2.35 -10.20
CA LEU B 315 16.78 2.51 -8.88
C LEU B 315 17.17 1.16 -8.29
N LYS B 316 18.47 0.85 -8.31
CA LYS B 316 18.96 -0.38 -7.68
C LYS B 316 18.92 -0.26 -6.15
N PRO B 317 18.09 -1.08 -5.48
CA PRO B 317 18.14 -1.04 -4.02
C PRO B 317 19.56 -1.33 -3.50
N VAL B 318 19.86 -0.88 -2.27
CA VAL B 318 21.12 -1.20 -1.57
C VAL B 318 20.92 -1.26 -0.04
N LYS B 319 19.74 -0.89 0.44
CA LYS B 319 19.41 -1.08 1.85
C LYS B 319 18.30 -2.10 1.86
N GLU B 320 18.16 -2.81 2.97
CA GLU B 320 17.15 -3.85 3.00
C GLU B 320 15.78 -3.17 2.90
N ALA B 321 14.79 -3.92 2.42
CA ALA B 321 13.43 -3.43 2.31
C ALA B 321 12.96 -3.00 3.67
N GLY B 322 12.99 -1.70 3.94
CA GLY B 322 12.79 -1.21 5.30
C GLY B 322 11.37 -1.35 5.79
N GLN B 323 10.92 -0.37 6.57
CA GLN B 323 9.54 -0.37 7.04
C GLN B 323 8.59 -0.16 5.88
N PRO B 324 7.35 -0.63 6.02
CA PRO B 324 6.36 -0.47 4.96
C PRO B 324 6.04 0.99 4.60
N VAL B 325 5.50 1.23 3.42
CA VAL B 325 4.90 2.53 3.16
C VAL B 325 3.41 2.47 3.42
N THR B 326 2.91 3.54 4.00
CA THR B 326 1.56 3.59 4.51
C THR B 326 0.80 4.67 3.76
N PHE B 327 -0.52 4.56 3.66
CA PHE B 327 -1.29 5.69 3.16
C PHE B 327 -2.60 5.88 3.90
N HIS B 328 -2.60 6.72 4.91
CA HIS B 328 -3.83 7.07 5.60
C HIS B 328 -4.66 8.08 4.79
N ARG B 329 -5.98 7.93 4.86
CA ARG B 329 -6.90 8.92 4.34
C ARG B 329 -7.75 9.38 5.48
N ALA B 330 -8.08 10.66 5.45
CA ALA B 330 -8.78 11.29 6.54
C ALA B 330 -10.00 11.95 5.93
N THR B 331 -11.07 12.08 6.71
CA THR B 331 -12.27 12.73 6.21
C THR B 331 -11.95 14.20 6.00
N ASP B 332 -11.21 14.70 6.95
CA ASP B 332 -11.00 16.10 7.09
C ASP B 332 -9.60 16.38 6.59
N HIS B 333 -9.45 17.37 5.73
CA HIS B 333 -8.15 18.01 5.55
C HIS B 333 -7.60 18.55 6.89
N ARG B 334 -8.50 18.92 7.81
CA ARG B 334 -8.14 19.22 9.19
C ARG B 334 -7.60 17.97 9.90
N ALA B 335 -8.30 16.85 9.73
CA ALA B 335 -7.92 15.57 10.34
C ALA B 335 -6.52 15.09 9.98
N GLU B 336 -6.15 15.25 8.72
CA GLU B 336 -4.84 14.83 8.28
C GLU B 336 -3.72 15.59 9.00
N GLY B 337 -3.91 16.90 9.17
CA GLY B 337 -2.97 17.70 9.95
C GLY B 337 -2.92 17.19 11.38
N ASP B 338 -4.08 16.82 11.93
CA ASP B 338 -4.11 16.26 13.28
C ASP B 338 -3.38 14.94 13.25
N TYR B 339 -3.65 14.18 12.19
CA TYR B 339 -3.07 12.84 11.98
C TYR B 339 -1.55 12.91 11.92
N VAL B 340 -1.06 13.85 11.13
CA VAL B 340 0.36 14.09 10.99
C VAL B 340 1.06 14.39 12.31
N ALA B 341 0.44 15.20 13.16
CA ALA B 341 1.05 15.55 14.46
C ALA B 341 1.06 14.35 15.42
N ASP B 342 0.02 13.53 15.32
CA ASP B 342 -0.10 12.36 16.17
C ASP B 342 1.11 11.52 15.96
N TRP B 343 1.65 11.59 14.74
CA TRP B 343 2.78 10.76 14.36
C TRP B 343 4.14 11.37 14.65
N LEU B 344 4.35 12.59 14.25
CA LEU B 344 5.58 13.24 14.63
C LEU B 344 5.78 13.16 16.15
N THR B 345 4.69 13.18 16.92
CA THR B 345 4.86 13.05 18.35
C THR B 345 5.40 11.65 18.57
N ARG B 346 4.67 10.69 18.04
CA ARG B 346 4.91 9.29 18.33
C ARG B 346 6.36 8.90 18.05
N LEU B 347 6.84 9.37 16.91
CA LEU B 347 8.18 9.09 16.46
C LEU B 347 9.22 9.89 17.22
N HIS B 348 8.90 11.12 17.58
CA HIS B 348 9.81 11.88 18.43
C HIS B 348 9.95 11.17 19.76
N GLY B 349 8.88 10.47 20.13
CA GLY B 349 8.87 9.63 21.31
C GLY B 349 9.50 8.29 21.08
N GLU B 350 9.36 7.75 19.85
CA GLU B 350 10.05 6.50 19.44
C GLU B 350 11.55 6.68 19.53
N GLY B 351 11.99 7.93 19.61
CA GLY B 351 13.39 8.30 19.76
C GLY B 351 13.95 9.00 18.55
N ARG B 352 13.09 9.77 17.87
CA ARG B 352 13.42 10.35 16.57
C ARG B 352 13.24 11.86 16.53
N ALA B 353 14.31 12.57 16.18
CA ALA B 353 14.37 14.04 16.28
C ALA B 353 13.51 14.77 15.28
N TRP B 354 13.09 15.99 15.61
CA TRP B 354 12.32 16.79 14.67
C TRP B 354 13.01 16.92 13.31
N SER B 355 14.31 17.21 13.32
CA SER B 355 15.09 17.32 12.08
C SER B 355 14.88 16.09 11.21
N GLU B 356 14.67 14.94 11.82
CA GLU B 356 14.62 13.74 11.02
C GLU B 356 13.39 13.71 10.12
N MET B 357 12.40 14.54 10.41
CA MET B 357 11.09 14.45 9.73
C MET B 357 10.65 15.67 8.92
N ALA B 358 9.95 15.43 7.81
CA ALA B 358 9.44 16.55 7.02
C ALA B 358 8.06 16.24 6.38
N ILE B 359 7.36 17.30 5.98
CA ILE B 359 6.03 17.24 5.41
C ILE B 359 6.04 17.93 4.06
N LEU B 360 5.50 17.28 3.05
CA LEU B 360 5.58 17.79 1.71
C LEU B 360 4.21 17.98 1.16
N TYR B 361 3.99 19.16 0.60
CA TYR B 361 2.71 19.55 0.02
C TYR B 361 2.88 20.18 -1.33
N ARG B 362 1.96 19.90 -2.18
CA ARG B 362 1.97 20.38 -3.54
C ARG B 362 1.97 21.90 -3.60
N THR B 363 1.14 22.52 -2.76
CA THR B 363 0.97 23.98 -2.77
C THR B 363 1.15 24.48 -1.35
N ASN B 364 1.65 25.70 -1.22
CA ASN B 364 2.00 26.26 0.09
C ASN B 364 0.84 26.41 1.02
N ALA B 365 -0.29 26.84 0.45
CA ALA B 365 -1.54 26.99 1.17
C ALA B 365 -1.73 25.88 2.20
N GLN B 366 -1.40 24.67 1.77
CA GLN B 366 -1.53 23.47 2.56
C GLN B 366 -0.79 23.49 3.89
N SER B 367 0.23 24.32 3.99
CA SER B 367 1.01 24.40 5.22
C SER B 367 0.24 24.88 6.43
N ARG B 368 -0.76 25.74 6.23
CA ARG B 368 -1.46 26.39 7.33
C ARG B 368 -2.20 25.44 8.27
N VAL B 369 -3.10 24.65 7.70
CA VAL B 369 -3.78 23.59 8.45
C VAL B 369 -2.79 22.68 9.15
N ILE B 370 -1.78 22.24 8.41
CA ILE B 370 -0.66 21.47 8.96
C ILE B 370 -0.03 22.21 10.13
N GLU B 371 0.45 23.42 9.85
CA GLU B 371 1.16 24.21 10.81
C GLU B 371 0.36 24.36 12.08
N GLU B 372 -0.89 24.81 11.92
CA GLU B 372 -1.76 25.05 13.04
C GLU B 372 -1.94 23.80 13.88
N SER B 373 -1.83 22.64 13.24
CA SER B 373 -1.99 21.36 13.93
C SER B 373 -0.79 21.04 14.81
N LEU B 374 0.41 21.27 14.30
CA LEU B 374 1.61 21.00 15.11
C LEU B 374 1.68 21.94 16.28
N ARG B 375 1.33 23.21 16.01
CA ARG B 375 1.25 24.31 16.97
C ARG B 375 0.38 23.98 18.18
N ARG B 376 -0.65 23.16 17.97
CA ARG B 376 -1.53 22.70 19.07
C ARG B 376 -0.88 21.65 19.98
N VAL B 377 -0.07 20.76 19.40
CA VAL B 377 0.68 19.77 20.18
C VAL B 377 2.14 20.22 20.35
N GLN B 378 2.32 21.53 20.45
CA GLN B 378 3.62 22.17 20.71
C GLN B 378 4.78 21.41 20.06
N ILE B 379 4.73 21.36 18.73
CA ILE B 379 5.71 20.66 17.89
C ILE B 379 6.41 21.71 17.07
N PRO B 380 7.74 21.81 17.21
CA PRO B 380 8.49 22.81 16.45
C PRO B 380 8.32 22.69 14.92
N ALA B 381 8.26 23.86 14.28
CA ALA B 381 7.97 23.95 12.84
C ALA B 381 8.88 24.95 12.16
N ARG B 382 9.39 24.51 11.03
CA ARG B 382 10.20 25.29 10.13
C ARG B 382 9.39 25.14 8.85
N ILE B 383 9.14 26.25 8.18
CA ILE B 383 8.38 26.23 6.93
C ILE B 383 9.33 26.83 5.94
N VAL B 384 9.76 26.04 4.96
CA VAL B 384 10.68 26.54 3.94
C VAL B 384 9.83 27.46 3.09
N GLY B 385 9.86 28.74 3.50
CA GLY B 385 8.87 29.76 3.16
C GLY B 385 8.65 29.92 1.68
N GLY B 386 7.37 29.89 1.30
CA GLY B 386 6.93 30.16 -0.07
C GLY B 386 6.16 31.45 -0.07
N VAL B 387 5.51 31.75 1.05
CA VAL B 387 4.78 33.01 1.22
C VAL B 387 5.72 34.16 1.62
N GLY B 388 6.73 33.84 2.44
CA GLY B 388 7.72 34.83 2.90
C GLY B 388 9.12 34.69 2.31
N PHE B 389 9.65 35.83 1.85
CA PHE B 389 11.02 35.96 1.31
C PHE B 389 12.07 35.15 2.11
N TYR B 390 13.08 34.62 1.42
CA TYR B 390 14.19 33.90 2.08
C TYR B 390 15.29 34.85 2.54
N ASP B 391 15.07 35.53 3.67
CA ASP B 391 16.00 36.56 4.17
C ASP B 391 16.03 37.79 3.24
N ARG B 392 15.18 37.78 2.22
CA ARG B 392 15.30 38.73 1.13
C ARG B 392 14.93 40.19 1.39
N ARG B 393 13.88 40.48 2.16
CA ARG B 393 13.43 41.87 2.26
C ARG B 393 14.44 42.82 2.92
N GLU B 394 15.06 42.39 4.01
CA GLU B 394 15.92 43.31 4.76
C GLU B 394 17.33 43.33 4.21
N ILE B 395 17.68 42.27 3.51
CA ILE B 395 18.98 42.21 2.88
C ILE B 395 19.03 43.08 1.63
N ARG B 396 18.06 42.88 0.74
CA ARG B 396 17.96 43.62 -0.51
C ARG B 396 17.77 45.12 -0.27
N ASP B 397 17.14 45.46 0.85
CA ASP B 397 17.01 46.86 1.21
C ASP B 397 18.39 47.48 1.36
N ILE B 398 19.13 47.05 2.38
CA ILE B 398 20.49 47.53 2.60
C ILE B 398 21.31 47.69 1.30
N LEU B 399 21.22 46.68 0.42
CA LEU B 399 21.88 46.72 -0.89
C LEU B 399 21.43 47.92 -1.70
N ALA B 400 20.11 48.16 -1.69
CA ALA B 400 19.56 49.35 -2.34
C ALA B 400 20.35 50.60 -1.93
N TYR B 401 20.67 50.72 -0.63
CA TYR B 401 21.52 51.83 -0.14
C TYR B 401 22.90 51.75 -0.74
N ALA B 402 23.44 50.53 -0.70
CA ALA B 402 24.76 50.24 -1.18
C ALA B 402 24.74 50.60 -2.65
N ARG B 403 23.72 50.10 -3.37
CA ARG B 403 23.76 50.24 -4.81
C ARG B 403 23.51 51.66 -5.26
N LEU B 404 22.74 52.40 -4.47
CA LEU B 404 22.58 53.83 -4.71
C LEU B 404 23.83 54.62 -4.32
N ALA B 405 24.56 54.14 -3.32
CA ALA B 405 25.78 54.82 -2.93
C ALA B 405 26.84 54.62 -4.00
N LEU B 406 26.80 53.47 -4.66
CA LEU B 406 27.81 53.16 -5.65
C LEU B 406 27.62 53.94 -6.92
N ASN B 407 26.40 54.00 -7.42
CA ASN B 407 26.11 55.04 -8.40
C ASN B 407 24.81 55.75 -8.11
N PRO B 408 24.84 57.07 -8.08
CA PRO B 408 23.66 57.82 -7.66
C PRO B 408 22.49 57.75 -8.63
N ALA B 409 22.65 57.07 -9.75
CA ALA B 409 21.57 57.03 -10.75
C ALA B 409 20.72 55.79 -10.62
N ASP B 410 20.88 55.07 -9.52
CA ASP B 410 20.19 53.81 -9.39
C ASP B 410 18.78 54.14 -8.90
N ASP B 411 17.93 54.58 -9.82
CA ASP B 411 16.64 55.13 -9.38
C ASP B 411 15.72 54.07 -8.79
N VAL B 412 15.86 52.84 -9.26
CA VAL B 412 15.13 51.70 -8.73
C VAL B 412 15.51 51.44 -7.30
N ALA B 413 16.80 51.57 -7.00
CA ALA B 413 17.31 51.40 -5.63
C ALA B 413 16.77 52.53 -4.81
N LEU B 414 16.78 53.72 -5.38
CA LEU B 414 16.23 54.88 -4.71
C LEU B 414 14.75 54.71 -4.33
N ARG B 415 13.91 54.33 -5.27
CA ARG B 415 12.49 54.19 -5.00
C ARG B 415 12.21 53.22 -3.90
N ARG B 416 13.11 52.28 -3.68
CA ARG B 416 12.80 51.27 -2.70
C ARG B 416 13.18 51.71 -1.29
N ILE B 417 14.40 52.18 -1.11
CA ILE B 417 14.89 52.65 0.20
C ILE B 417 14.32 53.99 0.66
N ILE B 418 13.60 54.66 -0.22
CA ILE B 418 13.04 55.97 0.13
C ILE B 418 11.96 55.82 1.22
N GLY B 419 11.19 54.74 1.13
CA GLY B 419 10.18 54.42 2.13
C GLY B 419 10.83 53.98 3.43
N ARG B 420 11.96 53.28 3.34
CA ARG B 420 12.64 52.76 4.53
C ARG B 420 13.93 53.50 4.84
N PRO B 421 14.10 53.86 6.17
CA PRO B 421 13.03 54.53 6.98
C PRO B 421 12.41 55.76 6.32
N ARG B 422 11.24 56.18 6.78
CA ARG B 422 10.58 57.35 6.19
C ARG B 422 11.38 58.64 6.41
N ARG B 423 11.66 59.35 5.32
CA ARG B 423 12.51 60.52 5.38
C ARG B 423 11.61 61.71 5.41
N GLY B 424 10.31 61.46 5.35
CA GLY B 424 9.37 62.54 5.10
C GLY B 424 9.61 62.99 3.68
N ILE B 425 9.55 62.02 2.77
CA ILE B 425 9.42 62.27 1.34
C ILE B 425 8.17 61.48 0.94
N GLY B 426 7.27 62.10 0.18
CA GLY B 426 6.00 61.42 -0.10
C GLY B 426 5.56 61.50 -1.52
N ASP B 427 4.44 60.83 -1.82
CA ASP B 427 3.92 60.74 -3.19
C ASP B 427 4.02 62.04 -3.98
N THR B 428 3.80 63.17 -3.31
CA THR B 428 3.89 64.47 -3.98
C THR B 428 5.35 64.82 -4.24
N ALA B 429 6.16 64.89 -3.18
CA ALA B 429 7.57 65.27 -3.32
C ALA B 429 8.22 64.37 -4.35
N LEU B 430 8.02 63.06 -4.13
CA LEU B 430 8.63 62.04 -4.93
C LEU B 430 8.31 62.27 -6.40
N GLN B 431 7.04 62.37 -6.72
CA GLN B 431 6.65 62.48 -8.11
C GLN B 431 7.12 63.80 -8.70
N LYS B 432 7.20 64.84 -7.87
CA LYS B 432 7.64 66.13 -8.35
C LYS B 432 9.07 65.94 -8.77
N LEU B 433 9.87 65.42 -7.84
CA LEU B 433 11.27 65.18 -8.08
C LEU B 433 11.52 64.31 -9.31
N MET B 434 10.64 63.33 -9.52
CA MET B 434 10.74 62.48 -10.70
C MET B 434 10.31 63.17 -12.00
N GLU B 435 9.29 64.03 -11.93
CA GLU B 435 8.81 64.75 -13.12
C GLU B 435 9.92 65.64 -13.57
N TRP B 436 10.47 66.41 -12.62
CA TRP B 436 11.56 67.31 -12.90
C TRP B 436 12.75 66.54 -13.47
N ALA B 437 13.06 65.41 -12.87
CA ALA B 437 14.23 64.62 -13.27
C ALA B 437 14.06 64.11 -14.68
N ARG B 438 12.94 63.44 -14.95
CA ARG B 438 12.64 62.96 -16.30
C ARG B 438 12.79 64.09 -17.29
N THR B 439 12.28 65.25 -16.89
CA THR B 439 12.22 66.42 -17.77
C THR B 439 13.59 67.01 -18.05
N HIS B 440 14.57 66.76 -17.18
CA HIS B 440 15.91 67.30 -17.45
C HIS B 440 16.97 66.24 -17.69
N HIS B 441 16.55 64.98 -17.82
CA HIS B 441 17.48 63.88 -18.03
C HIS B 441 18.44 63.75 -16.83
N THR B 442 17.88 63.58 -15.65
CA THR B 442 18.68 63.54 -14.46
C THR B 442 18.20 62.46 -13.55
N SER B 443 19.11 62.01 -12.68
CA SER B 443 18.84 61.07 -11.61
C SER B 443 17.87 61.65 -10.58
N VAL B 444 16.91 60.83 -10.16
CA VAL B 444 15.99 61.25 -9.13
C VAL B 444 16.78 61.80 -7.96
N LEU B 445 17.88 61.14 -7.62
CA LEU B 445 18.66 61.55 -6.48
C LEU B 445 19.32 62.92 -6.67
N THR B 446 19.75 63.23 -7.88
CA THR B 446 20.35 64.52 -8.09
C THR B 446 19.22 65.51 -8.03
N ALA B 447 18.03 65.10 -8.47
CA ALA B 447 16.81 65.90 -8.27
C ALA B 447 16.64 66.25 -6.79
N CYS B 448 16.69 65.25 -5.92
CA CYS B 448 16.78 65.51 -4.49
C CYS B 448 17.82 66.56 -4.16
N ALA B 449 19.01 66.41 -4.71
CA ALA B 449 20.14 67.24 -4.36
C ALA B 449 19.94 68.70 -4.75
N ASN B 450 19.07 68.95 -5.73
CA ASN B 450 18.75 70.31 -6.21
C ASN B 450 17.29 70.71 -6.00
N ALA B 451 16.69 70.29 -4.88
CA ALA B 451 15.28 70.55 -4.63
C ALA B 451 15.13 72.01 -4.32
N ALA B 452 16.03 72.47 -3.44
CA ALA B 452 16.04 73.83 -2.96
C ALA B 452 16.58 74.78 -4.02
N GLU B 453 17.62 74.36 -4.73
CA GLU B 453 18.23 75.17 -5.79
C GLU B 453 17.31 75.45 -6.97
N GLN B 454 16.51 74.47 -7.37
CA GLN B 454 15.52 74.68 -8.43
C GLN B 454 14.10 74.37 -7.97
N ASN B 455 13.50 75.29 -7.26
CA ASN B 455 12.05 75.31 -7.09
C ASN B 455 11.30 73.96 -6.97
N ILE B 456 11.41 73.32 -5.81
CA ILE B 456 10.36 72.39 -5.34
C ILE B 456 9.84 72.90 -3.96
N LEU B 457 8.61 73.47 -3.99
CA LEU B 457 8.07 74.29 -2.90
C LEU B 457 7.94 73.52 -1.59
N ASP B 458 7.61 74.25 -0.53
CA ASP B 458 7.57 73.74 0.84
C ASP B 458 8.99 73.67 1.43
N ARG B 459 9.09 73.43 2.72
CA ARG B 459 10.40 73.23 3.27
C ARG B 459 10.61 71.73 3.42
N GLY B 460 10.11 70.98 2.45
CA GLY B 460 10.40 69.56 2.41
C GLY B 460 11.72 69.47 1.70
N ALA B 461 11.84 70.31 0.69
CA ALA B 461 13.06 70.43 -0.04
C ALA B 461 14.18 69.92 0.80
N HIS B 462 14.22 70.32 2.05
CA HIS B 462 15.37 69.95 2.80
C HIS B 462 15.37 68.51 3.10
N LYS B 463 14.20 67.95 3.38
CA LYS B 463 14.12 66.49 3.58
C LYS B 463 14.67 65.75 2.34
N ALA B 464 14.44 66.33 1.17
CA ALA B 464 15.05 65.84 -0.05
C ALA B 464 16.56 66.11 -0.08
N THR B 465 16.97 67.34 0.23
CA THR B 465 18.42 67.67 0.24
C THR B 465 19.21 66.86 1.28
N GLU B 466 18.59 66.58 2.43
CA GLU B 466 19.23 65.79 3.47
C GLU B 466 19.50 64.38 2.99
N PHE B 467 18.51 63.79 2.34
CA PHE B 467 18.67 62.47 1.81
C PHE B 467 19.85 62.39 0.86
N ALA B 468 19.92 63.31 -0.10
CA ALA B 468 21.05 63.36 -1.03
C ALA B 468 22.35 63.49 -0.25
N GLY B 469 22.34 64.35 0.77
CA GLY B 469 23.50 64.62 1.60
C GLY B 469 24.03 63.36 2.24
N LEU B 470 23.14 62.57 2.83
CA LEU B 470 23.57 61.36 3.51
C LEU B 470 23.90 60.21 2.56
N MET B 471 23.29 60.25 1.37
CA MET B 471 23.58 59.28 0.36
C MET B 471 24.99 59.47 -0.07
N GLU B 472 25.35 60.73 -0.33
CA GLU B 472 26.67 61.05 -0.81
C GLU B 472 27.72 60.86 0.29
N ALA B 473 27.30 61.05 1.54
CA ALA B 473 28.12 60.66 2.66
C ALA B 473 28.50 59.21 2.48
N MET B 474 27.49 58.37 2.30
CA MET B 474 27.68 56.94 2.11
C MET B 474 28.60 56.67 0.95
N SER B 475 28.46 57.42 -0.13
CA SER B 475 29.26 57.16 -1.33
C SER B 475 30.74 57.35 -1.05
N GLU B 476 31.08 58.42 -0.33
CA GLU B 476 32.46 58.66 0.08
C GLU B 476 32.99 57.43 0.86
N ALA B 477 32.13 56.88 1.71
CA ALA B 477 32.48 55.73 2.53
C ALA B 477 32.85 54.51 1.71
N ALA B 478 31.98 54.13 0.78
CA ALA B 478 32.24 52.99 -0.13
C ALA B 478 33.61 53.07 -0.81
N ASP B 479 34.03 54.29 -1.15
CA ASP B 479 35.32 54.54 -1.75
C ASP B 479 36.47 54.25 -0.77
N ASN B 480 36.22 54.56 0.51
CA ASN B 480 37.26 54.58 1.54
C ASN B 480 37.06 53.63 2.70
N TYR B 481 36.35 52.53 2.47
CA TYR B 481 36.13 51.55 3.54
C TYR B 481 36.20 50.13 3.06
N GLU B 482 36.15 49.21 4.02
CA GLU B 482 36.03 47.79 3.78
C GLU B 482 34.58 47.46 3.50
N PRO B 483 34.30 46.26 2.97
CA PRO B 483 32.91 45.84 2.80
C PRO B 483 32.12 45.78 4.12
N ALA B 484 32.62 45.07 5.13
CA ALA B 484 31.92 44.95 6.42
C ALA B 484 31.63 46.29 7.06
N ALA B 485 32.65 47.14 7.16
CA ALA B 485 32.50 48.47 7.75
C ALA B 485 31.47 49.29 6.99
N PHE B 486 31.48 49.21 5.66
CA PHE B 486 30.56 49.96 4.82
C PHE B 486 29.10 49.66 5.15
N LEU B 487 28.76 48.38 5.33
CA LEU B 487 27.40 48.03 5.77
C LEU B 487 27.09 48.48 7.22
N ARG B 488 28.11 48.61 8.06
CA ARG B 488 27.93 49.22 9.38
C ARG B 488 27.62 50.69 9.23
N PHE B 489 28.37 51.36 8.35
CA PHE B 489 28.10 52.75 8.02
C PHE B 489 26.69 52.91 7.44
N VAL B 490 26.41 52.23 6.33
CA VAL B 490 25.10 52.32 5.67
C VAL B 490 23.96 51.97 6.61
N MET B 491 24.16 50.98 7.47
CA MET B 491 23.12 50.60 8.41
C MET B 491 22.80 51.71 9.41
N GLU B 492 23.80 52.18 10.15
CA GLU B 492 23.55 53.19 11.19
C GLU B 492 23.07 54.51 10.63
N THR B 493 23.69 54.98 9.54
CA THR B 493 23.30 56.25 8.93
C THR B 493 21.92 56.17 8.30
N SER B 494 21.62 55.07 7.61
CA SER B 494 20.32 54.88 6.96
C SER B 494 19.19 54.89 7.97
N GLY B 495 19.43 54.33 9.14
CA GLY B 495 18.39 54.18 10.14
C GLY B 495 17.51 52.98 9.86
N TYR B 496 17.98 52.07 9.02
CA TYR B 496 17.24 50.86 8.76
C TYR B 496 17.21 50.03 10.04
N LEU B 497 18.26 50.16 10.82
CA LEU B 497 18.35 49.52 12.13
C LEU B 497 17.23 49.99 13.06
N ASP B 498 17.03 51.30 13.14
CA ASP B 498 16.08 51.90 14.08
C ASP B 498 14.63 51.54 13.76
N LEU B 499 14.25 51.73 12.49
CA LEU B 499 12.93 51.36 12.02
C LEU B 499 12.74 49.86 12.18
N LEU B 500 13.81 49.12 11.91
CA LEU B 500 13.79 47.67 12.05
C LEU B 500 13.95 47.26 13.51
N ARG B 501 14.28 48.22 14.37
CA ARG B 501 14.36 47.95 15.81
C ARG B 501 12.99 47.99 16.48
N GLN B 502 12.07 48.79 15.89
CA GLN B 502 10.67 48.75 16.29
C GLN B 502 10.03 47.49 15.74
N GLU B 503 10.15 47.30 14.44
CA GLU B 503 9.78 46.04 13.78
C GLU B 503 10.70 44.91 14.24
N GLY B 504 11.82 45.29 14.86
CA GLY B 504 12.77 44.36 15.45
C GLY B 504 12.26 43.94 16.81
N GLN B 505 11.88 44.92 17.64
CA GLN B 505 11.20 44.65 18.90
C GLN B 505 9.98 43.76 18.63
N GLU B 506 9.39 43.98 17.44
CA GLU B 506 8.30 43.16 16.90
C GLU B 506 8.85 41.83 16.43
N GLY B 507 9.96 41.89 15.68
CA GLY B 507 10.62 40.71 15.11
C GLY B 507 11.93 40.40 15.83
N GLN B 508 12.98 41.17 15.52
CA GLN B 508 14.30 41.00 16.14
C GLN B 508 15.20 40.10 15.31
N VAL B 509 14.57 39.23 14.54
CA VAL B 509 15.31 38.34 13.65
C VAL B 509 15.81 39.08 12.43
N ARG B 510 14.95 39.87 11.81
CA ARG B 510 15.40 40.61 10.63
C ARG B 510 16.61 41.46 10.95
N LEU B 511 16.75 41.85 12.23
CA LEU B 511 17.94 42.55 12.71
C LEU B 511 19.17 41.62 12.76
N GLU B 512 18.92 40.35 13.09
CA GLU B 512 19.97 39.35 13.33
C GLU B 512 20.71 38.87 12.07
N ASN B 513 19.95 38.37 11.10
CA ASN B 513 20.54 37.94 9.82
C ASN B 513 21.11 39.10 9.02
N LEU B 514 20.74 40.33 9.41
CA LEU B 514 21.41 41.52 8.93
C LEU B 514 22.78 41.66 9.57
N GLU B 515 22.88 41.31 10.86
CA GLU B 515 24.16 41.27 11.56
C GLU B 515 24.96 40.14 10.96
N GLU B 516 24.26 39.04 10.67
CA GLU B 516 24.84 37.87 10.02
C GLU B 516 25.37 38.19 8.63
N LEU B 517 24.61 39.00 7.88
CA LEU B 517 25.08 39.51 6.60
C LEU B 517 26.42 40.23 6.77
N VAL B 518 26.46 41.19 7.69
CA VAL B 518 27.69 41.93 8.01
C VAL B 518 28.80 40.96 8.34
N SER B 519 28.49 39.95 9.16
CA SER B 519 29.48 38.92 9.44
C SER B 519 30.00 38.33 8.14
N ALA B 520 29.10 37.77 7.31
CA ALA B 520 29.47 37.19 6.00
C ALA B 520 30.32 38.11 5.13
N ALA B 521 30.14 39.41 5.32
CA ALA B 521 30.96 40.41 4.66
C ALA B 521 32.39 40.37 5.17
N GLU B 522 32.55 40.13 6.47
CA GLU B 522 33.87 39.92 7.05
C GLU B 522 34.52 38.62 6.48
N GLU B 523 33.71 37.61 6.22
CA GLU B 523 34.20 36.33 5.71
C GLU B 523 34.65 36.45 4.24
N TRP B 524 33.98 37.34 3.51
CA TRP B 524 34.31 37.66 2.12
C TRP B 524 35.77 38.10 1.96
N SER B 525 36.23 38.92 2.89
CA SER B 525 37.56 39.50 2.83
C SER B 525 38.61 38.59 3.44
N GLN B 526 38.17 37.44 3.97
CA GLN B 526 39.08 36.44 4.47
C GLN B 526 39.69 35.69 3.28
N ASP B 527 38.85 34.98 2.53
CA ASP B 527 39.23 34.31 1.29
C ASP B 527 40.07 35.26 0.42
N GLU B 528 41.10 34.74 -0.25
CA GLU B 528 41.96 35.60 -1.09
C GLU B 528 41.20 36.31 -2.23
N ALA B 529 41.51 37.60 -2.41
CA ALA B 529 40.73 38.53 -3.25
C ALA B 529 39.45 39.01 -2.55
N GLY B 533 39.63 42.61 -4.43
CA GLY B 533 38.22 42.34 -4.16
C GLY B 533 37.41 43.57 -3.80
N SER B 534 36.72 44.11 -4.81
CA SER B 534 35.96 45.36 -4.73
C SER B 534 34.68 45.21 -3.94
N ILE B 535 34.21 46.28 -3.29
CA ILE B 535 32.83 46.30 -2.73
C ILE B 535 31.83 45.82 -3.78
N ALA B 536 31.87 46.46 -4.96
CA ALA B 536 31.05 46.04 -6.09
C ALA B 536 30.94 44.53 -6.17
N ASP B 537 32.06 43.83 -5.90
CA ASP B 537 32.16 42.36 -6.00
C ASP B 537 31.31 41.59 -5.01
N PHE B 538 31.42 41.96 -3.74
CA PHE B 538 30.71 41.30 -2.68
C PHE B 538 29.23 41.31 -3.02
N LEU B 539 28.79 42.46 -3.52
CA LEU B 539 27.40 42.75 -3.80
C LEU B 539 26.90 41.94 -4.96
N ASP B 540 27.82 41.57 -5.86
CA ASP B 540 27.47 40.83 -7.05
C ASP B 540 26.98 39.46 -6.59
N ASP B 541 27.65 38.91 -5.59
CA ASP B 541 27.24 37.63 -5.08
C ASP B 541 25.94 37.76 -4.31
N ALA B 542 25.94 38.65 -3.32
CA ALA B 542 24.78 38.90 -2.47
C ALA B 542 23.48 39.02 -3.25
N ALA B 543 23.54 39.65 -4.41
CA ALA B 543 22.37 39.82 -5.26
C ALA B 543 21.74 38.49 -5.70
N LEU B 544 22.58 37.48 -5.75
CA LEU B 544 22.11 36.18 -6.18
C LEU B 544 21.70 35.37 -4.96
N LEU B 545 22.41 35.55 -3.85
CA LEU B 545 22.02 34.87 -2.62
C LEU B 545 20.56 35.08 -2.32
N SER B 546 19.86 33.96 -2.16
CA SER B 546 18.50 33.93 -1.68
C SER B 546 18.65 33.02 -0.49
N SER B 547 18.33 33.52 0.70
CA SER B 547 18.47 32.74 1.92
C SER B 547 19.82 32.84 2.67
N VAL B 548 20.69 33.77 2.28
CA VAL B 548 21.97 33.96 2.99
C VAL B 548 22.82 32.68 3.12
N ASP B 549 23.07 32.04 1.98
CA ASP B 549 23.91 30.84 1.97
C ASP B 549 25.37 31.13 2.32
N ASP B 550 25.91 30.32 3.23
CA ASP B 550 27.29 30.45 3.68
C ASP B 550 28.06 29.12 3.54
N GLY B 559 25.20 28.34 11.02
CA GLY B 559 24.43 27.82 12.16
C GLY B 559 23.84 26.45 11.84
N ALA B 560 23.90 25.54 12.83
CA ALA B 560 23.45 24.13 12.68
C ALA B 560 21.90 23.98 12.64
N PRO B 561 21.38 22.81 12.19
CA PRO B 561 19.93 22.61 11.97
C PRO B 561 19.08 23.06 13.16
N GLU B 562 17.87 23.54 12.88
CA GLU B 562 17.05 24.14 13.94
C GLU B 562 16.47 23.13 14.93
N ASP B 563 16.34 21.88 14.49
CA ASP B 563 15.60 20.86 15.23
C ASP B 563 14.13 21.20 15.27
N ALA B 564 13.58 21.32 14.08
CA ALA B 564 12.15 21.44 13.87
C ALA B 564 11.77 20.37 12.86
N VAL B 565 10.47 20.13 12.76
CA VAL B 565 9.92 19.40 11.63
C VAL B 565 9.97 20.39 10.45
N THR B 566 10.16 19.89 9.24
CA THR B 566 10.25 20.78 8.11
C THR B 566 9.04 20.70 7.25
N LEU B 567 8.63 21.86 6.74
CA LEU B 567 7.49 21.95 5.85
C LEU B 567 7.95 22.60 4.56
N MET B 568 7.64 21.99 3.42
CA MET B 568 8.05 22.58 2.15
C MET B 568 7.20 22.04 1.01
N THR B 569 7.26 22.67 -0.17
CA THR B 569 6.56 22.10 -1.32
C THR B 569 7.39 20.97 -1.85
N LEU B 570 6.77 20.14 -2.67
CA LEU B 570 7.48 19.07 -3.30
C LEU B 570 8.57 19.63 -4.20
N HIS B 571 8.25 20.64 -4.98
CA HIS B 571 9.29 21.36 -5.71
C HIS B 571 10.45 21.69 -4.82
N ASN B 572 10.17 22.31 -3.68
CA ASN B 572 11.25 22.69 -2.80
C ASN B 572 12.09 21.50 -2.33
N ALA B 573 11.47 20.33 -2.23
CA ALA B 573 12.12 19.17 -1.62
C ALA B 573 13.34 18.63 -2.38
N LYS B 574 13.43 18.93 -3.66
CA LYS B 574 14.44 18.35 -4.56
C LYS B 574 15.88 18.53 -4.08
N GLY B 575 16.66 17.44 -4.09
CA GLY B 575 18.04 17.48 -3.61
C GLY B 575 18.20 17.40 -2.10
N LEU B 576 17.12 17.10 -1.37
CA LEU B 576 17.18 17.00 0.07
C LEU B 576 16.60 15.69 0.43
N GLU B 577 16.87 15.19 1.62
CA GLU B 577 16.40 13.87 1.98
C GLU B 577 16.12 13.80 3.46
N PHE B 578 15.11 13.07 3.87
CA PHE B 578 14.85 13.00 5.29
C PHE B 578 14.58 11.57 5.66
N PRO B 579 15.11 11.13 6.83
CA PRO B 579 14.82 9.82 7.42
C PRO B 579 13.32 9.59 7.39
N VAL B 580 12.56 10.65 7.68
CA VAL B 580 11.12 10.51 7.69
C VAL B 580 10.47 11.58 6.89
N VAL B 581 9.52 11.16 6.06
CA VAL B 581 8.82 12.07 5.16
C VAL B 581 7.35 11.81 5.11
N PHE B 582 6.59 12.89 5.20
CA PHE B 582 5.16 12.86 5.14
C PHE B 582 4.80 13.50 3.83
N ILE B 583 3.96 12.85 3.02
CA ILE B 583 3.51 13.45 1.78
C ILE B 583 2.01 13.53 1.91
N VAL B 584 1.50 14.76 1.84
CA VAL B 584 0.11 14.99 2.15
C VAL B 584 -0.63 15.41 0.92
N GLY B 585 -1.96 15.43 1.02
CA GLY B 585 -2.83 15.91 -0.04
C GLY B 585 -2.35 15.29 -1.31
N VAL B 586 -2.47 13.99 -1.38
CA VAL B 586 -2.03 13.24 -2.54
C VAL B 586 -3.33 12.89 -3.23
N GLU B 587 -3.96 13.90 -3.85
CA GLU B 587 -5.31 13.71 -4.44
C GLU B 587 -5.39 14.24 -5.85
N GLN B 588 -6.42 13.86 -6.60
CA GLN B 588 -6.65 14.43 -7.93
C GLN B 588 -6.96 15.88 -7.77
N GLY B 589 -6.44 16.67 -8.69
CA GLY B 589 -6.66 18.11 -8.71
C GLY B 589 -5.83 18.83 -7.68
N LEU B 590 -4.94 18.10 -7.01
CA LEU B 590 -4.00 18.69 -6.08
C LEU B 590 -2.66 18.24 -6.60
N LEU B 591 -2.25 17.06 -6.17
CA LEU B 591 -1.15 16.40 -6.86
C LEU B 591 -1.90 16.04 -8.13
N PRO B 592 -1.23 15.59 -9.20
CA PRO B 592 -1.95 15.53 -10.47
C PRO B 592 -2.83 16.77 -10.48
N SER B 593 -2.21 17.94 -10.50
CA SER B 593 -2.93 19.22 -10.43
C SER B 593 -3.94 19.36 -11.55
N LYS B 594 -5.10 19.90 -11.21
CA LYS B 594 -6.12 20.08 -12.21
C LYS B 594 -5.54 20.84 -13.39
N GLY B 595 -4.83 21.93 -13.14
CA GLY B 595 -4.13 22.60 -14.24
C GLY B 595 -3.41 21.64 -15.17
N ALA B 596 -2.53 20.82 -14.61
CA ALA B 596 -1.78 19.86 -15.39
C ALA B 596 -2.70 18.80 -16.00
N ILE B 597 -3.86 18.58 -15.36
CA ILE B 597 -4.82 17.64 -15.91
C ILE B 597 -5.34 18.14 -17.27
N ALA B 598 -5.48 19.46 -17.42
CA ALA B 598 -5.86 20.05 -18.69
C ALA B 598 -4.80 19.83 -19.78
N GLU B 599 -3.52 19.87 -19.38
CA GLU B 599 -2.38 19.65 -20.29
C GLU B 599 -2.39 18.27 -20.94
N GLY B 600 -3.26 17.40 -20.43
CA GLY B 600 -3.31 16.03 -20.88
C GLY B 600 -2.10 15.28 -20.38
N PRO B 601 -1.73 14.20 -21.08
CA PRO B 601 -0.70 13.25 -20.64
C PRO B 601 0.64 13.93 -20.40
N SER B 602 1.08 14.75 -21.34
CA SER B 602 2.38 15.41 -21.23
C SER B 602 2.52 16.07 -19.86
N GLY B 603 1.42 16.64 -19.39
CA GLY B 603 1.37 17.29 -18.11
C GLY B 603 1.34 16.32 -16.94
N ILE B 604 0.54 15.26 -17.08
CA ILE B 604 0.40 14.22 -16.04
C ILE B 604 1.75 13.60 -15.70
N GLU B 605 2.53 13.35 -16.75
CA GLU B 605 3.91 12.87 -16.63
C GLU B 605 4.77 13.77 -15.74
N GLU B 606 4.61 15.08 -15.91
CA GLU B 606 5.36 16.05 -15.09
C GLU B 606 4.94 15.95 -13.65
N GLU B 607 3.64 15.82 -13.41
CA GLU B 607 3.17 15.67 -12.04
C GLU B 607 3.74 14.42 -11.43
N ARG B 608 3.67 13.32 -12.20
CA ARG B 608 4.22 12.05 -11.78
C ARG B 608 5.69 12.17 -11.40
N ARG B 609 6.44 12.92 -12.21
CA ARG B 609 7.82 13.18 -11.83
C ARG B 609 7.87 13.86 -10.46
N LEU B 610 6.94 14.78 -10.21
CA LEU B 610 6.94 15.47 -8.94
C LEU B 610 6.69 14.51 -7.78
N PHE B 611 5.62 13.71 -7.88
CA PHE B 611 5.33 12.68 -6.87
C PHE B 611 6.56 11.81 -6.65
N TYR B 612 7.14 11.37 -7.75
CA TYR B 612 8.37 10.61 -7.70
C TYR B 612 9.44 11.28 -6.87
N VAL B 613 9.70 12.56 -7.09
CA VAL B 613 10.75 13.25 -6.33
C VAL B 613 10.58 13.12 -4.80
N GLY B 614 9.33 13.21 -4.33
CA GLY B 614 9.04 13.13 -2.90
C GLY B 614 9.47 11.78 -2.37
N ILE B 615 8.95 10.77 -3.03
CA ILE B 615 9.24 9.44 -2.59
C ILE B 615 10.76 9.23 -2.44
N THR B 616 11.53 9.65 -3.45
CA THR B 616 12.96 9.43 -3.46
C THR B 616 13.67 10.18 -2.34
N ARG B 617 12.95 11.10 -1.69
CA ARG B 617 13.53 11.95 -0.64
C ARG B 617 13.46 11.30 0.73
N ALA B 618 12.51 10.38 0.85
CA ALA B 618 12.32 9.63 2.09
C ALA B 618 13.37 8.53 2.20
N MET B 619 14.04 8.45 3.35
CA MET B 619 15.11 7.45 3.57
C MET B 619 14.68 6.23 4.33
N GLU B 620 13.97 6.41 5.43
CA GLU B 620 13.59 5.26 6.22
C GLU B 620 12.10 4.99 6.13
N ARG B 621 11.29 5.98 6.42
CA ARG B 621 9.85 5.79 6.33
C ARG B 621 9.11 6.88 5.61
N LEU B 622 8.12 6.49 4.83
CA LEU B 622 7.32 7.43 4.09
C LEU B 622 5.84 7.26 4.41
N LEU B 623 5.21 8.32 4.89
CA LEU B 623 3.79 8.26 5.18
C LEU B 623 3.09 9.07 4.13
N MET B 624 1.99 8.54 3.59
CA MET B 624 1.19 9.35 2.71
C MET B 624 -0.22 9.65 3.27
N THR B 625 -0.72 10.87 3.03
CA THR B 625 -2.11 11.23 3.37
C THR B 625 -2.88 11.93 2.25
N ALA B 626 -4.18 11.76 2.27
CA ALA B 626 -5.07 12.58 1.46
C ALA B 626 -6.26 12.79 2.34
N ALA B 627 -7.18 13.65 1.94
CA ALA B 627 -8.41 13.81 2.69
C ALA B 627 -9.62 13.30 1.90
N GLN B 628 -10.71 13.01 2.62
CA GLN B 628 -12.01 12.71 2.02
C GLN B 628 -12.54 14.02 1.46
N ASN B 629 -12.43 15.07 2.27
CA ASN B 629 -12.82 16.42 1.90
C ASN B 629 -11.77 17.46 2.24
N ARG B 630 -11.67 18.48 1.40
CA ARG B 630 -10.68 19.54 1.56
C ARG B 630 -11.28 20.87 1.15
N MET B 631 -10.89 21.93 1.86
CA MET B 631 -11.33 23.28 1.55
C MET B 631 -10.21 24.06 0.87
N GLN B 632 -10.54 24.73 -0.24
CA GLN B 632 -9.58 25.56 -0.93
C GLN B 632 -10.23 26.85 -1.36
N PHE B 633 -9.69 27.95 -0.86
CA PHE B 633 -10.13 29.30 -1.23
C PHE B 633 -11.58 29.55 -0.73
N GLY B 634 -11.86 29.07 0.49
CA GLY B 634 -13.23 29.09 0.99
C GLY B 634 -13.97 27.86 0.49
N LYS B 635 -15.08 27.53 1.16
CA LYS B 635 -15.90 26.35 0.84
C LYS B 635 -15.27 25.01 1.31
N THR B 636 -15.93 23.90 0.97
CA THR B 636 -15.44 22.57 1.23
C THR B 636 -15.95 21.70 0.11
N ASN B 637 -15.10 20.84 -0.44
CA ASN B 637 -15.54 19.96 -1.51
C ASN B 637 -15.13 18.52 -1.28
N ALA B 638 -15.74 17.60 -2.03
CA ALA B 638 -15.36 16.20 -1.97
C ALA B 638 -14.02 16.09 -2.65
N ALA B 639 -12.99 15.70 -1.88
CA ALA B 639 -11.66 15.46 -2.44
C ALA B 639 -11.65 14.11 -3.10
N GLU B 640 -11.25 14.09 -4.36
CA GLU B 640 -11.03 12.84 -5.05
C GLU B 640 -9.77 12.23 -4.46
N ASP B 641 -9.22 11.20 -5.09
CA ASP B 641 -8.02 10.54 -4.59
C ASP B 641 -7.01 10.44 -5.75
N SER B 642 -5.71 10.46 -5.45
CA SER B 642 -4.73 10.58 -6.53
C SER B 642 -4.60 9.37 -7.40
N ALA B 643 -4.70 9.59 -8.71
CA ALA B 643 -4.52 8.51 -9.64
C ALA B 643 -3.14 7.84 -9.54
N PHE B 644 -2.15 8.55 -9.02
CA PHE B 644 -0.83 7.94 -8.91
C PHE B 644 -0.86 6.92 -7.80
N LEU B 645 -1.93 6.91 -7.02
CA LEU B 645 -2.04 5.89 -6.02
C LEU B 645 -2.34 4.54 -6.66
N GLU B 646 -3.18 4.57 -7.69
CA GLU B 646 -3.34 3.44 -8.58
C GLU B 646 -1.96 2.95 -9.00
N ASP B 647 -1.24 3.78 -9.75
CA ASP B 647 0.12 3.46 -10.22
C ASP B 647 1.03 2.72 -9.26
N ILE B 648 0.78 2.86 -7.96
CA ILE B 648 1.63 2.22 -6.95
C ILE B 648 0.88 1.31 -5.99
N GLU B 649 -0.38 1.00 -6.33
CA GLU B 649 -1.23 0.08 -5.53
C GLU B 649 -0.50 -1.23 -5.30
N GLY B 650 -0.62 -1.76 -4.08
CA GLY B 650 0.06 -2.98 -3.70
C GLY B 650 1.45 -2.75 -3.11
N LEU B 651 2.08 -1.64 -3.47
CA LEU B 651 3.37 -1.35 -2.89
C LEU B 651 3.28 -0.46 -1.66
N PHE B 652 2.07 -0.31 -1.13
CA PHE B 652 1.82 0.37 0.15
C PHE B 652 0.60 -0.15 0.89
N ASP B 653 0.62 0.02 2.21
CA ASP B 653 -0.48 -0.43 3.05
C ASP B 653 -1.34 0.75 3.41
N THR B 654 -2.65 0.63 3.23
CA THR B 654 -3.60 1.68 3.61
C THR B 654 -3.86 1.58 5.11
N VAL B 655 -4.25 2.67 5.75
CA VAL B 655 -4.33 2.65 7.20
C VAL B 655 -5.40 3.54 7.87
N ASP B 656 -5.82 3.13 9.06
CA ASP B 656 -6.70 3.92 9.88
C ASP B 656 -5.83 4.94 10.60
N PRO B 657 -6.44 5.74 11.47
CA PRO B 657 -5.71 6.81 12.15
C PRO B 657 -4.50 6.34 12.93
N TYR B 658 -4.64 5.24 13.66
CA TYR B 658 -3.49 4.65 14.30
C TYR B 658 -2.93 3.79 13.20
N GLY B 659 -1.72 3.27 13.35
CA GLY B 659 -1.11 2.58 12.23
C GLY B 659 -1.59 1.16 12.15
N GLN B 660 -2.78 0.99 11.58
CA GLN B 660 -3.36 -0.32 11.38
C GLN B 660 -3.69 -0.56 9.93
N PRO B 661 -3.33 -1.74 9.45
CA PRO B 661 -3.51 -2.17 8.08
C PRO B 661 -4.89 -2.02 7.51
N ILE B 662 -5.94 -2.24 8.28
CA ILE B 662 -7.23 -2.19 7.62
C ILE B 662 -7.33 -3.37 6.65
N PRO C 7 15.99 -127.73 -19.78
CA PRO C 7 17.28 -127.22 -19.25
C PRO C 7 18.07 -128.34 -18.54
N ASP C 8 19.33 -128.51 -18.97
CA ASP C 8 20.16 -129.59 -18.45
C ASP C 8 21.11 -129.14 -17.36
N LEU C 9 20.64 -129.26 -16.12
CA LEU C 9 21.26 -128.66 -14.96
C LEU C 9 22.72 -129.01 -14.78
N LEU C 10 23.07 -130.28 -14.96
CA LEU C 10 24.41 -130.74 -14.68
C LEU C 10 25.46 -130.29 -15.67
N GLN C 11 25.00 -129.87 -16.86
CA GLN C 11 25.92 -129.42 -17.92
C GLN C 11 26.19 -127.96 -17.74
N ALA C 12 25.18 -127.26 -17.22
CA ALA C 12 25.16 -125.80 -17.08
C ALA C 12 25.58 -125.32 -15.68
N LEU C 13 25.55 -126.22 -14.70
CA LEU C 13 25.83 -125.85 -13.33
C LEU C 13 26.75 -126.82 -12.54
N ASN C 14 27.43 -126.22 -11.57
CA ASN C 14 28.22 -126.88 -10.56
C ASN C 14 27.39 -127.98 -9.89
N PRO C 15 27.99 -129.15 -9.60
CA PRO C 15 27.35 -130.17 -8.79
C PRO C 15 26.51 -129.60 -7.65
N THR C 16 27.11 -128.78 -6.78
CA THR C 16 26.43 -128.28 -5.58
C THR C 16 25.24 -127.47 -6.06
N GLN C 17 25.53 -126.58 -7.01
CA GLN C 17 24.49 -125.77 -7.65
C GLN C 17 23.39 -126.63 -8.23
N ALA C 18 23.78 -127.62 -9.04
CA ALA C 18 22.83 -128.42 -9.82
C ALA C 18 21.78 -129.11 -8.95
N GLN C 19 22.13 -129.43 -7.71
CA GLN C 19 21.14 -129.95 -6.77
C GLN C 19 20.39 -128.81 -6.06
N ALA C 20 21.09 -127.72 -5.78
CA ALA C 20 20.45 -126.58 -5.15
C ALA C 20 19.31 -126.13 -6.04
N ALA C 21 19.58 -126.01 -7.34
CA ALA C 21 18.56 -125.67 -8.32
C ALA C 21 17.54 -126.79 -8.40
N ASP C 22 17.91 -127.99 -7.95
CA ASP C 22 17.01 -129.14 -8.02
C ASP C 22 15.97 -129.18 -6.89
N HIS C 23 16.27 -128.50 -5.78
CA HIS C 23 15.32 -128.39 -4.68
C HIS C 23 13.93 -128.06 -5.23
N PHE C 24 12.91 -128.63 -4.60
CA PHE C 24 11.55 -128.58 -5.15
C PHE C 24 10.44 -128.21 -4.18
N THR C 25 10.46 -128.74 -2.96
CA THR C 25 9.38 -128.43 -2.02
C THR C 25 9.88 -127.80 -0.73
N GLY C 26 8.99 -127.09 -0.07
CA GLY C 26 9.27 -126.53 1.22
C GLY C 26 10.26 -125.39 1.08
N PRO C 27 10.80 -124.94 2.23
CA PRO C 27 11.80 -123.92 2.17
C PRO C 27 13.19 -124.49 1.90
N ALA C 28 14.02 -123.63 1.32
CA ALA C 28 15.43 -123.87 1.19
C ALA C 28 16.17 -122.53 1.25
N LEU C 29 17.37 -122.58 1.81
CA LEU C 29 18.27 -121.46 1.84
C LEU C 29 19.53 -121.78 1.05
N VAL C 30 19.91 -120.91 0.14
CA VAL C 30 21.22 -121.03 -0.47
C VAL C 30 22.05 -119.92 0.13
N ILE C 31 23.27 -120.25 0.52
CA ILE C 31 24.17 -119.23 1.06
C ILE C 31 25.56 -119.36 0.47
N ALA C 32 26.06 -118.29 -0.13
CA ALA C 32 27.41 -118.30 -0.68
C ALA C 32 27.99 -116.90 -0.76
N GLY C 33 29.32 -116.85 -0.82
CA GLY C 33 30.02 -115.63 -1.17
C GLY C 33 29.63 -115.10 -2.54
N ALA C 34 30.31 -114.04 -2.95
CA ALA C 34 29.92 -113.29 -4.12
C ALA C 34 30.35 -113.96 -5.40
N GLY C 35 29.51 -113.88 -6.42
CA GLY C 35 29.82 -114.44 -7.74
C GLY C 35 29.97 -115.94 -7.71
N SER C 36 29.02 -116.60 -7.06
CA SER C 36 29.07 -118.04 -6.81
C SER C 36 28.03 -118.76 -7.63
N GLY C 37 27.21 -117.98 -8.30
CA GLY C 37 26.09 -118.54 -9.00
C GLY C 37 24.80 -118.46 -8.21
N LYS C 38 24.74 -117.83 -7.10
CA LYS C 38 23.48 -117.75 -6.33
C LYS C 38 22.42 -117.33 -7.34
N THR C 39 22.73 -116.21 -7.90
CA THR C 39 21.75 -115.60 -8.77
C THR C 39 21.49 -116.50 -9.98
N ARG C 40 22.56 -116.96 -10.61
CA ARG C 40 22.47 -117.91 -11.73
C ARG C 40 21.73 -119.22 -11.40
N THR C 41 22.00 -119.75 -10.21
CA THR C 41 21.36 -120.99 -9.72
C THR C 41 19.90 -120.77 -9.54
N LEU C 42 19.57 -119.62 -9.00
CA LEU C 42 18.19 -119.27 -8.82
C LEU C 42 17.50 -119.27 -10.18
N ILE C 43 18.19 -118.79 -11.21
CA ILE C 43 17.60 -118.66 -12.53
C ILE C 43 17.16 -120.00 -13.09
N TYR C 44 18.10 -120.94 -13.11
CA TYR C 44 17.88 -122.30 -13.56
C TYR C 44 16.78 -122.98 -12.73
N ARG C 45 16.78 -122.73 -11.42
CA ARG C 45 15.75 -123.31 -10.59
C ARG C 45 14.39 -123.11 -11.24
N ILE C 46 14.11 -121.89 -11.67
CA ILE C 46 12.88 -121.60 -12.38
C ILE C 46 12.76 -122.50 -13.60
N ALA C 47 13.74 -122.41 -14.50
CA ALA C 47 13.65 -123.08 -15.80
C ALA C 47 13.27 -124.52 -15.55
N HIS C 48 13.77 -125.02 -14.42
CA HIS C 48 13.65 -126.43 -14.05
C HIS C 48 12.22 -126.72 -13.67
N LEU C 49 11.72 -125.97 -12.69
CA LEU C 49 10.41 -126.23 -12.17
C LEU C 49 9.41 -126.27 -13.33
N ILE C 50 9.55 -125.37 -14.29
CA ILE C 50 8.65 -125.41 -15.44
C ILE C 50 8.95 -126.64 -16.26
N GLY C 51 10.19 -126.74 -16.74
CA GLY C 51 10.64 -127.83 -17.60
C GLY C 51 10.62 -129.20 -16.97
N HIS C 52 11.02 -129.29 -15.71
CA HIS C 52 11.09 -130.57 -15.01
C HIS C 52 9.77 -130.81 -14.28
N TYR C 53 9.63 -130.22 -13.11
CA TYR C 53 8.51 -130.48 -12.25
C TYR C 53 7.14 -129.96 -12.74
N GLY C 54 7.03 -129.71 -14.05
CA GLY C 54 5.78 -129.30 -14.69
C GLY C 54 4.96 -128.27 -13.93
N VAL C 55 5.61 -127.16 -13.59
CA VAL C 55 4.97 -126.09 -12.83
C VAL C 55 4.51 -125.02 -13.82
N HIS C 56 3.38 -124.37 -13.51
CA HIS C 56 2.87 -123.22 -14.27
C HIS C 56 3.75 -122.00 -13.97
N PRO C 57 4.27 -121.34 -15.03
CA PRO C 57 5.19 -120.24 -14.74
C PRO C 57 4.45 -119.08 -14.07
N GLY C 58 3.16 -118.97 -14.36
CA GLY C 58 2.26 -118.07 -13.64
C GLY C 58 2.34 -118.28 -12.15
N GLU C 59 2.59 -119.52 -11.74
CA GLU C 59 2.56 -119.94 -10.34
C GLU C 59 3.78 -119.54 -9.52
N ILE C 60 4.81 -118.97 -10.14
CA ILE C 60 5.98 -118.55 -9.33
C ILE C 60 6.34 -117.08 -9.42
N LEU C 61 6.85 -116.57 -8.31
CA LEU C 61 7.46 -115.26 -8.30
C LEU C 61 8.87 -115.26 -7.71
N ALA C 62 9.70 -114.37 -8.24
CA ALA C 62 10.97 -114.03 -7.61
C ALA C 62 10.95 -112.56 -7.24
N VAL C 63 11.25 -112.29 -5.98
CA VAL C 63 11.28 -110.92 -5.49
C VAL C 63 12.70 -110.40 -5.28
N THR C 64 12.96 -109.18 -5.73
CA THR C 64 14.32 -108.66 -5.82
C THR C 64 14.49 -107.26 -5.19
N PHE C 65 15.44 -106.50 -5.75
CA PHE C 65 15.67 -105.08 -5.44
C PHE C 65 15.87 -104.17 -6.64
N THR C 66 15.23 -104.56 -7.74
CA THR C 66 15.05 -103.80 -8.98
C THR C 66 14.28 -104.71 -9.96
N ASN C 67 13.28 -104.14 -10.63
CA ASN C 67 12.51 -104.87 -11.65
C ASN C 67 13.37 -105.27 -12.84
N LYS C 68 14.53 -104.60 -13.00
CA LYS C 68 15.58 -104.91 -13.99
C LYS C 68 16.41 -106.11 -13.56
N ALA C 69 16.63 -106.25 -12.25
CA ALA C 69 17.20 -107.47 -11.73
C ALA C 69 16.33 -108.53 -12.36
N ALA C 70 15.03 -108.39 -12.08
CA ALA C 70 13.98 -109.32 -12.51
C ALA C 70 13.81 -109.45 -14.03
N ALA C 71 13.50 -108.33 -14.69
CA ALA C 71 13.30 -108.32 -16.13
C ALA C 71 14.39 -109.13 -16.85
N GLU C 72 15.65 -108.79 -16.59
CA GLU C 72 16.78 -109.45 -17.23
C GLU C 72 16.84 -110.93 -16.84
N MET C 73 16.25 -111.24 -15.69
CA MET C 73 16.16 -112.60 -15.19
C MET C 73 15.10 -113.43 -15.96
N ARG C 74 14.05 -112.76 -16.45
CA ARG C 74 12.99 -113.42 -17.23
C ARG C 74 13.49 -114.00 -18.55
N GLU C 75 14.08 -113.13 -19.36
CA GLU C 75 14.58 -113.48 -20.70
C GLU C 75 15.39 -114.74 -20.60
N ARG C 76 16.00 -114.94 -19.44
CA ARG C 76 16.87 -116.07 -19.17
C ARG C 76 16.13 -117.41 -19.09
N ALA C 77 15.06 -117.44 -18.29
CA ALA C 77 14.21 -118.62 -18.16
C ALA C 77 13.45 -118.82 -19.45
N GLY C 78 13.21 -117.72 -20.17
CA GLY C 78 12.58 -117.77 -21.48
C GLY C 78 13.40 -118.49 -22.54
N HIS C 79 14.70 -118.19 -22.63
CA HIS C 79 15.55 -118.92 -23.56
C HIS C 79 15.98 -120.25 -22.96
N LEU C 80 15.66 -120.43 -21.67
CA LEU C 80 15.76 -121.74 -21.04
C LEU C 80 14.50 -122.58 -21.30
N VAL C 81 13.33 -122.02 -20.97
CA VAL C 81 12.02 -122.57 -21.41
C VAL C 81 11.13 -121.47 -22.01
N PRO C 82 10.53 -121.75 -23.19
CA PRO C 82 9.42 -120.87 -23.58
C PRO C 82 8.37 -120.86 -22.48
N GLY C 83 7.82 -119.68 -22.21
CA GLY C 83 6.88 -119.52 -21.13
C GLY C 83 7.35 -118.52 -20.08
N ALA C 84 8.26 -117.64 -20.50
CA ALA C 84 8.71 -116.51 -19.67
C ALA C 84 7.62 -115.45 -19.46
N GLY C 85 6.59 -115.49 -20.32
CA GLY C 85 5.47 -114.56 -20.27
C GLY C 85 4.73 -114.57 -18.95
N ASP C 86 4.25 -115.75 -18.54
CA ASP C 86 3.43 -115.89 -17.34
C ASP C 86 4.21 -115.81 -16.02
N LEU C 87 5.49 -115.45 -16.07
CA LEU C 87 6.28 -115.33 -14.86
C LEU C 87 5.77 -114.19 -14.01
N TRP C 88 6.19 -114.15 -12.76
CA TRP C 88 5.96 -112.98 -11.91
C TRP C 88 7.22 -112.56 -11.18
N MET C 89 7.89 -111.54 -11.68
CA MET C 89 9.12 -111.10 -11.05
C MET C 89 9.14 -109.60 -10.88
N SER C 90 9.40 -109.17 -9.65
CA SER C 90 9.37 -107.76 -9.27
C SER C 90 10.05 -107.57 -7.92
N THR C 91 10.13 -106.32 -7.45
CA THR C 91 10.64 -106.04 -6.12
C THR C 91 9.51 -106.34 -5.15
N PHE C 92 9.77 -106.16 -3.85
CA PHE C 92 8.71 -106.19 -2.85
C PHE C 92 7.69 -105.11 -3.17
N HIS C 93 8.16 -103.88 -3.28
CA HIS C 93 7.31 -102.74 -3.59
C HIS C 93 6.53 -102.97 -4.88
N SER C 94 7.19 -103.16 -6.03
CA SER C 94 6.44 -103.29 -7.28
C SER C 94 5.40 -104.39 -7.18
N ALA C 95 5.61 -105.32 -6.26
CA ALA C 95 4.63 -106.37 -5.99
C ALA C 95 3.71 -105.96 -4.85
N GLY C 96 4.29 -105.46 -3.76
CA GLY C 96 3.53 -104.99 -2.59
C GLY C 96 2.57 -103.85 -2.90
N VAL C 97 2.89 -103.06 -3.93
CA VAL C 97 1.95 -102.15 -4.56
C VAL C 97 0.96 -102.90 -5.46
N ARG C 98 1.44 -103.84 -6.27
CA ARG C 98 0.56 -104.64 -7.12
C ARG C 98 -0.41 -105.46 -6.27
N ILE C 99 0.02 -105.87 -5.08
CA ILE C 99 -0.86 -106.58 -4.15
C ILE C 99 -1.98 -105.65 -3.68
N LEU C 100 -1.60 -104.54 -3.06
CA LEU C 100 -2.57 -103.57 -2.58
C LEU C 100 -3.44 -103.09 -3.72
N ARG C 101 -2.82 -102.45 -4.71
CA ARG C 101 -3.54 -101.76 -5.78
C ARG C 101 -4.45 -102.60 -6.68
N THR C 102 -3.95 -103.73 -7.22
CA THR C 102 -4.74 -104.54 -8.17
C THR C 102 -6.13 -104.88 -7.62
N TYR C 103 -6.16 -105.34 -6.37
CA TYR C 103 -7.40 -105.36 -5.63
C TYR C 103 -7.19 -104.96 -4.18
N GLY C 104 -7.61 -103.73 -3.89
CA GLY C 104 -7.64 -103.20 -2.53
C GLY C 104 -9.10 -102.96 -2.21
N GLU C 105 -9.95 -103.81 -2.78
CA GLU C 105 -11.41 -103.75 -2.60
C GLU C 105 -11.81 -103.92 -1.13
N HIS C 106 -10.83 -104.14 -0.27
CA HIS C 106 -11.01 -104.21 1.17
C HIS C 106 -10.08 -103.21 1.88
N ILE C 107 -10.07 -103.27 3.22
CA ILE C 107 -9.30 -102.35 4.07
C ILE C 107 -9.68 -100.88 3.91
N GLY C 108 -10.59 -100.59 2.98
CA GLY C 108 -11.20 -99.27 2.85
C GLY C 108 -10.41 -98.19 2.10
N LEU C 109 -9.25 -98.55 1.56
CA LEU C 109 -8.44 -97.62 0.76
C LEU C 109 -9.21 -97.21 -0.50
N ARG C 110 -9.05 -95.96 -0.91
CA ARG C 110 -9.89 -95.44 -1.98
C ARG C 110 -9.24 -95.57 -3.34
N ARG C 111 -10.08 -95.82 -4.35
CA ARG C 111 -9.66 -95.91 -5.75
C ARG C 111 -8.97 -94.62 -6.20
N GLY C 112 -8.00 -94.75 -7.11
CA GLY C 112 -7.21 -93.61 -7.57
C GLY C 112 -6.33 -92.97 -6.49
N PHE C 113 -5.95 -93.75 -5.48
CA PHE C 113 -5.00 -93.30 -4.45
C PHE C 113 -3.68 -92.93 -5.11
N VAL C 114 -2.81 -92.27 -4.36
CA VAL C 114 -1.52 -91.88 -4.93
C VAL C 114 -0.36 -92.32 -4.03
N ILE C 115 0.86 -92.35 -4.57
CA ILE C 115 2.04 -92.70 -3.80
C ILE C 115 2.94 -91.51 -3.53
N TYR C 116 3.37 -91.38 -2.28
CA TYR C 116 4.27 -90.31 -1.89
C TYR C 116 5.74 -90.72 -1.83
N ASP C 117 6.56 -90.02 -2.61
CA ASP C 117 8.00 -90.26 -2.65
C ASP C 117 8.70 -89.58 -1.45
N ASP C 118 10.03 -89.41 -1.56
CA ASP C 118 10.82 -88.70 -0.54
C ASP C 118 10.30 -87.30 -0.24
N ASP C 119 10.33 -86.44 -1.27
CA ASP C 119 9.95 -85.04 -1.16
C ASP C 119 8.49 -84.86 -0.72
N ASP C 120 7.61 -85.73 -1.23
CA ASP C 120 6.19 -85.75 -0.84
C ASP C 120 6.04 -86.03 0.63
N GLN C 121 6.80 -87.02 1.10
CA GLN C 121 6.83 -87.31 2.52
C GLN C 121 7.12 -86.04 3.32
N LEU C 122 8.21 -85.36 2.97
CA LEU C 122 8.71 -84.18 3.72
C LEU C 122 7.73 -83.03 3.76
N ASP C 123 6.95 -82.89 2.68
CA ASP C 123 5.95 -81.83 2.60
C ASP C 123 4.94 -81.88 3.74
N ILE C 124 4.62 -83.10 4.18
CA ILE C 124 3.75 -83.29 5.34
C ILE C 124 4.50 -83.23 6.66
N ILE C 125 5.78 -83.59 6.63
CA ILE C 125 6.62 -83.58 7.83
C ILE C 125 7.08 -82.17 8.14
N LYS C 126 7.16 -81.33 7.12
CA LYS C 126 7.36 -79.89 7.31
C LYS C 126 6.02 -79.23 7.66
N GLU C 127 4.94 -79.83 7.18
CA GLU C 127 3.57 -79.38 7.44
C GLU C 127 3.24 -79.47 8.93
N VAL C 128 3.05 -80.67 9.42
CA VAL C 128 2.53 -80.87 10.78
C VAL C 128 3.59 -80.84 11.91
N MET C 129 4.71 -80.16 11.67
CA MET C 129 5.88 -80.18 12.58
C MET C 129 5.89 -79.11 13.68
N GLY C 130 5.47 -77.90 13.35
CA GLY C 130 5.41 -76.80 14.31
C GLY C 130 4.56 -77.14 15.51
N SER C 131 3.49 -77.89 15.28
CA SER C 131 2.51 -78.27 16.31
C SER C 131 3.11 -78.96 17.55
N ILE C 132 4.10 -79.84 17.33
CA ILE C 132 4.58 -80.78 18.37
C ILE C 132 5.90 -80.37 19.07
N PRO C 133 6.00 -80.59 20.39
CA PRO C 133 7.12 -80.08 21.21
C PRO C 133 8.48 -80.78 21.03
N GLY C 134 9.23 -80.35 20.02
CA GLY C 134 10.63 -80.71 19.79
C GLY C 134 11.14 -79.83 18.68
N ILE C 135 10.72 -78.56 18.75
CA ILE C 135 10.69 -77.60 17.61
C ILE C 135 11.94 -76.75 17.33
N GLY C 136 12.96 -76.91 18.18
CA GLY C 136 14.18 -76.08 18.12
C GLY C 136 15.19 -76.44 17.03
N ALA C 137 16.10 -77.36 17.37
CA ALA C 137 17.15 -77.84 16.45
C ALA C 137 16.68 -79.07 15.64
N GLU C 138 15.50 -79.56 15.99
CA GLU C 138 14.82 -80.62 15.24
C GLU C 138 13.74 -80.03 14.33
N THR C 139 13.88 -78.73 14.06
CA THR C 139 13.22 -78.07 12.93
C THR C 139 13.69 -78.81 11.68
N GLN C 140 14.99 -79.12 11.65
CA GLN C 140 15.58 -80.11 10.75
C GLN C 140 14.59 -81.27 10.52
N PRO C 141 13.98 -81.36 9.31
CA PRO C 141 12.80 -82.19 9.09
C PRO C 141 13.11 -83.63 8.72
N ARG C 142 14.13 -83.82 7.88
CA ARG C 142 14.52 -85.13 7.37
C ARG C 142 14.63 -86.15 8.48
N VAL C 143 15.24 -85.74 9.60
CA VAL C 143 15.47 -86.59 10.75
C VAL C 143 14.19 -87.31 11.19
N ILE C 144 13.05 -86.64 11.07
CA ILE C 144 11.78 -87.24 11.43
C ILE C 144 11.33 -88.32 10.46
N ARG C 145 11.51 -88.09 9.16
CA ARG C 145 11.01 -89.01 8.13
C ARG C 145 11.74 -90.36 8.17
N GLY C 146 13.00 -90.32 8.60
CA GLY C 146 13.75 -91.54 8.88
C GLY C 146 13.04 -92.30 9.98
N ILE C 147 12.89 -91.64 11.12
CA ILE C 147 12.15 -92.16 12.28
C ILE C 147 10.70 -92.59 12.01
N ILE C 148 10.02 -91.88 11.10
CA ILE C 148 8.71 -92.33 10.58
C ILE C 148 8.85 -93.57 9.69
N ASP C 149 10.02 -93.74 9.07
CA ASP C 149 10.17 -94.82 8.10
C ASP C 149 10.84 -96.11 8.55
N ARG C 150 11.75 -96.05 9.51
CA ARG C 150 12.43 -97.25 10.00
C ARG C 150 11.50 -98.08 10.87
N ALA C 151 10.44 -97.40 11.33
CA ALA C 151 9.37 -98.04 12.06
C ALA C 151 8.53 -98.85 11.08
N LYS C 152 8.09 -98.23 10.00
CA LYS C 152 7.32 -98.92 8.96
C LYS C 152 8.07 -100.13 8.42
N SER C 153 9.35 -100.21 8.77
CA SER C 153 10.24 -101.29 8.37
C SER C 153 10.17 -102.47 9.33
N ASN C 154 9.97 -102.19 10.61
CA ASN C 154 9.74 -103.23 11.61
C ASN C 154 8.26 -103.45 11.94
N LEU C 155 7.40 -102.80 11.16
CA LEU C 155 5.93 -102.86 11.30
C LEU C 155 5.35 -102.08 12.50
N TRP C 156 6.17 -101.25 13.15
CA TRP C 156 5.74 -100.47 14.32
C TRP C 156 4.62 -99.48 14.04
N THR C 157 3.63 -99.47 14.95
CA THR C 157 2.54 -98.49 14.91
C THR C 157 2.91 -97.30 15.84
N PRO C 158 2.15 -96.17 15.76
CA PRO C 158 2.53 -95.10 16.69
C PRO C 158 2.41 -95.47 18.17
N ASP C 159 1.35 -96.17 18.55
CA ASP C 159 1.13 -96.54 19.95
C ASP C 159 2.34 -97.22 20.57
N ASP C 160 2.92 -98.17 19.85
CA ASP C 160 4.05 -98.95 20.38
C ASP C 160 5.39 -98.23 20.27
N LEU C 161 5.48 -97.23 19.41
CA LEU C 161 6.66 -96.37 19.43
C LEU C 161 6.72 -95.56 20.73
N ASP C 162 5.55 -95.21 21.26
CA ASP C 162 5.44 -94.53 22.58
C ASP C 162 6.07 -95.36 23.69
N ARG C 163 6.00 -96.69 23.55
CA ARG C 163 6.41 -97.60 24.61
C ARG C 163 7.86 -98.06 24.39
N SER C 164 8.82 -97.17 24.69
CA SER C 164 10.23 -97.42 24.39
C SER C 164 11.21 -96.97 25.47
N ARG C 165 12.39 -97.62 25.49
CA ARG C 165 13.46 -97.33 26.44
C ARG C 165 13.87 -95.85 26.47
N GLU C 166 14.72 -95.49 25.51
CA GLU C 166 15.45 -94.24 25.52
C GLU C 166 15.03 -93.33 24.36
N PRO C 167 14.30 -92.22 24.66
CA PRO C 167 13.92 -91.28 23.60
C PRO C 167 14.97 -90.20 23.31
N PRO C 173 11.87 -86.85 23.40
CA PRO C 173 10.94 -86.44 22.36
C PRO C 173 9.96 -87.58 22.00
N ARG C 174 9.61 -88.41 22.99
CA ARG C 174 9.04 -89.75 22.76
C ARG C 174 7.63 -89.74 22.19
N ASP C 175 6.69 -89.18 22.93
CA ASP C 175 5.34 -88.96 22.45
C ASP C 175 5.37 -88.01 21.26
N ALA C 176 6.34 -87.10 21.27
CA ALA C 176 6.57 -86.19 20.16
C ALA C 176 6.71 -87.01 18.89
N ALA C 177 7.66 -87.94 18.91
CA ALA C 177 7.96 -88.82 17.78
C ALA C 177 6.71 -89.51 17.25
N ALA C 178 6.03 -90.24 18.11
CA ALA C 178 4.85 -91.01 17.70
C ALA C 178 3.62 -90.16 17.34
N GLU C 179 3.47 -88.98 17.97
CA GLU C 179 2.40 -88.04 17.61
C GLU C 179 2.65 -87.49 16.21
N ALA C 180 3.87 -87.05 15.96
CA ALA C 180 4.29 -86.60 14.63
C ALA C 180 3.87 -87.61 13.56
N TYR C 181 4.14 -88.89 13.85
CA TYR C 181 3.73 -90.03 13.04
C TYR C 181 2.21 -90.21 13.05
N ARG C 182 1.61 -90.12 14.23
CA ARG C 182 0.16 -90.18 14.40
C ARG C 182 -0.55 -89.20 13.45
N ARG C 183 -0.08 -87.95 13.46
CA ARG C 183 -0.64 -86.87 12.64
C ARG C 183 -0.30 -87.07 11.18
N TYR C 184 0.99 -87.31 10.92
CA TYR C 184 1.47 -87.61 9.58
C TYR C 184 0.55 -88.59 8.85
N GLU C 185 0.13 -89.65 9.55
CA GLU C 185 -0.78 -90.64 8.99
C GLU C 185 -2.17 -90.08 8.75
N VAL C 186 -2.79 -89.52 9.79
CA VAL C 186 -4.14 -88.94 9.65
C VAL C 186 -4.15 -87.81 8.62
N ARG C 187 -2.97 -87.29 8.29
CA ARG C 187 -2.82 -86.35 7.18
C ARG C 187 -2.52 -87.10 5.86
N LYS C 188 -1.74 -88.18 5.97
CA LYS C 188 -1.48 -89.09 4.86
C LYS C 188 -2.84 -89.67 4.47
N LYS C 189 -3.53 -90.24 5.45
CA LYS C 189 -4.86 -90.81 5.23
C LYS C 189 -5.77 -89.76 4.63
N GLY C 190 -5.68 -88.54 5.15
CA GLY C 190 -6.37 -87.38 4.59
C GLY C 190 -6.26 -87.28 3.08
N GLN C 191 -5.03 -87.22 2.57
CA GLN C 191 -4.83 -87.17 1.13
C GLN C 191 -5.04 -88.50 0.36
N ASN C 192 -5.31 -89.59 1.09
CA ASN C 192 -5.48 -90.92 0.47
C ASN C 192 -4.28 -91.29 -0.44
N ALA C 193 -3.09 -91.19 0.15
CA ALA C 193 -1.84 -91.48 -0.52
C ALA C 193 -0.93 -92.28 0.40
N ILE C 194 -0.18 -93.23 -0.16
CA ILE C 194 0.57 -94.26 0.59
C ILE C 194 2.11 -94.11 0.44
N ASP C 195 2.88 -94.31 1.52
CA ASP C 195 4.34 -94.22 1.37
C ASP C 195 5.00 -95.60 1.07
N PHE C 196 6.33 -95.60 0.91
CA PHE C 196 7.02 -96.80 0.43
C PHE C 196 6.87 -97.97 1.40
N GLY C 197 7.32 -97.77 2.63
CA GLY C 197 7.18 -98.77 3.68
C GLY C 197 5.74 -99.22 3.80
N ASP C 198 4.82 -98.26 3.64
CA ASP C 198 3.38 -98.53 3.59
C ASP C 198 3.08 -99.64 2.58
N LEU C 199 3.66 -99.52 1.39
CA LEU C 199 3.54 -100.55 0.35
C LEU C 199 3.84 -101.94 0.86
N ILE C 200 4.87 -102.02 1.72
CA ILE C 200 5.16 -103.25 2.38
C ILE C 200 4.19 -103.51 3.53
N THR C 201 3.98 -102.52 4.41
CA THR C 201 3.21 -102.77 5.65
C THR C 201 1.71 -102.92 5.43
N GLU C 202 1.17 -102.19 4.45
CA GLU C 202 -0.26 -102.27 4.14
C GLU C 202 -0.55 -103.54 3.37
N THR C 203 0.45 -103.96 2.60
CA THR C 203 0.42 -105.27 1.98
C THR C 203 0.43 -106.35 3.05
N VAL C 204 1.36 -106.23 4.01
CA VAL C 204 1.41 -107.16 5.14
C VAL C 204 0.07 -107.13 5.83
N ARG C 205 -0.29 -105.94 6.31
CA ARG C 205 -1.47 -105.78 7.13
C ARG C 205 -2.65 -106.50 6.50
N LEU C 206 -3.01 -106.06 5.29
CA LEU C 206 -4.12 -106.63 4.51
C LEU C 206 -4.17 -108.17 4.52
N PHE C 207 -3.03 -108.82 4.26
CA PHE C 207 -2.98 -110.29 4.31
C PHE C 207 -3.51 -110.73 5.68
N LYS C 208 -2.89 -110.20 6.74
CA LYS C 208 -3.23 -110.60 8.10
C LYS C 208 -4.65 -110.21 8.49
N GLU C 209 -5.15 -109.15 7.86
CA GLU C 209 -6.54 -108.70 8.05
C GLU C 209 -7.48 -109.72 7.43
N VAL C 210 -7.37 -109.90 6.12
CA VAL C 210 -8.23 -110.81 5.38
C VAL C 210 -7.41 -112.00 4.89
N PRO C 211 -7.43 -113.11 5.65
CA PRO C 211 -6.69 -114.34 5.32
C PRO C 211 -7.31 -115.08 4.13
N GLY C 212 -8.59 -114.76 3.85
CA GLY C 212 -9.28 -115.27 2.66
C GLY C 212 -8.69 -114.72 1.37
N VAL C 213 -8.28 -113.45 1.42
CA VAL C 213 -7.72 -112.75 0.25
C VAL C 213 -6.29 -113.21 -0.10
N LEU C 214 -5.45 -113.41 0.92
CA LEU C 214 -4.04 -113.82 0.70
C LEU C 214 -3.91 -115.18 0.04
N ASP C 215 -4.83 -116.10 0.37
CA ASP C 215 -4.85 -117.40 -0.27
C ASP C 215 -5.04 -117.24 -1.77
N LYS C 216 -5.88 -116.27 -2.13
CA LYS C 216 -6.17 -115.99 -3.53
C LYS C 216 -4.90 -115.64 -4.29
N VAL C 217 -3.93 -115.04 -3.58
CA VAL C 217 -2.65 -114.60 -4.15
C VAL C 217 -1.64 -115.74 -4.28
N GLN C 218 -1.65 -116.63 -3.29
CA GLN C 218 -0.71 -117.72 -3.24
C GLN C 218 -0.96 -118.75 -4.35
N ASN C 219 -2.00 -118.48 -5.14
CA ASN C 219 -2.26 -119.18 -6.40
C ASN C 219 -1.33 -118.69 -7.51
N LYS C 220 -1.05 -117.39 -7.48
CA LYS C 220 -0.11 -116.76 -8.39
C LYS C 220 1.30 -116.89 -7.82
N ALA C 221 1.40 -117.05 -6.50
CA ALA C 221 2.68 -117.33 -5.85
C ALA C 221 2.72 -118.76 -5.31
N LYS C 222 2.69 -119.73 -6.21
CA LYS C 222 2.77 -121.15 -5.86
C LYS C 222 4.17 -121.45 -5.30
N PHE C 223 5.19 -120.91 -5.96
CA PHE C 223 6.57 -120.99 -5.46
C PHE C 223 7.19 -119.61 -5.31
N ILE C 224 8.02 -119.48 -4.30
CA ILE C 224 8.46 -118.18 -3.84
C ILE C 224 9.98 -118.09 -3.86
N HIS C 225 10.51 -117.29 -4.77
CA HIS C 225 11.94 -116.99 -4.79
C HIS C 225 12.22 -115.59 -4.28
N VAL C 226 13.22 -115.47 -3.41
CA VAL C 226 13.73 -114.19 -2.97
C VAL C 226 15.26 -114.15 -3.05
N ASP C 227 15.76 -113.25 -3.90
CA ASP C 227 17.20 -113.05 -4.10
C ASP C 227 17.68 -111.95 -3.16
N GLU C 228 18.99 -111.79 -3.09
CA GLU C 228 19.59 -110.71 -2.36
C GLU C 228 18.90 -110.54 -1.01
N TYR C 229 18.86 -111.63 -0.27
CA TYR C 229 18.22 -111.69 1.04
C TYR C 229 19.17 -111.11 2.09
N GLN C 230 20.47 -111.07 1.77
CA GLN C 230 21.49 -110.43 2.58
C GLN C 230 20.86 -109.29 3.36
N ASP C 231 20.21 -108.39 2.61
CA ASP C 231 19.63 -107.14 3.10
C ASP C 231 18.13 -107.08 2.90
N THR C 232 17.40 -107.29 4.00
CA THR C 232 15.95 -107.38 3.97
C THR C 232 15.35 -106.96 5.32
N ASN C 233 14.49 -105.95 5.30
CA ASN C 233 13.89 -105.41 6.53
C ASN C 233 12.80 -106.32 7.06
N ARG C 234 12.38 -106.10 8.31
CA ARG C 234 11.42 -107.01 8.94
C ARG C 234 9.97 -106.88 8.46
N ALA C 235 9.66 -105.82 7.73
CA ALA C 235 8.37 -105.71 7.09
C ALA C 235 8.35 -106.72 5.97
N GLN C 236 9.45 -106.78 5.20
CA GLN C 236 9.63 -107.76 4.14
C GLN C 236 9.62 -109.17 4.72
N TYR C 237 10.38 -109.39 5.78
CA TYR C 237 10.45 -110.71 6.38
C TYR C 237 9.04 -111.26 6.70
N GLU C 238 8.20 -110.44 7.32
CA GLU C 238 6.83 -110.86 7.58
C GLU C 238 6.04 -111.10 6.28
N LEU C 239 6.05 -110.14 5.36
CA LEU C 239 5.42 -110.35 4.04
C LEU C 239 5.69 -111.78 3.64
N THR C 240 6.97 -112.04 3.42
CA THR C 240 7.47 -113.34 3.02
C THR C 240 6.86 -114.43 3.91
N ARG C 241 7.27 -114.49 5.17
CA ARG C 241 6.76 -115.51 6.06
C ARG C 241 5.26 -115.73 5.86
N LEU C 242 4.51 -114.64 5.68
CA LEU C 242 3.07 -114.69 5.45
C LEU C 242 2.71 -115.19 4.06
N LEU C 243 3.22 -114.53 3.02
CA LEU C 243 3.02 -114.98 1.64
C LEU C 243 3.19 -116.48 1.54
N ALA C 244 4.10 -117.01 2.36
CA ALA C 244 4.53 -118.39 2.26
C ALA C 244 3.57 -119.36 2.89
N SER C 245 3.25 -119.13 4.16
CA SER C 245 2.73 -120.18 5.06
C SER C 245 1.58 -121.13 4.64
N ARG C 246 0.81 -120.78 3.59
CA ARG C 246 -0.20 -121.69 3.02
C ARG C 246 0.40 -123.08 2.87
N ASP C 247 1.39 -123.18 1.99
CA ASP C 247 2.23 -124.34 1.90
C ASP C 247 3.63 -123.83 1.68
N ARG C 248 4.59 -124.33 2.45
CA ARG C 248 5.95 -123.82 2.36
C ARG C 248 6.65 -124.28 1.07
N ASN C 249 7.03 -123.30 0.26
CA ASN C 249 7.65 -123.53 -1.04
C ASN C 249 8.48 -122.32 -1.41
N LEU C 250 9.36 -121.99 -0.47
CA LEU C 250 10.12 -120.78 -0.48
C LEU C 250 11.58 -121.11 -0.63
N LEU C 251 12.19 -120.59 -1.68
CA LEU C 251 13.64 -120.58 -1.76
C LEU C 251 14.18 -119.15 -1.56
N VAL C 252 15.09 -118.97 -0.61
CA VAL C 252 15.79 -117.70 -0.49
C VAL C 252 17.27 -117.92 -0.75
N VAL C 253 17.92 -116.95 -1.37
CA VAL C 253 19.35 -117.03 -1.65
C VAL C 253 19.98 -115.71 -1.19
N GLY C 254 21.20 -115.74 -0.66
CA GLY C 254 21.81 -114.50 -0.17
C GLY C 254 23.19 -114.65 0.45
N ASP C 255 23.87 -113.54 0.68
CA ASP C 255 25.20 -113.55 1.28
C ASP C 255 25.27 -112.55 2.42
N PRO C 256 25.70 -113.00 3.61
CA PRO C 256 25.73 -112.12 4.76
C PRO C 256 26.75 -111.00 4.58
N ASP C 257 27.91 -111.34 4.05
CA ASP C 257 28.97 -110.36 3.93
C ASP C 257 28.63 -109.33 2.88
N GLN C 258 27.50 -109.49 2.22
CA GLN C 258 27.12 -108.55 1.19
C GLN C 258 25.98 -107.68 1.71
N SER C 259 25.72 -107.76 3.02
CA SER C 259 24.60 -107.05 3.63
C SER C 259 24.91 -105.58 3.96
N ILE C 260 24.53 -104.69 3.05
CA ILE C 260 24.92 -103.29 3.16
C ILE C 260 23.74 -102.33 3.48
N TYR C 261 22.63 -102.85 3.98
CA TYR C 261 21.43 -102.03 4.12
C TYR C 261 20.94 -101.87 5.55
N LYS C 262 21.89 -101.87 6.48
CA LYS C 262 21.60 -101.70 7.90
C LYS C 262 20.93 -100.34 8.16
N PHE C 263 21.44 -99.28 7.53
CA PHE C 263 20.78 -97.98 7.62
C PHE C 263 19.28 -98.05 7.31
N ARG C 264 18.88 -99.04 6.50
CA ARG C 264 17.47 -99.19 6.13
C ARG C 264 16.82 -100.29 6.97
N GLY C 265 17.56 -100.80 7.94
CA GLY C 265 17.01 -101.71 8.92
C GLY C 265 16.95 -103.13 8.43
N ALA C 266 17.60 -103.37 7.29
CA ALA C 266 17.83 -104.72 6.83
C ALA C 266 18.71 -105.42 7.88
N ASP C 267 18.15 -106.47 8.46
CA ASP C 267 18.79 -107.17 9.57
C ASP C 267 19.78 -108.25 9.10
N ILE C 268 21.03 -108.08 9.49
CA ILE C 268 22.04 -109.10 9.24
C ILE C 268 21.54 -110.46 9.74
N GLN C 269 20.95 -110.47 10.93
CA GLN C 269 20.54 -111.71 11.57
C GLN C 269 19.40 -112.45 10.88
N ASN C 270 18.58 -111.71 10.12
CA ASN C 270 17.46 -112.31 9.39
C ASN C 270 17.86 -113.55 8.60
N ILE C 271 19.13 -113.62 8.22
CA ILE C 271 19.65 -114.77 7.51
C ILE C 271 19.78 -116.01 8.41
N LEU C 272 20.33 -115.86 9.62
CA LEU C 272 20.38 -116.99 10.55
C LEU C 272 18.98 -117.26 11.06
N ASP C 273 18.30 -116.18 11.46
CA ASP C 273 16.93 -116.28 11.97
C ASP C 273 16.07 -117.14 11.06
N PHE C 274 16.37 -117.14 9.76
CA PHE C 274 15.61 -117.90 8.77
C PHE C 274 15.60 -119.40 9.07
N GLN C 275 16.74 -119.90 9.53
CA GLN C 275 16.89 -121.30 9.88
C GLN C 275 16.05 -121.58 11.12
N LYS C 276 16.20 -120.70 12.11
CA LYS C 276 15.36 -120.70 13.30
C LYS C 276 13.86 -120.54 12.95
N ASP C 277 13.52 -119.66 12.02
CA ASP C 277 12.15 -119.48 11.54
C ASP C 277 11.61 -120.74 10.85
N TYR C 278 12.48 -121.45 10.15
CA TYR C 278 12.08 -122.58 9.30
C TYR C 278 12.91 -123.83 9.58
N PRO C 279 12.23 -124.92 9.97
CA PRO C 279 12.88 -126.22 10.14
C PRO C 279 13.12 -126.92 8.81
N ASP C 280 12.05 -127.03 8.01
CA ASP C 280 12.09 -127.72 6.71
C ASP C 280 13.26 -127.31 5.82
N ALA C 281 13.59 -126.02 5.89
CA ALA C 281 14.60 -125.42 5.01
C ALA C 281 15.93 -126.15 4.96
N LYS C 282 16.34 -126.48 3.74
CA LYS C 282 17.59 -127.14 3.50
C LYS C 282 18.60 -126.06 3.17
N VAL C 283 19.66 -125.95 3.96
CA VAL C 283 20.79 -125.07 3.62
C VAL C 283 21.70 -125.69 2.53
N TYR C 284 21.77 -125.03 1.38
CA TYR C 284 22.69 -125.35 0.30
C TYR C 284 23.86 -124.36 0.36
N MET C 285 25.11 -124.83 0.31
CA MET C 285 26.22 -123.89 0.46
C MET C 285 27.11 -123.83 -0.77
N LEU C 286 27.65 -122.66 -1.10
CA LEU C 286 28.47 -122.49 -2.29
C LEU C 286 29.84 -121.89 -1.99
N GLU C 287 30.85 -122.44 -2.65
CA GLU C 287 32.24 -122.27 -2.27
C GLU C 287 33.11 -121.74 -3.40
N HIS C 288 32.53 -121.64 -4.60
CA HIS C 288 33.30 -121.19 -5.76
C HIS C 288 32.82 -119.87 -6.36
N ASN C 289 33.80 -119.01 -6.65
CA ASN C 289 33.56 -117.74 -7.29
C ASN C 289 33.93 -117.82 -8.76
N TYR C 290 32.90 -117.69 -9.58
CA TYR C 290 33.04 -117.75 -11.03
C TYR C 290 33.33 -116.40 -11.68
N ARG C 291 33.18 -115.35 -10.89
CA ARG C 291 33.14 -114.05 -11.48
C ARG C 291 34.56 -113.43 -11.55
N SER C 292 35.30 -113.50 -10.46
CA SER C 292 36.50 -112.67 -10.43
C SER C 292 37.77 -113.42 -10.73
N SER C 293 38.74 -112.68 -11.26
CA SER C 293 40.12 -113.09 -11.32
C SER C 293 40.58 -113.32 -9.90
N ALA C 294 41.59 -114.17 -9.74
CA ALA C 294 41.95 -114.67 -8.42
C ALA C 294 42.67 -113.62 -7.59
N ARG C 295 43.30 -112.66 -8.27
CA ARG C 295 43.97 -111.55 -7.62
C ARG C 295 42.95 -110.60 -7.00
N VAL C 296 41.81 -110.46 -7.67
CA VAL C 296 40.67 -109.68 -7.18
C VAL C 296 40.08 -110.36 -5.93
N LEU C 297 39.86 -111.67 -6.05
CA LEU C 297 39.26 -112.47 -4.99
C LEU C 297 40.12 -112.45 -3.75
N GLU C 298 41.43 -112.67 -3.91
CA GLU C 298 42.37 -112.60 -2.77
C GLU C 298 42.22 -111.28 -2.02
N ALA C 299 42.19 -110.17 -2.74
CA ALA C 299 41.96 -108.89 -2.09
C ALA C 299 40.64 -108.99 -1.37
N ALA C 300 39.61 -109.40 -2.09
CA ALA C 300 38.24 -109.39 -1.58
C ALA C 300 38.03 -110.31 -0.38
N ASN C 301 38.70 -111.46 -0.38
CA ASN C 301 38.62 -112.40 0.72
C ASN C 301 39.45 -111.93 1.90
N LYS C 302 40.63 -111.37 1.59
CA LYS C 302 41.51 -110.88 2.65
C LYS C 302 40.94 -109.66 3.34
N LEU C 303 40.15 -108.86 2.65
CA LEU C 303 39.49 -107.74 3.31
C LEU C 303 38.39 -108.25 4.28
N ILE C 304 37.35 -108.86 3.72
CA ILE C 304 36.19 -109.34 4.47
C ILE C 304 36.51 -110.07 5.76
N GLU C 305 37.62 -110.82 5.77
CA GLU C 305 38.06 -111.57 6.95
C GLU C 305 38.23 -110.68 8.19
N ASN C 306 38.23 -109.37 7.97
CA ASN C 306 38.37 -108.40 9.04
C ASN C 306 37.07 -108.16 9.82
N ASN C 307 35.93 -108.43 9.20
CA ASN C 307 34.67 -108.48 9.92
C ASN C 307 34.61 -109.75 10.76
N THR C 308 35.14 -109.69 11.97
CA THR C 308 35.06 -110.81 12.91
C THR C 308 33.63 -110.99 13.39
N GLU C 309 33.28 -112.21 13.78
CA GLU C 309 31.92 -112.51 14.22
C GLU C 309 30.91 -112.49 13.08
N ARG C 310 31.41 -112.33 11.87
CA ARG C 310 30.65 -112.73 10.70
C ARG C 310 30.79 -114.24 10.68
N LEU C 311 29.85 -114.91 10.03
CA LEU C 311 29.93 -116.36 9.84
C LEU C 311 31.17 -116.72 9.03
N ASP C 312 31.46 -118.01 8.91
CA ASP C 312 32.59 -118.43 8.08
C ASP C 312 32.17 -119.16 6.80
N LYS C 313 32.14 -118.42 5.69
CA LYS C 313 32.08 -119.02 4.36
C LYS C 313 33.50 -118.97 3.80
N THR C 314 33.67 -119.38 2.55
CA THR C 314 34.96 -119.21 1.87
C THR C 314 34.79 -119.13 0.36
N LEU C 315 35.77 -118.52 -0.30
CA LEU C 315 35.73 -118.44 -1.75
C LEU C 315 36.98 -119.01 -2.41
N LYS C 316 36.78 -120.03 -3.23
CA LYS C 316 37.87 -120.62 -4.00
C LYS C 316 37.76 -120.10 -5.42
N PRO C 317 38.90 -119.71 -6.01
CA PRO C 317 38.85 -119.20 -7.35
C PRO C 317 38.52 -120.30 -8.34
N VAL C 318 37.73 -119.96 -9.36
CA VAL C 318 37.64 -120.79 -10.55
C VAL C 318 38.58 -120.19 -11.60
N LYS C 319 38.65 -118.85 -11.64
CA LYS C 319 39.48 -118.15 -12.64
C LYS C 319 40.97 -118.07 -12.29
N GLU C 320 41.82 -118.18 -13.30
CA GLU C 320 43.23 -117.93 -13.10
C GLU C 320 43.40 -116.52 -12.52
N ALA C 321 44.46 -116.33 -11.74
CA ALA C 321 44.87 -115.01 -11.31
C ALA C 321 44.94 -114.19 -12.58
N GLY C 322 44.66 -112.90 -12.50
CA GLY C 322 44.67 -112.09 -13.73
C GLY C 322 45.65 -110.96 -13.68
N GLN C 323 45.27 -109.84 -14.26
CA GLN C 323 46.02 -108.61 -14.09
C GLN C 323 45.93 -108.16 -12.63
N PRO C 324 46.97 -107.48 -12.12
CA PRO C 324 47.05 -106.98 -10.76
C PRO C 324 45.96 -105.98 -10.36
N VAL C 325 45.60 -105.96 -9.08
CA VAL C 325 44.75 -104.92 -8.55
C VAL C 325 45.62 -103.72 -8.31
N THR C 326 45.19 -102.59 -8.86
CA THR C 326 45.97 -101.37 -8.79
C THR C 326 45.25 -100.28 -8.01
N PHE C 327 46.05 -99.37 -7.46
CA PHE C 327 45.53 -98.23 -6.75
C PHE C 327 46.32 -96.95 -7.08
N HIS C 328 45.60 -95.86 -7.36
CA HIS C 328 46.25 -94.56 -7.61
C HIS C 328 45.68 -93.38 -6.84
N ARG C 329 46.58 -92.66 -6.16
CA ARG C 329 46.24 -91.47 -5.42
C ARG C 329 46.61 -90.26 -6.27
N ALA C 330 45.66 -89.37 -6.46
CA ALA C 330 45.85 -88.18 -7.29
C ALA C 330 45.95 -86.95 -6.42
N THR C 331 46.48 -85.86 -6.97
CA THR C 331 46.64 -84.61 -6.21
C THR C 331 45.28 -84.08 -5.71
N ASP C 332 44.36 -83.87 -6.63
CA ASP C 332 43.04 -83.42 -6.24
C ASP C 332 41.93 -84.31 -6.85
N HIS C 333 40.69 -83.89 -6.70
CA HIS C 333 39.56 -84.64 -7.21
C HIS C 333 39.48 -84.60 -8.74
N ARG C 334 40.09 -83.59 -9.34
CA ARG C 334 40.19 -83.42 -10.78
C ARG C 334 41.08 -84.52 -11.31
N ALA C 335 42.27 -84.58 -10.74
CA ALA C 335 43.33 -85.43 -11.19
C ALA C 335 42.89 -86.87 -11.05
N GLU C 336 41.98 -87.13 -10.11
CA GLU C 336 41.41 -88.45 -9.95
C GLU C 336 40.43 -88.73 -11.07
N GLY C 337 39.68 -87.71 -11.49
CA GLY C 337 38.66 -87.87 -12.51
C GLY C 337 39.32 -88.03 -13.86
N ASP C 338 40.31 -87.19 -14.10
CA ASP C 338 41.09 -87.21 -15.35
C ASP C 338 41.81 -88.53 -15.56
N TYR C 339 42.27 -89.12 -14.47
CA TYR C 339 42.98 -90.39 -14.51
C TYR C 339 42.07 -91.53 -14.96
N VAL C 340 40.89 -91.62 -14.33
CA VAL C 340 39.89 -92.58 -14.74
C VAL C 340 39.62 -92.35 -16.24
N ALA C 341 39.45 -91.08 -16.62
CA ALA C 341 39.09 -90.78 -18.00
C ALA C 341 40.17 -91.36 -18.90
N ASP C 342 41.41 -91.01 -18.56
CA ASP C 342 42.58 -91.42 -19.30
C ASP C 342 42.63 -92.94 -19.42
N TRP C 343 42.47 -93.63 -18.31
CA TRP C 343 42.48 -95.08 -18.34
C TRP C 343 41.34 -95.76 -19.08
N LEU C 344 40.13 -95.24 -18.97
CA LEU C 344 39.03 -95.79 -19.79
C LEU C 344 39.38 -95.67 -21.26
N THR C 345 40.01 -94.55 -21.62
CA THR C 345 40.40 -94.32 -23.00
C THR C 345 41.32 -95.44 -23.39
N ARG C 346 42.29 -95.71 -22.53
CA ARG C 346 43.31 -96.70 -22.84
C ARG C 346 42.61 -98.04 -23.02
N LEU C 347 41.92 -98.54 -21.99
CA LEU C 347 41.26 -99.85 -22.06
C LEU C 347 40.36 -99.97 -23.28
N HIS C 348 39.51 -98.96 -23.50
CA HIS C 348 38.66 -98.95 -24.68
C HIS C 348 39.56 -99.24 -25.88
N GLY C 349 40.78 -98.70 -25.84
CA GLY C 349 41.77 -98.82 -26.93
C GLY C 349 42.30 -100.21 -27.14
N GLU C 350 42.49 -100.93 -26.03
CA GLU C 350 42.87 -102.36 -26.02
C GLU C 350 41.78 -103.29 -26.61
N GLY C 351 40.65 -102.71 -26.98
CA GLY C 351 39.58 -103.48 -27.57
C GLY C 351 38.49 -103.66 -26.56
N ARG C 352 38.73 -103.18 -25.34
CA ARG C 352 37.68 -103.13 -24.30
C ARG C 352 36.48 -102.24 -24.77
N ALA C 353 35.27 -102.58 -24.35
CA ALA C 353 34.10 -101.80 -24.76
C ALA C 353 33.62 -100.93 -23.59
N TRP C 354 33.06 -99.77 -23.88
CA TRP C 354 32.53 -98.95 -22.80
C TRP C 354 31.62 -99.78 -21.88
N SER C 355 30.67 -100.51 -22.50
CA SER C 355 29.63 -101.31 -21.82
C SER C 355 30.17 -102.10 -20.68
N GLU C 356 31.44 -102.48 -20.78
CA GLU C 356 32.05 -103.41 -19.84
C GLU C 356 32.76 -102.69 -18.72
N MET C 357 32.62 -101.39 -18.65
CA MET C 357 33.36 -100.69 -17.65
C MET C 357 32.38 -99.95 -16.73
N ALA C 358 32.70 -99.90 -15.44
CA ALA C 358 31.87 -99.15 -14.51
C ALA C 358 32.71 -98.44 -13.42
N ILE C 359 32.18 -97.34 -12.92
CA ILE C 359 32.84 -96.58 -11.88
C ILE C 359 31.91 -96.54 -10.66
N LEU C 360 32.46 -96.91 -9.53
CA LEU C 360 31.71 -97.08 -8.32
C LEU C 360 32.23 -96.07 -7.30
N TYR C 361 31.33 -95.24 -6.80
CA TYR C 361 31.65 -94.25 -5.80
C TYR C 361 30.70 -94.40 -4.64
N ARG C 362 31.16 -93.98 -3.47
CA ARG C 362 30.35 -93.93 -2.26
C ARG C 362 29.14 -92.95 -2.28
N THR C 363 29.24 -91.87 -3.07
CA THR C 363 28.31 -90.74 -2.95
C THR C 363 27.91 -90.09 -4.25
N ASN C 364 26.61 -90.00 -4.51
CA ASN C 364 26.13 -89.42 -5.77
C ASN C 364 26.82 -88.15 -6.12
N ALA C 365 27.08 -87.34 -5.10
CA ALA C 365 27.89 -86.14 -5.25
C ALA C 365 29.17 -86.38 -6.05
N GLN C 366 29.85 -87.52 -5.89
CA GLN C 366 31.13 -87.73 -6.59
C GLN C 366 30.98 -87.88 -8.11
N SER C 367 29.78 -88.23 -8.58
CA SER C 367 29.55 -88.36 -10.01
C SER C 367 29.81 -87.09 -10.79
N ARG C 368 29.50 -85.94 -10.21
CA ARG C 368 29.63 -84.67 -10.91
C ARG C 368 30.99 -84.46 -11.58
N VAL C 369 32.06 -84.64 -10.81
CA VAL C 369 33.41 -84.35 -11.28
C VAL C 369 33.93 -85.33 -12.33
N ILE C 370 33.62 -86.62 -12.12
CA ILE C 370 34.04 -87.73 -13.00
C ILE C 370 33.47 -87.54 -14.39
N GLU C 371 32.19 -87.19 -14.42
CA GLU C 371 31.50 -86.90 -15.65
C GLU C 371 32.20 -85.84 -16.45
N GLU C 372 32.75 -84.84 -15.78
CA GLU C 372 33.38 -83.75 -16.48
C GLU C 372 34.54 -84.31 -17.26
N SER C 373 35.28 -85.19 -16.59
CA SER C 373 36.46 -85.75 -17.18
C SER C 373 36.04 -86.47 -18.44
N LEU C 374 35.01 -87.29 -18.32
CA LEU C 374 34.55 -88.11 -19.42
C LEU C 374 33.96 -87.30 -20.57
N ARG C 375 33.32 -86.18 -20.24
CA ARG C 375 32.69 -85.36 -21.26
C ARG C 375 33.75 -84.70 -22.12
N ARG C 376 34.84 -84.26 -21.50
CA ARG C 376 35.92 -83.56 -22.21
C ARG C 376 36.43 -84.42 -23.30
N VAL C 377 36.76 -85.63 -22.89
CA VAL C 377 37.30 -86.64 -23.75
C VAL C 377 36.31 -87.13 -24.77
N GLN C 378 35.03 -87.18 -24.43
CA GLN C 378 34.01 -87.62 -25.37
C GLN C 378 33.61 -89.08 -25.16
N ILE C 379 33.89 -89.61 -23.97
CA ILE C 379 33.43 -90.93 -23.57
C ILE C 379 31.92 -91.00 -23.29
N PRO C 380 31.21 -92.04 -23.80
CA PRO C 380 29.81 -92.20 -23.44
C PRO C 380 29.63 -92.58 -22.00
N ALA C 381 28.85 -91.82 -21.26
CA ALA C 381 28.51 -92.24 -19.91
C ALA C 381 27.00 -92.25 -19.75
N ARG C 382 26.52 -93.01 -18.78
CA ARG C 382 25.20 -92.82 -18.26
C ARG C 382 25.31 -93.07 -16.77
N ILE C 383 24.70 -92.19 -15.97
CA ILE C 383 24.65 -92.33 -14.52
C ILE C 383 23.43 -93.10 -14.04
N VAL C 384 23.52 -93.58 -12.82
CA VAL C 384 22.44 -94.31 -12.20
C VAL C 384 22.00 -93.60 -10.93
N GLY C 385 20.71 -93.30 -10.84
CA GLY C 385 20.14 -92.71 -9.64
C GLY C 385 20.92 -91.55 -9.04
N GLY C 386 21.00 -90.43 -9.76
CA GLY C 386 21.56 -89.22 -9.19
C GLY C 386 20.58 -88.06 -9.21
N VAL C 387 20.16 -87.70 -10.40
CA VAL C 387 19.27 -86.56 -10.65
C VAL C 387 18.15 -87.05 -11.55
N GLY C 388 17.12 -87.58 -10.91
CA GLY C 388 16.01 -88.15 -11.64
C GLY C 388 15.59 -87.22 -12.75
N PHE C 389 15.47 -87.74 -13.96
CA PHE C 389 14.76 -87.02 -15.00
C PHE C 389 13.35 -86.81 -14.45
N TYR C 390 12.87 -87.81 -13.71
CA TYR C 390 11.59 -87.73 -13.05
C TYR C 390 11.67 -86.84 -11.80
N ASP C 391 12.88 -86.41 -11.47
CA ASP C 391 13.14 -85.42 -10.41
C ASP C 391 13.07 -83.98 -10.95
N ARG C 392 13.51 -83.77 -12.19
CA ARG C 392 13.40 -82.47 -12.88
C ARG C 392 11.99 -81.89 -12.73
N ARG C 393 11.92 -80.60 -12.44
CA ARG C 393 10.65 -79.96 -12.14
C ARG C 393 9.63 -80.09 -13.25
N GLU C 394 10.06 -79.86 -14.49
CA GLU C 394 9.17 -79.87 -15.63
C GLU C 394 8.28 -81.08 -15.60
N ILE C 395 8.92 -82.24 -15.50
CA ILE C 395 8.19 -83.48 -15.45
C ILE C 395 7.40 -83.64 -14.16
N ARG C 396 8.04 -83.32 -13.04
CA ARG C 396 7.41 -83.54 -11.75
C ARG C 396 6.11 -82.78 -11.58
N ASP C 397 6.12 -81.50 -11.95
CA ASP C 397 4.92 -80.65 -11.85
C ASP C 397 3.74 -81.24 -12.62
N ILE C 398 3.98 -81.59 -13.88
CA ILE C 398 2.95 -82.23 -14.69
C ILE C 398 2.48 -83.53 -14.05
N LEU C 399 3.41 -84.25 -13.41
CA LEU C 399 3.04 -85.46 -12.66
C LEU C 399 2.12 -85.06 -11.50
N ALA C 400 2.41 -83.90 -10.92
CA ALA C 400 1.52 -83.29 -9.93
C ALA C 400 0.16 -82.97 -10.55
N TYR C 401 0.13 -82.32 -11.71
CA TYR C 401 -1.14 -82.16 -12.42
C TYR C 401 -1.81 -83.50 -12.55
N ALA C 402 -1.03 -84.49 -12.97
CA ALA C 402 -1.54 -85.82 -13.26
C ALA C 402 -2.14 -86.50 -12.03
N ARG C 403 -1.41 -86.48 -10.93
CA ARG C 403 -1.81 -87.23 -9.75
C ARG C 403 -2.94 -86.52 -9.02
N LEU C 404 -2.94 -85.20 -9.12
CA LEU C 404 -4.01 -84.41 -8.54
C LEU C 404 -5.25 -84.48 -9.43
N ALA C 405 -5.04 -84.63 -10.74
CA ALA C 405 -6.15 -84.86 -11.65
C ALA C 405 -6.96 -86.02 -11.11
N LEU C 406 -6.31 -87.18 -11.03
CA LEU C 406 -6.93 -88.39 -10.52
C LEU C 406 -7.41 -88.24 -9.07
N ASN C 407 -6.63 -87.55 -8.26
CA ASN C 407 -6.92 -87.48 -6.84
C ASN C 407 -7.13 -86.05 -6.32
N PRO C 408 -8.41 -85.68 -6.04
CA PRO C 408 -8.74 -84.39 -5.44
C PRO C 408 -7.89 -84.03 -4.22
N ALA C 409 -7.83 -84.94 -3.25
CA ALA C 409 -7.21 -84.66 -1.94
C ALA C 409 -5.72 -84.30 -1.94
N ASP C 410 -5.05 -84.35 -3.09
CA ASP C 410 -3.59 -84.12 -3.11
C ASP C 410 -3.17 -82.66 -3.13
N ASP C 411 -2.99 -82.09 -1.94
CA ASP C 411 -2.54 -80.71 -1.80
C ASP C 411 -1.03 -80.56 -1.96
N VAL C 412 -0.31 -81.59 -1.52
CA VAL C 412 1.14 -81.69 -1.69
C VAL C 412 1.51 -81.35 -3.14
N ALA C 413 0.79 -81.97 -4.08
CA ALA C 413 0.91 -81.68 -5.50
C ALA C 413 0.27 -80.35 -5.85
N LEU C 414 -0.95 -80.13 -5.35
CA LEU C 414 -1.68 -78.89 -5.61
C LEU C 414 -0.75 -77.72 -5.47
N ARG C 415 -0.13 -77.60 -4.30
CA ARG C 415 0.77 -76.50 -4.04
C ARG C 415 1.83 -76.31 -5.15
N ARG C 416 2.33 -77.40 -5.71
CA ARG C 416 3.41 -77.32 -6.69
C ARG C 416 2.94 -76.91 -8.08
N ILE C 417 1.71 -77.26 -8.44
CA ILE C 417 1.15 -76.98 -9.79
C ILE C 417 0.40 -75.66 -9.95
N ILE C 418 -0.13 -75.13 -8.86
CA ILE C 418 -0.89 -73.88 -8.89
C ILE C 418 0.02 -72.70 -9.25
N GLY C 419 1.20 -72.68 -8.62
CA GLY C 419 2.17 -71.61 -8.77
C GLY C 419 2.88 -71.56 -10.11
N ARG C 420 3.32 -72.71 -10.61
CA ARG C 420 4.11 -72.72 -11.84
C ARG C 420 3.35 -72.04 -13.00
N PRO C 421 2.19 -72.60 -13.42
CA PRO C 421 1.33 -71.81 -14.31
C PRO C 421 0.58 -70.76 -13.52
N ARG C 422 1.03 -69.51 -13.63
CA ARG C 422 0.51 -68.43 -12.81
C ARG C 422 -0.96 -68.19 -13.05
N ARG C 423 -1.75 -68.32 -12.00
CA ARG C 423 -3.20 -68.18 -12.14
C ARG C 423 -3.77 -66.98 -11.41
N GLY C 424 -2.92 -66.03 -11.04
CA GLY C 424 -3.34 -64.97 -10.15
C GLY C 424 -3.84 -65.59 -8.85
N ILE C 425 -3.30 -66.75 -8.50
CA ILE C 425 -3.66 -67.46 -7.27
C ILE C 425 -2.84 -67.00 -6.06
N GLY C 426 -3.56 -66.49 -5.07
CA GLY C 426 -2.99 -65.76 -3.97
C GLY C 426 -2.29 -66.52 -2.87
N ASP C 427 -1.02 -66.18 -2.69
CA ASP C 427 -0.30 -66.55 -1.49
C ASP C 427 -1.26 -66.38 -0.31
N THR C 428 -2.00 -65.28 -0.30
CA THR C 428 -3.04 -65.06 0.72
C THR C 428 -4.30 -65.91 0.44
N ALA C 429 -4.63 -66.10 -0.83
CA ALA C 429 -5.79 -66.93 -1.19
C ALA C 429 -5.57 -68.33 -0.64
N LEU C 430 -4.36 -68.84 -0.83
CA LEU C 430 -3.94 -70.10 -0.23
C LEU C 430 -4.34 -70.16 1.24
N GLN C 431 -3.66 -69.38 2.07
CA GLN C 431 -3.84 -69.45 3.53
C GLN C 431 -5.29 -69.28 3.96
N LYS C 432 -6.07 -68.53 3.16
CA LYS C 432 -7.52 -68.45 3.32
C LYS C 432 -8.21 -69.78 2.97
N LEU C 433 -7.75 -70.41 1.88
CA LEU C 433 -8.27 -71.70 1.41
C LEU C 433 -7.75 -72.89 2.23
N MET C 434 -6.51 -72.75 2.71
CA MET C 434 -5.89 -73.76 3.57
C MET C 434 -6.49 -73.74 4.97
N GLU C 435 -7.12 -72.63 5.34
CA GLU C 435 -7.95 -72.55 6.54
C GLU C 435 -9.29 -73.25 6.28
N TRP C 436 -9.74 -73.23 5.02
CA TRP C 436 -10.95 -73.94 4.58
C TRP C 436 -10.78 -75.45 4.70
N ALA C 437 -9.58 -75.93 4.40
CA ALA C 437 -9.17 -77.29 4.70
C ALA C 437 -9.39 -77.61 6.18
N ARG C 438 -8.82 -76.77 7.05
CA ARG C 438 -8.86 -76.97 8.51
C ARG C 438 -10.21 -76.69 9.15
N THR C 439 -11.08 -75.93 8.48
CA THR C 439 -12.44 -75.73 8.99
C THR C 439 -13.37 -76.89 8.62
N HIS C 440 -13.38 -77.26 7.35
CA HIS C 440 -14.27 -78.31 6.85
C HIS C 440 -13.72 -79.73 6.93
N HIS C 441 -12.43 -79.86 7.29
CA HIS C 441 -11.69 -81.15 7.23
C HIS C 441 -11.70 -81.70 5.79
N THR C 442 -11.82 -80.78 4.83
CA THR C 442 -12.08 -81.12 3.42
C THR C 442 -10.85 -81.52 2.61
N SER C 443 -11.10 -82.25 1.53
CA SER C 443 -10.14 -82.37 0.44
C SER C 443 -9.85 -80.95 -0.06
N VAL C 444 -8.59 -80.69 -0.34
CA VAL C 444 -8.15 -79.34 -0.69
C VAL C 444 -8.84 -78.81 -1.95
N LEU C 445 -8.86 -79.61 -3.02
CA LEU C 445 -9.44 -79.23 -4.32
C LEU C 445 -10.94 -78.97 -4.29
N THR C 446 -11.64 -79.61 -3.36
CA THR C 446 -13.06 -79.35 -3.17
C THR C 446 -13.23 -77.95 -2.57
N ALA C 447 -12.32 -77.57 -1.68
CA ALA C 447 -12.35 -76.24 -1.04
C ALA C 447 -12.18 -75.13 -2.08
N CYS C 448 -11.21 -75.29 -2.97
CA CYS C 448 -10.91 -74.31 -4.00
C CYS C 448 -12.07 -74.19 -4.98
N ALA C 449 -12.56 -75.34 -5.44
CA ALA C 449 -13.70 -75.40 -6.35
C ALA C 449 -14.84 -74.51 -5.88
N ASN C 450 -15.22 -74.67 -4.61
CA ASN C 450 -16.34 -73.93 -4.03
C ASN C 450 -15.93 -72.91 -2.98
N ALA C 461 -11.95 -63.58 -7.21
CA ALA C 461 -11.75 -64.87 -6.57
C ALA C 461 -12.35 -66.01 -7.41
N HIS C 462 -12.47 -65.74 -8.71
CA HIS C 462 -13.14 -66.63 -9.65
C HIS C 462 -12.16 -67.49 -10.43
N LYS C 463 -10.88 -67.38 -10.06
CA LYS C 463 -9.84 -68.29 -10.58
C LYS C 463 -10.03 -69.72 -10.06
N ALA C 464 -10.66 -69.84 -8.89
CA ALA C 464 -10.98 -71.12 -8.27
C ALA C 464 -12.00 -71.92 -9.07
N THR C 465 -12.97 -71.23 -9.67
CA THR C 465 -13.93 -71.89 -10.56
C THR C 465 -13.25 -72.32 -11.86
N GLU C 466 -12.30 -71.52 -12.34
CA GLU C 466 -11.56 -71.81 -13.59
C GLU C 466 -10.56 -72.95 -13.40
N PHE C 467 -9.79 -72.86 -12.31
CA PHE C 467 -8.87 -73.91 -11.89
C PHE C 467 -9.63 -75.19 -11.65
N ALA C 468 -10.81 -75.07 -11.03
CA ALA C 468 -11.70 -76.21 -10.79
C ALA C 468 -12.23 -76.80 -12.08
N GLY C 469 -12.59 -75.93 -13.02
CA GLY C 469 -13.07 -76.36 -14.34
C GLY C 469 -12.00 -77.05 -15.15
N LEU C 470 -10.76 -76.56 -15.03
CA LEU C 470 -9.59 -77.15 -15.67
C LEU C 470 -9.23 -78.49 -15.03
N MET C 471 -9.17 -78.51 -13.70
CA MET C 471 -8.82 -79.72 -12.95
C MET C 471 -9.90 -80.75 -13.13
N GLU C 472 -11.14 -80.35 -12.85
CA GLU C 472 -12.31 -81.19 -13.08
C GLU C 472 -12.30 -81.79 -14.49
N ALA C 473 -11.91 -80.98 -15.48
CA ALA C 473 -11.80 -81.43 -16.87
C ALA C 473 -10.76 -82.53 -17.02
N MET C 474 -9.54 -82.24 -16.59
CA MET C 474 -8.44 -83.21 -16.69
C MET C 474 -8.83 -84.61 -16.20
N SER C 475 -9.46 -84.69 -15.03
CA SER C 475 -9.90 -85.97 -14.46
C SER C 475 -11.13 -86.56 -15.16
N GLU C 476 -11.98 -85.67 -15.67
CA GLU C 476 -13.18 -86.09 -16.40
C GLU C 476 -12.77 -86.52 -17.82
N ALA C 477 -11.78 -85.83 -18.38
CA ALA C 477 -11.25 -86.16 -19.70
C ALA C 477 -10.06 -87.14 -19.61
N ALA C 478 -9.79 -87.62 -18.40
CA ALA C 478 -8.74 -88.61 -18.17
C ALA C 478 -9.12 -90.00 -18.66
N ASP C 479 -10.40 -90.35 -18.54
CA ASP C 479 -10.86 -91.68 -18.93
C ASP C 479 -11.01 -91.85 -20.45
N ASN C 480 -11.41 -90.77 -21.13
CA ASN C 480 -11.60 -90.80 -22.59
C ASN C 480 -10.30 -90.66 -23.38
N TYR C 481 -9.24 -90.21 -22.71
CA TYR C 481 -7.94 -89.90 -23.36
C TYR C 481 -6.79 -90.81 -22.87
N GLU C 482 -6.12 -91.47 -23.82
CA GLU C 482 -5.03 -92.40 -23.52
C GLU C 482 -3.85 -91.64 -22.92
N PRO C 483 -3.01 -92.31 -22.13
CA PRO C 483 -1.91 -91.65 -21.42
C PRO C 483 -0.99 -90.76 -22.26
N ALA C 484 -0.42 -91.28 -23.34
CA ALA C 484 0.54 -90.48 -24.11
C ALA C 484 -0.07 -89.21 -24.71
N ALA C 485 -1.28 -89.33 -25.24
CA ALA C 485 -1.98 -88.17 -25.79
C ALA C 485 -2.52 -87.33 -24.63
N PHE C 486 -2.83 -88.03 -23.53
CA PHE C 486 -3.38 -87.43 -22.33
C PHE C 486 -2.48 -86.39 -21.70
N LEU C 487 -1.20 -86.76 -21.55
CA LEU C 487 -0.25 -85.80 -21.01
C LEU C 487 -0.17 -84.48 -21.75
N ARG C 488 -0.33 -84.51 -23.07
CA ARG C 488 -0.34 -83.28 -23.87
C ARG C 488 -1.64 -82.46 -23.68
N PHE C 489 -2.73 -83.12 -23.24
CA PHE C 489 -3.98 -82.43 -22.92
C PHE C 489 -3.78 -81.53 -21.70
N VAL C 490 -3.14 -82.08 -20.66
CA VAL C 490 -2.83 -81.33 -19.44
C VAL C 490 -1.84 -80.21 -19.72
N MET C 491 -0.83 -80.50 -20.53
CA MET C 491 0.24 -79.54 -20.78
C MET C 491 -0.24 -78.28 -21.48
N GLU C 492 -1.12 -78.46 -22.47
CA GLU C 492 -1.69 -77.32 -23.18
C GLU C 492 -2.68 -76.58 -22.27
N THR C 493 -3.68 -77.30 -21.76
CA THR C 493 -4.71 -76.71 -20.90
C THR C 493 -4.10 -76.03 -19.69
N SER C 494 -3.15 -76.69 -19.03
CA SER C 494 -2.42 -76.08 -17.91
C SER C 494 -1.79 -74.76 -18.32
N GLY C 495 -1.29 -74.73 -19.56
CA GLY C 495 -0.51 -73.61 -20.05
C GLY C 495 0.95 -73.80 -19.74
N TYR C 496 1.30 -74.94 -19.11
CA TYR C 496 2.68 -75.16 -18.70
C TYR C 496 3.56 -74.90 -19.90
N LEU C 497 2.98 -75.24 -21.05
CA LEU C 497 3.49 -74.89 -22.35
C LEU C 497 3.76 -73.39 -22.42
N ASP C 498 2.69 -72.60 -22.39
CA ASP C 498 2.78 -71.14 -22.57
C ASP C 498 3.83 -70.47 -21.67
N LEU C 499 3.89 -70.88 -20.40
CA LEU C 499 4.86 -70.31 -19.46
C LEU C 499 6.26 -70.63 -19.93
N LEU C 500 6.43 -71.87 -20.37
CA LEU C 500 7.69 -72.34 -20.88
C LEU C 500 7.96 -71.68 -22.23
N ARG C 501 6.89 -71.34 -22.94
CA ARG C 501 6.97 -70.73 -24.26
C ARG C 501 7.27 -69.22 -24.20
N GLN C 502 6.79 -68.55 -23.15
CA GLN C 502 7.06 -67.13 -22.96
C GLN C 502 8.50 -66.83 -22.51
N GLU C 503 8.98 -67.62 -21.55
CA GLU C 503 10.37 -67.53 -21.10
C GLU C 503 11.07 -68.88 -21.25
N GLY C 504 11.44 -69.21 -22.49
CA GLY C 504 11.97 -70.54 -22.80
C GLY C 504 13.24 -70.58 -23.64
N GLN C 505 14.20 -69.70 -23.33
CA GLN C 505 15.52 -69.78 -23.94
C GLN C 505 16.30 -70.90 -23.27
N GLU C 506 16.45 -70.80 -21.96
CA GLU C 506 16.92 -71.92 -21.15
C GLU C 506 15.77 -72.90 -21.00
N GLY C 507 14.55 -72.39 -21.15
CA GLY C 507 13.35 -73.20 -21.01
C GLY C 507 13.13 -74.17 -22.16
N GLN C 508 13.78 -73.93 -23.30
CA GLN C 508 13.62 -74.82 -24.45
C GLN C 508 14.12 -76.23 -24.15
N VAL C 509 15.13 -76.34 -23.28
CA VAL C 509 15.62 -77.63 -22.82
C VAL C 509 14.55 -78.30 -21.95
N ARG C 510 13.72 -77.47 -21.33
CA ARG C 510 12.71 -77.96 -20.38
C ARG C 510 11.49 -78.57 -21.08
N LEU C 511 11.04 -77.96 -22.17
CA LEU C 511 9.96 -78.55 -22.98
C LEU C 511 10.44 -79.83 -23.64
N GLU C 512 11.73 -79.89 -23.95
CA GLU C 512 12.31 -81.05 -24.60
C GLU C 512 12.15 -82.27 -23.69
N ASN C 513 12.43 -82.09 -22.40
CA ASN C 513 12.17 -83.14 -21.41
C ASN C 513 10.71 -83.50 -21.41
N LEU C 514 9.87 -82.48 -21.56
CA LEU C 514 8.42 -82.66 -21.53
C LEU C 514 7.89 -83.14 -22.87
N GLU C 515 8.72 -83.00 -23.91
CA GLU C 515 8.53 -83.69 -25.18
C GLU C 515 8.94 -85.13 -24.94
N GLU C 516 10.09 -85.31 -24.29
CA GLU C 516 10.60 -86.64 -23.91
C GLU C 516 9.58 -87.45 -23.11
N LEU C 517 8.93 -86.80 -22.14
CA LEU C 517 7.87 -87.43 -21.36
C LEU C 517 6.79 -88.06 -22.25
N VAL C 518 6.51 -87.40 -23.39
CA VAL C 518 5.56 -87.94 -24.38
C VAL C 518 6.15 -89.22 -25.02
N SER C 519 7.41 -89.15 -25.44
CA SER C 519 8.11 -90.29 -26.06
C SER C 519 8.23 -91.51 -25.12
N ALA C 520 8.40 -91.24 -23.83
CA ALA C 520 8.53 -92.28 -22.81
C ALA C 520 7.19 -92.91 -22.46
N ALA C 521 6.11 -92.17 -22.65
CA ALA C 521 4.76 -92.72 -22.49
C ALA C 521 4.40 -93.61 -23.67
N GLU C 522 5.11 -93.41 -24.79
CA GLU C 522 4.92 -94.18 -26.02
C GLU C 522 5.84 -95.42 -26.06
N GLU C 523 6.93 -95.36 -25.29
CA GLU C 523 7.79 -96.53 -25.02
C GLU C 523 6.94 -97.55 -24.28
N TRP C 524 6.33 -97.09 -23.20
CA TRP C 524 5.41 -97.86 -22.39
C TRP C 524 4.18 -98.27 -23.19
N SER C 525 3.89 -97.52 -24.27
CA SER C 525 2.74 -97.80 -25.12
C SER C 525 2.95 -99.06 -25.97
N GLN C 526 4.20 -99.50 -26.10
CA GLN C 526 4.50 -100.76 -26.79
C GLN C 526 4.14 -102.00 -25.93
N ASP C 527 4.33 -101.88 -24.62
CA ASP C 527 4.05 -102.96 -23.68
C ASP C 527 2.65 -102.83 -23.04
N GLU C 528 2.12 -103.93 -22.52
CA GLU C 528 0.84 -103.92 -21.79
C GLU C 528 1.08 -103.86 -20.27
N ALA C 529 2.23 -103.29 -19.91
CA ALA C 529 2.76 -103.22 -18.54
C ALA C 529 1.90 -103.85 -17.43
N ILE C 535 -1.49 -95.98 -16.99
CA ILE C 535 -2.26 -94.74 -16.82
C ILE C 535 -1.89 -94.07 -15.48
N ALA C 536 -2.74 -94.23 -14.45
CA ALA C 536 -2.35 -93.96 -13.07
C ALA C 536 -1.28 -94.97 -12.73
N ASP C 537 -1.45 -96.16 -13.32
CA ASP C 537 -0.45 -97.22 -13.32
C ASP C 537 0.91 -96.65 -13.70
N PHE C 538 0.94 -95.87 -14.79
CA PHE C 538 2.18 -95.29 -15.28
C PHE C 538 2.94 -94.60 -14.16
N LEU C 539 2.22 -93.79 -13.40
CA LEU C 539 2.81 -93.05 -12.31
C LEU C 539 3.34 -93.99 -11.24
N ASP C 540 2.59 -95.03 -10.91
CA ASP C 540 3.01 -96.03 -9.92
C ASP C 540 4.42 -96.47 -10.16
N ASP C 541 4.65 -97.02 -11.34
CA ASP C 541 5.99 -97.37 -11.74
C ASP C 541 6.96 -96.23 -11.46
N ALA C 542 6.66 -95.03 -11.97
CA ALA C 542 7.54 -93.86 -11.82
C ALA C 542 7.92 -93.58 -10.36
N ALA C 543 6.99 -93.86 -9.44
CA ALA C 543 7.25 -93.74 -8.01
C ALA C 543 8.18 -94.87 -7.56
N LEU C 544 7.82 -96.09 -7.97
CA LEU C 544 8.56 -97.31 -7.62
C LEU C 544 9.92 -97.45 -8.30
N LEU C 545 10.10 -96.74 -9.41
CA LEU C 545 11.25 -96.92 -10.24
C LEU C 545 12.50 -96.95 -9.40
N SER C 546 13.19 -98.07 -9.53
CA SER C 546 14.47 -98.30 -8.91
C SER C 546 15.44 -97.48 -9.73
N SER C 547 16.56 -97.08 -9.16
CA SER C 547 17.50 -96.31 -9.93
C SER C 547 17.82 -97.04 -11.22
N VAL C 548 17.99 -98.36 -11.13
CA VAL C 548 18.38 -99.17 -12.29
C VAL C 548 17.23 -99.54 -13.26
N ASP C 549 15.98 -99.21 -12.90
CA ASP C 549 14.80 -99.52 -13.72
C ASP C 549 14.85 -98.86 -15.11
N ASP C 550 14.15 -99.48 -16.07
CA ASP C 550 14.14 -99.05 -17.49
C ASP C 550 13.57 -97.64 -17.72
N MET C 551 12.42 -97.36 -17.10
CA MET C 551 11.77 -96.03 -17.13
C MET C 551 12.78 -94.93 -16.80
N ARG C 552 13.37 -95.05 -15.61
CA ARG C 552 14.35 -94.11 -15.10
C ARG C 552 15.59 -93.96 -16.00
N THR C 553 16.04 -95.06 -16.61
CA THR C 553 17.27 -95.05 -17.41
C THR C 553 17.14 -94.45 -18.82
N LYS C 554 16.30 -95.04 -19.67
CA LYS C 554 16.11 -94.56 -21.05
C LYS C 554 15.78 -93.07 -21.11
N ALA C 555 14.79 -92.66 -20.30
CA ALA C 555 14.36 -91.28 -20.21
C ALA C 555 15.49 -90.32 -19.81
N GLU C 556 16.33 -90.73 -18.86
CA GLU C 556 17.46 -89.91 -18.38
C GLU C 556 18.55 -89.73 -19.44
N PRO C 561 23.62 -93.87 -26.54
CA PRO C 561 24.01 -95.15 -27.11
C PRO C 561 24.09 -96.27 -26.06
N GLU C 562 23.97 -97.53 -26.50
CA GLU C 562 23.97 -98.69 -25.60
C GLU C 562 25.36 -99.07 -25.06
N ASP C 563 26.37 -98.87 -25.88
CA ASP C 563 27.73 -98.98 -25.41
C ASP C 563 28.11 -97.68 -24.72
N ALA C 564 27.94 -97.65 -23.40
CA ALA C 564 28.39 -96.51 -22.61
C ALA C 564 28.87 -96.95 -21.25
N VAL C 565 29.86 -96.23 -20.74
CA VAL C 565 30.37 -96.41 -19.38
C VAL C 565 29.29 -96.11 -18.34
N THR C 566 29.30 -96.82 -17.22
CA THR C 566 28.23 -96.74 -16.24
C THR C 566 28.77 -96.18 -14.96
N LEU C 567 28.04 -95.23 -14.40
CA LEU C 567 28.45 -94.62 -13.14
C LEU C 567 27.39 -94.93 -12.12
N MET C 568 27.78 -95.47 -10.97
CA MET C 568 26.80 -95.77 -9.98
C MET C 568 27.40 -95.83 -8.64
N THR C 569 26.53 -95.93 -7.66
CA THR C 569 26.93 -95.95 -6.29
C THR C 569 27.43 -97.36 -5.93
N LEU C 570 28.32 -97.47 -4.95
CA LEU C 570 28.70 -98.80 -4.48
C LEU C 570 27.40 -99.57 -4.19
N HIS C 571 26.51 -98.96 -3.38
CA HIS C 571 25.23 -99.61 -3.06
C HIS C 571 24.52 -100.15 -4.27
N ASN C 572 24.27 -99.31 -5.27
CA ASN C 572 23.59 -99.76 -6.48
C ASN C 572 24.30 -100.91 -7.20
N ALA C 573 25.62 -100.97 -7.04
CA ALA C 573 26.45 -101.94 -7.74
C ALA C 573 25.95 -103.35 -7.52
N LYS C 574 25.37 -103.56 -6.34
CA LYS C 574 24.90 -104.86 -5.82
C LYS C 574 24.17 -105.78 -6.79
N GLY C 575 24.75 -106.95 -7.02
CA GLY C 575 24.15 -108.00 -7.87
C GLY C 575 24.51 -107.95 -9.36
N LEU C 576 25.50 -107.12 -9.70
CA LEU C 576 25.91 -106.90 -11.08
C LEU C 576 27.38 -107.23 -11.19
N GLU C 577 27.92 -107.17 -12.41
CA GLU C 577 29.32 -107.50 -12.62
C GLU C 577 29.85 -106.75 -13.80
N PHE C 578 31.13 -106.36 -13.72
CA PHE C 578 31.79 -105.69 -14.82
C PHE C 578 33.18 -106.22 -14.96
N PRO C 579 33.60 -106.52 -16.21
CA PRO C 579 34.97 -106.95 -16.52
C PRO C 579 35.94 -105.97 -15.92
N VAL C 580 35.72 -104.66 -16.15
CA VAL C 580 36.57 -103.60 -15.59
C VAL C 580 35.78 -102.74 -14.62
N VAL C 581 36.37 -102.50 -13.45
CA VAL C 581 35.71 -101.75 -12.39
C VAL C 581 36.64 -100.72 -11.82
N PHE C 582 36.14 -99.49 -11.74
CA PHE C 582 36.85 -98.42 -11.07
C PHE C 582 36.16 -98.20 -9.77
N ILE C 583 36.93 -98.00 -8.71
CA ILE C 583 36.39 -97.55 -7.46
C ILE C 583 37.10 -96.29 -7.03
N VAL C 584 36.38 -95.15 -7.09
CA VAL C 584 36.93 -93.81 -6.84
C VAL C 584 36.65 -93.35 -5.43
N GLY C 585 37.46 -92.43 -4.91
CA GLY C 585 37.20 -91.86 -3.61
C GLY C 585 37.15 -92.95 -2.57
N VAL C 586 38.29 -93.63 -2.41
CA VAL C 586 38.54 -94.65 -1.38
C VAL C 586 39.32 -93.96 -0.25
N GLU C 587 38.58 -93.14 0.51
CA GLU C 587 39.15 -92.26 1.52
C GLU C 587 38.45 -92.40 2.86
N GLN C 588 39.06 -91.85 3.91
CA GLN C 588 38.55 -91.96 5.28
C GLN C 588 37.10 -91.54 5.52
N GLY C 589 36.80 -90.26 5.33
CA GLY C 589 35.43 -89.82 5.52
C GLY C 589 34.50 -90.58 4.61
N LEU C 590 34.94 -90.76 3.37
CA LEU C 590 34.17 -91.47 2.35
C LEU C 590 33.96 -92.97 2.18
N LEU C 591 35.05 -93.72 2.25
CA LEU C 591 34.97 -95.15 1.94
C LEU C 591 34.56 -96.12 3.12
N PRO C 592 34.62 -95.51 4.31
CA PRO C 592 33.90 -95.94 5.50
C PRO C 592 32.74 -94.96 5.81
N SER C 593 32.95 -93.67 5.58
CA SER C 593 31.92 -92.62 5.79
C SER C 593 31.97 -92.14 7.23
N LYS C 594 31.87 -90.83 7.42
CA LYS C 594 31.90 -90.29 8.78
C LYS C 594 30.75 -90.88 9.59
N GLY C 595 29.57 -90.88 8.99
CA GLY C 595 28.41 -91.53 9.58
C GLY C 595 28.82 -92.84 10.18
N ALA C 596 29.49 -93.69 9.38
CA ALA C 596 29.96 -94.99 9.88
C ALA C 596 31.05 -94.89 10.95
N ILE C 597 31.96 -93.92 10.81
CA ILE C 597 33.10 -93.80 11.74
C ILE C 597 32.60 -93.42 13.12
N ALA C 598 31.74 -92.41 13.17
CA ALA C 598 31.09 -92.01 14.41
C ALA C 598 30.35 -93.20 15.08
N GLU C 599 29.70 -94.04 14.29
CA GLU C 599 28.96 -95.20 14.80
C GLU C 599 29.81 -96.22 15.58
N GLY C 600 31.10 -96.27 15.28
CA GLY C 600 31.99 -97.25 15.92
C GLY C 600 32.17 -98.44 15.00
N PRO C 601 32.48 -99.62 15.58
CA PRO C 601 32.75 -100.83 14.77
C PRO C 601 31.57 -101.30 13.91
N SER C 602 30.42 -101.59 14.52
CA SER C 602 29.27 -102.11 13.77
C SER C 602 28.97 -101.34 12.50
N GLY C 603 29.43 -100.11 12.45
CA GLY C 603 29.35 -99.30 11.24
C GLY C 603 30.53 -99.51 10.31
N ILE C 604 31.72 -99.62 10.88
CA ILE C 604 32.93 -99.91 10.13
C ILE C 604 32.73 -101.22 9.37
N GLU C 605 32.35 -102.26 10.11
CA GLU C 605 32.17 -103.58 9.54
C GLU C 605 31.13 -103.53 8.43
N GLU C 606 30.22 -102.57 8.53
CA GLU C 606 29.24 -102.31 7.49
C GLU C 606 29.91 -101.72 6.24
N GLU C 607 30.62 -100.61 6.40
CA GLU C 607 31.28 -99.96 5.28
C GLU C 607 32.29 -100.88 4.64
N ARG C 608 33.02 -101.62 5.48
CA ARG C 608 34.02 -102.59 5.01
C ARG C 608 33.35 -103.60 4.09
N ARG C 609 32.19 -104.05 4.54
CA ARG C 609 31.35 -104.95 3.82
C ARG C 609 30.82 -104.30 2.55
N LEU C 610 30.82 -102.97 2.54
CA LEU C 610 30.48 -102.23 1.33
C LEU C 610 31.62 -102.21 0.32
N PHE C 611 32.84 -102.04 0.82
CA PHE C 611 34.06 -102.16 0.02
C PHE C 611 34.16 -103.59 -0.57
N TYR C 612 33.97 -104.59 0.27
CA TYR C 612 33.91 -105.97 -0.21
C TYR C 612 32.93 -106.06 -1.38
N VAL C 613 31.74 -105.49 -1.21
CA VAL C 613 30.78 -105.49 -2.31
C VAL C 613 31.40 -104.91 -3.57
N GLY C 614 32.23 -103.89 -3.43
CA GLY C 614 32.77 -103.19 -4.58
C GLY C 614 33.75 -104.00 -5.39
N ILE C 615 34.78 -104.51 -4.72
CA ILE C 615 35.79 -105.32 -5.37
C ILE C 615 35.05 -106.47 -6.06
N THR C 616 34.14 -107.10 -5.34
CA THR C 616 33.47 -108.29 -5.84
C THR C 616 32.69 -108.10 -7.17
N ARG C 617 32.54 -106.87 -7.64
CA ARG C 617 31.87 -106.66 -8.93
C ARG C 617 32.79 -106.90 -10.14
N ALA C 618 34.11 -106.80 -9.90
CA ALA C 618 35.08 -106.73 -10.97
C ALA C 618 35.21 -108.12 -11.53
N MET C 619 35.33 -108.24 -12.85
CA MET C 619 35.60 -109.55 -13.43
C MET C 619 37.07 -109.73 -13.75
N GLU C 620 37.67 -108.76 -14.43
CA GLU C 620 39.05 -108.88 -14.95
C GLU C 620 39.93 -107.85 -14.31
N ARG C 621 39.48 -106.62 -14.40
CA ARG C 621 40.30 -105.48 -14.08
C ARG C 621 39.61 -104.64 -12.99
N LEU C 622 40.30 -104.46 -11.86
CA LEU C 622 39.88 -103.57 -10.79
C LEU C 622 40.93 -102.50 -10.59
N LEU C 623 40.49 -101.25 -10.67
CA LEU C 623 41.36 -100.12 -10.43
C LEU C 623 40.74 -99.39 -9.27
N MET C 624 41.58 -98.88 -8.39
CA MET C 624 41.12 -98.08 -7.26
C MET C 624 41.83 -96.74 -7.27
N THR C 625 41.16 -95.72 -6.75
CA THR C 625 41.74 -94.41 -6.67
C THR C 625 41.20 -93.67 -5.44
N ALA C 626 42.03 -92.81 -4.86
CA ALA C 626 41.62 -91.80 -3.93
C ALA C 626 42.40 -90.53 -4.29
N ALA C 627 41.94 -89.38 -3.82
CA ALA C 627 42.67 -88.14 -3.99
C ALA C 627 43.41 -87.81 -2.69
N GLN C 628 44.30 -86.83 -2.75
CA GLN C 628 44.95 -86.32 -1.55
C GLN C 628 44.06 -85.21 -0.98
N ASN C 629 43.35 -84.53 -1.88
CA ASN C 629 42.45 -83.42 -1.50
C ASN C 629 41.21 -83.39 -2.39
N ARG C 630 40.02 -83.35 -1.79
CA ARG C 630 38.83 -83.08 -2.57
C ARG C 630 37.96 -81.98 -1.96
N MET C 631 37.19 -81.31 -2.81
CA MET C 631 36.37 -80.19 -2.39
C MET C 631 34.95 -80.60 -2.09
N GLN C 632 34.53 -80.48 -0.84
CA GLN C 632 33.18 -80.92 -0.48
C GLN C 632 32.12 -79.89 -0.87
N PHE C 633 32.14 -78.73 -0.21
CA PHE C 633 31.13 -77.71 -0.47
C PHE C 633 31.73 -76.34 -0.79
N GLY C 634 32.38 -76.26 -1.95
CA GLY C 634 33.03 -75.02 -2.36
C GLY C 634 34.29 -74.82 -1.56
N LYS C 635 34.59 -75.82 -0.75
CA LYS C 635 35.78 -75.81 0.08
C LYS C 635 36.60 -77.05 -0.22
N THR C 636 37.87 -76.84 -0.55
CA THR C 636 38.79 -77.93 -0.83
C THR C 636 39.50 -78.36 0.45
N ASN C 637 39.46 -79.66 0.73
CA ASN C 637 39.92 -80.21 2.01
C ASN C 637 40.83 -81.39 1.83
N ALA C 638 41.83 -81.50 2.69
CA ALA C 638 42.71 -82.64 2.69
C ALA C 638 41.89 -83.91 2.87
N ALA C 639 42.37 -85.01 2.28
CA ALA C 639 41.78 -86.33 2.44
C ALA C 639 42.88 -87.32 2.79
N GLU C 640 42.50 -88.54 3.16
CA GLU C 640 43.47 -89.61 3.43
C GLU C 640 42.93 -90.94 2.97
N ASP C 641 43.83 -91.82 2.53
CA ASP C 641 43.46 -93.18 2.08
C ASP C 641 42.61 -93.90 3.12
N SER C 642 41.64 -94.68 2.66
CA SER C 642 40.84 -95.38 3.63
C SER C 642 41.71 -96.20 4.56
N ALA C 643 41.12 -96.54 5.70
CA ALA C 643 41.73 -97.49 6.60
C ALA C 643 41.72 -98.82 5.91
N PHE C 644 40.72 -99.04 5.06
CA PHE C 644 40.56 -100.35 4.44
C PHE C 644 41.71 -100.76 3.52
N LEU C 645 42.36 -99.79 2.90
CA LEU C 645 43.50 -100.13 2.07
C LEU C 645 44.59 -100.69 2.96
N GLU C 646 44.63 -100.26 4.22
CA GLU C 646 45.64 -100.77 5.12
C GLU C 646 45.46 -102.27 5.30
N ASP C 647 44.21 -102.70 5.44
CA ASP C 647 43.87 -104.11 5.60
C ASP C 647 44.54 -105.00 4.55
N ILE C 648 44.29 -104.68 3.28
CA ILE C 648 44.78 -105.48 2.15
C ILE C 648 46.20 -105.10 1.74
N GLU C 649 47.05 -104.90 2.74
CA GLU C 649 48.41 -104.37 2.59
C GLU C 649 49.12 -104.65 1.26
N GLY C 650 49.41 -105.90 0.98
CA GLY C 650 50.22 -106.21 -0.20
C GLY C 650 49.45 -106.86 -1.32
N LEU C 651 48.12 -106.68 -1.32
CA LEU C 651 47.30 -107.28 -2.34
C LEU C 651 47.04 -106.40 -3.54
N PHE C 652 47.76 -105.28 -3.63
CA PHE C 652 47.54 -104.29 -4.70
C PHE C 652 48.76 -103.39 -4.97
N ASP C 653 49.01 -103.11 -6.24
CA ASP C 653 50.13 -102.29 -6.63
C ASP C 653 49.72 -100.85 -6.70
N THR C 654 50.63 -99.97 -6.27
CA THR C 654 50.37 -98.53 -6.25
C THR C 654 50.94 -97.84 -7.47
N VAL C 655 50.03 -97.31 -8.27
CA VAL C 655 50.30 -96.86 -9.62
C VAL C 655 50.42 -95.34 -9.67
N ASP C 656 51.45 -94.83 -10.33
CA ASP C 656 51.57 -93.40 -10.54
C ASP C 656 50.41 -93.11 -11.50
N PRO C 657 50.31 -91.89 -12.01
CA PRO C 657 49.21 -91.56 -12.90
C PRO C 657 49.17 -92.41 -14.15
N TYR C 658 50.34 -92.80 -14.65
CA TYR C 658 50.50 -93.46 -15.94
C TYR C 658 50.57 -94.97 -15.83
N GLY C 659 50.28 -95.45 -14.63
CA GLY C 659 50.18 -96.88 -14.39
C GLY C 659 51.49 -97.50 -13.97
N GLN C 660 52.54 -96.69 -14.04
CA GLN C 660 53.85 -97.16 -13.68
C GLN C 660 53.93 -97.28 -12.18
N PRO C 661 54.52 -98.37 -11.71
CA PRO C 661 54.69 -98.58 -10.29
C PRO C 661 55.36 -97.40 -9.63
N ILE C 662 54.95 -97.14 -8.40
CA ILE C 662 55.48 -96.06 -7.63
C ILE C 662 56.91 -96.36 -7.19
N PRO D 7 -5.62 5.69 21.50
CA PRO D 7 -6.70 4.68 21.45
C PRO D 7 -8.13 5.32 21.51
N ASP D 8 -8.44 6.24 20.60
CA ASP D 8 -9.75 6.87 20.58
C ASP D 8 -10.72 6.13 19.66
N LEU D 9 -11.65 5.42 20.27
CA LEU D 9 -12.51 4.54 19.54
C LEU D 9 -13.30 5.20 18.47
N LEU D 10 -13.72 6.44 18.68
CA LEU D 10 -14.53 7.10 17.66
C LEU D 10 -13.66 7.60 16.52
N GLN D 11 -12.39 7.82 16.83
CA GLN D 11 -11.34 8.14 15.87
C GLN D 11 -10.94 6.94 15.04
N ALA D 12 -10.76 5.80 15.71
CA ALA D 12 -10.29 4.58 15.04
C ALA D 12 -11.39 3.90 14.24
N LEU D 13 -12.57 3.79 14.83
CA LEU D 13 -13.62 2.88 14.36
C LEU D 13 -14.88 3.57 13.85
N ASN D 14 -15.79 2.79 13.27
CA ASN D 14 -17.21 3.12 13.07
C ASN D 14 -17.79 3.45 14.45
N PRO D 15 -18.93 4.18 14.52
CA PRO D 15 -19.64 4.37 15.79
C PRO D 15 -20.13 3.08 16.38
N THR D 16 -20.68 2.17 15.57
CA THR D 16 -21.20 0.91 16.12
C THR D 16 -20.09 -0.02 16.61
N GLN D 17 -18.99 -0.06 15.85
CA GLN D 17 -17.76 -0.69 16.33
C GLN D 17 -17.35 -0.04 17.62
N ALA D 18 -17.24 1.28 17.57
CA ALA D 18 -16.59 1.97 18.66
C ALA D 18 -17.22 1.59 19.95
N GLN D 19 -18.55 1.49 20.00
CA GLN D 19 -19.17 1.21 21.30
C GLN D 19 -19.14 -0.26 21.73
N ALA D 20 -19.14 -1.17 20.74
CA ALA D 20 -19.04 -2.65 20.97
C ALA D 20 -17.67 -2.79 21.54
N ALA D 21 -16.72 -2.11 20.91
CA ALA D 21 -15.38 -2.05 21.38
C ALA D 21 -15.22 -1.35 22.74
N ASP D 22 -16.26 -0.65 23.19
CA ASP D 22 -16.24 0.04 24.49
C ASP D 22 -16.82 -0.81 25.62
N HIS D 23 -17.54 -1.87 25.26
CA HIS D 23 -18.06 -2.86 26.22
C HIS D 23 -17.02 -3.37 27.24
N PHE D 24 -17.41 -3.47 28.50
CA PHE D 24 -16.42 -3.60 29.57
C PHE D 24 -16.55 -4.83 30.48
N THR D 25 -17.72 -5.11 31.04
CA THR D 25 -17.85 -6.28 31.91
C THR D 25 -19.14 -6.99 31.58
N GLY D 26 -19.48 -8.03 32.30
CA GLY D 26 -20.65 -8.79 31.93
C GLY D 26 -20.59 -9.17 30.48
N PRO D 27 -21.62 -9.84 29.99
CA PRO D 27 -21.55 -10.46 28.68
C PRO D 27 -21.97 -9.51 27.59
N ALA D 28 -21.42 -9.74 26.39
CA ALA D 28 -21.89 -9.08 25.16
C ALA D 28 -21.87 -9.99 23.92
N LEU D 29 -22.90 -9.84 23.10
CA LEU D 29 -22.97 -10.57 21.88
C LEU D 29 -22.62 -9.54 20.83
N VAL D 30 -21.72 -9.93 19.92
CA VAL D 30 -21.38 -9.09 18.78
C VAL D 30 -21.71 -9.86 17.51
N ILE D 31 -22.61 -9.31 16.71
CA ILE D 31 -22.96 -9.93 15.44
C ILE D 31 -22.23 -9.18 14.36
N ALA D 32 -21.35 -9.87 13.64
CA ALA D 32 -20.55 -9.25 12.58
C ALA D 32 -20.75 -9.98 11.28
N GLY D 33 -21.48 -9.36 10.38
CA GLY D 33 -21.66 -9.96 9.08
C GLY D 33 -20.36 -9.88 8.30
N ALA D 34 -20.43 -10.23 7.02
CA ALA D 34 -19.27 -10.14 6.18
C ALA D 34 -18.75 -8.72 6.17
N GLY D 35 -17.46 -8.56 5.94
CA GLY D 35 -16.84 -7.26 5.70
C GLY D 35 -17.01 -6.20 6.78
N SER D 36 -17.27 -6.61 8.03
CA SER D 36 -17.69 -5.68 9.04
C SER D 36 -16.56 -5.08 9.81
N GLY D 37 -15.34 -5.44 9.47
CA GLY D 37 -14.19 -4.97 10.21
C GLY D 37 -14.31 -5.42 11.65
N LYS D 38 -14.70 -6.68 11.83
CA LYS D 38 -14.81 -7.30 13.16
C LYS D 38 -13.45 -7.41 13.82
N THR D 39 -12.48 -7.97 13.08
CA THR D 39 -11.16 -8.22 13.66
C THR D 39 -10.55 -6.95 14.23
N ARG D 40 -10.48 -5.90 13.40
CA ARG D 40 -10.09 -4.58 13.87
C ARG D 40 -10.86 -4.27 15.14
N THR D 41 -12.19 -4.20 15.05
CA THR D 41 -13.03 -3.77 16.19
C THR D 41 -12.54 -4.40 17.48
N LEU D 42 -12.40 -5.71 17.42
CA LEU D 42 -12.09 -6.54 18.55
C LEU D 42 -10.72 -6.28 19.20
N ILE D 43 -9.74 -5.89 18.39
CA ILE D 43 -8.40 -5.64 18.91
C ILE D 43 -8.32 -4.34 19.68
N TYR D 44 -8.87 -3.29 19.08
CA TYR D 44 -9.09 -2.05 19.78
C TYR D 44 -9.84 -2.31 21.07
N ARG D 45 -10.95 -3.05 21.06
CA ARG D 45 -11.61 -3.34 22.35
C ARG D 45 -10.61 -3.82 23.37
N ILE D 46 -9.84 -4.82 22.96
CA ILE D 46 -8.78 -5.38 23.79
C ILE D 46 -7.85 -4.25 24.23
N ALA D 47 -7.40 -3.42 23.29
CA ALA D 47 -6.55 -2.27 23.59
C ALA D 47 -7.20 -1.26 24.53
N HIS D 48 -8.50 -1.07 24.34
CA HIS D 48 -9.31 -0.21 25.15
C HIS D 48 -9.46 -0.83 26.54
N LEU D 49 -9.88 -2.09 26.63
CA LEU D 49 -9.97 -2.74 27.93
C LEU D 49 -8.69 -2.51 28.75
N ILE D 50 -7.51 -2.72 28.17
CA ILE D 50 -6.28 -2.49 28.94
C ILE D 50 -6.12 -1.00 29.19
N GLY D 51 -6.04 -0.22 28.12
CA GLY D 51 -5.80 1.21 28.25
C GLY D 51 -6.83 1.93 29.11
N HIS D 52 -8.04 2.09 28.59
CA HIS D 52 -9.09 2.83 29.25
C HIS D 52 -9.60 2.18 30.54
N TYR D 53 -10.04 0.92 30.50
CA TYR D 53 -10.60 0.32 31.73
C TYR D 53 -9.60 -0.29 32.72
N GLY D 54 -8.31 0.02 32.54
CA GLY D 54 -7.23 -0.55 33.36
C GLY D 54 -7.31 -2.05 33.65
N VAL D 55 -7.72 -2.82 32.64
CA VAL D 55 -7.67 -4.29 32.67
C VAL D 55 -6.24 -4.73 32.39
N HIS D 56 -5.88 -5.91 32.88
CA HIS D 56 -4.54 -6.46 32.70
C HIS D 56 -4.45 -7.49 31.59
N PRO D 57 -3.42 -7.41 30.73
CA PRO D 57 -3.24 -8.52 29.79
C PRO D 57 -2.87 -9.76 30.61
N GLY D 58 -3.27 -10.93 30.18
CA GLY D 58 -3.04 -12.05 31.08
C GLY D 58 -4.32 -12.32 31.81
N GLU D 59 -5.13 -11.28 32.01
CA GLU D 59 -6.52 -11.45 32.42
C GLU D 59 -7.39 -11.66 31.18
N ILE D 60 -6.85 -11.30 30.00
CA ILE D 60 -7.60 -11.37 28.73
C ILE D 60 -7.33 -12.64 27.90
N LEU D 61 -8.40 -13.36 27.57
CA LEU D 61 -8.32 -14.48 26.65
C LEU D 61 -9.14 -14.31 25.35
N ALA D 62 -8.44 -14.37 24.23
CA ALA D 62 -9.04 -14.34 22.89
C ALA D 62 -9.06 -15.76 22.30
N VAL D 63 -10.12 -16.09 21.55
CA VAL D 63 -10.29 -17.43 21.02
C VAL D 63 -10.88 -17.42 19.63
N THR D 64 -10.18 -18.12 18.76
CA THR D 64 -10.56 -18.27 17.37
C THR D 64 -10.44 -19.74 17.01
N PHE D 65 -10.94 -20.09 15.82
CA PHE D 65 -10.91 -21.47 15.36
C PHE D 65 -9.64 -21.80 14.56
N THR D 66 -9.18 -20.86 13.73
CA THR D 66 -8.01 -21.11 12.88
C THR D 66 -6.74 -20.44 13.38
N ASN D 67 -5.59 -20.86 12.87
CA ASN D 67 -4.33 -20.30 13.28
C ASN D 67 -4.01 -19.00 12.58
N LYS D 68 -4.36 -18.90 11.28
CA LYS D 68 -4.26 -17.63 10.54
C LYS D 68 -4.93 -16.57 11.39
N ALA D 69 -6.17 -16.86 11.78
CA ALA D 69 -6.95 -15.92 12.57
C ALA D 69 -6.18 -15.48 13.81
N ALA D 70 -5.72 -16.47 14.57
CA ALA D 70 -5.02 -16.25 15.81
C ALA D 70 -3.68 -15.54 15.61
N ALA D 71 -3.00 -15.85 14.52
CA ALA D 71 -1.75 -15.21 14.19
C ALA D 71 -2.04 -13.77 13.89
N GLU D 72 -3.05 -13.55 13.05
CA GLU D 72 -3.46 -12.20 12.66
C GLU D 72 -3.81 -11.38 13.89
N MET D 73 -4.61 -11.98 14.77
CA MET D 73 -4.97 -11.41 16.04
C MET D 73 -3.74 -11.00 16.82
N ARG D 74 -2.70 -11.84 16.80
CA ARG D 74 -1.54 -11.58 17.62
C ARG D 74 -0.58 -10.52 17.05
N GLU D 75 -0.41 -10.53 15.73
CA GLU D 75 0.42 -9.49 15.12
C GLU D 75 -0.20 -8.12 15.33
N ARG D 76 -1.44 -7.99 14.86
CA ARG D 76 -2.23 -6.76 14.94
C ARG D 76 -2.27 -6.20 16.35
N ALA D 77 -2.49 -7.08 17.31
CA ALA D 77 -2.37 -6.76 18.74
C ALA D 77 -1.06 -6.03 19.03
N GLY D 78 0.05 -6.67 18.68
CA GLY D 78 1.39 -6.09 18.84
C GLY D 78 1.47 -4.60 18.55
N HIS D 79 1.13 -4.21 17.32
CA HIS D 79 1.29 -2.80 16.91
C HIS D 79 0.55 -1.85 17.83
N LEU D 80 -0.52 -2.36 18.44
CA LEU D 80 -1.51 -1.52 19.10
C LEU D 80 -1.44 -1.48 20.64
N VAL D 81 -1.08 -2.59 21.26
CA VAL D 81 -1.25 -2.75 22.69
C VAL D 81 0.09 -2.97 23.39
N PRO D 82 0.36 -2.17 24.43
CA PRO D 82 1.59 -2.38 25.21
C PRO D 82 1.49 -3.65 26.04
N GLY D 83 2.58 -4.38 26.16
CA GLY D 83 2.59 -5.63 26.90
C GLY D 83 1.68 -6.66 26.29
N ALA D 84 1.65 -6.70 24.95
CA ALA D 84 0.77 -7.59 24.19
C ALA D 84 1.21 -9.01 24.38
N GLY D 85 2.50 -9.18 24.64
CA GLY D 85 3.09 -10.49 24.93
C GLY D 85 2.32 -11.32 25.94
N ASP D 86 1.69 -10.66 26.92
CA ASP D 86 1.09 -11.34 28.07
C ASP D 86 -0.31 -11.81 27.80
N LEU D 87 -0.80 -11.59 26.58
CA LEU D 87 -2.17 -11.94 26.24
C LEU D 87 -2.27 -13.34 25.73
N TRP D 88 -3.35 -14.00 26.11
CA TRP D 88 -3.59 -15.36 25.70
C TRP D 88 -4.50 -15.35 24.51
N MET D 89 -3.91 -15.41 23.32
CA MET D 89 -4.69 -15.64 22.08
C MET D 89 -4.28 -16.94 21.41
N SER D 90 -5.24 -17.84 21.25
CA SER D 90 -4.98 -19.11 20.59
C SER D 90 -6.21 -19.76 20.03
N THR D 91 -6.03 -21.00 19.60
CA THR D 91 -7.12 -21.79 19.08
C THR D 91 -7.81 -22.49 20.23
N PHE D 92 -9.02 -23.00 20.00
CA PHE D 92 -9.69 -23.73 21.04
C PHE D 92 -8.69 -24.78 21.40
N HIS D 93 -8.17 -25.45 20.36
CA HIS D 93 -7.18 -26.51 20.46
C HIS D 93 -5.88 -26.08 21.10
N SER D 94 -5.28 -25.03 20.57
CA SER D 94 -4.08 -24.49 21.16
C SER D 94 -4.26 -24.19 22.66
N ALA D 95 -5.38 -23.59 23.06
CA ALA D 95 -5.60 -23.32 24.47
C ALA D 95 -5.63 -24.64 25.26
N GLY D 96 -6.49 -25.55 24.80
CA GLY D 96 -6.60 -26.91 25.35
C GLY D 96 -5.25 -27.57 25.60
N VAL D 97 -4.38 -27.57 24.58
CA VAL D 97 -3.03 -28.04 24.79
C VAL D 97 -2.44 -27.36 26.02
N ARG D 98 -2.42 -26.04 26.03
CA ARG D 98 -1.71 -25.30 27.06
C ARG D 98 -2.22 -25.66 28.47
N ILE D 99 -3.54 -25.82 28.57
CA ILE D 99 -4.18 -26.13 29.84
C ILE D 99 -3.84 -27.53 30.28
N LEU D 100 -3.97 -28.48 29.35
CA LEU D 100 -3.72 -29.88 29.66
C LEU D 100 -2.24 -30.21 29.88
N ARG D 101 -1.33 -29.56 29.15
CA ARG D 101 0.09 -29.76 29.40
C ARG D 101 0.42 -29.35 30.81
N THR D 102 -0.33 -28.38 31.32
CA THR D 102 -0.04 -27.83 32.61
C THR D 102 -0.80 -28.55 33.72
N TYR D 103 -2.02 -28.99 33.46
CA TYR D 103 -2.79 -29.54 34.56
C TYR D 103 -3.29 -30.95 34.33
N GLY D 104 -2.64 -31.68 33.43
CA GLY D 104 -3.16 -32.97 32.97
C GLY D 104 -3.20 -34.02 34.05
N GLU D 105 -2.16 -33.99 34.90
CA GLU D 105 -1.98 -34.95 35.99
C GLU D 105 -3.22 -35.08 36.87
N HIS D 106 -3.99 -34.00 37.00
CA HIS D 106 -5.23 -34.01 37.77
C HIS D 106 -6.31 -34.89 37.18
N ILE D 107 -6.15 -35.32 35.91
CA ILE D 107 -7.06 -36.28 35.32
C ILE D 107 -6.38 -37.54 34.78
N GLY D 108 -5.10 -37.70 35.10
CA GLY D 108 -4.35 -38.91 34.79
C GLY D 108 -3.52 -38.96 33.51
N LEU D 109 -3.17 -37.81 32.95
CA LEU D 109 -2.25 -37.79 31.81
C LEU D 109 -0.84 -37.57 32.32
N ARG D 110 0.06 -38.48 31.98
CA ARG D 110 1.44 -38.38 32.43
C ARG D 110 2.29 -37.51 31.51
N ARG D 111 3.38 -36.96 32.03
CA ARG D 111 4.32 -36.21 31.22
C ARG D 111 5.17 -37.14 30.35
N GLY D 112 5.56 -36.61 29.10
CA GLY D 112 4.38 -36.01 28.35
C GLY D 112 3.55 -36.95 27.49
N PHE D 113 2.25 -36.80 27.64
CA PHE D 113 1.28 -37.52 26.89
C PHE D 113 1.39 -37.10 25.45
N VAL D 114 0.91 -37.97 24.58
CA VAL D 114 0.94 -37.75 23.15
C VAL D 114 -0.36 -37.22 22.58
N ILE D 115 -0.22 -36.34 21.60
CA ILE D 115 -1.38 -35.79 20.90
C ILE D 115 -1.48 -36.50 19.57
N TYR D 116 -2.57 -37.25 19.38
CA TYR D 116 -2.80 -37.88 18.09
C TYR D 116 -3.50 -36.96 17.12
N ASP D 117 -2.83 -36.72 15.98
CA ASP D 117 -3.43 -36.06 14.83
C ASP D 117 -4.36 -37.04 14.06
N ASP D 118 -4.93 -36.55 12.97
CA ASP D 118 -6.01 -37.26 12.30
C ASP D 118 -5.55 -38.56 11.69
N ASP D 119 -4.32 -38.56 11.16
CA ASP D 119 -3.67 -39.75 10.56
C ASP D 119 -3.47 -40.84 11.62
N ASP D 120 -2.78 -40.45 12.69
CA ASP D 120 -2.54 -41.25 13.88
C ASP D 120 -3.74 -41.89 14.42
N GLN D 121 -4.89 -41.23 14.30
CA GLN D 121 -6.12 -41.80 14.81
C GLN D 121 -6.40 -43.08 14.08
N LEU D 122 -6.34 -43.01 12.75
CA LEU D 122 -6.67 -44.14 11.88
C LEU D 122 -5.91 -45.39 12.28
N ASP D 123 -4.60 -45.23 12.45
CA ASP D 123 -3.71 -46.24 12.99
C ASP D 123 -4.39 -47.04 14.07
N ILE D 124 -4.62 -46.41 15.20
CA ILE D 124 -5.41 -46.99 16.28
C ILE D 124 -6.73 -47.62 15.83
N ILE D 125 -7.49 -46.91 15.00
CA ILE D 125 -8.83 -47.37 14.63
C ILE D 125 -8.78 -48.72 13.93
N LYS D 126 -7.81 -48.88 13.03
CA LYS D 126 -7.63 -50.14 12.32
C LYS D 126 -7.43 -51.31 13.26
N GLU D 127 -6.65 -51.08 14.32
CA GLU D 127 -6.41 -52.10 15.35
C GLU D 127 -7.69 -52.51 16.12
N VAL D 128 -8.46 -51.54 16.58
CA VAL D 128 -9.66 -51.82 17.38
C VAL D 128 -10.83 -52.43 16.57
N MET D 129 -10.71 -52.41 15.24
CA MET D 129 -11.67 -53.08 14.35
C MET D 129 -11.53 -54.61 14.35
N GLY D 130 -10.42 -55.13 14.88
CA GLY D 130 -10.10 -56.55 14.84
C GLY D 130 -11.28 -57.49 15.03
N SER D 131 -11.98 -57.30 16.15
CA SER D 131 -13.00 -58.25 16.59
C SER D 131 -14.43 -57.69 16.62
N ILE D 132 -14.56 -56.36 16.51
CA ILE D 132 -15.89 -55.71 16.49
C ILE D 132 -16.78 -56.20 15.34
N PRO D 133 -18.12 -56.27 15.57
CA PRO D 133 -19.12 -56.67 14.55
C PRO D 133 -19.07 -55.91 13.21
N GLY D 134 -18.93 -54.58 13.26
CA GLY D 134 -19.00 -53.74 12.06
C GLY D 134 -17.89 -53.95 11.06
N GLU D 138 -16.21 -54.88 8.63
CA GLU D 138 -14.92 -54.48 8.04
C GLU D 138 -14.96 -53.03 7.55
N THR D 139 -15.55 -52.82 6.37
CA THR D 139 -15.78 -51.47 5.82
C THR D 139 -14.56 -50.54 5.71
N GLN D 140 -14.69 -49.32 6.23
CA GLN D 140 -13.66 -48.28 6.16
C GLN D 140 -13.34 -47.74 7.55
N PRO D 141 -12.06 -47.37 7.78
CA PRO D 141 -11.65 -46.82 9.07
C PRO D 141 -12.07 -45.35 9.32
N ARG D 142 -11.97 -44.50 8.31
CA ARG D 142 -12.23 -43.05 8.44
C ARG D 142 -13.64 -42.71 8.88
N VAL D 143 -14.61 -43.48 8.42
CA VAL D 143 -15.97 -43.24 8.81
C VAL D 143 -16.04 -43.33 10.32
N ILE D 144 -15.37 -44.34 10.87
CA ILE D 144 -15.37 -44.57 12.31
C ILE D 144 -14.69 -43.40 12.97
N ARG D 145 -13.58 -42.97 12.38
CA ARG D 145 -12.84 -41.85 12.89
C ARG D 145 -13.75 -40.65 12.99
N GLY D 146 -14.49 -40.39 11.92
CA GLY D 146 -15.48 -39.32 11.91
C GLY D 146 -16.58 -39.51 12.93
N ILE D 147 -17.00 -40.77 13.13
CA ILE D 147 -18.05 -41.10 14.09
C ILE D 147 -17.63 -40.70 15.50
N ILE D 148 -16.37 -40.96 15.81
CA ILE D 148 -15.74 -40.62 17.09
C ILE D 148 -15.65 -39.11 17.26
N ASP D 149 -15.16 -38.44 16.22
CA ASP D 149 -14.97 -37.01 16.23
C ASP D 149 -16.23 -36.23 16.49
N ARG D 150 -17.29 -36.55 15.76
CA ARG D 150 -18.59 -35.94 16.00
C ARG D 150 -19.09 -36.28 17.40
N ALA D 151 -18.85 -37.50 17.84
CA ALA D 151 -19.23 -37.90 19.19
C ALA D 151 -18.51 -37.06 20.25
N LYS D 152 -17.19 -36.98 20.15
CA LYS D 152 -16.40 -36.17 21.08
C LYS D 152 -16.80 -34.70 20.99
N SER D 153 -17.19 -34.27 19.79
CA SER D 153 -17.72 -32.92 19.56
C SER D 153 -19.03 -32.63 20.26
N ASN D 154 -19.92 -33.61 20.33
CA ASN D 154 -21.19 -33.41 21.02
C ASN D 154 -21.05 -33.61 22.51
N LEU D 155 -19.85 -34.05 22.93
CA LEU D 155 -19.54 -34.36 24.32
C LEU D 155 -20.20 -35.67 24.67
N TRP D 156 -20.32 -36.53 23.65
CA TRP D 156 -20.91 -37.85 23.75
C TRP D 156 -19.87 -38.89 24.24
N THR D 157 -20.33 -39.87 25.02
CA THR D 157 -19.49 -40.98 25.49
C THR D 157 -19.90 -42.27 24.79
N PRO D 158 -18.97 -43.23 24.66
CA PRO D 158 -19.33 -44.46 23.96
C PRO D 158 -20.60 -45.04 24.52
N ASP D 159 -20.82 -44.78 25.82
CA ASP D 159 -22.03 -45.20 26.53
C ASP D 159 -23.26 -44.61 25.89
N ASP D 160 -23.45 -43.30 26.08
CA ASP D 160 -24.71 -42.69 25.70
C ASP D 160 -24.89 -42.64 24.20
N LEU D 161 -23.79 -42.87 23.47
CA LEU D 161 -23.88 -43.00 22.03
C LEU D 161 -24.83 -44.13 21.70
N ASP D 162 -24.58 -45.32 22.26
CA ASP D 162 -25.47 -46.47 22.04
C ASP D 162 -26.74 -46.46 22.93
N ARG D 163 -27.04 -45.27 23.50
CA ARG D 163 -28.32 -45.00 24.17
C ARG D 163 -29.23 -44.18 23.24
N SER D 164 -28.66 -43.73 22.11
CA SER D 164 -29.38 -43.07 21.01
C SER D 164 -30.62 -43.83 20.54
N ARG D 165 -31.72 -43.11 20.31
CA ARG D 165 -32.96 -43.76 19.91
C ARG D 165 -32.85 -44.49 18.57
N GLU D 166 -32.07 -43.92 17.66
CA GLU D 166 -31.97 -44.40 16.29
C GLU D 166 -30.59 -45.01 16.03
N PRO D 167 -30.52 -46.36 15.97
CA PRO D 167 -29.26 -47.10 15.91
C PRO D 167 -28.38 -46.86 14.68
N PHE D 168 -29.00 -46.60 13.54
CA PHE D 168 -28.29 -46.57 12.27
C PHE D 168 -28.04 -45.11 11.78
N ILE D 169 -27.62 -44.23 12.70
CA ILE D 169 -27.32 -42.81 12.38
C ILE D 169 -26.11 -42.74 11.45
N SER D 170 -25.19 -43.67 11.69
CA SER D 170 -24.07 -43.97 10.84
C SER D 170 -24.21 -45.44 10.52
N GLY D 171 -23.54 -45.89 9.47
CA GLY D 171 -23.61 -47.28 9.02
C GLY D 171 -23.41 -48.32 10.10
N LEU D 172 -24.21 -49.37 10.04
CA LEU D 172 -24.33 -50.37 11.13
C LEU D 172 -25.07 -49.86 12.34
N PRO D 173 -25.51 -50.77 13.22
CA PRO D 173 -26.30 -50.42 14.40
C PRO D 173 -25.60 -49.58 15.44
N ARG D 174 -26.42 -48.84 16.17
CA ARG D 174 -25.95 -48.11 17.31
C ARG D 174 -24.70 -48.87 17.72
N ASP D 175 -24.90 -49.71 18.75
CA ASP D 175 -23.86 -50.29 19.60
C ASP D 175 -22.63 -50.82 18.86
N ALA D 176 -22.85 -51.28 17.63
CA ALA D 176 -21.76 -51.75 16.80
C ALA D 176 -20.87 -50.55 16.59
N ALA D 177 -21.49 -49.40 16.33
CA ALA D 177 -20.71 -48.19 16.20
C ALA D 177 -20.05 -47.81 17.51
N ALA D 178 -20.82 -47.84 18.58
CA ALA D 178 -20.35 -47.40 19.88
C ALA D 178 -19.16 -48.18 20.37
N GLU D 179 -19.07 -49.45 19.99
CA GLU D 179 -18.00 -50.33 20.46
C GLU D 179 -16.64 -49.80 20.02
N ALA D 180 -16.48 -49.59 18.71
CA ALA D 180 -15.21 -49.14 18.17
C ALA D 180 -14.68 -47.95 18.97
N TYR D 181 -15.57 -47.00 19.27
CA TYR D 181 -15.27 -45.80 20.04
C TYR D 181 -14.84 -46.19 21.47
N ARG D 182 -15.57 -47.14 22.05
CA ARG D 182 -15.25 -47.67 23.37
C ARG D 182 -13.81 -48.18 23.40
N ARG D 183 -13.52 -49.16 22.55
CA ARG D 183 -12.19 -49.77 22.49
C ARG D 183 -11.10 -48.77 22.11
N TYR D 184 -11.46 -47.85 21.22
CA TYR D 184 -10.52 -46.85 20.74
C TYR D 184 -10.05 -46.01 21.92
N GLU D 185 -11.00 -45.64 22.76
CA GLU D 185 -10.72 -44.83 23.93
C GLU D 185 -9.67 -45.48 24.77
N VAL D 186 -9.95 -46.71 25.23
CA VAL D 186 -9.05 -47.42 26.17
C VAL D 186 -7.64 -47.68 25.64
N ARG D 187 -7.53 -48.03 24.36
CA ARG D 187 -6.24 -48.23 23.76
C ARG D 187 -5.50 -46.93 23.76
N LYS D 188 -6.18 -45.90 23.31
CA LYS D 188 -5.59 -44.60 23.17
C LYS D 188 -5.04 -44.16 24.52
N LYS D 189 -5.88 -44.28 25.54
CA LYS D 189 -5.58 -43.89 26.90
C LYS D 189 -4.33 -44.63 27.38
N GLY D 190 -4.22 -45.90 27.03
CA GLY D 190 -3.09 -46.75 27.44
C GLY D 190 -1.79 -46.22 26.90
N GLN D 191 -1.76 -46.00 25.60
CA GLN D 191 -0.65 -45.34 24.92
C GLN D 191 -0.26 -43.97 25.53
N ASN D 192 -1.05 -43.48 26.49
CA ASN D 192 -0.82 -42.18 27.12
C ASN D 192 -1.11 -41.02 26.18
N ALA D 193 -2.26 -41.00 25.52
CA ALA D 193 -2.42 -40.03 24.44
C ALA D 193 -3.82 -39.45 24.29
N ILE D 194 -3.92 -38.32 23.60
CA ILE D 194 -5.22 -37.65 23.39
C ILE D 194 -5.30 -37.26 21.93
N ASP D 195 -6.50 -37.38 21.33
CA ASP D 195 -6.70 -36.88 19.96
C ASP D 195 -6.94 -35.35 19.99
N PHE D 196 -7.13 -34.77 18.82
CA PHE D 196 -7.47 -33.35 18.72
C PHE D 196 -8.73 -32.97 19.53
N GLY D 197 -9.86 -33.65 19.30
CA GLY D 197 -11.10 -33.39 20.05
C GLY D 197 -10.85 -33.35 21.56
N ASP D 198 -10.06 -34.31 22.04
CA ASP D 198 -9.78 -34.46 23.45
C ASP D 198 -9.35 -33.16 24.06
N LEU D 199 -8.54 -32.41 23.30
CA LEU D 199 -7.97 -31.12 23.75
C LEU D 199 -9.07 -30.19 24.16
N ILE D 200 -10.25 -30.38 23.59
CA ILE D 200 -11.43 -29.70 24.11
C ILE D 200 -12.09 -30.57 25.22
N THR D 201 -12.56 -31.76 24.82
CA THR D 201 -13.42 -32.61 25.67
C THR D 201 -12.76 -33.04 26.97
N GLU D 202 -11.53 -33.54 26.92
CA GLU D 202 -10.77 -33.74 28.16
C GLU D 202 -10.72 -32.46 29.04
N THR D 203 -10.41 -31.31 28.43
CA THR D 203 -10.26 -30.04 29.18
C THR D 203 -11.54 -29.74 29.93
N VAL D 204 -12.68 -29.81 29.24
CA VAL D 204 -13.98 -29.73 29.91
C VAL D 204 -13.98 -30.59 31.15
N ARG D 205 -13.74 -31.89 30.95
CA ARG D 205 -13.82 -32.87 32.02
C ARG D 205 -12.84 -32.53 33.11
N LEU D 206 -11.71 -31.96 32.73
CA LEU D 206 -10.76 -31.54 33.75
C LEU D 206 -11.41 -30.50 34.64
N PHE D 207 -11.96 -29.45 34.03
CA PHE D 207 -12.61 -28.38 34.78
C PHE D 207 -13.76 -28.94 35.62
N LYS D 208 -14.71 -29.63 34.99
CA LYS D 208 -15.82 -30.22 35.72
C LYS D 208 -15.40 -31.00 36.98
N GLU D 209 -14.41 -31.89 36.84
CA GLU D 209 -13.93 -32.69 37.96
C GLU D 209 -13.15 -31.87 38.99
N VAL D 210 -12.22 -31.04 38.53
CA VAL D 210 -11.29 -30.39 39.44
C VAL D 210 -11.48 -28.87 39.38
N PRO D 211 -12.55 -28.36 40.03
CA PRO D 211 -12.98 -26.96 39.91
C PRO D 211 -11.87 -26.02 40.37
N GLY D 212 -11.08 -26.47 41.32
CA GLY D 212 -9.97 -25.66 41.78
C GLY D 212 -9.06 -25.28 40.64
N VAL D 213 -8.91 -26.19 39.68
CA VAL D 213 -8.06 -25.96 38.49
C VAL D 213 -8.68 -24.94 37.55
N LEU D 214 -10.00 -24.98 37.43
CA LEU D 214 -10.70 -24.02 36.62
C LEU D 214 -10.36 -22.62 37.08
N ASP D 215 -10.52 -22.36 38.39
CA ASP D 215 -10.16 -21.07 38.97
C ASP D 215 -8.76 -20.63 38.59
N LYS D 216 -7.77 -21.45 38.91
CA LYS D 216 -6.44 -21.03 38.63
C LYS D 216 -6.43 -20.45 37.21
N VAL D 217 -7.14 -21.14 36.30
CA VAL D 217 -7.18 -20.73 34.90
C VAL D 217 -7.98 -19.43 34.70
N GLN D 218 -9.16 -19.34 35.27
CA GLN D 218 -10.03 -18.13 35.14
C GLN D 218 -9.37 -16.80 35.52
N ASN D 219 -8.35 -16.84 36.38
CA ASN D 219 -7.58 -15.64 36.73
C ASN D 219 -6.80 -15.20 35.49
N LYS D 220 -6.81 -16.05 34.45
CA LYS D 220 -6.08 -15.78 33.21
C LYS D 220 -7.06 -15.45 32.13
N ALA D 221 -8.33 -15.64 32.44
CA ALA D 221 -9.38 -15.46 31.47
C ALA D 221 -10.55 -14.69 32.07
N LYS D 222 -10.24 -13.66 32.84
CA LYS D 222 -11.27 -12.76 33.40
C LYS D 222 -12.14 -12.11 32.29
N PHE D 223 -11.52 -11.91 31.13
CA PHE D 223 -12.18 -11.35 29.98
C PHE D 223 -11.94 -12.23 28.77
N ILE D 224 -12.97 -12.39 27.93
CA ILE D 224 -12.98 -13.43 26.89
C ILE D 224 -13.66 -12.98 25.60
N HIS D 225 -12.98 -13.17 24.46
CA HIS D 225 -13.65 -13.13 23.16
C HIS D 225 -13.57 -14.51 22.60
N VAL D 226 -14.67 -15.03 22.05
CA VAL D 226 -14.60 -16.24 21.25
C VAL D 226 -15.20 -15.90 19.92
N ASP D 227 -14.39 -15.91 18.89
CA ASP D 227 -14.81 -15.52 17.57
C ASP D 227 -15.56 -16.67 16.86
N GLU D 228 -16.37 -16.35 15.86
CA GLU D 228 -17.00 -17.41 15.07
C GLU D 228 -17.94 -18.31 15.89
N TYR D 229 -18.66 -17.68 16.81
CA TYR D 229 -19.41 -18.42 17.79
C TYR D 229 -20.55 -19.16 17.11
N GLN D 230 -20.73 -18.93 15.81
CA GLN D 230 -21.74 -19.71 15.10
C GLN D 230 -21.24 -21.13 14.73
N ASP D 231 -19.94 -21.33 14.74
CA ASP D 231 -19.32 -22.58 14.32
C ASP D 231 -18.97 -23.45 15.50
N THR D 232 -19.24 -22.87 16.65
CA THR D 232 -18.95 -23.49 17.90
C THR D 232 -19.81 -24.77 18.02
N ASN D 233 -19.27 -25.77 18.72
CA ASN D 233 -20.00 -27.01 18.96
C ASN D 233 -20.27 -27.22 20.43
N ARG D 234 -21.13 -28.17 20.75
CA ARG D 234 -21.48 -28.49 22.13
C ARG D 234 -20.30 -28.50 23.07
N ALA D 235 -19.26 -29.19 22.68
CA ALA D 235 -18.07 -29.30 23.55
C ALA D 235 -17.40 -27.94 23.79
N GLN D 236 -17.10 -27.22 22.72
CA GLN D 236 -16.60 -25.84 22.78
C GLN D 236 -17.62 -24.93 23.48
N TYR D 237 -18.90 -25.15 23.21
CA TYR D 237 -19.91 -24.42 23.94
C TYR D 237 -19.70 -24.58 25.43
N GLU D 238 -19.63 -25.83 25.86
CA GLU D 238 -19.56 -26.14 27.26
C GLU D 238 -18.28 -25.58 27.83
N LEU D 239 -17.17 -25.73 27.09
CA LEU D 239 -15.89 -25.26 27.55
C LEU D 239 -15.98 -23.78 27.85
N THR D 240 -16.73 -23.08 27.01
CA THR D 240 -16.77 -21.63 27.07
C THR D 240 -17.52 -21.13 28.30
N ARG D 241 -18.74 -21.64 28.54
CA ARG D 241 -19.45 -21.22 29.77
C ARG D 241 -18.62 -21.50 31.03
N LEU D 242 -17.97 -22.65 31.06
CA LEU D 242 -17.10 -23.04 32.15
C LEU D 242 -16.06 -21.99 32.49
N LEU D 243 -15.28 -21.54 31.51
CA LEU D 243 -14.31 -20.48 31.81
C LEU D 243 -15.08 -19.22 32.20
N ALA D 244 -16.11 -18.90 31.42
CA ALA D 244 -16.86 -17.68 31.66
C ALA D 244 -17.51 -17.61 33.07
N SER D 245 -18.13 -18.72 33.48
CA SER D 245 -19.11 -18.82 34.59
C SER D 245 -18.86 -18.04 35.89
N ARG D 246 -17.60 -17.77 36.18
CA ARG D 246 -17.28 -17.07 37.41
C ARG D 246 -17.54 -15.59 37.27
N ASP D 247 -17.15 -14.99 36.15
CA ASP D 247 -17.23 -13.56 36.01
C ASP D 247 -18.15 -13.12 34.88
N ARG D 248 -18.58 -14.07 34.03
CA ARG D 248 -19.54 -13.76 32.98
C ARG D 248 -19.10 -12.56 32.09
N ASN D 249 -17.81 -12.25 32.10
CA ASN D 249 -17.25 -11.27 31.16
C ASN D 249 -16.93 -11.92 29.82
N LEU D 250 -17.97 -12.26 29.09
CA LEU D 250 -17.79 -13.07 27.89
C LEU D 250 -18.37 -12.42 26.61
N LEU D 251 -17.48 -12.06 25.69
CA LEU D 251 -17.91 -11.49 24.43
C LEU D 251 -17.71 -12.52 23.34
N VAL D 252 -18.78 -12.88 22.64
CA VAL D 252 -18.68 -13.89 21.58
C VAL D 252 -19.02 -13.24 20.29
N VAL D 253 -18.13 -13.23 19.32
CA VAL D 253 -18.53 -12.63 18.05
C VAL D 253 -18.85 -13.72 17.03
N GLY D 254 -19.95 -13.55 16.30
CA GLY D 254 -20.27 -14.47 15.26
C GLY D 254 -21.21 -13.92 14.22
N ASP D 255 -21.63 -14.77 13.31
CA ASP D 255 -22.65 -14.38 12.38
C ASP D 255 -23.55 -15.54 12.06
N PRO D 256 -24.78 -15.51 12.51
CA PRO D 256 -25.60 -16.68 12.28
C PRO D 256 -25.72 -17.22 10.84
N ASP D 257 -25.50 -16.40 9.81
CA ASP D 257 -25.76 -16.86 8.46
C ASP D 257 -24.51 -17.40 7.79
N GLN D 258 -23.50 -17.68 8.59
CA GLN D 258 -22.26 -18.25 8.09
C GLN D 258 -21.84 -19.54 8.83
N SER D 259 -22.73 -20.08 9.67
CA SER D 259 -22.56 -21.45 10.14
C SER D 259 -22.68 -22.38 8.92
N ILE D 260 -21.53 -22.84 8.43
CA ILE D 260 -21.46 -23.74 7.30
C ILE D 260 -20.72 -25.02 7.68
N TYR D 261 -20.63 -25.31 8.98
CA TYR D 261 -19.93 -26.51 9.44
C TYR D 261 -20.81 -27.43 10.29
N LYS D 262 -22.11 -27.49 9.98
CA LYS D 262 -23.01 -28.34 10.75
C LYS D 262 -22.61 -29.80 10.64
N PHE D 263 -22.12 -30.24 9.49
CA PHE D 263 -21.61 -31.60 9.44
C PHE D 263 -20.50 -31.80 10.48
N ARG D 264 -19.58 -30.84 10.65
CA ARG D 264 -18.59 -30.84 11.74
CA ARG D 264 -18.59 -30.82 11.74
C ARG D 264 -19.27 -30.91 13.11
N GLY D 265 -20.60 -30.96 13.13
CA GLY D 265 -21.35 -30.94 14.39
C GLY D 265 -21.32 -29.60 15.12
N ALA D 266 -21.24 -28.51 14.36
CA ALA D 266 -21.26 -27.19 14.95
C ALA D 266 -22.72 -26.89 15.17
N ASP D 267 -23.03 -26.12 16.22
CA ASP D 267 -24.40 -25.78 16.57
C ASP D 267 -24.70 -24.28 16.43
N ILE D 268 -25.50 -23.97 15.41
CA ILE D 268 -25.99 -22.62 15.21
C ILE D 268 -26.82 -22.17 16.41
N GLN D 269 -27.45 -23.13 17.08
CA GLN D 269 -28.31 -22.78 18.19
C GLN D 269 -27.56 -22.09 19.30
N ASN D 270 -26.30 -22.44 19.45
CA ASN D 270 -25.46 -21.84 20.48
C ASN D 270 -25.54 -20.31 20.43
N ILE D 271 -25.25 -19.74 19.27
CA ILE D 271 -25.26 -18.30 19.10
C ILE D 271 -26.66 -17.71 19.20
N LEU D 272 -27.62 -18.37 18.56
CA LEU D 272 -29.00 -17.95 18.60
C LEU D 272 -29.43 -17.86 20.04
N ASP D 273 -29.11 -18.86 20.85
CA ASP D 273 -29.55 -18.87 22.25
C ASP D 273 -28.74 -18.01 23.21
N PHE D 274 -27.72 -17.32 22.69
CA PHE D 274 -26.73 -16.73 23.59
C PHE D 274 -27.31 -15.69 24.54
N GLN D 275 -28.22 -14.90 24.03
CA GLN D 275 -28.96 -13.96 24.86
C GLN D 275 -29.93 -14.69 25.81
N LYS D 276 -30.53 -15.81 25.34
CA LYS D 276 -31.37 -16.69 26.19
C LYS D 276 -30.53 -17.37 27.25
N ASP D 277 -29.33 -17.79 26.89
CA ASP D 277 -28.36 -18.33 27.87
C ASP D 277 -27.95 -17.24 28.83
N TYR D 278 -27.57 -16.08 28.30
CA TYR D 278 -27.09 -14.96 29.13
C TYR D 278 -28.01 -13.73 29.05
N PRO D 279 -29.22 -13.79 29.66
CA PRO D 279 -29.99 -12.55 29.67
C PRO D 279 -29.17 -11.47 30.36
N ASP D 280 -29.46 -10.21 30.08
CA ASP D 280 -28.62 -9.10 30.56
C ASP D 280 -27.39 -8.90 29.69
N ALA D 281 -27.17 -9.83 28.77
CA ALA D 281 -26.06 -9.66 27.85
C ALA D 281 -26.47 -8.44 27.07
N LYS D 282 -25.45 -7.70 26.66
CA LYS D 282 -25.64 -6.56 25.81
C LYS D 282 -25.45 -7.05 24.41
N VAL D 283 -26.16 -6.44 23.47
CA VAL D 283 -26.02 -6.82 22.07
C VAL D 283 -25.49 -5.68 21.19
N TYR D 284 -24.69 -6.07 20.19
CA TYR D 284 -24.16 -5.14 19.20
C TYR D 284 -24.29 -5.87 17.88
N MET D 285 -24.69 -5.12 16.86
CA MET D 285 -24.79 -5.68 15.51
C MET D 285 -23.90 -4.85 14.60
N LEU D 286 -23.04 -5.50 13.83
CA LEU D 286 -22.21 -4.83 12.85
C LEU D 286 -22.66 -5.26 11.45
N GLU D 287 -23.36 -4.35 10.78
CA GLU D 287 -24.07 -4.68 9.56
C GLU D 287 -23.46 -4.00 8.37
N HIS D 288 -22.45 -3.20 8.65
CA HIS D 288 -21.85 -2.38 7.64
C HIS D 288 -20.80 -3.16 6.88
N ASN D 289 -20.95 -3.22 5.56
CA ASN D 289 -19.98 -3.94 4.77
C ASN D 289 -19.05 -3.04 3.97
N TYR D 290 -17.80 -2.95 4.41
CA TYR D 290 -16.81 -2.23 3.62
C TYR D 290 -16.34 -3.04 2.43
N ARG D 291 -16.12 -4.33 2.64
CA ARG D 291 -15.60 -5.28 1.64
C ARG D 291 -16.25 -5.13 0.24
N SER D 292 -17.56 -5.28 0.16
CA SER D 292 -18.16 -5.61 -1.11
C SER D 292 -18.98 -4.55 -1.78
N SER D 293 -19.24 -4.84 -3.05
CA SER D 293 -20.10 -4.11 -3.96
C SER D 293 -21.57 -4.15 -3.55
N ALA D 294 -22.31 -3.12 -3.94
CA ALA D 294 -23.68 -3.01 -3.49
C ALA D 294 -24.57 -4.00 -4.21
N ARG D 295 -24.23 -4.24 -5.47
CA ARG D 295 -24.97 -5.18 -6.31
C ARG D 295 -24.89 -6.59 -5.75
N VAL D 296 -23.64 -6.98 -5.41
CA VAL D 296 -23.32 -8.24 -4.76
C VAL D 296 -24.11 -8.42 -3.47
N LEU D 297 -23.96 -7.45 -2.57
CA LEU D 297 -24.56 -7.48 -1.25
C LEU D 297 -26.04 -7.67 -1.35
N GLU D 298 -26.63 -6.91 -2.25
CA GLU D 298 -28.04 -7.03 -2.46
C GLU D 298 -28.39 -8.46 -2.79
N ALA D 299 -27.68 -9.05 -3.75
CA ALA D 299 -27.93 -10.45 -4.12
C ALA D 299 -27.80 -11.28 -2.86
N ALA D 300 -26.73 -11.05 -2.11
CA ALA D 300 -26.47 -11.78 -0.89
C ALA D 300 -27.65 -11.59 0.08
N ASN D 301 -28.03 -10.34 0.33
CA ASN D 301 -29.10 -10.02 1.27
C ASN D 301 -30.42 -10.63 0.92
N LYS D 302 -30.78 -10.61 -0.35
CA LYS D 302 -32.06 -11.13 -0.76
C LYS D 302 -32.06 -12.63 -0.63
N LEU D 303 -30.96 -13.27 -1.03
CA LEU D 303 -30.82 -14.71 -0.89
C LEU D 303 -31.07 -15.13 0.54
N ILE D 304 -30.44 -14.43 1.47
CA ILE D 304 -30.42 -14.89 2.85
C ILE D 304 -31.70 -14.69 3.65
N GLU D 305 -32.53 -13.73 3.30
CA GLU D 305 -33.73 -13.54 4.10
C GLU D 305 -34.63 -14.78 4.02
N ASN D 306 -34.27 -15.72 3.15
CA ASN D 306 -35.00 -16.96 2.98
C ASN D 306 -34.81 -17.94 4.11
N ASN D 307 -33.64 -17.92 4.73
CA ASN D 307 -33.42 -18.81 5.86
C ASN D 307 -34.31 -18.40 6.98
N THR D 308 -34.87 -19.40 7.62
CA THR D 308 -36.04 -19.20 8.44
C THR D 308 -35.69 -18.67 9.82
N GLU D 309 -36.23 -17.49 10.10
CA GLU D 309 -36.35 -16.98 11.46
C GLU D 309 -35.02 -16.97 12.23
N ARG D 310 -33.91 -16.67 11.53
CA ARG D 310 -32.61 -16.43 12.19
C ARG D 310 -32.59 -14.95 12.61
N LEU D 311 -31.50 -14.53 13.24
CA LEU D 311 -31.42 -13.26 13.97
C LEU D 311 -31.47 -12.04 13.06
N ASP D 312 -32.36 -11.08 13.36
CA ASP D 312 -32.63 -9.95 12.44
C ASP D 312 -31.51 -8.90 12.29
N LYS D 313 -30.91 -8.88 11.10
CA LYS D 313 -29.64 -8.21 10.80
C LYS D 313 -29.66 -8.06 9.28
N THR D 314 -28.81 -7.21 8.69
CA THR D 314 -28.43 -7.36 7.25
C THR D 314 -27.09 -6.72 6.83
N LEU D 315 -26.86 -6.65 5.52
CA LEU D 315 -25.64 -6.06 5.00
C LEU D 315 -25.85 -4.62 4.52
N LYS D 316 -25.41 -3.63 5.31
CA LYS D 316 -25.54 -2.23 4.92
C LYS D 316 -24.47 -1.88 3.90
N PRO D 317 -24.87 -1.63 2.64
CA PRO D 317 -23.88 -1.26 1.63
C PRO D 317 -23.10 -0.02 2.09
N VAL D 318 -21.90 0.14 1.52
CA VAL D 318 -21.02 1.28 1.75
C VAL D 318 -20.18 1.53 0.49
N LYS D 319 -20.21 0.64 -0.50
CA LYS D 319 -19.58 0.91 -1.79
C LYS D 319 -20.68 1.10 -2.81
N GLU D 320 -20.43 1.88 -3.85
CA GLU D 320 -21.48 2.10 -4.83
C GLU D 320 -21.85 0.78 -5.49
N ALA D 321 -23.08 0.70 -5.98
CA ALA D 321 -23.57 -0.48 -6.68
C ALA D 321 -22.61 -0.79 -7.82
N GLY D 322 -21.70 -1.74 -7.61
CA GLY D 322 -20.63 -1.91 -8.57
C GLY D 322 -21.03 -2.49 -9.91
N GLN D 323 -20.15 -3.27 -10.49
CA GLN D 323 -20.46 -4.02 -11.71
C GLN D 323 -21.60 -4.99 -11.48
N PRO D 324 -22.37 -5.31 -12.54
CA PRO D 324 -23.47 -6.26 -12.36
C PRO D 324 -23.00 -7.65 -11.90
N VAL D 325 -23.94 -8.51 -11.48
CA VAL D 325 -23.60 -9.92 -11.36
C VAL D 325 -24.23 -10.75 -12.48
N THR D 326 -23.43 -11.67 -12.97
CA THR D 326 -23.75 -12.39 -14.17
C THR D 326 -24.00 -13.85 -13.86
N PHE D 327 -24.77 -14.51 -14.71
CA PHE D 327 -24.91 -15.93 -14.57
C PHE D 327 -24.89 -16.63 -15.90
N HIS D 328 -23.71 -17.08 -16.32
CA HIS D 328 -23.63 -17.86 -17.54
C HIS D 328 -24.00 -19.32 -17.27
N ARG D 329 -24.59 -19.96 -18.26
CA ARG D 329 -24.81 -21.40 -18.20
C ARG D 329 -24.30 -21.99 -19.48
N ALA D 330 -23.58 -23.10 -19.32
CA ALA D 330 -22.91 -23.77 -20.40
C ALA D 330 -23.56 -25.12 -20.64
N THR D 331 -23.49 -25.63 -21.84
CA THR D 331 -24.04 -26.95 -22.11
C THR D 331 -23.22 -28.00 -21.36
N ASP D 332 -21.95 -27.71 -21.30
CA ASP D 332 -20.96 -28.67 -20.97
C ASP D 332 -20.37 -28.23 -19.65
N HIS D 333 -20.35 -29.10 -18.66
CA HIS D 333 -19.46 -28.89 -17.51
C HIS D 333 -18.03 -28.61 -17.96
N ARG D 334 -17.64 -29.10 -19.14
CA ARG D 334 -16.35 -28.75 -19.71
C ARG D 334 -16.36 -27.31 -20.21
N ALA D 335 -17.40 -26.93 -20.94
CA ALA D 335 -17.55 -25.56 -21.46
C ALA D 335 -17.45 -24.51 -20.39
N GLU D 336 -18.11 -24.76 -19.26
CA GLU D 336 -18.04 -23.87 -18.15
C GLU D 336 -16.59 -23.53 -17.78
N GLY D 337 -15.75 -24.55 -17.64
CA GLY D 337 -14.33 -24.33 -17.39
C GLY D 337 -13.68 -23.53 -18.51
N ASP D 338 -13.99 -23.87 -19.75
CA ASP D 338 -13.44 -23.14 -20.89
C ASP D 338 -13.85 -21.69 -20.71
N TYR D 339 -15.09 -21.51 -20.28
CA TYR D 339 -15.72 -20.20 -20.10
C TYR D 339 -15.00 -19.37 -19.05
N VAL D 340 -14.70 -20.02 -17.92
CA VAL D 340 -13.99 -19.40 -16.82
C VAL D 340 -12.61 -18.91 -17.22
N ALA D 341 -11.88 -19.71 -18.00
CA ALA D 341 -10.58 -19.30 -18.55
C ALA D 341 -10.70 -18.10 -19.50
N ASP D 342 -11.75 -18.09 -20.32
CA ASP D 342 -11.94 -17.02 -21.27
C ASP D 342 -11.86 -15.70 -20.53
N TRP D 343 -12.42 -15.67 -19.33
CA TRP D 343 -12.53 -14.44 -18.55
C TRP D 343 -11.31 -14.07 -17.73
N LEU D 344 -10.71 -15.04 -17.06
CA LEU D 344 -9.47 -14.77 -16.33
C LEU D 344 -8.40 -14.28 -17.29
N THR D 345 -8.48 -14.68 -18.56
CA THR D 345 -7.55 -14.11 -19.51
C THR D 345 -7.98 -12.66 -19.72
N ARG D 346 -9.27 -12.49 -19.96
CA ARG D 346 -9.80 -11.20 -20.34
C ARG D 346 -9.56 -10.16 -19.27
N LEU D 347 -9.87 -10.53 -18.03
CA LEU D 347 -9.70 -9.64 -16.91
C LEU D 347 -8.21 -9.45 -16.62
N HIS D 348 -7.41 -10.50 -16.78
CA HIS D 348 -5.98 -10.34 -16.69
C HIS D 348 -5.51 -9.39 -17.77
N GLY D 349 -6.23 -9.42 -18.89
CA GLY D 349 -5.92 -8.55 -20.02
C GLY D 349 -6.45 -7.16 -19.82
N GLU D 350 -7.50 -7.02 -19.02
CA GLU D 350 -8.02 -5.71 -18.68
C GLU D 350 -7.25 -5.08 -17.50
N GLY D 351 -6.13 -5.72 -17.12
CA GLY D 351 -5.21 -5.16 -16.15
C GLY D 351 -5.36 -5.74 -14.77
N ARG D 352 -5.98 -6.91 -14.68
CA ARG D 352 -6.30 -7.53 -13.40
C ARG D 352 -5.45 -8.77 -13.10
N ALA D 353 -4.87 -8.85 -11.91
CA ALA D 353 -3.91 -9.91 -11.57
C ALA D 353 -4.56 -11.25 -11.30
N TRP D 354 -3.81 -12.34 -11.45
CA TRP D 354 -4.31 -13.65 -11.08
C TRP D 354 -4.72 -13.66 -9.61
N SER D 355 -3.91 -13.02 -8.75
CA SER D 355 -4.17 -12.95 -7.32
C SER D 355 -5.58 -12.48 -7.10
N GLU D 356 -5.99 -11.48 -7.87
CA GLU D 356 -7.24 -10.82 -7.63
C GLU D 356 -8.45 -11.76 -7.83
N MET D 357 -8.24 -12.90 -8.48
CA MET D 357 -9.35 -13.74 -8.91
C MET D 357 -9.42 -15.16 -8.31
N ALA D 358 -10.63 -15.65 -8.07
CA ALA D 358 -10.78 -17.02 -7.54
C ALA D 358 -12.05 -17.74 -8.06
N ILE D 359 -12.02 -19.07 -7.94
CA ILE D 359 -13.11 -19.93 -8.42
C ILE D 359 -13.56 -20.81 -7.28
N LEU D 360 -14.87 -20.88 -7.08
CA LEU D 360 -15.40 -21.57 -5.95
C LEU D 360 -16.28 -22.68 -6.42
N TYR D 361 -16.06 -23.85 -5.84
CA TYR D 361 -16.86 -25.03 -6.14
C TYR D 361 -17.29 -25.73 -4.88
N ARG D 362 -18.38 -26.46 -5.00
CA ARG D 362 -19.00 -27.13 -3.88
C ARG D 362 -18.19 -28.33 -3.42
N THR D 363 -17.60 -29.04 -4.38
CA THR D 363 -16.88 -30.27 -4.12
C THR D 363 -15.59 -30.22 -4.89
N ASN D 364 -14.56 -30.83 -4.34
CA ASN D 364 -13.23 -30.72 -4.92
C ASN D 364 -13.13 -31.31 -6.28
N ALA D 365 -13.91 -32.36 -6.51
CA ALA D 365 -14.02 -33.04 -7.81
C ALA D 365 -14.03 -32.05 -8.96
N GLN D 366 -14.76 -30.95 -8.75
CA GLN D 366 -15.03 -29.97 -9.78
C GLN D 366 -13.81 -29.19 -10.25
N SER D 367 -12.75 -29.21 -9.44
CA SER D 367 -11.57 -28.44 -9.74
C SER D 367 -10.86 -28.93 -10.97
N ARG D 368 -10.94 -30.24 -11.21
CA ARG D 368 -10.12 -30.88 -12.26
C ARG D 368 -10.42 -30.35 -13.65
N VAL D 369 -11.68 -30.39 -14.04
CA VAL D 369 -12.14 -29.84 -15.32
C VAL D 369 -11.75 -28.38 -15.46
N ILE D 370 -11.90 -27.63 -14.36
CA ILE D 370 -11.48 -26.23 -14.26
C ILE D 370 -10.00 -26.10 -14.52
N GLU D 371 -9.25 -26.91 -13.78
CA GLU D 371 -7.81 -26.82 -13.77
C GLU D 371 -7.25 -27.07 -15.14
N GLU D 372 -7.74 -28.13 -15.77
CA GLU D 372 -7.33 -28.50 -17.12
C GLU D 372 -7.61 -27.38 -18.12
N SER D 373 -8.70 -26.64 -17.91
CA SER D 373 -9.08 -25.51 -18.79
C SER D 373 -8.14 -24.31 -18.68
N LEU D 374 -7.69 -24.02 -17.46
CA LEU D 374 -6.78 -22.91 -17.25
C LEU D 374 -5.44 -23.31 -17.83
N ARG D 375 -5.02 -24.54 -17.51
CA ARG D 375 -3.74 -25.10 -17.94
C ARG D 375 -3.61 -25.11 -19.45
N ARG D 376 -4.72 -25.29 -20.16
CA ARG D 376 -4.75 -25.26 -21.62
C ARG D 376 -4.46 -23.85 -22.17
N VAL D 377 -4.91 -22.83 -21.44
CA VAL D 377 -4.66 -21.43 -21.82
C VAL D 377 -3.58 -20.83 -20.92
N GLN D 378 -2.65 -21.68 -20.47
CA GLN D 378 -1.46 -21.29 -19.72
C GLN D 378 -1.72 -20.28 -18.60
N ILE D 379 -2.81 -20.51 -17.86
CA ILE D 379 -3.21 -19.66 -16.73
C ILE D 379 -2.76 -20.28 -15.44
N PRO D 380 -1.94 -19.56 -14.66
CA PRO D 380 -1.44 -20.05 -13.39
C PRO D 380 -2.54 -20.43 -12.41
N ALA D 381 -2.28 -21.47 -11.62
CA ALA D 381 -3.29 -22.05 -10.75
C ALA D 381 -2.72 -22.43 -9.40
N ARG D 382 -3.53 -22.24 -8.39
CA ARG D 382 -3.19 -22.54 -7.04
C ARG D 382 -4.44 -23.23 -6.57
N ILE D 383 -4.32 -24.49 -6.14
CA ILE D 383 -5.50 -25.23 -5.66
C ILE D 383 -5.35 -25.44 -4.18
N VAL D 384 -6.32 -24.98 -3.40
CA VAL D 384 -6.23 -25.03 -1.93
C VAL D 384 -6.67 -26.41 -1.43
N GLY D 385 -5.71 -27.22 -0.96
CA GLY D 385 -5.95 -28.62 -0.60
C GLY D 385 -4.63 -29.36 -0.40
N TYR D 390 -2.08 -29.92 2.62
CA TYR D 390 -1.61 -28.66 3.16
C TYR D 390 -0.25 -28.81 3.82
N ASP D 391 0.81 -29.10 3.05
CA ASP D 391 2.18 -29.25 3.60
C ASP D 391 2.40 -30.51 4.48
N ARG D 392 1.34 -31.17 4.91
CA ARG D 392 1.41 -32.05 6.07
C ARG D 392 2.30 -33.31 6.02
N ARG D 393 2.24 -34.12 4.97
CA ARG D 393 2.86 -35.47 5.00
C ARG D 393 4.31 -35.53 5.48
N GLU D 394 5.15 -34.66 4.93
CA GLU D 394 6.60 -34.68 5.24
C GLU D 394 6.93 -33.96 6.55
N ILE D 395 6.04 -33.07 6.95
CA ILE D 395 6.22 -32.41 8.22
C ILE D 395 5.89 -33.37 9.36
N ARG D 396 4.72 -34.00 9.28
CA ARG D 396 4.28 -35.01 10.26
C ARG D 396 5.17 -36.25 10.36
N ASP D 397 5.82 -36.61 9.26
CA ASP D 397 6.88 -37.61 9.32
C ASP D 397 8.02 -37.20 10.24
N ILE D 398 8.71 -36.11 9.91
CA ILE D 398 9.78 -35.59 10.79
C ILE D 398 9.40 -35.57 12.27
N LEU D 399 8.24 -35.01 12.58
CA LEU D 399 7.67 -35.07 13.93
C LEU D 399 7.63 -36.49 14.53
N ALA D 400 7.17 -37.47 13.74
CA ALA D 400 7.20 -38.86 14.19
C ALA D 400 8.61 -39.33 14.70
N TYR D 401 9.66 -38.92 13.99
CA TYR D 401 11.01 -39.15 14.47
C TYR D 401 11.22 -38.38 15.77
N ALA D 402 10.72 -37.14 15.79
CA ALA D 402 10.99 -36.24 16.88
C ALA D 402 10.27 -36.84 18.08
N ARG D 403 9.08 -37.35 17.81
CA ARG D 403 8.25 -37.76 18.91
C ARG D 403 8.60 -39.15 19.35
N LEU D 404 9.19 -39.91 18.44
CA LEU D 404 9.75 -41.20 18.84
C LEU D 404 11.05 -40.98 19.60
N ALA D 405 11.83 -40.01 19.15
CA ALA D 405 13.02 -39.61 19.90
C ALA D 405 12.66 -39.15 21.31
N LEU D 406 11.66 -38.29 21.44
CA LEU D 406 11.35 -37.72 22.74
C LEU D 406 10.80 -38.73 23.71
N ASN D 407 9.85 -39.51 23.24
CA ASN D 407 9.27 -40.57 24.04
C ASN D 407 9.37 -41.84 23.27
N PRO D 408 10.39 -42.67 23.57
CA PRO D 408 10.37 -43.97 22.92
C PRO D 408 9.03 -44.53 23.34
N ALA D 409 8.56 -45.58 22.71
CA ALA D 409 7.20 -46.04 23.09
C ALA D 409 6.15 -45.31 22.33
N ASP D 410 6.54 -44.30 21.56
CA ASP D 410 5.56 -43.75 20.66
C ASP D 410 5.37 -44.73 19.49
N ASP D 411 4.68 -45.83 19.75
CA ASP D 411 4.63 -46.87 18.72
C ASP D 411 3.92 -46.43 17.43
N VAL D 412 2.98 -45.49 17.55
CA VAL D 412 2.35 -44.91 16.38
C VAL D 412 3.33 -44.11 15.53
N ALA D 413 4.21 -43.35 16.18
CA ALA D 413 5.27 -42.58 15.50
C ALA D 413 6.17 -43.56 14.78
N LEU D 414 6.62 -44.57 15.51
CA LEU D 414 7.41 -45.63 14.92
C LEU D 414 6.77 -46.33 13.67
N ARG D 415 5.51 -46.75 13.73
CA ARG D 415 4.91 -47.41 12.59
C ARG D 415 4.92 -46.57 11.34
N ARG D 416 4.97 -45.26 11.51
CA ARG D 416 4.85 -44.40 10.36
C ARG D 416 6.20 -44.10 9.73
N ILE D 417 7.16 -43.69 10.55
CA ILE D 417 8.53 -43.41 10.10
C ILE D 417 9.31 -44.67 9.70
N ILE D 418 8.87 -45.82 10.19
CA ILE D 418 9.58 -47.05 9.92
C ILE D 418 9.69 -47.19 8.41
N GLY D 419 8.62 -46.79 7.70
CA GLY D 419 8.54 -47.00 6.28
C GLY D 419 9.32 -45.96 5.51
N ARG D 420 9.29 -44.72 6.00
CA ARG D 420 9.66 -43.57 5.16
C ARG D 420 11.01 -43.71 4.45
N PRO D 421 12.11 -43.69 5.24
CA PRO D 421 13.31 -44.24 4.61
C PRO D 421 13.21 -45.73 4.95
N ARG D 422 13.52 -46.61 4.01
CA ARG D 422 13.32 -48.04 4.23
C ARG D 422 14.57 -48.67 4.82
N ARG D 423 14.47 -49.20 6.04
CA ARG D 423 15.62 -49.75 6.74
C ARG D 423 15.74 -51.22 6.53
N GLY D 424 14.92 -51.79 5.65
CA GLY D 424 14.83 -53.23 5.52
C GLY D 424 14.19 -53.82 6.78
N ILE D 425 12.97 -53.39 7.05
CA ILE D 425 12.11 -53.99 8.07
C ILE D 425 10.79 -54.18 7.33
N GLY D 426 10.11 -55.31 7.54
CA GLY D 426 8.93 -55.59 6.72
C GLY D 426 7.79 -56.19 7.50
N ASP D 427 6.69 -56.50 6.79
CA ASP D 427 5.51 -57.14 7.40
C ASP D 427 5.90 -58.18 8.43
N THR D 428 6.94 -58.94 8.08
CA THR D 428 7.48 -59.99 8.91
C THR D 428 8.11 -59.41 10.19
N ALA D 429 9.27 -58.77 10.06
CA ALA D 429 10.00 -58.25 11.21
C ALA D 429 9.07 -57.43 12.09
N LEU D 430 8.45 -56.44 11.47
CA LEU D 430 7.48 -55.57 12.08
C LEU D 430 6.57 -56.40 12.97
N GLN D 431 5.81 -57.30 12.36
CA GLN D 431 4.80 -58.02 13.12
C GLN D 431 5.37 -58.93 14.17
N LYS D 432 6.53 -59.51 13.91
CA LYS D 432 7.20 -60.32 14.93
C LYS D 432 7.61 -59.39 16.05
N LEU D 433 8.27 -58.29 15.70
CA LEU D 433 8.67 -57.31 16.69
C LEU D 433 7.52 -56.82 17.54
N MET D 434 6.34 -56.68 16.94
CA MET D 434 5.19 -56.20 17.69
C MET D 434 4.54 -57.31 18.51
N GLU D 435 4.57 -58.54 18.02
CA GLU D 435 3.98 -59.65 18.77
C GLU D 435 4.80 -59.78 20.04
N TRP D 436 6.11 -59.89 19.87
CA TRP D 436 7.01 -60.00 20.99
C TRP D 436 6.78 -58.91 22.02
N ALA D 437 6.51 -57.70 21.53
CA ALA D 437 6.39 -56.54 22.39
C ALA D 437 5.08 -56.58 23.14
N ARG D 438 3.99 -56.87 22.43
CA ARG D 438 2.70 -56.96 23.11
C ARG D 438 2.86 -58.00 24.19
N THR D 439 3.60 -59.06 23.87
CA THR D 439 3.71 -60.24 24.70
C THR D 439 4.49 -60.00 25.99
N HIS D 440 5.39 -59.03 25.97
CA HIS D 440 6.17 -58.71 27.16
C HIS D 440 5.86 -57.36 27.82
N HIS D 441 4.84 -56.66 27.32
CA HIS D 441 4.51 -55.32 27.80
C HIS D 441 5.66 -54.35 27.53
N THR D 442 6.09 -54.28 26.28
CA THR D 442 7.19 -53.44 25.91
C THR D 442 6.88 -52.64 24.66
N SER D 443 7.61 -51.54 24.51
CA SER D 443 7.62 -50.74 23.30
C SER D 443 8.17 -51.54 22.08
N VAL D 444 7.53 -51.37 20.92
CA VAL D 444 8.06 -51.96 19.70
C VAL D 444 9.51 -51.58 19.49
N LEU D 445 9.83 -50.32 19.71
CA LEU D 445 11.20 -49.85 19.56
C LEU D 445 12.16 -50.54 20.53
N THR D 446 11.73 -50.81 21.76
CA THR D 446 12.61 -51.57 22.64
C THR D 446 12.74 -52.98 22.08
N ALA D 447 11.66 -53.50 21.48
CA ALA D 447 11.72 -54.77 20.75
C ALA D 447 12.81 -54.72 19.67
N CYS D 448 12.77 -53.70 18.82
CA CYS D 448 13.90 -53.45 17.93
C CYS D 448 15.22 -53.57 18.66
N ALA D 449 15.36 -52.81 19.76
CA ALA D 449 16.63 -52.72 20.45
C ALA D 449 17.11 -54.08 20.95
N ASN D 450 16.15 -54.98 21.20
CA ASN D 450 16.43 -56.32 21.74
C ASN D 450 16.17 -57.48 20.76
N ALA D 451 16.26 -57.23 19.46
CA ALA D 451 15.93 -58.24 18.46
C ALA D 451 16.96 -59.33 18.49
N ALA D 452 18.21 -58.92 18.65
CA ALA D 452 19.37 -59.82 18.64
C ALA D 452 19.48 -60.57 19.95
N GLU D 453 19.25 -59.90 21.07
CA GLU D 453 19.43 -60.50 22.38
C GLU D 453 18.38 -61.54 22.70
N GLN D 454 17.14 -61.27 22.29
CA GLN D 454 16.06 -62.25 22.45
C GLN D 454 15.75 -62.90 21.11
N ASN D 455 14.58 -63.52 21.01
CA ASN D 455 14.27 -64.37 19.86
C ASN D 455 13.67 -63.64 18.65
N ILE D 456 14.50 -63.22 17.70
CA ILE D 456 14.01 -62.89 16.34
C ILE D 456 14.98 -63.47 15.27
N LEU D 457 14.44 -64.29 14.36
CA LEU D 457 15.31 -65.07 13.48
C LEU D 457 15.93 -64.24 12.37
N ASP D 458 16.92 -64.84 11.72
CA ASP D 458 17.67 -64.24 10.61
C ASP D 458 18.67 -63.19 11.11
N ARG D 459 19.39 -62.61 10.15
CA ARG D 459 20.36 -61.55 10.42
C ARG D 459 19.65 -60.18 10.48
N GLY D 460 18.55 -60.05 9.74
CA GLY D 460 17.75 -58.82 9.67
C GLY D 460 17.56 -58.10 11.00
N ALA D 461 17.54 -58.89 12.07
CA ALA D 461 17.57 -58.39 13.44
C ALA D 461 18.52 -57.21 13.60
N HIS D 462 19.58 -57.17 12.81
CA HIS D 462 20.53 -56.10 12.90
C HIS D 462 19.96 -54.80 12.33
N LYS D 463 19.16 -54.89 11.26
CA LYS D 463 18.41 -53.74 10.72
C LYS D 463 17.48 -53.15 11.77
N ALA D 464 16.93 -54.03 12.61
CA ALA D 464 16.12 -53.64 13.74
C ALA D 464 16.98 -52.95 14.81
N THR D 465 18.10 -53.56 15.17
CA THR D 465 18.97 -53.03 16.22
C THR D 465 19.61 -51.69 15.84
N GLU D 466 19.85 -51.48 14.55
CA GLU D 466 20.44 -50.23 14.10
C GLU D 466 19.45 -49.10 14.21
N PHE D 467 18.20 -49.38 13.85
CA PHE D 467 17.15 -48.38 13.97
C PHE D 467 17.09 -47.89 15.39
N ALA D 468 16.98 -48.83 16.34
CA ALA D 468 17.01 -48.48 17.74
C ALA D 468 18.22 -47.60 17.99
N GLY D 469 19.37 -48.04 17.45
CA GLY D 469 20.64 -47.38 17.65
C GLY D 469 20.56 -45.92 17.28
N LEU D 470 20.02 -45.63 16.11
CA LEU D 470 19.99 -44.25 15.64
C LEU D 470 18.89 -43.46 16.31
N MET D 471 17.80 -44.13 16.67
CA MET D 471 16.71 -43.48 17.36
C MET D 471 17.29 -42.92 18.62
N GLU D 472 17.94 -43.79 19.38
CA GLU D 472 18.50 -43.38 20.65
C GLU D 472 19.64 -42.39 20.44
N ALA D 473 20.22 -42.43 19.25
CA ALA D 473 21.17 -41.40 18.85
C ALA D 473 20.44 -40.06 18.86
N MET D 474 19.31 -40.01 18.18
CA MET D 474 18.47 -38.83 18.14
C MET D 474 18.03 -38.42 19.54
N SER D 475 17.65 -39.38 20.37
CA SER D 475 17.20 -39.05 21.71
C SER D 475 18.25 -38.27 22.46
N GLU D 476 19.51 -38.69 22.34
CA GLU D 476 20.60 -37.98 22.99
C GLU D 476 20.66 -36.52 22.48
N ALA D 477 20.46 -36.36 21.18
CA ALA D 477 20.46 -35.04 20.57
C ALA D 477 19.46 -34.11 21.24
N ALA D 478 18.17 -34.46 21.16
CA ALA D 478 17.10 -33.66 21.73
C ALA D 478 17.42 -33.11 23.11
N ASP D 479 17.93 -33.97 23.98
CA ASP D 479 18.30 -33.57 25.33
C ASP D 479 19.35 -32.47 25.32
N ASN D 480 20.21 -32.48 24.28
CA ASN D 480 21.38 -31.62 24.20
C ASN D 480 21.47 -30.75 22.97
N TYR D 481 20.35 -30.23 22.50
CA TYR D 481 20.37 -29.39 21.31
C TYR D 481 19.33 -28.29 21.38
N GLU D 482 19.38 -27.40 20.39
CA GLU D 482 18.31 -26.46 20.10
C GLU D 482 17.24 -27.19 19.30
N PRO D 483 16.06 -26.57 19.12
CA PRO D 483 15.03 -27.18 18.29
C PRO D 483 15.38 -27.21 16.80
N ALA D 484 15.95 -26.13 16.27
CA ALA D 484 16.35 -26.06 14.85
C ALA D 484 17.40 -27.10 14.51
N ALA D 485 18.46 -27.18 15.32
CA ALA D 485 19.56 -28.11 15.08
C ALA D 485 19.10 -29.53 15.19
N PHE D 486 18.16 -29.78 16.11
CA PHE D 486 17.62 -31.11 16.31
C PHE D 486 16.98 -31.65 15.04
N LEU D 487 16.19 -30.83 14.36
CA LEU D 487 15.60 -31.24 13.08
C LEU D 487 16.64 -31.49 11.98
N ARG D 488 17.76 -30.77 12.02
CA ARG D 488 18.86 -31.00 11.10
C ARG D 488 19.49 -32.35 11.39
N PHE D 489 19.66 -32.63 12.67
CA PHE D 489 20.16 -33.92 13.11
C PHE D 489 19.16 -35.01 12.70
N VAL D 490 17.90 -34.86 13.10
CA VAL D 490 16.86 -35.85 12.72
C VAL D 490 16.77 -36.03 11.22
N MET D 491 16.87 -34.94 10.47
CA MET D 491 16.74 -35.01 9.01
C MET D 491 17.91 -35.82 8.39
N GLU D 492 19.14 -35.40 8.68
CA GLU D 492 20.31 -36.06 8.09
C GLU D 492 20.50 -37.50 8.54
N THR D 493 20.23 -37.78 9.82
CA THR D 493 20.34 -39.15 10.32
C THR D 493 19.19 -40.05 9.86
N SER D 494 17.99 -39.47 9.74
CA SER D 494 16.81 -40.24 9.32
C SER D 494 16.92 -40.70 7.88
N GLY D 495 17.52 -39.89 7.03
CA GLY D 495 17.56 -40.16 5.60
C GLY D 495 16.20 -39.88 4.98
N TYR D 496 15.43 -39.02 5.63
CA TYR D 496 14.18 -38.61 5.06
C TYR D 496 14.50 -37.70 3.90
N LEU D 497 15.62 -37.00 4.01
CA LEU D 497 16.12 -36.14 2.95
C LEU D 497 16.48 -36.93 1.70
N ASP D 498 17.17 -38.05 1.90
CA ASP D 498 17.64 -38.88 0.79
C ASP D 498 16.46 -39.50 0.07
N LEU D 499 15.46 -39.94 0.83
CA LEU D 499 14.22 -40.49 0.26
C LEU D 499 13.64 -39.45 -0.66
N LEU D 500 13.69 -38.20 -0.20
CA LEU D 500 13.24 -37.09 -1.00
C LEU D 500 14.40 -36.51 -1.79
N ARG D 501 15.49 -37.24 -1.97
CA ARG D 501 16.63 -36.70 -2.72
C ARG D 501 16.27 -37.25 -4.12
N GLN D 502 15.93 -38.53 -4.16
CA GLN D 502 15.38 -39.17 -5.36
C GLN D 502 13.98 -38.65 -5.70
N GLU D 503 13.14 -38.54 -4.69
CA GLU D 503 11.79 -37.99 -4.83
C GLU D 503 11.75 -36.46 -4.83
N GLY D 504 12.90 -35.85 -4.50
CA GLY D 504 13.04 -34.40 -4.38
C GLY D 504 13.81 -33.87 -5.61
N GLN D 505 14.07 -34.79 -6.53
CA GLN D 505 14.33 -34.41 -7.92
C GLN D 505 12.99 -34.58 -8.66
N GLU D 506 12.03 -35.19 -7.95
CA GLU D 506 10.64 -35.34 -8.38
C GLU D 506 9.72 -34.29 -7.72
N GLY D 507 9.92 -34.06 -6.42
CA GLY D 507 9.07 -33.18 -5.62
C GLY D 507 9.66 -31.79 -5.43
N GLN D 508 10.90 -31.73 -4.89
CA GLN D 508 11.65 -30.47 -4.67
C GLN D 508 11.00 -29.53 -3.67
N VAL D 509 9.67 -29.52 -3.66
CA VAL D 509 8.90 -28.62 -2.82
C VAL D 509 8.89 -29.19 -1.43
N ARG D 510 8.79 -30.52 -1.35
CA ARG D 510 8.71 -31.17 -0.06
C ARG D 510 10.03 -31.05 0.72
N LEU D 511 11.17 -31.02 0.03
CA LEU D 511 12.43 -30.72 0.68
C LEU D 511 12.50 -29.26 1.16
N GLU D 512 11.80 -28.40 0.42
CA GLU D 512 11.83 -26.95 0.63
C GLU D 512 11.10 -26.50 1.90
N ASN D 513 9.81 -26.82 2.01
CA ASN D 513 9.03 -26.49 3.20
C ASN D 513 9.42 -27.28 4.45
N LEU D 514 10.25 -28.31 4.26
CA LEU D 514 10.96 -28.93 5.35
C LEU D 514 12.08 -28.03 5.82
N GLU D 515 12.73 -27.36 4.87
CA GLU D 515 13.77 -26.38 5.18
C GLU D 515 13.10 -25.14 5.73
N GLU D 516 11.88 -24.90 5.24
CA GLU D 516 11.01 -23.84 5.75
C GLU D 516 10.61 -24.11 7.19
N LEU D 517 10.26 -25.37 7.48
CA LEU D 517 10.04 -25.83 8.85
C LEU D 517 11.24 -25.49 9.74
N VAL D 518 12.43 -25.96 9.33
CA VAL D 518 13.69 -25.75 10.05
C VAL D 518 13.96 -24.28 10.32
N SER D 519 13.66 -23.45 9.32
CA SER D 519 13.77 -22.01 9.51
C SER D 519 12.78 -21.53 10.58
N ALA D 520 11.49 -21.87 10.43
CA ALA D 520 10.46 -21.52 11.42
C ALA D 520 10.83 -21.91 12.84
N ALA D 521 11.60 -22.98 12.97
CA ALA D 521 12.14 -23.40 14.25
C ALA D 521 13.07 -22.33 14.82
N GLU D 522 13.93 -21.78 13.97
CA GLU D 522 14.83 -20.70 14.38
C GLU D 522 14.00 -19.52 14.90
N GLU D 523 12.92 -19.22 14.18
CA GLU D 523 12.01 -18.11 14.51
C GLU D 523 11.30 -18.32 15.84
N TRP D 524 10.93 -19.58 16.11
CA TRP D 524 10.33 -20.00 17.37
C TRP D 524 11.24 -19.70 18.55
N SER D 525 12.54 -19.65 18.29
CA SER D 525 13.53 -19.50 19.35
C SER D 525 14.00 -18.06 19.58
N GLN D 526 13.51 -17.14 18.75
CA GLN D 526 13.80 -15.73 18.95
C GLN D 526 12.81 -15.10 19.94
N ASP D 527 11.53 -15.29 19.68
CA ASP D 527 10.48 -14.86 20.60
C ASP D 527 10.80 -15.41 21.98
N GLU D 528 10.84 -14.56 23.02
CA GLU D 528 11.20 -15.00 24.39
C GLU D 528 10.40 -16.21 24.91
N ALA D 529 11.07 -17.09 25.64
CA ALA D 529 10.58 -18.44 25.99
C ALA D 529 10.53 -19.35 24.74
N GLY D 533 11.80 -22.28 26.67
CA GLY D 533 11.01 -23.05 25.72
C GLY D 533 11.64 -24.38 25.33
N SER D 534 10.92 -25.45 25.67
CA SER D 534 11.33 -26.85 25.44
C SER D 534 11.12 -27.26 23.98
N ILE D 535 11.97 -28.16 23.46
CA ILE D 535 11.66 -28.86 22.18
C ILE D 535 10.22 -29.36 22.19
N ALA D 536 9.88 -30.13 23.22
CA ALA D 536 8.50 -30.53 23.48
C ALA D 536 7.46 -29.47 23.11
N ASP D 537 7.74 -28.21 23.45
CA ASP D 537 6.86 -27.07 23.17
C ASP D 537 6.69 -26.78 21.70
N PHE D 538 7.81 -26.59 21.02
CA PHE D 538 7.78 -26.28 19.63
C PHE D 538 6.84 -27.24 18.91
N LEU D 539 6.97 -28.51 19.29
CA LEU D 539 6.28 -29.61 18.66
C LEU D 539 4.80 -29.59 18.93
N ASP D 540 4.41 -28.92 20.00
CA ASP D 540 3.00 -28.87 20.40
C ASP D 540 2.27 -27.95 19.43
N ASP D 541 2.97 -26.90 19.01
CA ASP D 541 2.37 -26.01 18.05
C ASP D 541 2.33 -26.67 16.69
N ALA D 542 3.48 -27.14 16.20
CA ALA D 542 3.59 -27.84 14.93
C ALA D 542 2.48 -28.87 14.66
N ALA D 543 2.16 -29.67 15.66
CA ALA D 543 1.11 -30.69 15.54
C ALA D 543 -0.26 -30.13 15.17
N LEU D 544 -0.43 -28.87 15.48
CA LEU D 544 -1.70 -28.25 15.19
C LEU D 544 -1.58 -27.58 13.84
N LEU D 545 -0.36 -27.13 13.50
CA LEU D 545 -0.07 -26.53 12.20
C LEU D 545 -0.52 -27.45 11.07
N SER D 546 -1.55 -27.01 10.35
CA SER D 546 -1.97 -27.59 9.08
C SER D 546 -1.48 -26.65 7.98
N SER D 547 -0.32 -27.01 7.42
CA SER D 547 0.53 -26.12 6.60
C SER D 547 1.51 -25.32 7.47
N VAL D 548 2.64 -24.93 6.87
CA VAL D 548 3.54 -24.01 7.52
C VAL D 548 2.85 -22.64 7.43
N ASP D 549 1.84 -22.48 8.26
CA ASP D 549 1.25 -21.18 8.54
C ASP D 549 2.45 -20.35 8.95
N ASP D 550 2.96 -20.60 10.16
CA ASP D 550 4.13 -19.92 10.72
C ASP D 550 3.91 -19.63 12.21
N GLY D 559 6.34 -16.31 2.73
CA GLY D 559 6.77 -15.91 1.37
C GLY D 559 5.65 -15.18 0.64
N ALA D 560 6.01 -14.54 -0.49
CA ALA D 560 5.10 -13.69 -1.28
C ALA D 560 3.98 -14.44 -2.03
N PRO D 561 2.77 -13.83 -2.16
CA PRO D 561 1.62 -14.45 -2.88
C PRO D 561 2.00 -14.96 -4.28
N GLU D 562 1.39 -16.07 -4.70
CA GLU D 562 1.84 -16.81 -5.89
C GLU D 562 1.43 -16.19 -7.25
N ASP D 563 0.59 -15.15 -7.20
CA ASP D 563 0.07 -14.54 -8.42
C ASP D 563 -0.49 -15.61 -9.36
N ALA D 564 -1.33 -16.48 -8.80
CA ALA D 564 -2.10 -17.43 -9.58
C ALA D 564 -3.56 -17.13 -9.31
N VAL D 565 -4.43 -17.73 -10.11
CA VAL D 565 -5.83 -17.79 -9.79
C VAL D 565 -5.96 -18.79 -8.64
N THR D 566 -6.99 -18.66 -7.82
CA THR D 566 -7.14 -19.57 -6.71
C THR D 566 -8.38 -20.42 -6.86
N LEU D 567 -8.24 -21.69 -6.51
CA LEU D 567 -9.33 -22.66 -6.58
C LEU D 567 -9.57 -23.23 -5.21
N MET D 568 -10.80 -23.23 -4.73
CA MET D 568 -11.07 -23.84 -3.42
C MET D 568 -12.54 -24.24 -3.30
N THR D 569 -12.91 -24.90 -2.20
CA THR D 569 -14.33 -25.17 -1.97
C THR D 569 -14.97 -23.96 -1.35
N LEU D 570 -16.30 -23.88 -1.42
CA LEU D 570 -16.98 -22.78 -0.79
C LEU D 570 -16.70 -22.83 0.71
N HIS D 571 -16.72 -24.01 1.31
CA HIS D 571 -16.30 -24.14 2.70
C HIS D 571 -14.95 -23.50 2.94
N ASN D 572 -13.96 -23.86 2.13
CA ASN D 572 -12.63 -23.28 2.29
C ASN D 572 -12.59 -21.76 2.17
N ALA D 573 -13.52 -21.21 1.40
CA ALA D 573 -13.54 -19.78 1.08
C ALA D 573 -13.75 -18.85 2.29
N LYS D 574 -14.49 -19.32 3.29
CA LYS D 574 -14.84 -18.52 4.48
C LYS D 574 -13.69 -17.71 5.06
N GLY D 575 -13.95 -16.45 5.34
CA GLY D 575 -12.95 -15.56 5.86
C GLY D 575 -11.90 -15.08 4.85
N LEU D 576 -12.11 -15.37 3.56
CA LEU D 576 -11.27 -14.76 2.53
C LEU D 576 -12.14 -13.92 1.64
N GLU D 577 -11.54 -13.10 0.78
CA GLU D 577 -12.31 -12.20 -0.06
C GLU D 577 -11.47 -11.87 -1.28
N PHE D 578 -12.08 -11.90 -2.46
CA PHE D 578 -11.32 -11.64 -3.67
C PHE D 578 -12.06 -10.64 -4.51
N PRO D 579 -11.31 -9.63 -5.04
CA PRO D 579 -11.79 -8.63 -5.99
C PRO D 579 -12.67 -9.32 -6.98
N VAL D 580 -12.20 -10.46 -7.48
CA VAL D 580 -12.97 -11.24 -8.45
C VAL D 580 -13.27 -12.65 -8.01
N VAL D 581 -14.53 -13.05 -8.12
CA VAL D 581 -14.93 -14.40 -7.74
C VAL D 581 -15.83 -15.09 -8.73
N PHE D 582 -15.41 -16.28 -9.10
CA PHE D 582 -16.21 -17.15 -9.95
C PHE D 582 -16.86 -18.20 -9.07
N ILE D 583 -18.17 -18.38 -9.15
CA ILE D 583 -18.80 -19.45 -8.39
C ILE D 583 -19.42 -20.37 -9.42
N VAL D 584 -18.99 -21.62 -9.41
CA VAL D 584 -19.34 -22.56 -10.47
C VAL D 584 -20.25 -23.67 -10.00
N GLY D 585 -20.76 -24.42 -10.98
CA GLY D 585 -21.65 -25.56 -10.76
C GLY D 585 -22.68 -25.18 -9.74
N VAL D 586 -23.47 -24.18 -10.06
CA VAL D 586 -24.42 -23.64 -9.12
C VAL D 586 -25.72 -24.29 -9.54
N GLU D 587 -25.89 -25.57 -9.18
CA GLU D 587 -27.04 -26.32 -9.66
C GLU D 587 -27.68 -27.12 -8.57
N GLN D 588 -28.90 -27.61 -8.82
CA GLN D 588 -29.57 -28.54 -7.89
C GLN D 588 -28.81 -29.82 -7.92
N GLY D 589 -28.66 -30.41 -6.74
CA GLY D 589 -27.93 -31.65 -6.59
C GLY D 589 -26.47 -31.36 -6.35
N LEU D 590 -26.07 -30.11 -6.54
CA LEU D 590 -24.70 -29.75 -6.33
C LEU D 590 -24.57 -28.67 -5.29
N LEU D 591 -24.94 -27.44 -5.65
CA LEU D 591 -24.73 -26.36 -4.71
C LEU D 591 -25.64 -26.58 -3.53
N PRO D 592 -26.96 -26.79 -3.80
CA PRO D 592 -27.77 -27.50 -2.79
C PRO D 592 -27.49 -28.98 -2.97
N SER D 593 -26.58 -29.54 -2.17
CA SER D 593 -26.17 -30.93 -2.31
C SER D 593 -27.39 -31.83 -2.27
N LYS D 594 -27.48 -32.75 -3.23
CA LYS D 594 -28.57 -33.70 -3.23
C LYS D 594 -28.74 -34.30 -1.83
N GLY D 595 -27.63 -34.63 -1.18
CA GLY D 595 -27.64 -35.07 0.21
C GLY D 595 -28.54 -34.19 1.07
N ALA D 596 -28.16 -32.93 1.23
CA ALA D 596 -28.89 -31.99 2.07
C ALA D 596 -30.35 -31.82 1.65
N ILE D 597 -30.67 -32.15 0.40
CA ILE D 597 -32.05 -32.14 -0.08
C ILE D 597 -32.88 -33.16 0.68
N ALA D 598 -32.29 -34.31 1.01
CA ALA D 598 -32.93 -35.31 1.84
C ALA D 598 -33.25 -34.74 3.22
N GLU D 599 -32.29 -34.00 3.79
CA GLU D 599 -32.43 -33.40 5.13
C GLU D 599 -33.61 -32.44 5.22
N GLY D 600 -34.22 -32.14 4.09
CA GLY D 600 -35.36 -31.27 4.07
C GLY D 600 -34.94 -29.83 4.21
N PRO D 601 -35.86 -29.00 4.68
CA PRO D 601 -35.68 -27.56 4.81
C PRO D 601 -34.53 -27.15 5.73
N SER D 602 -34.36 -27.82 6.86
CA SER D 602 -33.27 -27.48 7.75
C SER D 602 -31.97 -27.62 7.01
N GLY D 603 -31.86 -28.69 6.24
CA GLY D 603 -30.66 -28.94 5.47
C GLY D 603 -30.44 -27.88 4.42
N ILE D 604 -31.52 -27.55 3.71
CA ILE D 604 -31.46 -26.54 2.66
C ILE D 604 -30.97 -25.21 3.18
N GLU D 605 -31.38 -24.87 4.40
CA GLU D 605 -31.00 -23.61 5.00
C GLU D 605 -29.48 -23.44 5.09
N GLU D 606 -28.78 -24.53 5.42
CA GLU D 606 -27.32 -24.46 5.48
C GLU D 606 -26.69 -24.29 4.12
N GLU D 607 -27.28 -24.92 3.11
CA GLU D 607 -26.76 -24.77 1.75
C GLU D 607 -26.82 -23.32 1.37
N ARG D 608 -27.97 -22.71 1.68
CA ARG D 608 -28.16 -21.29 1.51
C ARG D 608 -27.07 -20.49 2.24
N ARG D 609 -26.80 -20.80 3.50
CA ARG D 609 -25.69 -20.15 4.14
C ARG D 609 -24.38 -20.37 3.34
N LEU D 610 -24.22 -21.55 2.74
CA LEU D 610 -22.98 -21.79 2.01
C LEU D 610 -22.87 -20.91 0.77
N PHE D 611 -23.90 -20.95 -0.06
CA PHE D 611 -23.98 -20.08 -1.23
C PHE D 611 -23.83 -18.62 -0.85
N TYR D 612 -24.56 -18.21 0.18
CA TYR D 612 -24.39 -16.89 0.80
C TYR D 612 -22.95 -16.55 1.10
N VAL D 613 -22.31 -17.40 1.91
CA VAL D 613 -20.89 -17.24 2.21
C VAL D 613 -20.08 -17.01 0.92
N GLY D 614 -20.38 -17.78 -0.10
CA GLY D 614 -19.65 -17.68 -1.37
C GLY D 614 -19.73 -16.26 -1.88
N ILE D 615 -20.98 -15.82 -1.97
CA ILE D 615 -21.29 -14.57 -2.59
C ILE D 615 -20.59 -13.36 -1.97
N THR D 616 -20.52 -13.33 -0.65
CA THR D 616 -19.89 -12.25 0.09
C THR D 616 -18.36 -12.17 -0.02
N ARG D 617 -17.71 -13.15 -0.64
CA ARG D 617 -16.26 -13.11 -0.80
C ARG D 617 -15.89 -12.21 -1.97
N ALA D 618 -16.82 -12.07 -2.90
CA ALA D 618 -16.62 -11.26 -4.09
C ALA D 618 -16.60 -9.76 -3.73
N MET D 619 -15.50 -9.06 -4.05
CA MET D 619 -15.43 -7.60 -3.75
C MET D 619 -15.97 -6.71 -4.84
N GLU D 620 -15.62 -7.00 -6.09
CA GLU D 620 -15.95 -6.10 -7.18
C GLU D 620 -16.92 -6.74 -8.20
N ARG D 621 -16.58 -7.91 -8.70
CA ARG D 621 -17.58 -8.64 -9.48
C ARG D 621 -17.66 -10.13 -9.19
N LEU D 622 -18.84 -10.66 -9.46
CA LEU D 622 -19.19 -12.01 -9.14
C LEU D 622 -19.83 -12.70 -10.36
N LEU D 623 -19.13 -13.70 -10.88
CA LEU D 623 -19.61 -14.43 -12.03
C LEU D 623 -20.15 -15.73 -11.50
N MET D 624 -21.27 -16.19 -12.06
CA MET D 624 -21.78 -17.49 -11.66
C MET D 624 -22.02 -18.47 -12.83
N THR D 625 -21.66 -19.73 -12.58
CA THR D 625 -21.73 -20.81 -13.57
C THR D 625 -22.56 -22.00 -13.15
N ALA D 626 -23.21 -22.60 -14.13
CA ALA D 626 -23.88 -23.87 -13.98
C ALA D 626 -23.80 -24.43 -15.36
N ALA D 627 -23.98 -25.72 -15.50
CA ALA D 627 -23.92 -26.37 -16.79
C ALA D 627 -25.30 -26.91 -17.17
N GLN D 628 -25.47 -27.25 -18.47
CA GLN D 628 -26.66 -27.94 -18.97
C GLN D 628 -26.55 -29.39 -18.55
N ASN D 629 -25.39 -29.97 -18.78
CA ASN D 629 -25.06 -31.34 -18.38
C ASN D 629 -23.74 -31.40 -17.64
N ARG D 630 -23.65 -32.31 -16.68
CA ARG D 630 -22.45 -32.51 -15.85
C ARG D 630 -22.16 -33.99 -15.70
N MET D 631 -20.87 -34.32 -15.68
CA MET D 631 -20.45 -35.70 -15.44
C MET D 631 -19.92 -35.83 -14.02
N GLN D 632 -20.37 -36.85 -13.31
CA GLN D 632 -19.95 -37.07 -11.93
C GLN D 632 -19.75 -38.54 -11.66
N PHE D 633 -18.49 -38.89 -11.38
CA PHE D 633 -18.07 -40.27 -11.08
C PHE D 633 -18.31 -41.16 -12.29
N GLY D 634 -17.95 -40.66 -13.47
CA GLY D 634 -18.31 -41.33 -14.72
C GLY D 634 -19.76 -41.04 -15.04
N LYS D 635 -20.14 -41.30 -16.30
CA LYS D 635 -21.48 -40.97 -16.85
C LYS D 635 -21.65 -39.46 -17.14
N THR D 636 -22.85 -39.07 -17.54
CA THR D 636 -23.15 -37.67 -17.81
C THR D 636 -24.65 -37.49 -17.67
N ASN D 637 -25.05 -36.49 -16.91
CA ASN D 637 -26.47 -36.27 -16.65
C ASN D 637 -26.92 -34.86 -16.99
N ALA D 638 -28.23 -34.68 -17.15
CA ALA D 638 -28.81 -33.38 -17.35
C ALA D 638 -28.76 -32.65 -16.01
N ALA D 639 -28.15 -31.47 -16.00
CA ALA D 639 -28.01 -30.69 -14.77
C ALA D 639 -29.26 -29.89 -14.46
N GLU D 640 -29.86 -30.18 -13.32
CA GLU D 640 -30.88 -29.31 -12.76
C GLU D 640 -30.24 -27.91 -12.61
N ASP D 641 -30.99 -26.91 -12.15
CA ASP D 641 -30.47 -25.55 -12.05
C ASP D 641 -30.67 -25.13 -10.58
N SER D 642 -29.75 -24.39 -9.98
CA SER D 642 -29.87 -24.15 -8.55
C SER D 642 -31.12 -23.39 -8.18
N ALA D 643 -31.81 -23.86 -7.16
CA ALA D 643 -33.02 -23.15 -6.77
C ALA D 643 -32.67 -21.81 -6.12
N PHE D 644 -31.46 -21.70 -5.59
CA PHE D 644 -31.08 -20.45 -4.97
C PHE D 644 -31.00 -19.36 -6.00
N LEU D 645 -31.02 -19.76 -7.27
CA LEU D 645 -31.02 -18.77 -8.32
C LEU D 645 -32.37 -18.03 -8.37
N GLU D 646 -33.45 -18.78 -8.29
CA GLU D 646 -34.77 -18.18 -8.11
C GLU D 646 -34.70 -17.18 -6.97
N ASP D 647 -34.32 -17.65 -5.78
CA ASP D 647 -34.16 -16.81 -4.58
C ASP D 647 -33.54 -15.46 -4.85
N ILE D 648 -32.72 -15.36 -5.89
CA ILE D 648 -32.03 -14.10 -6.20
C ILE D 648 -32.28 -13.60 -7.60
N GLU D 649 -33.30 -14.16 -8.27
CA GLU D 649 -33.64 -13.74 -9.64
C GLU D 649 -33.95 -12.26 -9.61
N GLY D 650 -33.68 -11.59 -10.73
CA GLY D 650 -33.82 -10.14 -10.80
C GLY D 650 -32.55 -9.42 -10.37
N LEU D 651 -31.84 -9.99 -9.40
CA LEU D 651 -30.61 -9.38 -8.92
C LEU D 651 -29.31 -9.79 -9.64
N PHE D 652 -29.43 -10.48 -10.78
CA PHE D 652 -28.31 -10.79 -11.65
C PHE D 652 -28.71 -10.85 -13.11
N ASP D 653 -27.76 -10.54 -13.99
CA ASP D 653 -27.97 -10.64 -15.44
C ASP D 653 -27.54 -12.02 -15.94
N THR D 654 -28.41 -12.71 -16.66
CA THR D 654 -28.07 -13.98 -17.32
C THR D 654 -27.32 -13.70 -18.61
N VAL D 655 -26.37 -14.54 -18.97
CA VAL D 655 -25.46 -14.16 -20.04
C VAL D 655 -25.01 -15.18 -21.11
N ASP D 656 -24.73 -14.62 -22.26
CA ASP D 656 -24.08 -15.24 -23.38
C ASP D 656 -22.65 -15.63 -22.95
N PRO D 657 -22.01 -16.54 -23.70
CA PRO D 657 -20.61 -16.86 -23.46
C PRO D 657 -19.74 -15.62 -23.50
N TYR D 658 -20.02 -14.67 -24.36
CA TYR D 658 -19.14 -13.52 -24.44
C TYR D 658 -19.58 -12.36 -23.58
N GLY D 659 -20.35 -12.64 -22.54
CA GLY D 659 -20.73 -11.60 -21.62
C GLY D 659 -21.89 -10.78 -22.11
N GLN D 660 -22.44 -11.12 -23.26
CA GLN D 660 -23.60 -10.42 -23.77
C GLN D 660 -24.79 -10.81 -22.93
N PRO D 661 -25.53 -9.81 -22.42
CA PRO D 661 -26.71 -10.01 -21.61
C PRO D 661 -27.69 -10.81 -22.39
N ILE D 662 -28.52 -11.60 -21.72
CA ILE D 662 -29.41 -12.53 -22.42
C ILE D 662 -29.94 -13.61 -21.48
PG ANP I . -26.76 111.43 6.13
O1G ANP I . -27.59 110.44 5.40
O2G ANP I . -25.50 111.77 5.42
O3G ANP I . -26.60 111.02 7.55
PB ANP I . -29.19 113.37 6.01
O1B ANP I . -29.91 112.25 5.31
O2B ANP I . -29.21 114.73 5.37
N3B ANP I . -27.50 112.99 6.17
PA ANP I . -31.24 112.70 7.87
O1A ANP I . -30.94 111.30 8.38
O2A ANP I . -32.32 112.83 6.84
O3A ANP I . -29.88 113.48 7.46
O5' ANP I . -31.65 113.57 9.15
C5' ANP I . -30.69 114.08 10.07
C4' ANP I . -31.26 114.06 11.50
O4' ANP I . -31.84 115.31 11.79
C3' ANP I . -32.40 113.07 11.62
O3' ANP I . -32.64 112.80 12.99
C2' ANP I . -33.57 113.84 11.13
O2' ANP I . -34.78 113.26 11.61
C1' ANP I . -33.27 115.21 11.73
N9 ANP I . -33.85 116.26 10.86
C8 ANP I . -33.41 116.60 9.63
N7 ANP I . -34.17 117.57 9.11
C5 ANP I . -35.13 117.87 10.01
C6 ANP I . -36.25 118.82 10.09
N6 ANP I . -36.51 119.65 9.07
N1 ANP I . -37.00 118.83 11.20
C2 ANP I . -36.75 117.98 12.21
N3 ANP I . -35.73 117.10 12.21
C4 ANP I . -34.90 117.00 11.16
MG MG J . -29.58 110.21 4.74
MG MG K . -18.20 86.04 2.95
MG MG L . 13.90 45.88 -1.09
PG ANP M . 26.78 -111.92 -5.85
O1G ANP M . 25.46 -111.40 -6.24
O2G ANP M . 26.80 -112.82 -4.66
O3G ANP M . 27.87 -110.89 -5.74
PB ANP M . 26.75 -114.67 -7.09
O1B ANP M . 25.27 -114.70 -7.09
O2B ANP M . 27.48 -115.41 -6.00
N3B ANP M . 27.23 -112.99 -7.13
PA ANP M . 26.44 -114.72 -9.84
O1A ANP M . 25.91 -113.35 -9.53
O2A ANP M . 25.46 -115.71 -10.44
O3A ANP M . 27.14 -115.30 -8.51
O5' ANP M . 27.66 -114.48 -10.83
C5' ANP M . 28.88 -115.23 -10.86
C4' ANP M . 29.42 -115.14 -12.27
O4' ANP M . 29.96 -116.40 -12.67
C3' ANP M . 28.29 -114.89 -13.26
O3' ANP M . 28.81 -114.38 -14.48
C2' ANP M . 27.74 -116.25 -13.53
O2' ANP M . 27.02 -116.30 -14.76
C1' ANP M . 29.02 -117.07 -13.54
N9 ANP M . 28.78 -118.44 -13.05
C8 ANP M . 28.51 -118.78 -11.79
N7 ANP M . 28.34 -120.11 -11.68
C5 ANP M . 28.52 -120.65 -12.90
C6 ANP M . 28.48 -122.01 -13.48
N6 ANP M . 28.21 -123.08 -12.74
N1 ANP M . 28.71 -122.12 -14.80
C2 ANP M . 28.97 -121.05 -15.57
N3 ANP M . 29.02 -119.79 -15.11
C4 ANP M . 28.80 -119.54 -13.80
MG MG N . 13.81 -87.77 -4.41
MG MG O . 24.27 -112.82 -7.35
MG MG P . 2.91 -38.85 8.88
#